data_3NC0
#
_entry.id   3NC0
#
_cell.length_a   73.262
_cell.length_b   225.895
_cell.length_c   163.984
_cell.angle_alpha   90.00
_cell.angle_beta   100.75
_cell.angle_gamma   90.00
#
_symmetry.space_group_name_H-M   'P 1 21 1'
#
loop_
_entity.id
_entity.type
_entity.pdbx_description
1 polymer Exportin-1
2 polymer Snurportin-1
3 polymer 'GTP-binding nuclear protein Ran'
4 non-polymer GLYCEROL
5 non-polymer DI(HYDROXYETHYL)ETHER
6 non-polymer PHENOL
7 non-polymer "GUANOSINE-5'-TRIPHOSPHATE"
8 non-polymer 'MAGNESIUM ION'
9 water water
#
loop_
_entity_poly.entity_id
_entity_poly.type
_entity_poly.pdbx_seq_one_letter_code
_entity_poly.pdbx_strand_id
1 'polypeptide(L)'
;GSMPAIMTMLADHAARQLLDFSQKLDINLLDNVVNCLYHGEGAQQRMAQEVLTHLKEHPDAWTRVDTILEFSQNMNTKYY
GLQILENVIKTRWKILPRNQCEGIKKYVVGLIIKTSSDPTCVEKEKVYIGKLNMILVQILKQEWPKHWPTFISDIVGASR
TSESLCQNNMVILKLLSEEVFDFSSGQITQVKAKHLKDSMCNEFSQIFQLCQFVMENSQNAPLVHATLETLLRFLNWIPL
GYIFETKLISTLIYKFLNVPMFRNVSLKCLTEIAGVSVSQYEEQFETLFTLTMMQLKQMLPLNTNIRLAYSNGKDDEQNF
IQNLSLFLCTFLKEHGQLLEKRLNLREALMEALHYMLLVSEVEETEIFKICLEYWNHLAAELYRESPFSTSASPLLSGSQ
HFDIPPRRQLYLTVLSKVRLLMVSRMAKPEEVLVVENDQGEVVREFMKDTDSINLYKNMRETLVYLTHLDYVDTEIIMTK
KLQNQVNGTEWSWKNLNTLCWAIGSISGAMHEEDEKRFLVTVIKDLLGLCEQKRGKDNKAIIASNIMYIVGQYPRFLRAH
WKFLKTVVNKLFEFMHETHDGVQDMACDTFIKIAQKCRRHFVQVQVGEVMPFIDEILNNINTIICDLQPQQVHTFYEAVG
YMIGAQTDQTVQEHLIEKYMLLPNQVWDSIIQQATKNVDILKDPETVKQLGSILKTNVRACKAVGHPFVIQLGRIYLDML
NVYKCLSENISAAIQANGEMVTKQPLIRSMRTVKRETLKLISGWVSRSNDPQMVAENFVPPLLDAVLIDYQRNVPAAREP
EVLSTMAIIVNKLGGHITAEIPQIFDAVFECTLNMINKDFEEYPEHRTNFFLLLQAVNSHCFPAFLAIPPAQFKLVLDSI
IWAFKHTMRNVADTGLQILFTLLQNVAQEEAAAQSFYQTYFCDILQHIFSVVTDTSHTAGLTMHASILAYMFNLVEEGKI
STPLNPGNPVNNQMFIQDYVANLLKSAFPHLQDAQVKLFVTGLFSLNQDIPAFKEHLRDFLVQIKEFAGEDTSDLFLEER
ETALRQAQEEKHKLQMSVPGILNPHEIPEEMCD
;
A,D
2 'polypeptide(L)'
;GSPVPLQLPPLERLTLSQDLNSTAAPHPRLSQYKSKYSSLEQSERRRRLLELQKSKRLDYVNHARRLAEDDWTGMESEEE
NKKDDEEMDIDTVKKLPKHYANQLMLSEWLIDVPSDLGQEWIVVVCPVGKRALIVASRGSTSAYTKSGYCVNRFSSLLPG
GNRRNSTAKDYTILDCIYNEVNQTYYVLDVMCWRGHPFYDCQTDFRFYWMHSKLPEEEGLGEKTKLNPFKFVGLKNFPCT
PESLCDVLSMDFPFEVDGLLFYHKQTHYSPGSTPLVGWLRPYMVSDVLGVAVPAGPLTTKPDYAGHQLQQIMEHKKSQKE
GMKEKLTHKASENGHYELEHLSTPKLKGSSHSPDHPGCLMEN
;
B,E
3 'polypeptide(L)'
;GEPQVQFKLVLVGDGGTGKTTFVKRHLTGEFEKKYVATLGVEVHPLVFHTNRGPIKFNVWDTAGLEKFGGLRDGYYIQAQ
CAIIMFDVTSRVTYKNVPNWHRDLVRVCENIPIVLCGNKVDIKDRKVKAKSIVFHRKKNLQYYDISAKSNYNFEKPFLWL
ARKLIGDPNLEFVAMP
;
C,F
#
# COMPACT_ATOMS: atom_id res chain seq x y z
N HIS A 13 20.24 58.52 -0.84
CA HIS A 13 20.60 58.91 0.51
C HIS A 13 19.42 58.69 1.45
N ALA A 14 19.69 58.41 2.72
CA ALA A 14 18.64 58.15 3.70
C ALA A 14 17.67 59.32 3.82
N ALA A 15 18.19 60.49 4.20
CA ALA A 15 17.38 61.72 4.26
C ALA A 15 16.15 61.57 5.14
N ARG A 16 16.23 60.73 6.17
CA ARG A 16 15.13 60.61 7.13
C ARG A 16 14.88 61.97 7.74
N GLN A 17 13.64 62.42 7.69
CA GLN A 17 13.30 63.78 8.08
C GLN A 17 12.24 63.82 9.17
N LEU A 18 12.22 62.79 10.01
CA LEU A 18 11.30 62.78 11.14
C LEU A 18 11.83 63.65 12.27
N LEU A 19 13.13 63.89 12.27
CA LEU A 19 13.78 64.65 13.34
C LEU A 19 12.83 65.73 13.87
N ASP A 20 12.14 65.38 14.94
CA ASP A 20 11.00 66.14 15.43
C ASP A 20 11.30 67.61 15.72
N PHE A 21 12.14 67.85 16.72
CA PHE A 21 12.38 69.22 17.18
C PHE A 21 13.45 69.97 16.39
N SER A 22 14.00 69.32 15.37
CA SER A 22 14.87 70.02 14.44
C SER A 22 14.01 70.96 13.61
N GLN A 23 14.45 72.21 13.48
CA GLN A 23 13.71 73.22 12.73
C GLN A 23 13.70 72.84 11.25
N LYS A 24 12.97 71.78 10.93
CA LYS A 24 13.10 71.11 9.64
C LYS A 24 12.48 71.85 8.44
N LEU A 25 13.16 71.72 7.32
CA LEU A 25 12.88 72.49 6.11
C LEU A 25 11.76 71.90 5.27
N ASP A 26 11.64 72.38 4.04
CA ASP A 26 10.58 71.96 3.13
C ASP A 26 11.12 71.67 1.73
N ILE A 27 12.27 72.24 1.40
CA ILE A 27 12.86 72.05 0.08
C ILE A 27 13.34 70.61 -0.10
N ASN A 28 13.55 69.92 1.01
CA ASN A 28 14.00 68.53 0.99
C ASN A 28 12.85 67.57 0.72
N LEU A 29 11.88 67.56 1.63
CA LEU A 29 10.67 66.78 1.44
C LEU A 29 10.13 66.96 0.03
N LEU A 30 10.23 68.18 -0.46
CA LEU A 30 9.71 68.54 -1.78
C LEU A 30 10.43 67.77 -2.88
N ASP A 31 11.62 67.28 -2.56
CA ASP A 31 12.44 66.55 -3.53
C ASP A 31 12.05 65.07 -3.55
N ASN A 32 11.84 64.50 -2.36
CA ASN A 32 11.47 63.09 -2.25
C ASN A 32 10.17 62.77 -2.97
N VAL A 33 9.15 63.62 -2.73
CA VAL A 33 7.86 63.46 -3.38
C VAL A 33 8.02 63.41 -4.89
N VAL A 34 8.88 64.27 -5.43
CA VAL A 34 9.15 64.30 -6.85
C VAL A 34 9.78 62.99 -7.33
N ASN A 35 10.42 62.27 -6.41
CA ASN A 35 11.01 60.98 -6.74
C ASN A 35 9.98 59.85 -6.60
N CYS A 36 9.13 59.95 -5.58
CA CYS A 36 8.07 58.98 -5.38
C CYS A 36 7.15 58.94 -6.59
N LEU A 37 7.22 59.97 -7.42
CA LEU A 37 6.32 60.10 -8.56
C LEU A 37 7.03 60.05 -9.93
N TYR A 38 8.37 60.08 -9.94
CA TYR A 38 9.10 60.16 -11.23
C TYR A 38 10.28 59.21 -11.44
N HIS A 39 11.08 58.96 -10.40
CA HIS A 39 12.43 58.43 -10.62
C HIS A 39 12.63 56.93 -10.92
N GLY A 40 12.23 56.04 -10.01
CA GLY A 40 12.42 54.62 -10.24
C GLY A 40 12.70 53.79 -9.00
N GLU A 41 13.82 53.08 -9.00
CA GLU A 41 14.23 52.29 -7.83
C GLU A 41 14.34 53.18 -6.61
N GLY A 42 14.62 54.47 -6.84
CA GLY A 42 14.66 55.43 -5.76
C GLY A 42 13.32 55.51 -5.05
N ALA A 43 12.24 55.48 -5.82
CA ALA A 43 10.89 55.58 -5.26
C ALA A 43 10.65 54.55 -4.16
N GLN A 44 11.38 53.45 -4.19
CA GLN A 44 11.26 52.44 -3.14
C GLN A 44 11.56 53.05 -1.79
N GLN A 45 12.67 53.79 -1.70
CA GLN A 45 13.07 54.45 -0.47
C GLN A 45 12.34 55.78 -0.27
N ARG A 46 11.84 56.35 -1.36
CA ARG A 46 11.07 57.57 -1.29
C ARG A 46 9.72 57.31 -0.62
N MET A 47 9.03 56.27 -1.08
CA MET A 47 7.75 55.88 -0.48
C MET A 47 7.98 55.31 0.91
N ALA A 48 9.13 54.69 1.12
CA ALA A 48 9.44 54.05 2.40
C ALA A 48 9.65 55.05 3.53
N GLN A 49 9.81 56.32 3.17
CA GLN A 49 10.09 57.35 4.18
C GLN A 49 8.87 58.22 4.44
N GLU A 50 8.12 58.52 3.39
CA GLU A 50 6.92 59.34 3.51
C GLU A 50 5.79 58.57 4.20
N VAL A 51 5.78 57.26 4.02
CA VAL A 51 4.84 56.41 4.74
C VAL A 51 5.19 56.44 6.23
N LEU A 52 6.46 56.64 6.53
CA LEU A 52 6.94 56.68 7.91
C LEU A 52 6.72 58.03 8.59
N THR A 53 6.74 59.10 7.80
CA THR A 53 6.55 60.45 8.35
C THR A 53 5.30 60.55 9.23
N HIS A 54 4.35 59.63 9.01
CA HIS A 54 3.13 59.61 9.81
C HIS A 54 3.35 58.99 11.17
N LEU A 55 4.18 59.63 11.99
CA LEU A 55 4.47 59.10 13.31
C LEU A 55 3.89 59.97 14.42
N LYS A 56 4.64 60.99 14.81
CA LYS A 56 4.25 61.90 15.88
C LYS A 56 2.92 62.58 15.56
N GLU A 57 2.98 63.67 14.79
CA GLU A 57 1.77 64.40 14.41
C GLU A 57 1.97 65.19 13.12
N HIS A 58 1.24 66.30 13.01
CA HIS A 58 1.23 67.09 11.78
C HIS A 58 1.55 68.57 12.02
N PRO A 59 2.55 68.87 12.86
CA PRO A 59 2.90 70.29 13.01
C PRO A 59 3.44 70.84 11.69
N ASP A 60 3.93 69.94 10.83
CA ASP A 60 4.48 70.32 9.54
C ASP A 60 3.34 70.70 8.59
N ALA A 61 2.12 70.34 8.97
CA ALA A 61 0.95 70.60 8.14
C ALA A 61 0.91 72.05 7.68
N TRP A 62 0.94 72.98 8.64
CA TRP A 62 0.90 74.40 8.32
C TRP A 62 2.07 74.76 7.40
N THR A 63 3.28 74.73 7.96
CA THR A 63 4.49 75.11 7.24
C THR A 63 4.55 74.59 5.81
N ARG A 64 3.99 73.41 5.56
CA ARG A 64 4.05 72.82 4.24
C ARG A 64 3.03 73.40 3.27
N VAL A 65 1.75 73.23 3.57
CA VAL A 65 0.69 73.76 2.72
C VAL A 65 0.90 75.26 2.55
N ASP A 66 1.47 75.89 3.57
CA ASP A 66 1.74 77.32 3.55
C ASP A 66 2.91 77.70 2.64
N THR A 67 4.00 76.94 2.73
CA THR A 67 5.26 77.31 2.06
C THR A 67 5.18 77.51 0.54
N ILE A 68 4.49 76.62 -0.17
CA ILE A 68 4.41 76.77 -1.62
C ILE A 68 3.13 77.46 -2.09
N GLN A 73 6.50 71.65 -9.07
CA GLN A 73 6.03 70.34 -8.64
C GLN A 73 5.62 70.39 -7.18
N ASN A 74 4.69 71.27 -6.86
CA ASN A 74 4.37 71.54 -5.47
C ASN A 74 3.02 71.07 -4.97
N MET A 75 1.99 71.13 -5.82
CA MET A 75 0.66 70.76 -5.38
C MET A 75 0.67 69.32 -4.88
N ASN A 76 1.50 68.50 -5.52
CA ASN A 76 1.67 67.11 -5.12
C ASN A 76 2.16 67.04 -3.68
N THR A 77 3.05 67.96 -3.32
CA THR A 77 3.59 68.03 -1.97
C THR A 77 2.56 68.57 -1.00
N LYS A 78 1.64 69.39 -1.50
CA LYS A 78 0.56 69.90 -0.65
C LYS A 78 -0.50 68.83 -0.44
N TYR A 79 -0.80 68.09 -1.51
CA TYR A 79 -1.73 66.98 -1.42
C TYR A 79 -1.29 66.07 -0.27
N TYR A 80 0.01 65.76 -0.26
CA TYR A 80 0.57 64.93 0.79
C TYR A 80 0.25 65.50 2.17
N GLY A 81 0.56 66.78 2.37
CA GLY A 81 0.30 67.43 3.63
C GLY A 81 -1.14 67.32 4.05
N LEU A 82 -2.04 67.42 3.07
CA LEU A 82 -3.47 67.34 3.33
C LEU A 82 -3.88 65.99 3.91
N GLN A 83 -3.30 64.91 3.41
CA GLN A 83 -3.60 63.57 3.91
C GLN A 83 -3.37 63.51 5.41
N ILE A 84 -2.26 64.07 5.87
CA ILE A 84 -1.93 64.10 7.27
C ILE A 84 -3.01 64.87 8.03
N LEU A 85 -3.33 66.06 7.52
CA LEU A 85 -4.39 66.87 8.09
C LEU A 85 -5.70 66.09 8.11
N GLU A 86 -5.97 65.39 7.01
CA GLU A 86 -7.19 64.60 6.87
C GLU A 86 -7.29 63.53 7.94
N ASN A 87 -6.18 62.85 8.19
CA ASN A 87 -6.13 61.80 9.21
C ASN A 87 -6.45 62.35 10.59
N VAL A 88 -5.89 63.52 10.90
CA VAL A 88 -6.12 64.15 12.20
C VAL A 88 -7.60 64.37 12.47
N ILE A 89 -8.33 64.84 11.47
CA ILE A 89 -9.74 65.15 11.60
C ILE A 89 -10.60 63.90 11.77
N LYS A 90 -10.13 62.78 11.25
CA LYS A 90 -10.87 61.53 11.35
C LYS A 90 -10.44 60.70 12.56
N THR A 91 -9.38 61.13 13.23
CA THR A 91 -8.82 60.36 14.35
C THR A 91 -9.03 61.03 15.70
N ARG A 92 -8.38 62.17 15.91
CA ARG A 92 -8.35 62.82 17.22
C ARG A 92 -9.16 64.11 17.28
N TRP A 93 -9.95 64.38 16.26
CA TRP A 93 -10.73 65.61 16.21
C TRP A 93 -11.53 65.83 17.49
N LYS A 94 -12.21 64.78 17.95
CA LYS A 94 -13.09 64.89 19.11
C LYS A 94 -12.38 65.26 20.40
N ILE A 95 -11.11 64.88 20.51
CA ILE A 95 -10.35 65.19 21.72
C ILE A 95 -9.40 66.36 21.51
N LEU A 96 -9.58 67.11 20.42
CA LEU A 96 -8.84 68.33 20.21
C LEU A 96 -9.44 69.44 21.07
N PRO A 97 -8.60 70.40 21.49
CA PRO A 97 -9.17 71.57 22.18
C PRO A 97 -10.11 72.30 21.22
N ARG A 98 -11.31 72.62 21.69
CA ARG A 98 -12.32 73.25 20.87
C ARG A 98 -11.73 74.35 19.99
N ASN A 99 -11.02 75.29 20.61
CA ASN A 99 -10.43 76.40 19.89
C ASN A 99 -9.57 75.95 18.70
N GLN A 100 -8.91 74.79 18.85
CA GLN A 100 -8.08 74.27 17.77
C GLN A 100 -8.90 73.70 16.62
N CYS A 101 -9.95 72.95 16.95
CA CYS A 101 -10.88 72.49 15.94
C CYS A 101 -11.30 73.66 15.07
N GLU A 102 -11.87 74.67 15.70
CA GLU A 102 -12.33 75.87 15.01
C GLU A 102 -11.21 76.54 14.23
N GLY A 103 -9.99 76.44 14.75
CA GLY A 103 -8.82 76.97 14.07
C GLY A 103 -8.63 76.30 12.73
N ILE A 104 -8.96 75.01 12.65
CA ILE A 104 -8.87 74.27 11.39
C ILE A 104 -10.05 74.61 10.49
N LYS A 105 -11.23 74.72 11.08
CA LYS A 105 -12.43 75.07 10.33
C LYS A 105 -12.15 76.24 9.41
N LYS A 106 -11.70 77.34 9.99
CA LYS A 106 -11.41 78.56 9.25
C LYS A 106 -10.19 78.36 8.36
N TYR A 107 -9.22 77.59 8.85
CA TYR A 107 -8.02 77.31 8.08
C TYR A 107 -8.36 76.58 6.79
N VAL A 108 -9.36 75.71 6.86
CA VAL A 108 -9.82 74.97 5.69
C VAL A 108 -10.78 75.79 4.84
N VAL A 109 -11.87 76.28 5.44
CA VAL A 109 -12.86 77.08 4.72
C VAL A 109 -12.16 78.18 3.92
N GLY A 110 -11.26 78.90 4.58
CA GLY A 110 -10.51 79.96 3.93
C GLY A 110 -9.58 79.41 2.85
N LEU A 111 -8.81 78.38 3.20
CA LEU A 111 -7.95 77.70 2.24
C LEU A 111 -8.73 77.32 1.00
N ILE A 112 -9.97 76.89 1.19
CA ILE A 112 -10.87 76.58 0.09
C ILE A 112 -11.23 77.84 -0.66
N ILE A 113 -11.89 78.77 0.03
CA ILE A 113 -12.24 80.06 -0.55
C ILE A 113 -11.09 80.61 -1.39
N LYS A 114 -9.92 80.68 -0.78
CA LYS A 114 -8.72 81.14 -1.49
C LYS A 114 -8.55 80.41 -2.82
N THR A 115 -8.41 79.09 -2.75
CA THR A 115 -8.12 78.28 -3.93
C THR A 115 -9.37 77.90 -4.71
N SER A 116 -10.53 77.98 -4.07
CA SER A 116 -11.80 77.70 -4.74
C SER A 116 -12.33 78.96 -5.42
N SER A 117 -11.97 80.11 -4.87
CA SER A 117 -12.21 81.37 -5.55
C SER A 117 -11.02 81.64 -6.47
N ASP A 118 -10.04 80.76 -6.39
CA ASP A 118 -8.84 80.89 -7.21
C ASP A 118 -9.22 81.04 -8.68
N PRO A 119 -8.54 81.96 -9.37
CA PRO A 119 -8.79 82.27 -10.78
C PRO A 119 -8.59 81.06 -11.69
N THR A 120 -7.64 80.19 -11.34
CA THR A 120 -7.30 79.04 -12.17
C THR A 120 -7.31 77.73 -11.37
N CYS A 121 -8.46 77.08 -11.30
CA CYS A 121 -8.62 75.87 -10.49
C CYS A 121 -8.00 74.63 -11.14
N VAL A 122 -8.16 74.49 -12.45
CA VAL A 122 -7.79 73.26 -13.15
C VAL A 122 -6.29 72.94 -13.13
N GLU A 123 -5.45 73.96 -13.24
CA GLU A 123 -4.01 73.76 -13.27
C GLU A 123 -3.50 73.31 -11.91
N LYS A 124 -3.82 74.09 -10.88
CA LYS A 124 -3.70 73.59 -9.52
C LYS A 124 -4.76 72.51 -9.43
N GLU A 125 -4.49 71.41 -10.12
CA GLU A 125 -5.47 70.38 -10.44
C GLU A 125 -6.69 70.33 -9.54
N LYS A 126 -7.83 70.05 -10.15
CA LYS A 126 -9.05 69.78 -9.42
C LYS A 126 -8.72 68.81 -8.28
N VAL A 127 -7.56 68.17 -8.41
CA VAL A 127 -7.05 67.24 -7.40
C VAL A 127 -6.89 67.92 -6.05
N TYR A 128 -6.14 69.01 -6.01
CA TYR A 128 -5.92 69.75 -4.77
C TYR A 128 -7.24 70.33 -4.25
N ILE A 129 -8.00 70.91 -5.17
CA ILE A 129 -9.32 71.44 -4.88
C ILE A 129 -10.21 70.36 -4.28
N GLY A 130 -10.32 69.26 -5.00
CA GLY A 130 -11.17 68.14 -4.62
C GLY A 130 -10.82 67.57 -3.26
N LYS A 131 -9.52 67.43 -3.00
CA LYS A 131 -9.05 66.89 -1.72
C LYS A 131 -9.41 67.85 -0.59
N LEU A 132 -9.22 69.14 -0.84
CA LEU A 132 -9.61 70.18 0.11
C LEU A 132 -11.09 70.09 0.43
N ASN A 133 -11.91 70.16 -0.60
CA ASN A 133 -13.36 70.01 -0.43
C ASN A 133 -13.66 68.77 0.39
N MET A 134 -12.96 67.68 0.08
CA MET A 134 -13.16 66.41 0.75
C MET A 134 -12.85 66.54 2.25
N ILE A 135 -11.80 67.28 2.57
CA ILE A 135 -11.43 67.49 3.96
C ILE A 135 -12.53 68.25 4.71
N LEU A 136 -13.13 69.22 4.03
CA LEU A 136 -14.24 69.98 4.61
C LEU A 136 -15.40 69.05 4.95
N VAL A 137 -15.75 68.19 4.00
CA VAL A 137 -16.78 67.17 4.23
C VAL A 137 -16.34 66.28 5.37
N GLN A 138 -15.04 65.98 5.43
CA GLN A 138 -14.48 65.20 6.52
C GLN A 138 -14.79 65.87 7.85
N ILE A 139 -14.68 67.20 7.88
CA ILE A 139 -14.95 67.98 9.08
C ILE A 139 -16.44 68.04 9.38
N LEU A 140 -17.25 68.37 8.37
CA LEU A 140 -18.70 68.40 8.53
C LEU A 140 -19.17 67.11 9.17
N LYS A 141 -18.66 65.99 8.66
CA LYS A 141 -18.97 64.66 9.21
C LYS A 141 -18.86 64.62 10.73
N GLN A 142 -17.99 65.47 11.27
CA GLN A 142 -17.66 65.41 12.70
C GLN A 142 -18.38 66.43 13.58
N GLU A 143 -19.10 67.38 12.98
CA GLU A 143 -19.77 68.41 13.78
C GLU A 143 -20.86 69.19 13.06
N TRP A 144 -20.92 69.08 11.74
CA TRP A 144 -21.83 69.88 10.91
C TRP A 144 -23.08 70.41 11.62
N PRO A 145 -23.92 69.51 12.16
CA PRO A 145 -25.15 69.99 12.79
C PRO A 145 -24.89 70.81 14.06
N LYS A 146 -24.39 70.15 15.10
CA LYS A 146 -24.26 70.75 16.42
C LYS A 146 -23.39 72.01 16.46
N HIS A 147 -22.19 71.93 15.92
CA HIS A 147 -21.20 72.99 16.10
C HIS A 147 -20.92 73.82 14.83
N TRP A 148 -21.68 73.56 13.78
CA TRP A 148 -21.55 74.30 12.53
C TRP A 148 -22.95 74.63 12.03
N PRO A 149 -23.79 75.21 12.91
CA PRO A 149 -25.22 75.33 12.66
C PRO A 149 -25.56 76.10 11.38
N THR A 150 -24.91 77.24 11.18
CA THR A 150 -25.23 78.11 10.05
C THR A 150 -24.64 77.63 8.73
N PHE A 151 -24.02 76.47 8.75
CA PHE A 151 -23.31 75.96 7.57
C PHE A 151 -24.18 75.96 6.32
N ILE A 152 -25.21 75.12 6.32
CA ILE A 152 -26.04 74.93 5.15
C ILE A 152 -26.56 76.25 4.56
N SER A 153 -26.93 77.17 5.44
CA SER A 153 -27.45 78.46 5.00
C SER A 153 -26.37 79.33 4.40
N ASP A 154 -25.25 79.46 5.12
CA ASP A 154 -24.12 80.26 4.68
C ASP A 154 -23.65 79.89 3.27
N ILE A 155 -23.46 78.60 3.01
CA ILE A 155 -22.97 78.14 1.72
C ILE A 155 -23.98 78.44 0.61
N VAL A 156 -25.25 78.50 0.95
CA VAL A 156 -26.27 78.87 -0.02
C VAL A 156 -26.09 80.33 -0.42
N GLY A 157 -26.10 81.21 0.58
CA GLY A 157 -25.89 82.63 0.36
C GLY A 157 -24.62 82.90 -0.42
N ALA A 158 -23.54 82.24 -0.02
CA ALA A 158 -22.27 82.40 -0.69
C ALA A 158 -22.36 82.01 -2.16
N SER A 159 -23.21 81.03 -2.45
CA SER A 159 -23.41 80.57 -3.82
C SER A 159 -24.16 81.60 -4.66
N ARG A 160 -25.06 82.33 -4.02
CA ARG A 160 -25.92 83.27 -4.73
C ARG A 160 -25.25 84.62 -4.98
N THR A 161 -24.05 84.80 -4.46
CA THR A 161 -23.30 86.03 -4.68
C THR A 161 -22.18 85.80 -5.68
N SER A 162 -21.40 84.75 -5.45
CA SER A 162 -20.31 84.39 -6.34
C SER A 162 -20.63 83.14 -7.12
N GLU A 163 -20.54 83.22 -8.44
CA GLU A 163 -20.77 82.07 -9.31
C GLU A 163 -19.70 81.02 -9.06
N SER A 164 -18.47 81.49 -8.89
CA SER A 164 -17.34 80.61 -8.60
C SER A 164 -17.57 79.90 -7.27
N LEU A 165 -17.80 80.68 -6.21
CA LEU A 165 -18.03 80.12 -4.89
C LEU A 165 -19.34 79.35 -4.84
N CYS A 166 -20.00 79.25 -6.00
CA CYS A 166 -21.20 78.45 -6.12
C CYS A 166 -20.88 77.12 -6.79
N GLN A 167 -20.21 77.19 -7.93
CA GLN A 167 -19.83 76.01 -8.68
C GLN A 167 -19.16 74.96 -7.78
N ASN A 168 -18.10 75.38 -7.09
CA ASN A 168 -17.38 74.52 -6.17
C ASN A 168 -18.27 73.97 -5.06
N ASN A 169 -19.16 74.81 -4.54
CA ASN A 169 -20.11 74.38 -3.51
C ASN A 169 -21.02 73.26 -4.01
N MET A 170 -21.39 73.31 -5.29
CA MET A 170 -22.17 72.25 -5.90
C MET A 170 -21.39 70.94 -5.84
N VAL A 171 -20.08 71.05 -5.66
CA VAL A 171 -19.22 69.88 -5.52
C VAL A 171 -19.11 69.49 -4.06
N ILE A 172 -19.14 70.48 -3.17
CA ILE A 172 -19.08 70.23 -1.74
C ILE A 172 -20.29 69.44 -1.28
N LEU A 173 -21.45 69.76 -1.86
CA LEU A 173 -22.70 69.08 -1.53
C LEU A 173 -22.71 67.65 -2.08
N LYS A 174 -22.20 67.46 -3.29
CA LYS A 174 -22.15 66.14 -3.90
C LYS A 174 -21.33 65.17 -3.06
N LEU A 175 -20.22 65.66 -2.51
CA LEU A 175 -19.38 64.83 -1.67
C LEU A 175 -20.07 64.51 -0.36
N LEU A 176 -20.69 65.54 0.23
CA LEU A 176 -21.37 65.37 1.51
C LEU A 176 -22.50 64.35 1.37
N SER A 177 -23.17 64.38 0.22
CA SER A 177 -24.27 63.46 -0.05
C SER A 177 -23.79 62.02 -0.18
N GLU A 178 -22.69 61.84 -0.89
CA GLU A 178 -22.10 60.50 -1.04
C GLU A 178 -21.64 59.95 0.31
N GLU A 179 -20.99 60.78 1.10
CA GLU A 179 -20.43 60.36 2.38
C GLU A 179 -21.48 60.06 3.44
N VAL A 180 -22.67 60.62 3.28
CA VAL A 180 -23.73 60.44 4.26
C VAL A 180 -24.75 59.38 3.82
N PHE A 181 -24.98 59.29 2.52
CA PHE A 181 -26.02 58.40 2.00
C PHE A 181 -25.49 57.23 1.18
N ASP A 182 -24.30 57.37 0.61
CA ASP A 182 -23.77 56.36 -0.29
C ASP A 182 -22.65 55.51 0.29
N PHE A 183 -21.88 56.09 1.22
CA PHE A 183 -20.72 55.38 1.75
C PHE A 183 -20.63 55.44 3.28
N SER A 184 -21.77 55.66 3.92
CA SER A 184 -21.83 55.76 5.37
C SER A 184 -21.62 54.40 6.04
N SER A 185 -22.26 53.37 5.48
CA SER A 185 -22.19 52.04 6.04
C SER A 185 -20.75 51.53 6.11
N GLY A 186 -20.25 51.37 7.34
CA GLY A 186 -18.90 50.87 7.54
C GLY A 186 -17.96 51.93 8.08
N GLN A 187 -18.12 53.16 7.60
CA GLN A 187 -17.26 54.26 8.01
C GLN A 187 -17.96 55.16 9.03
N ILE A 188 -19.24 54.92 9.25
CA ILE A 188 -20.01 55.68 10.23
C ILE A 188 -20.83 54.72 11.06
N THR A 189 -20.99 55.02 12.35
CA THR A 189 -21.83 54.19 13.21
C THR A 189 -23.30 54.32 12.79
N GLN A 190 -24.10 53.29 13.09
CA GLN A 190 -25.49 53.24 12.66
C GLN A 190 -26.34 54.44 13.08
N VAL A 191 -26.22 54.84 14.35
CA VAL A 191 -27.07 55.90 14.87
C VAL A 191 -26.61 57.30 14.48
N LYS A 192 -25.29 57.48 14.32
CA LYS A 192 -24.78 58.78 13.92
C LYS A 192 -25.15 59.10 12.48
N ALA A 193 -25.16 58.08 11.63
CA ALA A 193 -25.52 58.25 10.23
C ALA A 193 -26.98 58.65 10.08
N LYS A 194 -27.85 58.10 10.93
CA LYS A 194 -29.26 58.44 10.91
C LYS A 194 -29.44 59.90 11.30
N HIS A 195 -28.68 60.34 12.28
CA HIS A 195 -28.70 61.74 12.72
C HIS A 195 -28.24 62.67 11.61
N LEU A 196 -27.27 62.23 10.83
CA LEU A 196 -26.81 62.99 9.67
C LEU A 196 -27.84 62.92 8.54
N LYS A 197 -28.38 61.73 8.32
CA LYS A 197 -29.40 61.53 7.29
C LYS A 197 -30.55 62.51 7.51
N ASP A 198 -30.99 62.62 8.76
CA ASP A 198 -32.03 63.57 9.12
C ASP A 198 -31.59 65.00 8.85
N SER A 199 -30.43 65.36 9.39
CA SER A 199 -29.91 66.71 9.23
C SER A 199 -29.89 67.16 7.77
N MET A 200 -29.56 66.24 6.87
CA MET A 200 -29.54 66.53 5.45
C MET A 200 -30.96 66.71 4.90
N CYS A 201 -31.88 65.87 5.36
CA CYS A 201 -33.27 65.94 4.92
C CYS A 201 -33.96 67.20 5.46
N ASN A 202 -33.83 67.44 6.76
CA ASN A 202 -34.50 68.56 7.40
C ASN A 202 -34.13 69.93 6.81
N GLU A 203 -33.03 69.99 6.08
CA GLU A 203 -32.56 71.26 5.54
C GLU A 203 -32.22 71.18 4.05
N PHE A 204 -32.89 70.30 3.33
CA PHE A 204 -32.59 70.11 1.91
C PHE A 204 -33.34 71.07 0.98
N SER A 205 -34.54 71.46 1.37
CA SER A 205 -35.33 72.39 0.55
C SER A 205 -34.50 73.60 0.15
N GLN A 206 -33.87 74.23 1.14
CA GLN A 206 -33.02 75.39 0.91
C GLN A 206 -32.04 75.15 -0.25
N ILE A 207 -31.42 73.96 -0.22
CA ILE A 207 -30.44 73.58 -1.24
C ILE A 207 -31.08 73.26 -2.59
N PHE A 208 -32.29 72.71 -2.56
CA PHE A 208 -33.01 72.40 -3.78
C PHE A 208 -33.35 73.66 -4.55
N GLN A 209 -33.77 74.70 -3.82
CA GLN A 209 -34.06 76.00 -4.40
C GLN A 209 -32.85 76.47 -5.20
N LEU A 210 -31.68 76.30 -4.62
CA LEU A 210 -30.43 76.70 -5.24
C LEU A 210 -30.26 76.03 -6.59
N CYS A 211 -30.21 74.70 -6.58
CA CYS A 211 -30.06 73.93 -7.82
C CYS A 211 -31.09 74.36 -8.85
N GLN A 212 -32.34 74.44 -8.41
CA GLN A 212 -33.45 74.83 -9.27
C GLN A 212 -33.21 76.20 -9.89
N PHE A 213 -32.88 77.18 -9.06
CA PHE A 213 -32.61 78.53 -9.54
C PHE A 213 -31.51 78.52 -10.59
N VAL A 214 -30.45 77.79 -10.32
CA VAL A 214 -29.33 77.68 -11.24
C VAL A 214 -29.77 77.15 -12.59
N MET A 215 -30.55 76.07 -12.58
CA MET A 215 -31.00 75.43 -13.81
C MET A 215 -31.86 76.35 -14.69
N GLU A 216 -32.66 77.20 -14.08
CA GLU A 216 -33.59 78.03 -14.83
C GLU A 216 -32.99 79.37 -15.27
N ASN A 217 -31.84 79.72 -14.73
CA ASN A 217 -31.27 81.05 -14.97
C ASN A 217 -29.79 81.12 -15.37
N SER A 218 -28.97 80.27 -14.75
CA SER A 218 -27.52 80.31 -14.96
C SER A 218 -27.07 80.03 -16.40
N GLN A 219 -26.37 81.00 -16.98
CA GLN A 219 -25.89 80.92 -18.36
C GLN A 219 -24.59 80.13 -18.46
N ASN A 220 -23.93 79.95 -17.32
CA ASN A 220 -22.63 79.28 -17.27
C ASN A 220 -22.73 77.76 -17.37
N ALA A 221 -22.01 77.18 -18.33
CA ALA A 221 -22.07 75.74 -18.58
C ALA A 221 -21.48 74.90 -17.45
N PRO A 222 -20.20 75.14 -17.10
CA PRO A 222 -19.56 74.34 -16.05
C PRO A 222 -20.37 74.34 -14.76
N LEU A 223 -20.75 75.52 -14.26
CA LEU A 223 -21.59 75.62 -13.07
C LEU A 223 -22.84 74.78 -13.22
N VAL A 224 -23.47 74.83 -14.39
CA VAL A 224 -24.70 74.10 -14.64
C VAL A 224 -24.47 72.58 -14.65
N HIS A 225 -23.48 72.14 -15.42
CA HIS A 225 -23.19 70.71 -15.53
C HIS A 225 -22.86 70.10 -14.17
N ALA A 226 -22.13 70.85 -13.35
CA ALA A 226 -21.77 70.39 -12.02
C ALA A 226 -22.99 70.41 -11.09
N THR A 227 -24.02 71.15 -11.49
CA THR A 227 -25.27 71.18 -10.72
C THR A 227 -26.17 70.02 -11.14
N LEU A 228 -26.12 69.66 -12.41
CA LEU A 228 -26.82 68.47 -12.88
C LEU A 228 -26.16 67.23 -12.29
N GLU A 229 -24.84 67.29 -12.16
CA GLU A 229 -24.07 66.18 -11.61
C GLU A 229 -24.36 66.02 -10.12
N THR A 230 -24.41 67.15 -9.40
CA THR A 230 -24.71 67.12 -7.98
C THR A 230 -26.17 66.69 -7.79
N LEU A 231 -26.95 66.83 -8.86
CA LEU A 231 -28.34 66.41 -8.84
C LEU A 231 -28.45 64.89 -9.02
N LEU A 232 -27.57 64.33 -9.84
CA LEU A 232 -27.54 62.89 -10.09
C LEU A 232 -27.24 62.08 -8.82
N ARG A 233 -26.52 62.68 -7.88
CA ARG A 233 -26.18 62.00 -6.63
C ARG A 233 -27.26 62.23 -5.57
N PHE A 234 -28.21 63.09 -5.87
CA PHE A 234 -29.28 63.42 -4.93
C PHE A 234 -30.47 62.48 -5.09
N LEU A 235 -30.69 62.03 -6.32
CA LEU A 235 -31.84 61.20 -6.65
C LEU A 235 -31.76 59.81 -6.02
N ASN A 236 -30.80 59.63 -5.12
CA ASN A 236 -30.66 58.37 -4.40
C ASN A 236 -31.40 58.37 -3.08
N TRP A 237 -31.88 59.54 -2.66
CA TRP A 237 -32.49 59.64 -1.33
C TRP A 237 -33.53 60.76 -1.15
N ILE A 238 -33.40 61.85 -1.89
CA ILE A 238 -34.31 62.98 -1.70
C ILE A 238 -35.77 62.54 -1.77
N PRO A 239 -36.61 63.08 -0.87
CA PRO A 239 -38.03 62.76 -0.81
C PRO A 239 -38.70 62.87 -2.17
N LEU A 240 -39.41 61.82 -2.58
CA LEU A 240 -40.03 61.75 -3.90
C LEU A 240 -40.69 63.06 -4.33
N GLY A 241 -41.30 63.75 -3.37
CA GLY A 241 -41.98 64.99 -3.65
C GLY A 241 -41.18 65.92 -4.55
N TYR A 242 -39.88 66.01 -4.31
CA TYR A 242 -39.03 66.92 -5.06
C TYR A 242 -38.94 66.52 -6.53
N ILE A 243 -39.11 65.24 -6.82
CA ILE A 243 -38.99 64.76 -8.19
C ILE A 243 -40.29 64.89 -8.98
N PHE A 244 -41.34 64.26 -8.47
CA PHE A 244 -42.58 64.12 -9.23
C PHE A 244 -43.60 65.24 -8.99
N GLU A 245 -43.46 65.96 -7.88
CA GLU A 245 -44.40 67.03 -7.57
C GLU A 245 -43.79 68.41 -7.77
N THR A 246 -42.76 68.48 -8.60
CA THR A 246 -42.14 69.74 -8.98
C THR A 246 -42.04 69.85 -10.51
N LYS A 247 -41.15 70.70 -10.99
CA LYS A 247 -40.94 70.88 -12.42
C LYS A 247 -39.61 70.28 -12.84
N LEU A 248 -39.05 69.44 -11.97
CA LEU A 248 -37.73 68.88 -12.19
C LEU A 248 -37.62 68.07 -13.47
N ILE A 249 -38.55 67.12 -13.65
CA ILE A 249 -38.53 66.27 -14.84
C ILE A 249 -38.68 67.11 -16.11
N SER A 250 -39.61 68.05 -16.07
CA SER A 250 -39.87 68.91 -17.22
C SER A 250 -38.65 69.74 -17.61
N THR A 251 -37.91 70.20 -16.60
CA THR A 251 -36.71 70.98 -16.84
C THR A 251 -35.65 70.18 -17.60
N LEU A 252 -35.38 68.97 -17.13
CA LEU A 252 -34.37 68.11 -17.73
C LEU A 252 -34.68 67.74 -19.18
N ILE A 253 -35.95 67.43 -19.46
CA ILE A 253 -36.36 66.96 -20.78
C ILE A 253 -36.39 68.05 -21.84
N TYR A 254 -36.94 69.22 -21.50
CA TYR A 254 -37.05 70.32 -22.46
C TYR A 254 -35.75 71.10 -22.61
N LYS A 255 -35.00 71.24 -21.53
CA LYS A 255 -33.89 72.19 -21.48
C LYS A 255 -32.50 71.58 -21.61
N PHE A 256 -32.23 70.49 -20.88
CA PHE A 256 -30.87 69.98 -20.77
C PHE A 256 -30.57 68.76 -21.63
N LEU A 257 -31.59 68.04 -22.05
CA LEU A 257 -31.38 66.77 -22.76
C LEU A 257 -31.02 66.99 -24.22
N ASN A 258 -31.66 67.97 -24.86
CA ASN A 258 -31.47 68.21 -26.28
C ASN A 258 -30.08 68.70 -26.66
N VAL A 259 -29.41 69.38 -25.74
CA VAL A 259 -28.09 69.93 -26.02
C VAL A 259 -27.00 68.90 -25.76
N PRO A 260 -26.01 68.83 -26.67
CA PRO A 260 -24.91 67.86 -26.65
C PRO A 260 -24.21 67.69 -25.30
N MET A 261 -23.55 68.73 -24.80
CA MET A 261 -22.72 68.60 -23.61
C MET A 261 -23.52 68.42 -22.31
N PHE A 262 -24.79 68.01 -22.44
CA PHE A 262 -25.62 67.77 -21.27
C PHE A 262 -26.50 66.53 -21.44
N ARG A 263 -26.53 65.98 -22.65
CA ARG A 263 -27.41 64.85 -22.96
C ARG A 263 -27.17 63.63 -22.07
N ASN A 264 -25.93 63.42 -21.67
CA ASN A 264 -25.62 62.26 -20.85
C ASN A 264 -26.07 62.40 -19.40
N VAL A 265 -25.61 63.45 -18.73
CA VAL A 265 -26.00 63.68 -17.34
C VAL A 265 -27.52 63.74 -17.26
N SER A 266 -28.12 64.46 -18.21
CA SER A 266 -29.57 64.58 -18.29
C SER A 266 -30.25 63.21 -18.31
N LEU A 267 -29.83 62.36 -19.23
CA LEU A 267 -30.41 61.04 -19.37
C LEU A 267 -30.16 60.17 -18.13
N LYS A 268 -28.92 60.14 -17.67
CA LYS A 268 -28.57 59.35 -16.48
C LYS A 268 -29.44 59.72 -15.29
N CYS A 269 -29.83 61.00 -15.21
CA CYS A 269 -30.74 61.45 -14.17
C CYS A 269 -32.13 60.87 -14.39
N LEU A 270 -32.64 61.04 -15.61
CA LEU A 270 -33.93 60.48 -15.98
C LEU A 270 -33.97 58.98 -15.72
N THR A 271 -32.86 58.30 -16.01
CA THR A 271 -32.79 56.86 -15.81
C THR A 271 -32.92 56.49 -14.35
N GLU A 272 -32.26 57.24 -13.47
CA GLU A 272 -32.32 56.95 -12.04
C GLU A 272 -33.73 57.20 -11.51
N ILE A 273 -34.43 58.15 -12.11
CA ILE A 273 -35.79 58.50 -11.70
C ILE A 273 -36.81 57.51 -12.28
N ALA A 274 -36.45 56.93 -13.42
CA ALA A 274 -37.34 55.99 -14.10
C ALA A 274 -37.33 54.62 -13.42
N GLY A 275 -36.44 54.45 -12.45
CA GLY A 275 -36.29 53.18 -11.79
C GLY A 275 -36.90 53.12 -10.41
N VAL A 276 -37.73 54.11 -10.08
CA VAL A 276 -38.37 54.16 -8.77
C VAL A 276 -39.44 53.07 -8.63
N SER A 277 -39.26 52.20 -7.64
CA SER A 277 -40.21 51.13 -7.39
C SER A 277 -41.33 51.60 -6.47
N VAL A 278 -42.18 52.46 -7.00
CA VAL A 278 -43.31 52.98 -6.22
C VAL A 278 -44.56 53.01 -7.07
N SER A 279 -45.72 53.02 -6.42
CA SER A 279 -46.99 52.96 -7.11
C SER A 279 -47.87 54.19 -6.83
N GLN A 280 -47.22 55.34 -6.64
CA GLN A 280 -47.93 56.53 -6.18
C GLN A 280 -47.97 57.65 -7.22
N TYR A 281 -47.13 57.57 -8.25
CA TYR A 281 -46.99 58.66 -9.22
C TYR A 281 -47.17 58.19 -10.66
N GLU A 282 -48.21 57.39 -10.88
CA GLU A 282 -48.45 56.79 -12.20
C GLU A 282 -48.54 57.80 -13.35
N GLU A 283 -48.96 59.02 -13.04
CA GLU A 283 -49.16 60.04 -14.07
C GLU A 283 -47.85 60.64 -14.56
N GLN A 284 -46.99 61.03 -13.64
CA GLN A 284 -45.73 61.65 -13.96
C GLN A 284 -44.85 60.77 -14.85
N PHE A 285 -44.85 59.47 -14.56
CA PHE A 285 -44.05 58.52 -15.33
C PHE A 285 -44.50 58.46 -16.79
N GLU A 286 -45.81 58.51 -17.01
CA GLU A 286 -46.36 58.46 -18.36
C GLU A 286 -45.86 59.64 -19.20
N THR A 287 -45.91 60.83 -18.63
CA THR A 287 -45.46 62.03 -19.33
C THR A 287 -43.94 62.06 -19.44
N LEU A 288 -43.25 61.69 -18.36
CA LEU A 288 -41.80 61.60 -18.38
C LEU A 288 -41.35 60.77 -19.58
N PHE A 289 -42.04 59.67 -19.82
CA PHE A 289 -41.67 58.76 -20.92
C PHE A 289 -41.94 59.36 -22.29
N THR A 290 -43.20 59.71 -22.56
CA THR A 290 -43.60 60.25 -23.85
C THR A 290 -42.87 61.55 -24.17
N LEU A 291 -42.49 62.29 -23.13
CA LEU A 291 -41.76 63.54 -23.31
C LEU A 291 -40.33 63.27 -23.77
N THR A 292 -39.71 62.26 -23.18
CA THR A 292 -38.36 61.86 -23.56
C THR A 292 -38.33 61.37 -24.99
N MET A 293 -39.26 60.48 -25.34
CA MET A 293 -39.32 59.90 -26.67
C MET A 293 -39.32 60.95 -27.77
N MET A 294 -40.06 62.02 -27.56
CA MET A 294 -40.09 63.12 -28.53
C MET A 294 -38.67 63.61 -28.76
N GLN A 295 -37.99 63.97 -27.67
CA GLN A 295 -36.62 64.43 -27.74
C GLN A 295 -35.73 63.41 -28.46
N LEU A 296 -35.94 62.14 -28.15
CA LEU A 296 -35.16 61.08 -28.76
C LEU A 296 -35.35 61.05 -30.28
N LYS A 297 -36.60 61.07 -30.73
CA LYS A 297 -36.86 60.98 -32.16
C LYS A 297 -36.35 62.21 -32.92
N GLN A 298 -36.18 63.31 -32.20
CA GLN A 298 -35.56 64.50 -32.80
C GLN A 298 -34.04 64.37 -32.78
N MET A 299 -33.51 63.83 -31.69
CA MET A 299 -32.08 63.65 -31.56
C MET A 299 -31.58 62.51 -32.45
N LEU A 300 -31.80 61.28 -32.02
CA LEU A 300 -31.43 60.11 -32.81
C LEU A 300 -32.63 59.60 -33.62
N PRO A 301 -32.67 59.95 -34.91
CA PRO A 301 -33.78 59.56 -35.80
C PRO A 301 -34.02 58.05 -35.79
N LEU A 302 -35.28 57.64 -35.81
CA LEU A 302 -35.64 56.22 -35.75
C LEU A 302 -35.17 55.44 -36.97
N ASN A 303 -34.56 56.13 -37.93
CA ASN A 303 -34.10 55.48 -39.15
C ASN A 303 -32.58 55.50 -39.31
N THR A 304 -31.87 55.81 -38.23
CA THR A 304 -30.41 55.84 -38.27
C THR A 304 -29.79 54.49 -37.88
N ASN A 305 -28.63 54.20 -38.45
CA ASN A 305 -27.90 52.97 -38.14
C ASN A 305 -27.13 53.13 -36.85
N ILE A 306 -27.77 52.80 -35.73
CA ILE A 306 -27.19 53.00 -34.41
C ILE A 306 -25.83 52.30 -34.26
N ARG A 307 -25.65 51.20 -34.98
CA ARG A 307 -24.38 50.48 -34.95
C ARG A 307 -23.24 51.33 -35.49
N LEU A 308 -23.45 51.95 -36.65
CA LEU A 308 -22.44 52.82 -37.24
C LEU A 308 -22.18 54.02 -36.35
N ALA A 309 -23.25 54.61 -35.81
CA ALA A 309 -23.11 55.76 -34.93
C ALA A 309 -22.18 55.41 -33.77
N TYR A 310 -22.14 54.14 -33.41
CA TYR A 310 -21.27 53.66 -32.34
C TYR A 310 -19.88 53.34 -32.89
N SER A 311 -19.82 52.43 -33.84
CA SER A 311 -18.58 52.09 -34.52
C SER A 311 -17.83 53.36 -34.89
N ASN A 312 -18.57 54.35 -35.37
CA ASN A 312 -18.00 55.64 -35.74
C ASN A 312 -18.38 56.72 -34.75
N GLY A 313 -17.93 56.57 -33.50
CA GLY A 313 -18.24 57.53 -32.46
C GLY A 313 -17.14 57.64 -31.42
N LYS A 314 -17.18 58.70 -30.63
CA LYS A 314 -16.20 58.91 -29.57
C LYS A 314 -16.79 58.71 -28.18
N ASP A 315 -16.03 59.06 -27.15
CA ASP A 315 -16.46 58.83 -25.77
C ASP A 315 -17.65 59.70 -25.36
N ASP A 316 -18.38 60.23 -26.33
CA ASP A 316 -19.57 61.01 -26.05
C ASP A 316 -20.79 60.41 -26.75
N GLU A 317 -20.64 60.16 -28.06
CA GLU A 317 -21.72 59.56 -28.84
C GLU A 317 -21.86 58.08 -28.49
N GLN A 318 -20.86 57.53 -27.81
CA GLN A 318 -20.89 56.13 -27.41
C GLN A 318 -21.60 55.94 -26.08
N ASN A 319 -21.21 56.73 -25.09
CA ASN A 319 -21.84 56.68 -23.77
C ASN A 319 -23.34 56.93 -23.85
N PHE A 320 -23.74 57.85 -24.72
CA PHE A 320 -25.15 58.17 -24.91
C PHE A 320 -25.94 56.91 -25.23
N ILE A 321 -25.41 56.11 -26.15
CA ILE A 321 -26.04 54.87 -26.55
C ILE A 321 -26.16 53.91 -25.37
N GLN A 322 -25.08 53.79 -24.61
CA GLN A 322 -25.07 52.93 -23.43
C GLN A 322 -26.11 53.42 -22.42
N ASN A 323 -26.16 54.74 -22.23
CA ASN A 323 -27.11 55.33 -21.31
C ASN A 323 -28.53 55.18 -21.82
N LEU A 324 -28.67 55.12 -23.14
CA LEU A 324 -29.96 54.89 -23.77
C LEU A 324 -30.43 53.48 -23.48
N SER A 325 -29.50 52.53 -23.58
CA SER A 325 -29.79 51.14 -23.25
C SER A 325 -30.32 51.06 -21.82
N LEU A 326 -29.60 51.68 -20.90
CA LEU A 326 -29.98 51.68 -19.48
C LEU A 326 -31.34 52.34 -19.26
N PHE A 327 -31.55 53.51 -19.86
CA PHE A 327 -32.81 54.22 -19.70
C PHE A 327 -33.99 53.39 -20.23
N LEU A 328 -33.93 53.04 -21.50
CA LEU A 328 -35.00 52.25 -22.12
C LEU A 328 -35.27 50.96 -21.35
N CYS A 329 -34.23 50.18 -21.11
CA CYS A 329 -34.36 48.92 -20.40
C CYS A 329 -34.94 49.09 -18.99
N THR A 330 -34.35 49.97 -18.20
CA THR A 330 -34.78 50.16 -16.82
C THR A 330 -36.25 50.54 -16.72
N PHE A 331 -36.70 51.39 -17.64
CA PHE A 331 -38.04 51.94 -17.60
C PHE A 331 -39.12 50.94 -18.01
N LEU A 332 -38.94 50.32 -19.16
CA LEU A 332 -39.88 49.29 -19.64
C LEU A 332 -39.98 48.16 -18.63
N LYS A 333 -38.82 47.77 -18.10
CA LYS A 333 -38.73 46.70 -17.11
C LYS A 333 -39.48 47.03 -15.84
N GLU A 334 -39.78 48.31 -15.64
CA GLU A 334 -40.48 48.77 -14.44
C GLU A 334 -41.89 49.25 -14.74
N HIS A 335 -42.00 50.38 -15.44
CA HIS A 335 -43.30 51.00 -15.70
C HIS A 335 -43.87 50.60 -17.05
N GLY A 336 -43.17 49.71 -17.76
CA GLY A 336 -43.64 49.22 -19.04
C GLY A 336 -44.92 48.42 -18.88
N GLN A 337 -45.18 47.98 -17.66
CA GLN A 337 -46.37 47.21 -17.34
C GLN A 337 -47.62 48.07 -17.47
N LEU A 338 -47.46 49.38 -17.27
CA LEU A 338 -48.57 50.31 -17.33
C LEU A 338 -48.61 51.07 -18.64
N LEU A 339 -47.57 50.91 -19.46
CA LEU A 339 -47.55 51.50 -20.79
C LEU A 339 -48.53 50.77 -21.71
N GLU A 340 -48.90 49.56 -21.32
CA GLU A 340 -49.80 48.74 -22.12
C GLU A 340 -51.26 49.06 -21.83
N LYS A 341 -51.60 49.20 -20.55
CA LYS A 341 -52.99 49.41 -20.15
C LYS A 341 -53.60 50.66 -20.78
N ARG A 342 -52.88 51.77 -20.73
CA ARG A 342 -53.32 52.99 -21.39
C ARG A 342 -53.31 52.76 -22.90
N LEU A 343 -54.02 53.61 -23.65
CA LEU A 343 -54.13 53.45 -25.09
C LEU A 343 -53.34 54.53 -25.83
N ASN A 344 -53.28 55.72 -25.23
CA ASN A 344 -52.56 56.85 -25.81
C ASN A 344 -51.05 56.61 -25.93
N LEU A 345 -50.54 55.71 -25.09
CA LEU A 345 -49.11 55.44 -25.02
C LEU A 345 -48.72 54.27 -25.92
N ARG A 346 -49.71 53.55 -26.40
CA ARG A 346 -49.51 52.35 -27.23
C ARG A 346 -48.78 52.68 -28.54
N GLU A 347 -48.30 53.90 -28.66
CA GLU A 347 -47.61 54.35 -29.87
C GLU A 347 -46.15 54.67 -29.58
N ALA A 348 -45.91 55.37 -28.47
CA ALA A 348 -44.55 55.70 -28.07
C ALA A 348 -43.84 54.46 -27.54
N LEU A 349 -44.62 53.47 -27.12
CA LEU A 349 -44.07 52.20 -26.64
C LEU A 349 -43.49 51.37 -27.77
N MET A 350 -44.14 51.41 -28.93
CA MET A 350 -43.62 50.71 -30.10
C MET A 350 -42.34 51.36 -30.59
N GLU A 351 -42.32 52.69 -30.56
CA GLU A 351 -41.13 53.45 -30.93
C GLU A 351 -39.97 53.09 -30.01
N ALA A 352 -40.27 52.97 -28.72
CA ALA A 352 -39.26 52.59 -27.74
C ALA A 352 -38.75 51.17 -27.99
N LEU A 353 -39.68 50.26 -28.28
CA LEU A 353 -39.33 48.89 -28.60
C LEU A 353 -38.52 48.82 -29.88
N HIS A 354 -38.62 49.87 -30.69
CA HIS A 354 -37.87 49.95 -31.94
C HIS A 354 -36.42 50.32 -31.68
N TYR A 355 -36.21 51.26 -30.77
CA TYR A 355 -34.86 51.67 -30.38
C TYR A 355 -34.06 50.47 -29.90
N MET A 356 -34.63 49.73 -28.96
CA MET A 356 -33.95 48.56 -28.41
C MET A 356 -33.47 47.63 -29.51
N LEU A 357 -34.30 47.41 -30.51
CA LEU A 357 -33.93 46.54 -31.62
C LEU A 357 -32.76 47.10 -32.43
N LEU A 358 -32.71 48.41 -32.58
CA LEU A 358 -31.58 49.04 -33.25
C LEU A 358 -30.35 48.97 -32.37
N VAL A 359 -30.49 49.43 -31.12
CA VAL A 359 -29.41 49.38 -30.15
C VAL A 359 -28.82 47.98 -30.06
N SER A 360 -29.68 46.97 -30.13
CA SER A 360 -29.26 45.58 -30.00
C SER A 360 -28.31 45.14 -31.10
N GLU A 361 -28.20 45.93 -32.17
CA GLU A 361 -27.32 45.59 -33.27
C GLU A 361 -25.92 46.17 -33.08
N VAL A 362 -25.71 46.81 -31.93
CA VAL A 362 -24.42 47.44 -31.63
C VAL A 362 -23.36 46.40 -31.25
N GLU A 363 -22.29 46.35 -32.04
CA GLU A 363 -21.18 45.45 -31.73
C GLU A 363 -20.45 45.94 -30.49
N GLU A 364 -20.90 45.42 -29.35
CA GLU A 364 -20.42 45.83 -28.05
C GLU A 364 -21.08 44.94 -27.01
N THR A 365 -20.30 44.04 -26.43
CA THR A 365 -20.82 43.03 -25.52
C THR A 365 -21.61 43.60 -24.34
N GLU A 366 -21.09 44.67 -23.74
CA GLU A 366 -21.72 45.21 -22.55
C GLU A 366 -23.06 45.89 -22.84
N ILE A 367 -23.17 46.52 -24.00
CA ILE A 367 -24.43 47.12 -24.41
C ILE A 367 -25.43 46.03 -24.77
N PHE A 368 -24.99 45.03 -25.53
CA PHE A 368 -25.85 43.94 -25.93
C PHE A 368 -26.33 43.12 -24.74
N LYS A 369 -25.57 43.13 -23.65
CA LYS A 369 -25.96 42.44 -22.44
C LYS A 369 -27.10 43.16 -21.73
N ILE A 370 -27.12 44.48 -21.85
CA ILE A 370 -28.17 45.28 -21.22
C ILE A 370 -29.50 45.04 -21.91
N CYS A 371 -29.51 45.15 -23.22
CA CYS A 371 -30.72 44.95 -24.02
C CYS A 371 -31.30 43.56 -23.79
N LEU A 372 -30.45 42.55 -23.90
CA LEU A 372 -30.84 41.17 -23.66
C LEU A 372 -31.52 41.01 -22.30
N GLU A 373 -31.01 41.72 -21.30
CA GLU A 373 -31.58 41.70 -19.97
C GLU A 373 -33.06 42.03 -20.02
N TYR A 374 -33.44 42.94 -20.91
CA TYR A 374 -34.84 43.30 -21.06
C TYR A 374 -35.60 42.22 -21.82
N TRP A 375 -35.09 41.83 -22.98
CA TRP A 375 -35.78 40.86 -23.80
C TRP A 375 -36.12 39.59 -23.02
N ASN A 376 -35.14 39.06 -22.30
CA ASN A 376 -35.34 37.88 -21.48
C ASN A 376 -36.49 38.11 -20.50
N HIS A 377 -36.60 39.33 -20.02
CA HIS A 377 -37.67 39.71 -19.09
C HIS A 377 -39.02 39.80 -19.81
N LEU A 378 -39.02 40.31 -21.04
CA LEU A 378 -40.24 40.46 -21.81
C LEU A 378 -40.81 39.10 -22.16
N ALA A 379 -40.01 38.29 -22.85
CA ALA A 379 -40.41 36.95 -23.25
C ALA A 379 -40.74 36.06 -22.05
N ALA A 380 -40.20 36.41 -20.89
CA ALA A 380 -40.51 35.67 -19.66
C ALA A 380 -41.86 36.12 -19.12
N GLU A 381 -42.11 37.43 -19.21
CA GLU A 381 -43.35 38.01 -18.73
C GLU A 381 -44.53 37.52 -19.56
N LEU A 382 -44.28 37.25 -20.84
CA LEU A 382 -45.33 36.80 -21.75
C LEU A 382 -45.39 35.28 -21.86
N TYR A 383 -44.52 34.62 -21.10
CA TYR A 383 -44.52 33.16 -21.04
C TYR A 383 -45.41 32.70 -19.90
N ARG A 384 -45.51 33.53 -18.87
CA ARG A 384 -46.34 33.23 -17.71
C ARG A 384 -47.77 33.71 -17.95
N GLU A 385 -47.95 34.52 -18.99
CA GLU A 385 -49.27 34.91 -19.45
C GLU A 385 -49.89 33.73 -20.19
N SER A 386 -49.06 33.00 -20.92
CA SER A 386 -49.48 31.82 -21.65
C SER A 386 -48.27 31.15 -22.30
N PRO A 387 -47.96 29.91 -21.87
CA PRO A 387 -46.81 29.17 -22.39
C PRO A 387 -47.06 28.54 -23.75
N PHE A 388 -48.30 28.60 -24.23
CA PHE A 388 -48.68 27.86 -25.43
C PHE A 388 -48.75 28.67 -26.72
N SER A 389 -48.57 27.96 -27.83
CA SER A 389 -48.70 28.56 -29.14
C SER A 389 -50.18 28.83 -29.38
N THR A 390 -50.48 29.74 -30.28
CA THR A 390 -51.86 30.00 -30.66
C THR A 390 -52.31 28.92 -31.64
N SER A 391 -53.57 28.54 -31.54
CA SER A 391 -54.13 27.50 -32.41
C SER A 391 -54.18 28.00 -33.85
N ALA A 392 -53.25 27.50 -34.64
CA ALA A 392 -53.02 27.98 -36.01
C ALA A 392 -54.30 28.20 -36.81
N SER A 393 -55.07 27.13 -37.00
CA SER A 393 -56.23 27.16 -37.88
C SER A 393 -57.37 28.05 -37.38
N PRO A 394 -57.78 29.02 -38.21
CA PRO A 394 -58.85 29.98 -37.93
C PRO A 394 -60.19 29.29 -37.64
N LEU A 395 -61.17 30.06 -37.20
CA LEU A 395 -62.50 29.53 -36.88
C LEU A 395 -63.32 29.28 -38.15
N LEU A 396 -64.39 28.51 -38.00
CA LEU A 396 -65.23 28.13 -39.13
C LEU A 396 -65.92 29.32 -39.76
N SER A 397 -66.19 30.35 -38.96
CA SER A 397 -66.86 31.53 -39.44
C SER A 397 -65.88 32.65 -39.79
N GLY A 398 -64.63 32.27 -39.99
CA GLY A 398 -63.61 33.16 -40.52
C GLY A 398 -63.12 34.28 -39.63
N SER A 399 -63.64 34.34 -38.40
CA SER A 399 -63.27 35.41 -37.47
C SER A 399 -61.91 35.16 -36.83
N GLN A 400 -61.59 35.93 -35.79
CA GLN A 400 -60.35 35.75 -35.05
C GLN A 400 -60.56 34.97 -33.75
N HIS A 401 -59.63 34.06 -33.46
CA HIS A 401 -59.81 33.09 -32.38
C HIS A 401 -59.85 33.74 -31.02
N PHE A 402 -59.11 34.82 -30.91
CA PHE A 402 -58.68 35.38 -29.63
C PHE A 402 -57.59 34.53 -28.97
N ASP A 403 -57.37 33.32 -29.49
CA ASP A 403 -56.31 32.45 -28.98
C ASP A 403 -55.14 33.25 -28.43
N ILE A 404 -54.82 34.35 -29.11
CA ILE A 404 -53.80 35.28 -28.69
C ILE A 404 -54.14 35.93 -27.36
N PRO A 405 -53.28 35.74 -26.34
CA PRO A 405 -53.46 36.39 -25.04
C PRO A 405 -53.27 37.91 -25.12
N PRO A 406 -53.96 38.64 -24.24
CA PRO A 406 -54.10 40.11 -24.24
C PRO A 406 -52.82 40.89 -24.49
N ARG A 407 -51.77 40.56 -23.75
CA ARG A 407 -50.53 41.35 -23.78
C ARG A 407 -49.62 41.00 -24.96
N ARG A 408 -49.31 39.71 -25.10
CA ARG A 408 -48.46 39.24 -26.19
C ARG A 408 -48.92 39.81 -27.54
N GLN A 409 -50.23 40.05 -27.65
CA GLN A 409 -50.82 40.62 -28.85
C GLN A 409 -50.04 41.86 -29.29
N LEU A 410 -49.72 42.72 -28.33
CA LEU A 410 -49.08 44.00 -28.60
C LEU A 410 -47.64 43.86 -29.11
N TYR A 411 -46.99 42.76 -28.77
CA TYR A 411 -45.59 42.57 -29.08
C TYR A 411 -45.34 41.62 -30.26
N LEU A 412 -46.41 41.00 -30.74
CA LEU A 412 -46.31 39.98 -31.79
C LEU A 412 -45.16 40.18 -32.78
N THR A 413 -45.20 41.29 -33.51
CA THR A 413 -44.24 41.55 -34.57
C THR A 413 -42.85 41.91 -34.05
N VAL A 414 -42.80 42.47 -32.85
CA VAL A 414 -41.52 42.76 -32.20
C VAL A 414 -40.84 41.46 -31.75
N LEU A 415 -41.65 40.51 -31.29
CA LEU A 415 -41.14 39.20 -30.88
C LEU A 415 -40.43 38.48 -32.04
N SER A 416 -41.04 38.53 -33.23
CA SER A 416 -40.43 37.91 -34.40
C SER A 416 -39.05 38.48 -34.64
N LYS A 417 -38.93 39.79 -34.50
CA LYS A 417 -37.64 40.46 -34.66
C LYS A 417 -36.64 40.02 -33.60
N VAL A 418 -37.14 39.77 -32.38
CA VAL A 418 -36.26 39.33 -31.30
C VAL A 418 -35.77 37.90 -31.53
N ARG A 419 -36.62 37.06 -32.11
CA ARG A 419 -36.20 35.71 -32.47
C ARG A 419 -35.11 35.80 -33.52
N LEU A 420 -35.27 36.71 -34.46
CA LEU A 420 -34.27 36.91 -35.49
C LEU A 420 -32.96 37.34 -34.86
N LEU A 421 -33.07 38.16 -33.81
CA LEU A 421 -31.90 38.66 -33.11
C LEU A 421 -31.10 37.54 -32.45
N MET A 422 -31.78 36.67 -31.72
CA MET A 422 -31.13 35.54 -31.05
C MET A 422 -30.46 34.60 -32.04
N VAL A 423 -31.07 34.46 -33.21
CA VAL A 423 -30.62 33.51 -34.21
C VAL A 423 -29.44 34.06 -35.02
N SER A 424 -29.30 35.39 -35.01
CA SER A 424 -28.27 36.04 -35.79
C SER A 424 -27.03 36.39 -34.96
N ARG A 425 -27.21 36.50 -33.65
CA ARG A 425 -26.15 36.97 -32.77
C ARG A 425 -25.83 35.96 -31.69
N MET A 426 -26.37 34.75 -31.84
CA MET A 426 -26.17 33.71 -30.85
C MET A 426 -24.71 33.59 -30.47
N ALA A 427 -24.44 33.53 -29.17
CA ALA A 427 -23.07 33.45 -28.68
C ALA A 427 -22.56 32.01 -28.69
N LYS A 428 -21.23 31.86 -28.67
CA LYS A 428 -20.61 30.54 -28.59
C LYS A 428 -21.03 29.87 -27.30
N PRO A 429 -21.49 28.62 -27.40
CA PRO A 429 -22.00 27.87 -26.25
C PRO A 429 -20.91 27.52 -25.24
N GLU A 430 -19.89 26.81 -25.72
CA GLU A 430 -18.84 26.31 -24.86
C GLU A 430 -17.57 27.12 -25.10
N GLU A 431 -16.72 27.19 -24.09
CA GLU A 431 -15.48 27.95 -24.20
C GLU A 431 -14.26 27.09 -23.88
N VAL A 432 -13.54 26.70 -24.92
CA VAL A 432 -12.33 25.91 -24.76
C VAL A 432 -11.13 26.80 -24.45
N LEU A 433 -10.42 26.46 -23.39
CA LEU A 433 -9.19 27.16 -23.04
C LEU A 433 -8.05 26.17 -22.99
N VAL A 434 -7.07 26.37 -23.87
CA VAL A 434 -5.89 25.54 -23.88
C VAL A 434 -4.84 26.15 -22.97
N VAL A 435 -4.40 25.39 -21.98
CA VAL A 435 -3.41 25.85 -21.01
C VAL A 435 -2.67 24.64 -20.48
N GLU A 436 -1.36 24.76 -20.33
CA GLU A 436 -0.58 23.64 -19.79
C GLU A 436 -0.54 23.69 -18.27
N ASN A 437 -0.92 22.57 -17.66
CA ASN A 437 -0.99 22.48 -16.20
C ASN A 437 0.38 22.58 -15.54
N ASP A 438 0.39 22.56 -14.21
CA ASP A 438 1.63 22.73 -13.44
C ASP A 438 2.54 21.51 -13.57
N GLN A 439 2.83 21.12 -14.82
CA GLN A 439 3.69 19.99 -15.10
C GLN A 439 4.41 20.21 -16.42
N GLY A 440 3.87 21.12 -17.23
CA GLY A 440 4.33 21.28 -18.60
C GLY A 440 3.43 20.47 -19.50
N GLU A 441 2.52 19.71 -18.89
CA GLU A 441 1.53 18.96 -19.62
C GLU A 441 0.56 19.91 -20.32
N VAL A 442 0.51 19.85 -21.65
CA VAL A 442 -0.43 20.63 -22.43
C VAL A 442 -1.79 19.93 -22.44
N VAL A 443 -2.86 20.71 -22.34
CA VAL A 443 -4.20 20.15 -22.30
C VAL A 443 -5.25 21.09 -22.87
N ARG A 444 -6.52 20.67 -22.79
CA ARG A 444 -7.65 21.54 -23.08
C ARG A 444 -8.52 21.61 -21.84
N GLU A 445 -8.72 22.82 -21.32
CA GLU A 445 -9.61 23.02 -20.18
C GLU A 445 -10.98 23.49 -20.66
N PHE A 446 -11.99 23.27 -19.83
CA PHE A 446 -13.35 23.70 -20.14
C PHE A 446 -13.84 24.67 -19.08
N MET A 447 -14.14 25.91 -19.47
CA MET A 447 -14.67 26.88 -18.55
C MET A 447 -16.10 26.47 -18.16
N LYS A 448 -16.58 26.96 -17.02
CA LYS A 448 -17.89 26.55 -16.52
C LYS A 448 -18.86 27.71 -16.30
N ASP A 449 -18.38 28.82 -15.74
CA ASP A 449 -19.27 29.93 -15.39
C ASP A 449 -18.78 31.31 -15.83
N THR A 450 -17.91 31.36 -16.82
CA THR A 450 -17.43 32.64 -17.34
C THR A 450 -18.60 33.53 -17.72
N ASP A 451 -18.34 34.83 -17.87
CA ASP A 451 -19.37 35.76 -18.31
C ASP A 451 -19.89 35.38 -19.69
N SER A 452 -18.96 35.00 -20.57
CA SER A 452 -19.31 34.58 -21.92
C SER A 452 -20.39 33.49 -21.93
N ILE A 453 -20.11 32.38 -21.26
CA ILE A 453 -21.04 31.26 -21.18
C ILE A 453 -22.39 31.70 -20.62
N ASN A 454 -22.36 32.74 -19.79
CA ASN A 454 -23.59 33.28 -19.22
C ASN A 454 -24.40 34.00 -20.29
N LEU A 455 -23.69 34.73 -21.16
CA LEU A 455 -24.31 35.37 -22.30
C LEU A 455 -25.05 34.31 -23.12
N TYR A 456 -24.35 33.23 -23.46
CA TYR A 456 -24.97 32.15 -24.20
C TYR A 456 -26.23 31.64 -23.49
N LYS A 457 -26.08 31.33 -22.21
CA LYS A 457 -27.18 30.83 -21.40
C LYS A 457 -28.43 31.70 -21.53
N ASN A 458 -28.25 33.03 -21.48
CA ASN A 458 -29.38 33.94 -21.56
C ASN A 458 -30.01 33.95 -22.94
N MET A 459 -29.17 34.00 -23.97
CA MET A 459 -29.66 33.92 -25.33
C MET A 459 -30.51 32.67 -25.48
N ARG A 460 -29.93 31.51 -25.19
CA ARG A 460 -30.63 30.24 -25.29
C ARG A 460 -31.99 30.31 -24.60
N GLU A 461 -32.01 30.97 -23.45
CA GLU A 461 -33.21 31.03 -22.62
C GLU A 461 -34.27 31.92 -23.24
N THR A 462 -33.85 33.02 -23.84
CA THR A 462 -34.79 33.95 -24.47
C THR A 462 -35.44 33.29 -25.68
N LEU A 463 -34.61 32.64 -26.49
CA LEU A 463 -35.09 31.96 -27.69
C LEU A 463 -35.90 30.72 -27.33
N VAL A 464 -35.63 30.14 -26.16
CA VAL A 464 -36.39 28.98 -25.70
C VAL A 464 -37.75 29.40 -25.17
N TYR A 465 -37.82 30.63 -24.69
CA TYR A 465 -39.09 31.22 -24.28
C TYR A 465 -39.94 31.52 -25.52
N LEU A 466 -39.33 32.20 -26.50
CA LEU A 466 -40.05 32.64 -27.69
C LEU A 466 -40.51 31.47 -28.55
N THR A 467 -39.76 30.38 -28.51
CA THR A 467 -40.09 29.21 -29.30
C THR A 467 -41.32 28.49 -28.76
N HIS A 468 -41.59 28.70 -27.48
CA HIS A 468 -42.78 28.13 -26.85
C HIS A 468 -44.03 28.94 -27.19
N LEU A 469 -43.86 30.23 -27.41
CA LEU A 469 -44.97 31.11 -27.73
C LEU A 469 -45.33 31.03 -29.23
N ASP A 470 -44.41 30.48 -30.01
CA ASP A 470 -44.61 30.31 -31.45
C ASP A 470 -43.38 29.66 -32.08
N TYR A 471 -43.36 28.34 -32.07
CA TYR A 471 -42.22 27.60 -32.60
C TYR A 471 -42.21 27.60 -34.13
N VAL A 472 -43.39 27.73 -34.73
CA VAL A 472 -43.48 27.83 -36.17
C VAL A 472 -42.60 28.97 -36.64
N ASP A 473 -42.72 30.12 -35.99
CA ASP A 473 -41.93 31.29 -36.32
C ASP A 473 -40.44 30.99 -36.23
N THR A 474 -40.04 30.36 -35.14
CA THR A 474 -38.64 30.02 -34.93
C THR A 474 -38.10 29.19 -36.08
N GLU A 475 -38.83 28.12 -36.42
CA GLU A 475 -38.40 27.21 -37.48
C GLU A 475 -38.35 27.90 -38.85
N ILE A 476 -39.22 28.87 -39.06
CA ILE A 476 -39.21 29.63 -40.30
C ILE A 476 -37.99 30.55 -40.37
N ILE A 477 -37.73 31.27 -39.29
CA ILE A 477 -36.53 32.10 -39.17
C ILE A 477 -35.30 31.27 -39.53
N MET A 478 -35.18 30.11 -38.88
CA MET A 478 -34.01 29.25 -39.05
C MET A 478 -33.93 28.60 -40.43
N THR A 479 -35.07 28.41 -41.07
CA THR A 479 -35.10 27.78 -42.39
C THR A 479 -34.64 28.77 -43.45
N LYS A 480 -34.94 30.05 -43.24
CA LYS A 480 -34.55 31.09 -44.17
C LYS A 480 -33.06 31.42 -44.01
N LYS A 481 -32.62 31.46 -42.76
CA LYS A 481 -31.20 31.62 -42.46
C LYS A 481 -30.40 30.51 -43.11
N LEU A 482 -30.84 29.27 -42.91
CA LEU A 482 -30.16 28.10 -43.43
C LEU A 482 -30.14 28.12 -44.95
N GLN A 483 -31.24 28.58 -45.54
CA GLN A 483 -31.33 28.62 -47.00
C GLN A 483 -30.37 29.65 -47.56
N ASN A 484 -30.32 30.81 -46.93
CA ASN A 484 -29.41 31.88 -47.34
C ASN A 484 -27.95 31.48 -47.31
N GLN A 485 -27.62 30.52 -46.45
CA GLN A 485 -26.28 29.96 -46.45
C GLN A 485 -26.10 29.05 -47.67
N VAL A 486 -27.11 28.22 -47.92
CA VAL A 486 -27.05 27.24 -49.00
C VAL A 486 -26.96 27.85 -50.38
N ASN A 487 -27.90 28.74 -50.70
CA ASN A 487 -27.91 29.37 -52.02
C ASN A 487 -28.09 30.88 -51.98
N GLY A 488 -28.85 31.37 -51.00
CA GLY A 488 -28.94 32.80 -50.79
C GLY A 488 -27.53 33.34 -50.65
N THR A 489 -26.61 32.42 -50.45
CA THR A 489 -25.17 32.71 -50.35
C THR A 489 -24.79 33.99 -49.62
N GLU A 490 -25.26 34.09 -48.37
CA GLU A 490 -24.66 35.00 -47.41
C GLU A 490 -23.72 34.10 -46.60
N TRP A 491 -23.07 33.20 -47.32
CA TRP A 491 -22.28 32.12 -46.72
C TRP A 491 -20.96 32.59 -46.12
N SER A 492 -20.71 32.16 -44.90
CA SER A 492 -19.45 32.42 -44.21
C SER A 492 -19.40 31.55 -42.96
N TRP A 493 -18.19 31.23 -42.52
CA TRP A 493 -18.03 30.33 -41.38
C TRP A 493 -18.68 30.91 -40.14
N LYS A 494 -18.50 32.20 -39.93
CA LYS A 494 -19.00 32.86 -38.73
C LYS A 494 -20.52 32.72 -38.60
N ASN A 495 -21.24 33.04 -39.66
CA ASN A 495 -22.70 32.96 -39.65
C ASN A 495 -23.21 31.52 -39.52
N LEU A 496 -22.61 30.62 -40.29
CA LEU A 496 -23.01 29.21 -40.24
C LEU A 496 -22.86 28.63 -38.84
N ASN A 497 -21.79 29.00 -38.14
CA ASN A 497 -21.59 28.57 -36.77
C ASN A 497 -22.69 29.11 -35.87
N THR A 498 -23.11 30.36 -36.12
CA THR A 498 -24.12 31.01 -35.32
C THR A 498 -25.50 30.38 -35.51
N LEU A 499 -25.82 30.04 -36.76
CA LEU A 499 -27.11 29.44 -37.07
C LEU A 499 -27.27 28.07 -36.41
N CYS A 500 -26.20 27.30 -36.39
CA CYS A 500 -26.25 25.97 -35.82
C CYS A 500 -26.17 26.02 -34.29
N TRP A 501 -25.49 27.02 -33.76
CA TRP A 501 -25.48 27.23 -32.31
C TRP A 501 -26.89 27.50 -31.83
N ALA A 502 -27.59 28.37 -32.56
CA ALA A 502 -28.96 28.75 -32.23
C ALA A 502 -29.90 27.56 -32.33
N ILE A 503 -29.78 26.82 -33.43
CA ILE A 503 -30.59 25.62 -33.64
C ILE A 503 -30.44 24.62 -32.50
N GLY A 504 -29.23 24.44 -32.01
CA GLY A 504 -28.96 23.48 -30.96
C GLY A 504 -29.40 23.96 -29.59
N SER A 505 -29.48 25.27 -29.43
CA SER A 505 -29.83 25.86 -28.14
C SER A 505 -31.29 25.65 -27.77
N ILE A 506 -32.14 25.36 -28.76
CA ILE A 506 -33.56 25.17 -28.51
C ILE A 506 -33.96 23.71 -28.39
N SER A 507 -32.98 22.80 -28.45
CA SER A 507 -33.27 21.38 -28.33
C SER A 507 -34.22 21.05 -27.17
N GLY A 508 -35.30 20.37 -27.47
CA GLY A 508 -36.26 19.96 -26.46
C GLY A 508 -37.32 21.00 -26.20
N ALA A 509 -37.32 22.07 -26.97
CA ALA A 509 -38.31 23.14 -26.80
C ALA A 509 -39.53 22.90 -27.68
N MET A 510 -39.43 21.91 -28.57
CA MET A 510 -40.55 21.54 -29.43
C MET A 510 -41.22 20.26 -28.96
N HIS A 511 -42.36 19.94 -29.55
CA HIS A 511 -42.94 18.61 -29.41
C HIS A 511 -41.98 17.68 -30.12
N GLU A 512 -41.86 16.45 -29.65
CA GLU A 512 -40.95 15.50 -30.27
C GLU A 512 -41.22 15.40 -31.78
N GLU A 513 -42.48 15.22 -32.15
CA GLU A 513 -42.84 15.04 -33.55
C GLU A 513 -42.38 16.19 -34.44
N ASP A 514 -42.51 17.42 -33.95
CA ASP A 514 -42.06 18.58 -34.71
C ASP A 514 -40.55 18.59 -34.85
N GLU A 515 -39.88 18.30 -33.73
CA GLU A 515 -38.43 18.21 -33.71
C GLU A 515 -37.93 17.26 -34.81
N LYS A 516 -38.60 16.12 -34.95
CA LYS A 516 -38.24 15.15 -35.98
C LYS A 516 -38.30 15.76 -37.38
N ARG A 517 -39.41 16.42 -37.71
CA ARG A 517 -39.54 17.09 -38.99
C ARG A 517 -38.48 18.18 -39.18
N PHE A 518 -38.15 18.85 -38.08
CA PHE A 518 -37.20 19.95 -38.10
C PHE A 518 -35.78 19.46 -38.40
N LEU A 519 -35.30 18.54 -37.58
CA LEU A 519 -33.93 18.02 -37.70
C LEU A 519 -33.63 17.40 -39.07
N VAL A 520 -34.56 16.60 -39.58
CA VAL A 520 -34.33 15.91 -40.84
C VAL A 520 -34.15 16.85 -42.02
N THR A 521 -34.87 17.98 -41.99
CA THR A 521 -34.75 18.98 -43.05
C THR A 521 -33.46 19.77 -42.88
N VAL A 522 -33.27 20.30 -41.68
CA VAL A 522 -32.11 21.11 -41.35
C VAL A 522 -30.80 20.50 -41.80
N ILE A 523 -30.50 19.30 -41.31
CA ILE A 523 -29.21 18.67 -41.62
C ILE A 523 -29.16 18.05 -43.02
N LYS A 524 -30.32 17.67 -43.55
CA LYS A 524 -30.38 17.11 -44.89
C LYS A 524 -29.79 18.12 -45.85
N ASP A 525 -30.14 19.39 -45.68
CA ASP A 525 -29.64 20.43 -46.57
C ASP A 525 -28.22 20.89 -46.23
N LEU A 526 -27.83 20.72 -44.97
CA LEU A 526 -26.43 20.94 -44.59
C LEU A 526 -25.59 19.83 -45.19
N LEU A 527 -26.20 18.66 -45.26
CA LEU A 527 -25.56 17.49 -45.84
C LEU A 527 -25.41 17.69 -47.35
N GLY A 528 -26.21 18.61 -47.90
CA GLY A 528 -26.10 18.98 -49.29
C GLY A 528 -25.10 20.11 -49.48
N LEU A 529 -25.07 21.03 -48.53
CA LEU A 529 -24.14 22.16 -48.57
C LEU A 529 -22.70 21.68 -48.52
N CYS A 530 -22.46 20.63 -47.75
CA CYS A 530 -21.11 20.10 -47.57
C CYS A 530 -20.59 19.41 -48.83
N GLU A 531 -21.48 19.13 -49.77
CA GLU A 531 -21.09 18.50 -51.03
C GLU A 531 -20.78 19.52 -52.11
N GLN A 532 -21.57 20.59 -52.17
CA GLN A 532 -21.39 21.64 -53.17
C GLN A 532 -20.12 22.45 -52.89
N LYS A 533 -19.84 22.66 -51.61
CA LYS A 533 -18.66 23.43 -51.22
C LYS A 533 -17.39 22.60 -51.44
N ARG A 534 -16.37 23.23 -52.03
CA ARG A 534 -15.13 22.52 -52.33
C ARG A 534 -14.01 22.90 -51.38
N GLY A 535 -13.10 21.97 -51.15
CA GLY A 535 -11.96 22.22 -50.27
C GLY A 535 -12.21 21.72 -48.86
N LYS A 536 -11.26 20.96 -48.33
CA LYS A 536 -11.39 20.40 -46.99
C LYS A 536 -11.53 21.51 -45.95
N ASP A 537 -11.21 22.74 -46.35
CA ASP A 537 -11.36 23.89 -45.49
C ASP A 537 -12.84 24.06 -45.08
N ASN A 538 -13.70 24.29 -46.07
CA ASN A 538 -15.13 24.48 -45.84
C ASN A 538 -15.84 23.25 -45.30
N LYS A 539 -15.56 22.09 -45.89
CA LYS A 539 -16.25 20.85 -45.55
C LYS A 539 -16.12 20.49 -44.07
N ALA A 540 -14.98 20.82 -43.48
CA ALA A 540 -14.73 20.51 -42.06
C ALA A 540 -15.56 21.39 -41.13
N ILE A 541 -15.67 22.67 -41.47
CA ILE A 541 -16.50 23.60 -40.69
C ILE A 541 -17.96 23.18 -40.74
N ILE A 542 -18.42 22.75 -41.91
CA ILE A 542 -19.78 22.29 -42.07
C ILE A 542 -20.01 20.98 -41.31
N ALA A 543 -19.16 19.99 -41.57
CA ALA A 543 -19.29 18.68 -40.93
C ALA A 543 -19.35 18.79 -39.41
N SER A 544 -18.54 19.70 -38.86
CA SER A 544 -18.51 19.92 -37.41
C SER A 544 -19.86 20.42 -36.89
N ASN A 545 -20.45 21.39 -37.59
CA ASN A 545 -21.75 21.91 -37.21
C ASN A 545 -22.84 20.85 -37.29
N ILE A 546 -22.82 20.07 -38.36
CA ILE A 546 -23.73 18.94 -38.48
C ILE A 546 -23.55 18.05 -37.27
N MET A 547 -22.29 17.79 -36.92
CA MET A 547 -21.98 16.92 -35.80
C MET A 547 -22.33 17.54 -34.45
N TYR A 548 -22.31 18.88 -34.39
CA TYR A 548 -22.75 19.60 -33.20
C TYR A 548 -24.25 19.51 -33.04
N ILE A 549 -24.97 19.72 -34.14
CA ILE A 549 -26.42 19.67 -34.12
C ILE A 549 -26.92 18.28 -33.73
N VAL A 550 -26.41 17.25 -34.38
CA VAL A 550 -26.80 15.89 -34.08
C VAL A 550 -26.41 15.50 -32.65
N GLY A 551 -25.47 16.23 -32.07
CA GLY A 551 -25.05 15.95 -30.71
C GLY A 551 -25.97 16.58 -29.69
N GLN A 552 -26.76 17.56 -30.11
CA GLN A 552 -27.66 18.28 -29.19
C GLN A 552 -29.04 17.64 -29.11
N TYR A 553 -29.31 16.67 -29.97
CA TYR A 553 -30.62 16.05 -30.01
C TYR A 553 -30.56 14.55 -29.78
N PRO A 554 -30.17 14.14 -28.56
CA PRO A 554 -30.15 12.73 -28.20
C PRO A 554 -31.54 12.11 -28.29
N ARG A 555 -32.57 12.90 -27.99
CA ARG A 555 -33.95 12.40 -28.07
C ARG A 555 -34.22 11.76 -29.43
N PHE A 556 -33.73 12.41 -30.48
CA PHE A 556 -33.86 11.95 -31.86
C PHE A 556 -32.98 10.72 -32.13
N LEU A 557 -31.77 10.71 -31.58
CA LEU A 557 -30.85 9.59 -31.75
C LEU A 557 -31.37 8.35 -31.03
N ARG A 558 -31.98 8.57 -29.87
CA ARG A 558 -32.48 7.47 -29.04
C ARG A 558 -33.71 6.79 -29.64
N ALA A 559 -34.28 7.40 -30.68
CA ALA A 559 -35.46 6.86 -31.32
C ALA A 559 -35.13 6.28 -32.69
N HIS A 560 -33.92 6.55 -33.16
CA HIS A 560 -33.49 6.12 -34.49
C HIS A 560 -32.11 5.46 -34.45
N TRP A 561 -32.05 4.21 -34.02
CA TRP A 561 -30.79 3.50 -33.87
C TRP A 561 -29.89 3.57 -35.12
N LYS A 562 -30.46 3.22 -36.27
CA LYS A 562 -29.71 3.25 -37.53
C LYS A 562 -28.96 4.56 -37.71
N PHE A 563 -29.64 5.67 -37.43
CA PHE A 563 -29.01 6.99 -37.52
C PHE A 563 -27.87 7.11 -36.50
N LEU A 564 -28.17 6.78 -35.24
CA LEU A 564 -27.18 6.79 -34.18
C LEU A 564 -25.95 6.00 -34.62
N LYS A 565 -26.19 4.78 -35.11
CA LYS A 565 -25.16 3.91 -35.63
C LYS A 565 -24.33 4.61 -36.71
N THR A 566 -25.01 5.17 -37.71
CA THR A 566 -24.36 5.90 -38.79
C THR A 566 -23.53 7.07 -38.28
N VAL A 567 -24.06 7.77 -37.27
CA VAL A 567 -23.35 8.90 -36.68
C VAL A 567 -22.06 8.44 -36.03
N VAL A 568 -22.17 7.46 -35.13
CA VAL A 568 -21.01 6.95 -34.41
C VAL A 568 -19.89 6.52 -35.36
N ASN A 569 -20.25 5.72 -36.36
CA ASN A 569 -19.27 5.28 -37.33
C ASN A 569 -18.61 6.45 -38.07
N LYS A 570 -19.41 7.45 -38.44
CA LYS A 570 -18.87 8.65 -39.07
C LYS A 570 -17.84 9.30 -38.15
N LEU A 571 -18.13 9.32 -36.84
CA LEU A 571 -17.18 9.88 -35.89
C LEU A 571 -15.91 9.05 -35.84
N PHE A 572 -16.06 7.73 -35.88
CA PHE A 572 -14.90 6.84 -35.87
C PHE A 572 -13.99 7.08 -37.09
N GLU A 573 -14.61 7.41 -38.21
CA GLU A 573 -13.86 7.74 -39.42
C GLU A 573 -13.15 9.08 -39.26
N PHE A 574 -13.88 10.08 -38.79
CA PHE A 574 -13.31 11.41 -38.57
C PHE A 574 -12.11 11.36 -37.61
N MET A 575 -12.00 10.26 -36.87
CA MET A 575 -10.94 10.11 -35.88
C MET A 575 -9.60 9.76 -36.50
N HIS A 576 -9.56 9.64 -37.82
CA HIS A 576 -8.30 9.46 -38.53
C HIS A 576 -8.06 10.65 -39.45
N GLU A 577 -8.95 11.64 -39.33
CA GLU A 577 -8.83 12.88 -40.09
C GLU A 577 -7.67 13.72 -39.57
N THR A 578 -6.83 14.19 -40.47
CA THR A 578 -5.65 14.95 -40.08
C THR A 578 -5.86 16.46 -40.20
N HIS A 579 -7.02 16.88 -40.67
CA HIS A 579 -7.35 18.29 -40.76
C HIS A 579 -7.57 18.86 -39.36
N ASP A 580 -7.10 20.09 -39.16
CA ASP A 580 -7.07 20.71 -37.84
C ASP A 580 -8.40 20.66 -37.09
N GLY A 581 -8.35 20.24 -35.83
CA GLY A 581 -9.50 20.29 -34.94
C GLY A 581 -10.53 19.19 -35.13
N VAL A 582 -10.61 18.65 -36.34
CA VAL A 582 -11.62 17.63 -36.63
C VAL A 582 -11.61 16.50 -35.60
N GLN A 583 -10.42 16.08 -35.18
CA GLN A 583 -10.31 14.99 -34.23
C GLN A 583 -10.79 15.37 -32.82
N ASP A 584 -10.62 16.63 -32.46
CA ASP A 584 -11.16 17.12 -31.20
C ASP A 584 -12.68 17.21 -31.28
N MET A 585 -13.17 17.66 -32.42
CA MET A 585 -14.61 17.75 -32.66
C MET A 585 -15.23 16.36 -32.54
N ALA A 586 -14.66 15.41 -33.27
CA ALA A 586 -15.18 14.04 -33.32
C ALA A 586 -15.17 13.33 -31.97
N CYS A 587 -14.24 13.70 -31.08
CA CYS A 587 -14.20 13.07 -29.77
C CYS A 587 -15.23 13.70 -28.84
N ASP A 588 -15.28 15.03 -28.83
CA ASP A 588 -16.26 15.74 -28.01
C ASP A 588 -17.66 15.20 -28.27
N THR A 589 -18.03 15.11 -29.55
CA THR A 589 -19.33 14.61 -29.93
C THR A 589 -19.57 13.18 -29.43
N PHE A 590 -18.56 12.33 -29.60
CA PHE A 590 -18.69 10.91 -29.23
C PHE A 590 -18.91 10.67 -27.75
N ILE A 591 -18.20 11.41 -26.90
CA ILE A 591 -18.38 11.28 -25.47
C ILE A 591 -19.76 11.80 -25.11
N LYS A 592 -20.11 12.94 -25.70
CA LYS A 592 -21.43 13.55 -25.54
C LYS A 592 -22.51 12.52 -25.82
N ILE A 593 -22.51 12.00 -27.04
CA ILE A 593 -23.51 11.02 -27.46
C ILE A 593 -23.54 9.78 -26.57
N ALA A 594 -22.37 9.26 -26.23
CA ALA A 594 -22.29 8.09 -25.36
C ALA A 594 -23.00 8.34 -24.03
N GLN A 595 -22.63 9.43 -23.36
CA GLN A 595 -23.27 9.84 -22.11
C GLN A 595 -24.80 9.80 -22.20
N LYS A 596 -25.34 10.39 -23.27
CA LYS A 596 -26.79 10.56 -23.37
C LYS A 596 -27.53 9.42 -24.07
N CYS A 597 -26.80 8.50 -24.69
CA CYS A 597 -27.43 7.35 -25.33
C CYS A 597 -26.82 6.05 -24.84
N ARG A 598 -26.22 6.12 -23.66
CA ARG A 598 -25.45 5.01 -23.10
C ARG A 598 -26.15 3.65 -23.18
N ARG A 599 -27.47 3.63 -23.01
CA ARG A 599 -28.22 2.38 -22.94
C ARG A 599 -28.28 1.66 -24.29
N HIS A 600 -28.31 2.41 -25.37
CA HIS A 600 -28.46 1.84 -26.71
C HIS A 600 -27.23 1.07 -27.20
N PHE A 601 -26.10 1.31 -26.55
CA PHE A 601 -24.84 0.68 -26.95
C PHE A 601 -24.61 -0.68 -26.28
N VAL A 602 -25.33 -0.94 -25.20
CA VAL A 602 -25.12 -2.17 -24.44
C VAL A 602 -26.30 -3.14 -24.55
N GLN A 603 -27.37 -2.69 -25.18
CA GLN A 603 -28.53 -3.54 -25.40
C GLN A 603 -28.74 -3.76 -26.91
N VAL A 604 -29.09 -4.97 -27.29
CA VAL A 604 -29.22 -5.33 -28.71
C VAL A 604 -30.37 -4.61 -29.41
N GLN A 605 -30.06 -3.89 -30.48
CA GLN A 605 -31.06 -3.13 -31.23
C GLN A 605 -31.66 -3.93 -32.39
N VAL A 606 -32.81 -3.49 -32.88
CA VAL A 606 -33.47 -4.14 -34.01
C VAL A 606 -32.61 -4.11 -35.26
N GLY A 607 -32.35 -5.29 -35.82
CA GLY A 607 -31.52 -5.39 -37.01
C GLY A 607 -30.11 -5.85 -36.68
N GLU A 608 -29.83 -5.97 -35.38
CA GLU A 608 -28.54 -6.44 -34.92
C GLU A 608 -28.71 -7.74 -34.15
N VAL A 609 -27.59 -8.42 -33.89
CA VAL A 609 -27.61 -9.65 -33.10
C VAL A 609 -26.57 -9.57 -31.99
N MET A 610 -25.96 -8.40 -31.84
CA MET A 610 -24.89 -8.20 -30.87
C MET A 610 -24.78 -6.72 -30.53
N PRO A 611 -24.70 -6.41 -29.22
CA PRO A 611 -24.61 -5.04 -28.70
C PRO A 611 -23.43 -4.29 -29.32
N PHE A 612 -23.67 -3.05 -29.75
CA PHE A 612 -22.69 -2.26 -30.49
C PHE A 612 -21.33 -2.19 -29.78
N ILE A 613 -21.36 -2.04 -28.46
CA ILE A 613 -20.14 -2.01 -27.66
C ILE A 613 -19.13 -3.08 -28.10
N ASP A 614 -19.62 -4.28 -28.39
CA ASP A 614 -18.77 -5.38 -28.79
C ASP A 614 -17.92 -5.03 -30.00
N GLU A 615 -18.57 -4.52 -31.06
CA GLU A 615 -17.85 -4.08 -32.25
C GLU A 615 -16.81 -3.03 -31.87
N ILE A 616 -17.22 -2.11 -31.00
CA ILE A 616 -16.34 -1.04 -30.54
C ILE A 616 -15.14 -1.58 -29.77
N LEU A 617 -15.38 -2.52 -28.86
CA LEU A 617 -14.31 -3.08 -28.02
C LEU A 617 -13.35 -3.97 -28.81
N ASN A 618 -13.88 -4.71 -29.77
CA ASN A 618 -13.06 -5.58 -30.61
C ASN A 618 -12.27 -4.78 -31.66
N ASN A 619 -12.24 -3.46 -31.49
CA ASN A 619 -11.63 -2.60 -32.50
C ASN A 619 -10.99 -1.33 -31.94
N ILE A 620 -10.99 -1.20 -30.61
CA ILE A 620 -10.46 -0.01 -29.98
C ILE A 620 -9.19 0.51 -30.64
N ASN A 621 -8.26 -0.40 -30.92
CA ASN A 621 -6.97 0.00 -31.46
C ASN A 621 -7.03 0.56 -32.88
N THR A 622 -7.86 -0.04 -33.73
CA THR A 622 -7.96 0.42 -35.12
C THR A 622 -8.65 1.78 -35.21
N ILE A 623 -9.39 2.15 -34.16
CA ILE A 623 -10.11 3.42 -34.14
C ILE A 623 -9.25 4.55 -33.58
N ILE A 624 -8.55 4.27 -32.49
CA ILE A 624 -7.82 5.30 -31.77
C ILE A 624 -6.33 5.37 -32.12
N CYS A 625 -5.91 4.57 -33.10
CA CYS A 625 -4.49 4.48 -33.45
C CYS A 625 -3.86 5.82 -33.83
N ASP A 626 -4.68 6.73 -34.35
CA ASP A 626 -4.16 8.01 -34.83
C ASP A 626 -4.49 9.18 -33.91
N LEU A 627 -5.13 8.88 -32.78
CA LEU A 627 -5.48 9.91 -31.80
C LEU A 627 -4.29 10.29 -30.92
N GLN A 628 -4.33 11.49 -30.36
CA GLN A 628 -3.32 11.94 -29.42
C GLN A 628 -3.64 11.41 -28.03
N PRO A 629 -2.66 11.47 -27.11
CA PRO A 629 -2.85 10.98 -25.75
C PRO A 629 -4.15 11.41 -25.07
N GLN A 630 -4.38 12.72 -24.98
CA GLN A 630 -5.58 13.23 -24.31
C GLN A 630 -6.87 12.76 -24.97
N GLN A 631 -6.92 12.81 -26.29
CA GLN A 631 -8.08 12.32 -27.04
C GLN A 631 -8.37 10.85 -26.71
N VAL A 632 -7.32 10.04 -26.58
CA VAL A 632 -7.46 8.64 -26.20
C VAL A 632 -8.12 8.49 -24.84
N HIS A 633 -7.82 9.41 -23.92
CA HIS A 633 -8.46 9.40 -22.62
C HIS A 633 -9.94 9.75 -22.74
N THR A 634 -10.25 10.75 -23.56
CA THR A 634 -11.62 11.18 -23.77
C THR A 634 -12.44 10.05 -24.42
N PHE A 635 -11.77 9.25 -25.24
CA PHE A 635 -12.41 8.13 -25.89
C PHE A 635 -12.70 7.03 -24.89
N TYR A 636 -11.74 6.77 -24.01
CA TYR A 636 -11.92 5.73 -23.01
C TYR A 636 -13.03 6.11 -22.02
N GLU A 637 -13.11 7.39 -21.70
CA GLU A 637 -14.17 7.87 -20.81
C GLU A 637 -15.54 7.65 -21.46
N ALA A 638 -15.60 7.84 -22.77
CA ALA A 638 -16.85 7.71 -23.53
C ALA A 638 -17.39 6.29 -23.49
N VAL A 639 -16.53 5.32 -23.77
CA VAL A 639 -16.92 3.92 -23.70
C VAL A 639 -17.27 3.52 -22.28
N GLY A 640 -16.58 4.14 -21.31
CA GLY A 640 -16.84 3.87 -19.92
C GLY A 640 -18.29 4.07 -19.55
N TYR A 641 -18.89 5.11 -20.11
CA TYR A 641 -20.30 5.41 -19.87
C TYR A 641 -21.22 4.30 -20.39
N MET A 642 -20.88 3.76 -21.55
CA MET A 642 -21.60 2.62 -22.11
C MET A 642 -21.54 1.43 -21.15
N ILE A 643 -20.33 1.14 -20.66
CA ILE A 643 -20.13 0.05 -19.72
C ILE A 643 -20.99 0.23 -18.47
N GLY A 644 -21.14 1.48 -18.04
CA GLY A 644 -21.91 1.80 -16.85
C GLY A 644 -23.40 1.54 -17.01
N ALA A 645 -23.82 1.27 -18.24
CA ALA A 645 -25.23 1.01 -18.53
C ALA A 645 -25.60 -0.45 -18.28
N GLN A 646 -24.66 -1.34 -18.57
CA GLN A 646 -24.87 -2.77 -18.33
C GLN A 646 -24.97 -3.04 -16.85
N THR A 647 -26.19 -3.07 -16.33
CA THR A 647 -26.43 -3.28 -14.91
C THR A 647 -26.26 -4.73 -14.51
N ASP A 648 -26.37 -5.63 -15.50
CA ASP A 648 -26.16 -7.05 -15.26
C ASP A 648 -24.72 -7.36 -14.84
N GLN A 649 -24.55 -7.73 -13.58
CA GLN A 649 -23.25 -8.06 -12.99
C GLN A 649 -22.30 -8.82 -13.93
N THR A 650 -22.66 -10.08 -14.24
CA THR A 650 -21.80 -10.96 -15.01
C THR A 650 -21.25 -10.30 -16.27
N VAL A 651 -22.15 -9.84 -17.13
CA VAL A 651 -21.74 -9.22 -18.40
C VAL A 651 -20.93 -7.95 -18.22
N GLN A 652 -21.32 -7.10 -17.28
CA GLN A 652 -20.57 -5.87 -17.04
C GLN A 652 -19.13 -6.19 -16.67
N GLU A 653 -18.91 -7.30 -15.97
CA GLU A 653 -17.57 -7.70 -15.57
C GLU A 653 -16.70 -8.09 -16.76
N HIS A 654 -17.27 -8.85 -17.69
CA HIS A 654 -16.53 -9.23 -18.89
C HIS A 654 -16.22 -8.00 -19.74
N LEU A 655 -17.22 -7.13 -19.88
CA LEU A 655 -17.04 -5.89 -20.62
C LEU A 655 -15.89 -5.06 -20.05
N ILE A 656 -15.84 -4.98 -18.72
CA ILE A 656 -14.82 -4.20 -18.01
C ILE A 656 -13.42 -4.76 -18.21
N GLU A 657 -13.31 -6.08 -18.12
CA GLU A 657 -12.01 -6.73 -18.29
C GLU A 657 -11.40 -6.44 -19.66
N LYS A 658 -12.21 -6.45 -20.71
CA LYS A 658 -11.73 -6.22 -22.07
C LYS A 658 -11.54 -4.74 -22.37
N TYR A 659 -12.41 -3.92 -21.79
CA TYR A 659 -12.31 -2.47 -21.81
C TYR A 659 -10.92 -2.02 -21.34
N MET A 660 -10.43 -2.62 -20.27
CA MET A 660 -9.13 -2.26 -19.70
C MET A 660 -8.00 -3.19 -20.10
N LEU A 661 -8.22 -3.99 -21.15
CA LEU A 661 -7.23 -4.97 -21.56
C LEU A 661 -6.01 -4.32 -22.21
N LEU A 662 -6.23 -3.36 -23.10
CA LEU A 662 -5.10 -2.72 -23.79
C LEU A 662 -4.16 -2.03 -22.80
N PRO A 663 -4.69 -1.12 -21.97
CA PRO A 663 -3.85 -0.43 -20.97
C PRO A 663 -3.18 -1.41 -20.01
N ASN A 664 -3.86 -2.51 -19.72
CA ASN A 664 -3.32 -3.47 -18.76
C ASN A 664 -2.03 -4.12 -19.24
N GLN A 665 -1.92 -4.35 -20.54
CA GLN A 665 -0.75 -4.97 -21.12
C GLN A 665 0.49 -4.16 -20.80
N VAL A 666 0.42 -2.86 -21.02
CA VAL A 666 1.53 -1.98 -20.70
C VAL A 666 1.85 -2.08 -19.22
N TRP A 667 0.81 -2.00 -18.39
CA TRP A 667 0.97 -2.11 -16.94
C TRP A 667 1.65 -3.40 -16.57
N ASP A 668 0.99 -4.52 -16.86
CA ASP A 668 1.57 -5.84 -16.58
C ASP A 668 3.02 -5.93 -17.05
N SER A 669 3.31 -5.36 -18.21
CA SER A 669 4.67 -5.38 -18.75
C SER A 669 5.63 -4.61 -17.87
N ILE A 670 5.33 -3.34 -17.63
CA ILE A 670 6.19 -2.49 -16.81
C ILE A 670 6.40 -3.08 -15.42
N ILE A 671 5.41 -3.81 -14.94
CA ILE A 671 5.43 -4.35 -13.59
C ILE A 671 6.38 -5.52 -13.43
N GLN A 672 6.33 -6.47 -14.36
CA GLN A 672 7.20 -7.65 -14.29
C GLN A 672 8.66 -7.22 -14.34
N GLN A 673 8.96 -6.22 -15.17
CA GLN A 673 10.32 -5.72 -15.32
C GLN A 673 10.79 -4.99 -14.06
N ALA A 674 9.84 -4.43 -13.32
CA ALA A 674 10.17 -3.74 -12.08
C ALA A 674 10.46 -4.77 -11.00
N THR A 675 9.98 -5.99 -11.21
CA THR A 675 10.19 -7.07 -10.25
C THR A 675 11.46 -7.84 -10.62
N LYS A 676 12.38 -7.14 -11.28
CA LYS A 676 13.67 -7.69 -11.66
C LYS A 676 14.71 -6.61 -11.42
N ASN A 677 14.28 -5.37 -11.61
CA ASN A 677 15.14 -4.20 -11.44
C ASN A 677 14.27 -2.97 -11.19
N VAL A 678 14.22 -2.53 -9.93
CA VAL A 678 13.38 -1.40 -9.55
C VAL A 678 13.96 -0.06 -10.03
N ASP A 679 15.05 -0.11 -10.77
CA ASP A 679 15.62 1.09 -11.36
C ASP A 679 14.85 1.45 -12.64
N ILE A 680 13.89 0.60 -13.00
CA ILE A 680 13.09 0.82 -14.20
C ILE A 680 12.01 1.87 -13.95
N LEU A 681 11.49 1.91 -12.73
CA LEU A 681 10.51 2.90 -12.34
C LEU A 681 11.19 4.25 -12.21
N LYS A 682 12.37 4.34 -12.81
CA LYS A 682 13.14 5.57 -12.82
C LYS A 682 13.36 5.97 -14.28
N ASP A 683 12.89 5.11 -15.17
CA ASP A 683 13.06 5.31 -16.61
C ASP A 683 12.06 6.32 -17.16
N PRO A 684 12.57 7.41 -17.74
CA PRO A 684 11.73 8.49 -18.27
C PRO A 684 10.54 7.99 -19.09
N GLU A 685 10.79 7.08 -20.02
CA GLU A 685 9.73 6.61 -20.92
C GLU A 685 8.68 5.76 -20.21
N THR A 686 9.13 4.83 -19.37
CA THR A 686 8.20 3.94 -18.67
C THR A 686 7.37 4.72 -17.66
N VAL A 687 7.95 5.81 -17.14
CA VAL A 687 7.23 6.66 -16.20
C VAL A 687 6.21 7.50 -16.95
N LYS A 688 6.55 7.89 -18.18
CA LYS A 688 5.61 8.61 -19.02
C LYS A 688 4.39 7.77 -19.31
N GLN A 689 4.61 6.47 -19.46
CA GLN A 689 3.55 5.51 -19.74
C GLN A 689 2.70 5.26 -18.50
N LEU A 690 3.36 5.00 -17.38
CA LEU A 690 2.64 4.80 -16.10
C LEU A 690 1.69 5.97 -15.84
N GLY A 691 2.09 7.17 -16.25
CA GLY A 691 1.24 8.33 -16.12
C GLY A 691 0.01 8.21 -17.00
N SER A 692 0.22 7.95 -18.29
CA SER A 692 -0.88 7.89 -19.25
C SER A 692 -1.81 6.71 -18.95
N ILE A 693 -1.23 5.57 -18.58
CA ILE A 693 -2.05 4.43 -18.20
C ILE A 693 -2.97 4.84 -17.05
N LEU A 694 -2.37 5.40 -16.00
CA LEU A 694 -3.16 5.86 -14.86
C LEU A 694 -4.23 6.86 -15.29
N LYS A 695 -3.84 7.90 -16.02
CA LYS A 695 -4.79 8.89 -16.54
C LYS A 695 -5.96 8.24 -17.24
N THR A 696 -5.68 7.16 -17.98
CA THR A 696 -6.73 6.41 -18.66
C THR A 696 -7.62 5.73 -17.64
N ASN A 697 -6.98 5.17 -16.62
CA ASN A 697 -7.68 4.49 -15.53
C ASN A 697 -8.58 5.44 -14.74
N VAL A 698 -8.23 6.71 -14.70
CA VAL A 698 -8.99 7.70 -13.95
C VAL A 698 -10.31 8.03 -14.65
N ARG A 699 -10.25 8.13 -15.97
CA ARG A 699 -11.42 8.49 -16.77
C ARG A 699 -12.42 7.34 -16.80
N ALA A 700 -11.90 6.14 -17.05
CA ALA A 700 -12.75 4.96 -17.08
C ALA A 700 -13.53 4.86 -15.77
N CYS A 701 -12.87 5.20 -14.67
CA CYS A 701 -13.47 5.09 -13.36
C CYS A 701 -14.56 6.13 -13.15
N LYS A 702 -14.31 7.33 -13.69
CA LYS A 702 -15.26 8.43 -13.57
C LYS A 702 -16.61 8.07 -14.19
N ALA A 703 -16.58 7.23 -15.23
CA ALA A 703 -17.79 6.89 -15.96
C ALA A 703 -18.40 5.56 -15.53
N VAL A 704 -17.55 4.54 -15.35
CA VAL A 704 -18.02 3.21 -14.96
C VAL A 704 -18.64 3.21 -13.56
N GLY A 705 -18.01 3.92 -12.63
CA GLY A 705 -18.51 3.99 -11.27
C GLY A 705 -18.06 2.83 -10.40
N HIS A 706 -18.79 2.59 -9.32
CA HIS A 706 -18.42 1.54 -8.36
C HIS A 706 -17.91 0.23 -9.00
N PRO A 707 -18.67 -0.31 -9.97
CA PRO A 707 -18.32 -1.60 -10.57
C PRO A 707 -16.86 -1.66 -11.04
N PHE A 708 -16.26 -0.51 -11.27
CA PHE A 708 -14.87 -0.42 -11.70
C PHE A 708 -13.91 -1.05 -10.69
N VAL A 709 -14.42 -1.32 -9.47
CA VAL A 709 -13.63 -1.92 -8.40
C VAL A 709 -12.87 -3.16 -8.85
N ILE A 710 -13.48 -3.94 -9.74
CA ILE A 710 -12.85 -5.16 -10.25
C ILE A 710 -11.50 -4.83 -10.88
N GLN A 711 -11.40 -3.65 -11.48
CA GLN A 711 -10.15 -3.19 -12.07
C GLN A 711 -9.20 -2.68 -11.00
N LEU A 712 -9.66 -1.71 -10.20
CA LEU A 712 -8.81 -1.12 -9.18
C LEU A 712 -8.18 -2.21 -8.33
N GLY A 713 -8.98 -3.20 -7.96
CA GLY A 713 -8.50 -4.28 -7.11
C GLY A 713 -7.37 -5.04 -7.77
N ARG A 714 -7.48 -5.21 -9.08
CA ARG A 714 -6.49 -5.95 -9.85
C ARG A 714 -5.11 -5.30 -9.87
N ILE A 715 -5.03 -3.99 -9.60
CA ILE A 715 -3.76 -3.30 -9.63
C ILE A 715 -3.45 -2.48 -8.38
N TYR A 716 -4.43 -2.41 -7.48
CA TYR A 716 -4.32 -1.54 -6.31
C TYR A 716 -3.02 -1.65 -5.51
N LEU A 717 -2.60 -2.87 -5.20
CA LEU A 717 -1.42 -3.07 -4.35
C LEU A 717 -0.11 -2.68 -5.04
N ASP A 718 0.15 -3.22 -6.23
CA ASP A 718 1.35 -2.85 -6.97
C ASP A 718 1.40 -1.35 -7.24
N MET A 719 0.27 -0.78 -7.67
CA MET A 719 0.19 0.65 -7.95
C MET A 719 0.67 1.47 -6.76
N LEU A 720 0.32 1.01 -5.56
CA LEU A 720 0.81 1.66 -4.33
C LEU A 720 2.31 1.48 -4.19
N ASN A 721 2.82 0.32 -4.55
CA ASN A 721 4.25 0.06 -4.48
C ASN A 721 5.04 1.02 -5.36
N VAL A 722 4.59 1.20 -6.60
CA VAL A 722 5.29 2.11 -7.51
C VAL A 722 5.15 3.55 -7.03
N TYR A 723 3.95 3.91 -6.59
CA TYR A 723 3.73 5.23 -6.03
C TYR A 723 4.79 5.52 -4.98
N LYS A 724 4.96 4.56 -4.07
CA LYS A 724 5.92 4.70 -2.98
C LYS A 724 7.35 4.70 -3.47
N CYS A 725 7.61 3.93 -4.53
CA CYS A 725 8.93 3.91 -5.16
C CYS A 725 9.29 5.30 -5.68
N LEU A 726 8.35 5.93 -6.37
CA LEU A 726 8.57 7.26 -6.93
C LEU A 726 8.63 8.32 -5.84
N SER A 727 7.78 8.16 -4.83
CA SER A 727 7.71 9.13 -3.76
C SER A 727 9.02 9.18 -2.99
N GLU A 728 9.70 8.04 -2.92
CA GLU A 728 10.98 7.97 -2.23
C GLU A 728 12.14 8.35 -3.13
N ASN A 729 11.94 8.20 -4.44
CA ASN A 729 12.93 8.62 -5.42
C ASN A 729 12.99 10.15 -5.50
N ILE A 730 11.82 10.78 -5.47
CA ILE A 730 11.72 12.23 -5.53
C ILE A 730 12.31 12.90 -4.29
N SER A 731 11.86 12.46 -3.11
CA SER A 731 12.29 13.05 -1.85
C SER A 731 13.81 13.02 -1.71
N ALA A 732 14.41 11.89 -2.06
CA ALA A 732 15.86 11.76 -2.04
C ALA A 732 16.49 12.82 -2.95
N ALA A 733 16.04 12.87 -4.20
CA ALA A 733 16.55 13.83 -5.18
C ALA A 733 16.53 15.25 -4.64
N ILE A 734 15.46 15.59 -3.93
CA ILE A 734 15.33 16.90 -3.33
C ILE A 734 16.27 17.05 -2.13
N GLN A 735 16.24 16.09 -1.22
CA GLN A 735 17.13 16.10 -0.06
C GLN A 735 18.58 16.25 -0.48
N ALA A 736 18.89 15.77 -1.67
CA ALA A 736 20.26 15.77 -2.17
C ALA A 736 20.61 17.04 -2.95
N ASN A 737 19.61 17.73 -3.48
CA ASN A 737 19.88 18.89 -4.33
C ASN A 737 18.87 20.05 -4.23
N GLY A 738 18.10 20.09 -3.15
CA GLY A 738 17.18 21.19 -2.90
C GLY A 738 15.98 21.22 -3.82
N GLU A 739 14.98 22.02 -3.48
CA GLU A 739 13.74 22.10 -4.27
C GLU A 739 13.98 22.13 -5.77
N MET A 740 14.98 22.90 -6.19
CA MET A 740 15.27 23.12 -7.61
C MET A 740 14.97 21.92 -8.51
N VAL A 741 15.31 20.72 -8.06
CA VAL A 741 15.16 19.52 -8.88
C VAL A 741 13.73 19.28 -9.36
N THR A 742 12.76 19.67 -8.53
CA THR A 742 11.36 19.52 -8.90
C THR A 742 11.11 20.15 -10.26
N LYS A 743 11.97 21.07 -10.64
CA LYS A 743 11.75 21.83 -11.84
C LYS A 743 12.58 21.29 -13.01
N GLN A 744 12.20 20.08 -13.43
CA GLN A 744 12.83 19.40 -14.55
C GLN A 744 12.04 18.13 -14.88
N PRO A 745 12.11 17.69 -16.15
CA PRO A 745 11.33 16.60 -16.75
C PRO A 745 11.01 15.42 -15.82
N LEU A 746 12.01 14.61 -15.50
CA LEU A 746 11.79 13.35 -14.80
C LEU A 746 11.00 13.49 -13.50
N ILE A 747 11.38 14.45 -12.66
CA ILE A 747 10.70 14.64 -11.39
C ILE A 747 9.24 15.01 -11.60
N ARG A 748 9.00 16.04 -12.42
CA ARG A 748 7.64 16.45 -12.74
C ARG A 748 6.83 15.29 -13.29
N SER A 749 7.49 14.38 -14.00
CA SER A 749 6.86 13.18 -14.51
C SER A 749 6.48 12.22 -13.37
N MET A 750 7.39 12.03 -12.42
CA MET A 750 7.14 11.16 -11.27
C MET A 750 6.06 11.75 -10.36
N ARG A 751 6.02 13.07 -10.27
CA ARG A 751 4.96 13.74 -9.53
C ARG A 751 3.61 13.36 -10.12
N THR A 752 3.57 13.20 -11.44
CA THR A 752 2.34 12.91 -12.16
C THR A 752 1.75 11.54 -11.86
N VAL A 753 2.62 10.53 -11.75
CA VAL A 753 2.16 9.20 -11.41
C VAL A 753 1.57 9.21 -10.01
N LYS A 754 2.16 10.03 -9.14
CA LYS A 754 1.68 10.15 -7.77
C LYS A 754 0.31 10.79 -7.74
N ARG A 755 0.20 11.93 -8.42
CA ARG A 755 -1.03 12.72 -8.42
C ARG A 755 -2.21 11.99 -9.04
N GLU A 756 -1.98 11.31 -10.17
CA GLU A 756 -3.04 10.55 -10.81
C GLU A 756 -3.38 9.32 -9.98
N THR A 757 -2.38 8.74 -9.34
CA THR A 757 -2.60 7.63 -8.42
C THR A 757 -3.58 8.05 -7.33
N LEU A 758 -3.41 9.28 -6.85
CA LEU A 758 -4.25 9.83 -5.80
C LEU A 758 -5.64 10.17 -6.33
N LYS A 759 -5.68 10.72 -7.54
CA LYS A 759 -6.94 11.00 -8.22
C LYS A 759 -7.74 9.71 -8.33
N LEU A 760 -7.08 8.64 -8.77
CA LEU A 760 -7.73 7.35 -8.93
C LEU A 760 -8.26 6.82 -7.60
N ILE A 761 -7.43 6.84 -6.57
CA ILE A 761 -7.84 6.35 -5.25
C ILE A 761 -9.06 7.11 -4.73
N SER A 762 -8.95 8.44 -4.67
CA SER A 762 -10.05 9.25 -4.16
C SER A 762 -11.23 9.27 -5.12
N GLY A 763 -10.93 9.31 -6.42
CA GLY A 763 -11.95 9.32 -7.44
C GLY A 763 -12.90 8.13 -7.41
N TRP A 764 -12.41 6.99 -6.92
CA TRP A 764 -13.26 5.81 -6.82
C TRP A 764 -14.04 5.73 -5.51
N VAL A 765 -13.33 5.86 -4.39
CA VAL A 765 -13.98 5.83 -3.08
C VAL A 765 -15.17 6.77 -3.05
N SER A 766 -15.08 7.86 -3.82
CA SER A 766 -16.16 8.84 -3.90
C SER A 766 -17.45 8.22 -4.45
N ARG A 767 -17.32 7.46 -5.53
CA ARG A 767 -18.48 6.84 -6.17
C ARG A 767 -18.66 5.39 -5.73
N SER A 768 -18.00 5.00 -4.65
CA SER A 768 -18.13 3.66 -4.10
C SER A 768 -19.43 3.57 -3.32
N ASN A 769 -19.94 2.36 -3.13
CA ASN A 769 -21.16 2.18 -2.37
C ASN A 769 -21.16 0.92 -1.52
N ASP A 770 -20.19 0.84 -0.62
CA ASP A 770 -20.12 -0.22 0.38
C ASP A 770 -19.05 0.16 1.39
N PRO A 771 -19.35 1.15 2.24
CA PRO A 771 -18.37 1.81 3.10
C PRO A 771 -17.45 0.83 3.79
N GLN A 772 -18.02 -0.13 4.51
CA GLN A 772 -17.24 -1.04 5.33
C GLN A 772 -16.21 -1.79 4.48
N MET A 773 -16.67 -2.43 3.42
CA MET A 773 -15.79 -3.15 2.51
C MET A 773 -14.64 -2.25 2.05
N VAL A 774 -14.92 -0.97 1.87
CA VAL A 774 -13.91 0.00 1.46
C VAL A 774 -12.94 0.33 2.59
N ALA A 775 -13.46 0.34 3.82
CA ALA A 775 -12.65 0.69 4.99
C ALA A 775 -11.80 -0.48 5.47
N GLU A 776 -12.15 -1.68 5.06
CA GLU A 776 -11.46 -2.88 5.54
C GLU A 776 -10.49 -3.47 4.52
N ASN A 777 -10.54 -2.98 3.29
CA ASN A 777 -9.67 -3.49 2.23
C ASN A 777 -8.81 -2.42 1.54
N PHE A 778 -9.45 -1.35 1.06
CA PHE A 778 -8.73 -0.34 0.29
C PHE A 778 -8.16 0.80 1.13
N VAL A 779 -8.34 0.74 2.43
CA VAL A 779 -7.86 1.83 3.29
C VAL A 779 -6.57 1.53 4.04
N PRO A 780 -6.49 0.35 4.68
CA PRO A 780 -5.27 -0.01 5.42
C PRO A 780 -3.98 0.05 4.59
N PRO A 781 -4.01 -0.44 3.33
CA PRO A 781 -2.79 -0.34 2.52
C PRO A 781 -2.40 1.11 2.21
N LEU A 782 -3.34 2.03 2.36
CA LEU A 782 -3.05 3.45 2.16
C LEU A 782 -2.13 3.99 3.25
N LEU A 783 -2.27 3.43 4.46
CA LEU A 783 -1.51 3.89 5.61
C LEU A 783 -0.01 3.87 5.38
N ASP A 784 0.53 2.68 5.13
CA ASP A 784 1.97 2.51 4.96
C ASP A 784 2.42 3.09 3.61
N ALA A 785 1.57 2.95 2.61
CA ALA A 785 1.93 3.35 1.25
C ALA A 785 1.95 4.85 1.02
N VAL A 786 0.91 5.54 1.48
CA VAL A 786 0.75 6.96 1.16
C VAL A 786 0.93 7.89 2.36
N LEU A 787 0.45 7.47 3.52
CA LEU A 787 0.54 8.31 4.71
C LEU A 787 1.94 8.32 5.32
N ILE A 788 2.41 7.17 5.79
CA ILE A 788 3.74 7.09 6.39
C ILE A 788 4.83 7.46 5.38
N ASP A 789 4.50 7.38 4.09
CA ASP A 789 5.40 7.89 3.07
C ASP A 789 5.42 9.42 3.09
N TYR A 790 4.23 10.01 3.13
CA TYR A 790 4.09 11.45 3.25
C TYR A 790 4.79 11.95 4.52
N GLN A 791 4.75 11.14 5.57
CA GLN A 791 5.43 11.47 6.81
C GLN A 791 6.94 11.53 6.60
N ARG A 792 7.48 10.44 6.06
CA ARG A 792 8.93 10.29 5.90
C ARG A 792 9.55 11.19 4.82
N ASN A 793 8.71 11.73 3.93
CA ASN A 793 9.21 12.65 2.91
C ASN A 793 9.81 13.89 3.55
N VAL A 794 10.80 14.47 2.89
CA VAL A 794 11.30 15.78 3.26
C VAL A 794 10.21 16.82 2.98
N PRO A 795 10.12 17.86 3.83
CA PRO A 795 9.08 18.88 3.69
C PRO A 795 8.81 19.28 2.24
N ALA A 796 9.85 19.57 1.48
CA ALA A 796 9.69 20.05 0.11
C ALA A 796 9.11 18.98 -0.83
N ALA A 797 9.13 17.72 -0.40
CA ALA A 797 8.74 16.62 -1.28
C ALA A 797 7.34 16.06 -1.01
N ARG A 798 6.76 16.40 0.14
CA ARG A 798 5.45 15.91 0.51
C ARG A 798 4.37 16.41 -0.44
N GLU A 799 3.47 15.50 -0.82
CA GLU A 799 2.39 15.80 -1.74
C GLU A 799 1.17 16.37 -1.02
N PRO A 800 0.80 17.62 -1.32
CA PRO A 800 -0.35 18.26 -0.67
C PRO A 800 -1.63 17.48 -0.95
N GLU A 801 -1.74 16.95 -2.17
CA GLU A 801 -2.94 16.20 -2.58
C GLU A 801 -3.17 14.95 -1.72
N VAL A 802 -2.17 14.54 -0.97
CA VAL A 802 -2.32 13.42 -0.06
C VAL A 802 -3.34 13.77 1.01
N LEU A 803 -3.26 14.99 1.52
CA LEU A 803 -4.18 15.45 2.55
C LEU A 803 -5.60 15.57 2.01
N SER A 804 -5.74 16.21 0.85
CA SER A 804 -7.05 16.39 0.24
C SER A 804 -7.65 15.05 -0.21
N THR A 805 -6.82 14.15 -0.71
CA THR A 805 -7.26 12.81 -1.06
C THR A 805 -7.87 12.12 0.15
N MET A 806 -7.23 12.30 1.31
CA MET A 806 -7.68 11.68 2.53
C MET A 806 -8.96 12.36 3.04
N ALA A 807 -9.03 13.67 2.84
CA ALA A 807 -10.21 14.45 3.23
C ALA A 807 -11.47 13.89 2.57
N ILE A 808 -11.38 13.65 1.27
CA ILE A 808 -12.47 13.08 0.50
C ILE A 808 -12.95 11.73 1.03
N ILE A 809 -12.01 10.86 1.42
CA ILE A 809 -12.39 9.53 1.90
C ILE A 809 -13.08 9.60 3.26
N VAL A 810 -12.68 10.55 4.10
CA VAL A 810 -13.35 10.75 5.38
C VAL A 810 -14.80 11.18 5.15
N ASN A 811 -14.99 12.14 4.25
CA ASN A 811 -16.32 12.58 3.88
C ASN A 811 -17.22 11.42 3.43
N LYS A 812 -16.64 10.47 2.69
CA LYS A 812 -17.38 9.33 2.17
C LYS A 812 -17.60 8.24 3.23
N LEU A 813 -16.49 7.70 3.76
CA LEU A 813 -16.56 6.59 4.71
C LEU A 813 -17.17 7.00 6.05
N GLY A 814 -16.87 8.22 6.50
CA GLY A 814 -17.40 8.73 7.75
C GLY A 814 -17.14 7.82 8.94
N GLY A 815 -18.21 7.44 9.63
CA GLY A 815 -18.11 6.63 10.82
C GLY A 815 -17.27 5.37 10.68
N HIS A 816 -17.21 4.84 9.46
CA HIS A 816 -16.44 3.61 9.21
C HIS A 816 -14.94 3.82 9.29
N ILE A 817 -14.50 5.07 9.36
CA ILE A 817 -13.07 5.36 9.43
C ILE A 817 -12.69 6.04 10.75
N THR A 818 -13.70 6.36 11.56
CA THR A 818 -13.50 7.05 12.83
C THR A 818 -12.45 6.37 13.72
N ALA A 819 -12.21 5.10 13.48
CA ALA A 819 -11.28 4.33 14.30
C ALA A 819 -9.84 4.38 13.78
N GLU A 820 -9.66 4.98 12.60
CA GLU A 820 -8.33 5.04 11.99
C GLU A 820 -7.75 6.44 12.05
N ILE A 821 -8.56 7.40 12.51
CA ILE A 821 -8.09 8.77 12.69
C ILE A 821 -6.81 8.83 13.52
N PRO A 822 -6.75 8.06 14.61
CA PRO A 822 -5.51 7.94 15.38
C PRO A 822 -4.32 7.66 14.47
N GLN A 823 -4.36 6.52 13.77
CA GLN A 823 -3.29 6.11 12.88
C GLN A 823 -2.96 7.14 11.81
N ILE A 824 -3.99 7.77 11.26
CA ILE A 824 -3.80 8.76 10.20
C ILE A 824 -3.23 10.07 10.73
N PHE A 825 -3.95 10.70 11.65
CA PHE A 825 -3.54 11.98 12.21
C PHE A 825 -2.10 11.96 12.70
N ASP A 826 -1.64 10.81 13.17
CA ASP A 826 -0.26 10.66 13.59
C ASP A 826 0.67 11.09 12.45
N ALA A 827 0.63 10.33 11.37
CA ALA A 827 1.49 10.55 10.22
C ALA A 827 1.48 11.99 9.74
N VAL A 828 0.30 12.49 9.39
CA VAL A 828 0.18 13.76 8.68
C VAL A 828 0.10 15.00 9.58
N PHE A 829 -0.73 14.92 10.62
CA PHE A 829 -1.08 16.09 11.43
C PHE A 829 0.11 16.93 11.90
N GLU A 830 0.75 16.47 12.96
CA GLU A 830 1.83 17.23 13.58
C GLU A 830 2.91 17.61 12.58
N CYS A 831 3.30 16.67 11.73
CA CYS A 831 4.38 16.91 10.78
C CYS A 831 4.02 18.00 9.77
N THR A 832 2.75 18.00 9.36
CA THR A 832 2.27 19.01 8.43
C THR A 832 2.11 20.35 9.14
N LEU A 833 1.69 20.29 10.39
CA LEU A 833 1.48 21.49 11.20
C LEU A 833 2.76 22.31 11.33
N ASN A 834 3.89 21.61 11.46
CA ASN A 834 5.19 22.27 11.60
C ASN A 834 5.67 22.94 10.33
N MET A 835 4.98 22.68 9.21
CA MET A 835 5.30 23.31 7.94
C MET A 835 4.53 24.61 7.79
N ILE A 836 3.44 24.73 8.53
CA ILE A 836 2.54 25.88 8.40
C ILE A 836 2.38 26.68 9.70
N ASN A 837 3.31 26.53 10.63
CA ASN A 837 3.20 27.25 11.90
C ASN A 837 4.27 28.33 12.15
N LYS A 838 5.10 28.61 11.14
CA LYS A 838 6.11 29.65 11.24
C LYS A 838 5.54 31.01 10.84
N ASP A 839 4.94 31.05 9.65
CA ASP A 839 4.30 32.25 9.15
C ASP A 839 2.93 31.92 8.58
N PHE A 840 2.45 32.74 7.66
CA PHE A 840 1.14 32.51 7.04
C PHE A 840 1.23 32.41 5.53
N GLU A 841 2.44 32.25 5.01
CA GLU A 841 2.66 32.29 3.57
C GLU A 841 3.07 30.95 2.96
N GLU A 842 4.13 30.35 3.49
CA GLU A 842 4.75 29.18 2.86
C GLU A 842 3.85 27.94 2.78
N TYR A 843 4.01 27.17 1.71
CA TYR A 843 3.26 25.93 1.52
C TYR A 843 1.76 26.20 1.50
N PRO A 844 1.29 26.99 0.53
CA PRO A 844 -0.12 27.36 0.45
C PRO A 844 -1.04 26.14 0.36
N GLU A 845 -0.87 25.34 -0.67
CA GLU A 845 -1.70 24.16 -0.86
C GLU A 845 -1.80 23.33 0.42
N HIS A 846 -0.68 23.16 1.11
CA HIS A 846 -0.66 22.39 2.36
C HIS A 846 -1.57 22.98 3.42
N ARG A 847 -1.67 24.31 3.44
CA ARG A 847 -2.55 24.99 4.38
C ARG A 847 -4.00 24.67 4.03
N THR A 848 -4.39 25.04 2.82
CA THR A 848 -5.74 24.79 2.32
C THR A 848 -6.20 23.36 2.59
N ASN A 849 -5.48 22.40 2.01
CA ASN A 849 -5.84 21.00 2.15
C ASN A 849 -5.93 20.55 3.61
N PHE A 850 -4.82 20.68 4.33
CA PHE A 850 -4.76 20.27 5.74
C PHE A 850 -6.07 20.56 6.49
N PHE A 851 -6.63 21.74 6.26
CA PHE A 851 -7.85 22.16 6.96
C PHE A 851 -9.15 21.63 6.33
N LEU A 852 -9.12 21.32 5.04
CA LEU A 852 -10.23 20.57 4.45
C LEU A 852 -10.29 19.22 5.15
N LEU A 853 -9.12 18.63 5.41
CA LEU A 853 -9.03 17.36 6.11
C LEU A 853 -9.55 17.50 7.54
N LEU A 854 -8.97 18.42 8.30
CA LEU A 854 -9.37 18.64 9.68
C LEU A 854 -10.86 18.94 9.78
N GLN A 855 -11.37 19.68 8.80
CA GLN A 855 -12.79 19.97 8.72
C GLN A 855 -13.56 18.66 8.64
N ALA A 856 -13.17 17.84 7.68
CA ALA A 856 -13.84 16.57 7.41
C ALA A 856 -13.86 15.66 8.64
N VAL A 857 -12.70 15.45 9.27
CA VAL A 857 -12.65 14.60 10.45
C VAL A 857 -13.61 15.10 11.51
N ASN A 858 -13.46 16.38 11.88
CA ASN A 858 -14.35 17.00 12.86
C ASN A 858 -15.81 16.87 12.45
N SER A 859 -16.07 16.88 11.15
CA SER A 859 -17.42 16.88 10.63
C SER A 859 -18.10 15.50 10.65
N HIS A 860 -17.35 14.46 10.33
CA HIS A 860 -17.91 13.12 10.19
C HIS A 860 -17.31 12.07 11.14
N CYS A 861 -16.31 12.47 11.91
CA CYS A 861 -15.65 11.54 12.83
C CYS A 861 -15.34 12.18 14.19
N PHE A 862 -16.19 13.10 14.62
CA PHE A 862 -15.96 13.83 15.86
C PHE A 862 -15.53 12.95 17.05
N PRO A 863 -16.16 11.78 17.22
CA PRO A 863 -15.80 10.87 18.33
C PRO A 863 -14.30 10.73 18.52
N ALA A 864 -13.55 10.81 17.42
CA ALA A 864 -12.10 10.69 17.47
C ALA A 864 -11.48 11.75 18.38
N PHE A 865 -11.95 12.98 18.26
CA PHE A 865 -11.44 14.09 19.06
C PHE A 865 -11.63 13.85 20.56
N LEU A 866 -12.40 12.83 20.90
CA LEU A 866 -12.62 12.49 22.30
C LEU A 866 -11.72 11.34 22.75
N ALA A 867 -11.49 10.40 21.83
CA ALA A 867 -10.64 9.25 22.11
C ALA A 867 -9.23 9.69 22.51
N ILE A 868 -8.68 10.62 21.74
CA ILE A 868 -7.33 11.12 21.99
C ILE A 868 -7.24 11.88 23.31
N PRO A 869 -6.01 12.00 23.84
CA PRO A 869 -5.76 12.69 25.11
C PRO A 869 -5.98 14.19 25.02
N PRO A 870 -6.32 14.83 26.15
CA PRO A 870 -6.55 16.27 26.24
C PRO A 870 -5.38 17.08 25.65
N ALA A 871 -4.18 16.55 25.77
CA ALA A 871 -2.98 17.21 25.26
C ALA A 871 -3.00 17.28 23.74
N GLN A 872 -3.43 16.19 23.11
CA GLN A 872 -3.52 16.13 21.66
C GLN A 872 -4.70 16.98 21.18
N PHE A 873 -5.86 16.79 21.83
CA PHE A 873 -7.05 17.56 21.47
C PHE A 873 -6.74 19.05 21.45
N LYS A 874 -6.14 19.54 22.53
CA LYS A 874 -5.78 20.95 22.60
C LYS A 874 -5.02 21.36 21.36
N LEU A 875 -4.00 20.59 21.01
CA LEU A 875 -3.18 20.87 19.84
C LEU A 875 -4.05 21.01 18.60
N VAL A 876 -5.14 20.26 18.55
CA VAL A 876 -6.05 20.32 17.42
C VAL A 876 -6.82 21.64 17.40
N LEU A 877 -7.45 21.96 18.52
CA LEU A 877 -8.27 23.16 18.63
C LEU A 877 -7.46 24.42 18.37
N ASP A 878 -6.25 24.49 18.93
CA ASP A 878 -5.40 25.65 18.74
C ASP A 878 -4.96 25.77 17.29
N SER A 879 -4.94 24.64 16.58
CA SER A 879 -4.65 24.64 15.16
C SER A 879 -5.75 25.38 14.40
N ILE A 880 -6.98 25.24 14.89
CA ILE A 880 -8.13 25.93 14.32
C ILE A 880 -8.03 27.44 14.50
N ILE A 881 -7.69 27.87 15.72
CA ILE A 881 -7.43 29.28 15.97
C ILE A 881 -6.50 29.78 14.88
N TRP A 882 -5.42 29.02 14.69
CA TRP A 882 -4.39 29.31 13.70
C TRP A 882 -5.00 29.50 12.32
N ALA A 883 -5.99 28.67 11.99
CA ALA A 883 -6.65 28.77 10.71
C ALA A 883 -7.30 30.14 10.51
N PHE A 884 -8.22 30.51 11.40
CA PHE A 884 -9.00 31.72 11.20
C PHE A 884 -8.24 33.01 11.48
N LYS A 885 -6.93 32.90 11.71
CA LYS A 885 -6.08 34.07 11.82
C LYS A 885 -5.38 34.33 10.49
N HIS A 886 -5.63 33.46 9.53
CA HIS A 886 -5.03 33.58 8.20
C HIS A 886 -5.57 34.78 7.43
N THR A 887 -4.77 35.28 6.50
CA THR A 887 -5.17 36.37 5.62
C THR A 887 -5.64 35.82 4.28
N MET A 888 -5.36 34.54 4.03
CA MET A 888 -5.93 33.83 2.89
C MET A 888 -7.39 33.55 3.20
N ARG A 889 -8.28 34.22 2.48
CA ARG A 889 -9.70 34.16 2.77
C ARG A 889 -10.19 32.75 3.05
N ASN A 890 -9.82 31.82 2.17
CA ASN A 890 -10.35 30.46 2.25
C ASN A 890 -9.92 29.71 3.51
N VAL A 891 -8.65 29.81 3.86
CA VAL A 891 -8.11 29.13 5.03
C VAL A 891 -8.75 29.63 6.32
N ALA A 892 -8.90 30.94 6.43
CA ALA A 892 -9.49 31.54 7.62
C ALA A 892 -10.97 31.17 7.75
N ASP A 893 -11.65 31.08 6.62
CA ASP A 893 -13.07 30.75 6.62
C ASP A 893 -13.30 29.29 7.02
N THR A 894 -12.55 28.38 6.41
CA THR A 894 -12.62 26.98 6.78
C THR A 894 -12.45 26.82 8.29
N GLY A 895 -11.56 27.63 8.86
CA GLY A 895 -11.33 27.62 10.30
C GLY A 895 -12.57 27.97 11.11
N LEU A 896 -13.33 28.95 10.65
CA LEU A 896 -14.58 29.32 11.31
C LEU A 896 -15.62 28.22 11.14
N GLN A 897 -15.80 27.77 9.90
CA GLN A 897 -16.73 26.68 9.65
C GLN A 897 -16.45 25.54 10.63
N ILE A 898 -15.18 25.20 10.78
CA ILE A 898 -14.78 24.13 11.68
C ILE A 898 -15.13 24.49 13.12
N LEU A 899 -14.65 25.64 13.58
CA LEU A 899 -14.92 26.10 14.95
C LEU A 899 -16.42 26.16 15.26
N PHE A 900 -17.17 26.76 14.35
CA PHE A 900 -18.61 26.86 14.50
C PHE A 900 -19.24 25.46 14.61
N THR A 901 -18.81 24.57 13.73
CA THR A 901 -19.29 23.19 13.74
C THR A 901 -18.84 22.47 15.01
N LEU A 902 -17.57 22.62 15.35
CA LEU A 902 -17.02 21.98 16.55
C LEU A 902 -17.82 22.32 17.79
N LEU A 903 -18.09 23.61 17.98
CA LEU A 903 -18.90 24.07 19.11
C LEU A 903 -20.22 23.30 19.20
N GLN A 904 -20.81 23.02 18.05
CA GLN A 904 -22.07 22.29 18.00
C GLN A 904 -21.89 20.80 18.27
N ASN A 905 -20.82 20.23 17.73
CA ASN A 905 -20.48 18.84 18.02
C ASN A 905 -20.35 18.63 19.53
N VAL A 906 -19.91 19.67 20.21
CA VAL A 906 -19.71 19.64 21.65
C VAL A 906 -21.04 19.74 22.38
N ALA A 907 -22.00 20.40 21.76
CA ALA A 907 -23.32 20.60 22.35
C ALA A 907 -24.04 19.28 22.58
N GLN A 908 -23.56 18.22 21.94
CA GLN A 908 -24.19 16.93 22.02
C GLN A 908 -23.87 16.19 23.32
N GLU A 909 -22.61 15.83 23.52
CA GLU A 909 -22.26 15.00 24.67
C GLU A 909 -22.24 15.80 25.96
N GLU A 910 -23.32 15.65 26.74
CA GLU A 910 -23.51 16.39 27.99
C GLU A 910 -22.27 16.34 28.88
N ALA A 911 -21.71 15.14 29.02
CA ALA A 911 -20.54 14.95 29.87
C ALA A 911 -19.34 15.77 29.41
N ALA A 912 -18.77 15.38 28.27
CA ALA A 912 -17.58 16.04 27.76
C ALA A 912 -17.85 17.45 27.25
N ALA A 913 -19.04 17.96 27.53
CA ALA A 913 -19.42 19.30 27.08
C ALA A 913 -18.91 20.37 28.06
N GLN A 914 -19.39 20.31 29.29
CA GLN A 914 -19.03 21.30 30.30
C GLN A 914 -17.52 21.48 30.35
N SER A 915 -16.80 20.36 30.39
CA SER A 915 -15.34 20.40 30.41
C SER A 915 -14.79 21.36 29.36
N PHE A 916 -15.31 21.25 28.14
CA PHE A 916 -14.86 22.11 27.06
C PHE A 916 -15.02 23.58 27.44
N TYR A 917 -16.19 23.92 27.98
CA TYR A 917 -16.48 25.28 28.39
C TYR A 917 -15.52 25.77 29.47
N GLN A 918 -15.33 24.94 30.48
CA GLN A 918 -14.47 25.27 31.61
C GLN A 918 -13.04 25.55 31.15
N THR A 919 -12.63 24.89 30.08
CA THR A 919 -11.25 24.94 29.64
C THR A 919 -11.00 25.95 28.51
N TYR A 920 -11.90 25.97 27.54
CA TYR A 920 -11.64 26.69 26.29
C TYR A 920 -12.55 27.89 26.01
N PHE A 921 -13.70 27.94 26.69
CA PHE A 921 -14.68 28.98 26.40
C PHE A 921 -14.08 30.37 26.28
N CYS A 922 -13.57 30.90 27.38
CA CYS A 922 -12.98 32.23 27.39
C CYS A 922 -11.85 32.34 26.37
N ASP A 923 -10.98 31.33 26.35
CA ASP A 923 -9.83 31.31 25.44
C ASP A 923 -10.27 31.47 24.00
N ILE A 924 -11.34 30.79 23.62
CA ILE A 924 -11.87 30.88 22.27
C ILE A 924 -12.50 32.24 22.02
N LEU A 925 -13.23 32.72 23.04
CA LEU A 925 -13.88 34.02 22.97
C LEU A 925 -12.85 35.12 22.70
N GLN A 926 -11.78 35.12 23.49
CA GLN A 926 -10.72 36.10 23.34
C GLN A 926 -10.17 36.07 21.91
N HIS A 927 -9.87 34.87 21.42
CA HIS A 927 -9.31 34.71 20.08
C HIS A 927 -10.20 35.25 18.98
N ILE A 928 -11.50 35.05 19.10
CA ILE A 928 -12.43 35.56 18.09
C ILE A 928 -12.45 37.08 18.04
N PHE A 929 -12.48 37.71 19.22
CA PHE A 929 -12.43 39.17 19.28
C PHE A 929 -11.10 39.68 18.73
N SER A 930 -10.06 38.89 18.89
CA SER A 930 -8.72 39.24 18.39
C SER A 930 -8.71 39.50 16.89
N VAL A 931 -9.50 38.73 16.15
CA VAL A 931 -9.56 38.85 14.70
C VAL A 931 -10.69 39.77 14.25
N VAL A 932 -11.71 39.92 15.08
CA VAL A 932 -12.82 40.82 14.78
C VAL A 932 -12.32 42.26 14.75
N THR A 933 -11.51 42.62 15.72
CA THR A 933 -11.01 43.99 15.84
C THR A 933 -9.84 44.27 14.89
N ASP A 934 -9.48 43.28 14.08
CA ASP A 934 -8.40 43.46 13.10
C ASP A 934 -8.96 43.80 11.73
N THR A 935 -8.40 44.82 11.10
CA THR A 935 -8.90 45.33 9.83
C THR A 935 -8.66 44.39 8.66
N SER A 936 -8.03 43.24 8.92
CA SER A 936 -7.63 42.34 7.84
C SER A 936 -8.57 41.14 7.66
N HIS A 937 -9.52 40.98 8.57
CA HIS A 937 -10.43 39.84 8.50
C HIS A 937 -11.89 40.29 8.39
N THR A 938 -12.13 41.29 7.55
CA THR A 938 -13.48 41.86 7.41
C THR A 938 -14.40 40.99 6.56
N ALA A 939 -13.85 39.93 5.96
CA ALA A 939 -14.65 39.06 5.10
C ALA A 939 -15.31 37.93 5.88
N GLY A 940 -14.84 37.70 7.10
CA GLY A 940 -15.44 36.71 7.97
C GLY A 940 -16.48 37.34 8.88
N LEU A 941 -16.83 38.60 8.59
CA LEU A 941 -17.76 39.37 9.39
C LEU A 941 -18.98 38.56 9.83
N THR A 942 -19.61 37.89 8.86
CA THR A 942 -20.81 37.10 9.14
C THR A 942 -20.49 35.90 10.04
N MET A 943 -19.54 35.07 9.63
CA MET A 943 -19.17 33.90 10.42
C MET A 943 -18.69 34.31 11.82
N HIS A 944 -17.95 35.40 11.90
CA HIS A 944 -17.53 35.94 13.19
C HIS A 944 -18.74 36.17 14.08
N ALA A 945 -19.66 37.00 13.59
CA ALA A 945 -20.86 37.36 14.35
C ALA A 945 -21.69 36.14 14.72
N SER A 946 -21.77 35.17 13.79
CA SER A 946 -22.56 33.97 14.02
C SER A 946 -22.07 33.23 15.25
N ILE A 947 -20.78 32.91 15.26
CA ILE A 947 -20.17 32.16 16.34
C ILE A 947 -20.38 32.84 17.70
N LEU A 948 -20.02 34.12 17.79
CA LEU A 948 -20.19 34.87 19.03
C LEU A 948 -21.63 34.79 19.52
N ALA A 949 -22.56 35.25 18.67
CA ALA A 949 -23.98 35.23 19.00
C ALA A 949 -24.39 33.89 19.60
N TYR A 950 -23.93 32.80 18.97
CA TYR A 950 -24.23 31.46 19.44
C TYR A 950 -23.68 31.22 20.84
N MET A 951 -22.45 31.68 21.07
CA MET A 951 -21.77 31.49 22.34
C MET A 951 -22.45 32.29 23.46
N PHE A 952 -22.82 33.53 23.15
CA PHE A 952 -23.53 34.36 24.13
C PHE A 952 -24.91 33.79 24.42
N ASN A 953 -25.64 33.43 23.36
CA ASN A 953 -26.95 32.80 23.50
C ASN A 953 -26.83 31.54 24.35
N LEU A 954 -25.68 30.88 24.25
CA LEU A 954 -25.41 29.68 25.01
C LEU A 954 -25.18 30.05 26.47
N VAL A 955 -24.59 31.22 26.69
CA VAL A 955 -24.25 31.68 28.03
C VAL A 955 -25.46 31.84 28.95
N GLU A 956 -26.60 32.16 28.36
CA GLU A 956 -27.80 32.46 29.14
C GLU A 956 -28.47 31.21 29.74
N GLU A 957 -27.96 30.03 29.40
CA GLU A 957 -28.48 28.79 29.97
C GLU A 957 -27.42 27.69 30.03
N GLY A 958 -27.05 27.18 28.85
CA GLY A 958 -26.14 26.06 28.71
C GLY A 958 -25.06 25.92 29.77
N LYS A 959 -23.95 26.61 29.55
CA LYS A 959 -22.82 26.58 30.48
C LYS A 959 -23.32 26.68 31.92
N ILE A 960 -23.38 25.53 32.59
CA ILE A 960 -23.92 25.48 33.95
C ILE A 960 -22.85 25.18 35.00
N SER A 961 -21.62 25.57 34.71
CA SER A 961 -20.53 25.38 35.66
C SER A 961 -19.93 26.71 36.04
N THR A 962 -19.01 26.69 37.00
CA THR A 962 -18.36 27.90 37.46
C THR A 962 -17.17 28.28 36.58
N PRO A 963 -17.22 29.48 35.99
CA PRO A 963 -16.09 29.99 35.20
C PRO A 963 -15.11 30.68 36.13
N LEU A 964 -15.65 31.24 37.20
CA LEU A 964 -14.83 31.95 38.18
C LEU A 964 -14.54 31.09 39.42
N ASN A 965 -13.76 31.66 40.32
CA ASN A 965 -13.35 30.98 41.55
C ASN A 965 -14.44 30.84 42.62
N PRO A 966 -15.27 31.88 42.80
CA PRO A 966 -16.19 31.92 43.94
C PRO A 966 -17.26 30.84 43.89
N GLY A 967 -18.15 30.95 42.91
CA GLY A 967 -19.27 30.03 42.78
C GLY A 967 -20.48 30.76 42.25
N ASN A 968 -21.58 30.70 43.01
CA ASN A 968 -22.81 31.38 42.64
C ASN A 968 -22.67 32.91 42.50
N PRO A 969 -21.91 33.55 43.41
CA PRO A 969 -21.75 35.00 43.43
C PRO A 969 -21.80 35.65 42.06
N VAL A 970 -21.08 35.08 41.09
CA VAL A 970 -21.07 35.62 39.74
C VAL A 970 -21.67 34.62 38.75
N ASN A 971 -22.91 34.87 38.31
CA ASN A 971 -23.49 34.03 37.28
C ASN A 971 -22.64 34.16 36.02
N ASN A 972 -22.51 33.07 35.26
CA ASN A 972 -21.65 33.10 34.09
C ASN A 972 -21.90 34.34 33.25
N GLN A 973 -23.16 34.75 33.15
CA GLN A 973 -23.52 35.92 32.36
C GLN A 973 -22.86 37.20 32.85
N MET A 974 -22.62 37.28 34.16
CA MET A 974 -21.96 38.45 34.74
C MET A 974 -20.45 38.40 34.56
N PHE A 975 -19.86 37.25 34.88
CA PHE A 975 -18.42 37.07 34.73
C PHE A 975 -18.00 37.17 33.27
N ILE A 976 -18.88 36.74 32.37
CA ILE A 976 -18.57 36.75 30.94
C ILE A 976 -18.66 38.16 30.36
N GLN A 977 -19.62 38.94 30.81
CA GLN A 977 -19.75 40.32 30.35
C GLN A 977 -18.58 41.15 30.88
N ASP A 978 -18.21 40.90 32.13
CA ASP A 978 -17.09 41.61 32.74
C ASP A 978 -15.76 41.13 32.18
N TYR A 979 -15.66 39.84 31.89
CA TYR A 979 -14.46 39.30 31.27
C TYR A 979 -14.24 39.90 29.89
N VAL A 980 -15.32 40.05 29.13
CA VAL A 980 -15.25 40.64 27.81
C VAL A 980 -14.98 42.14 27.91
N ALA A 981 -15.72 42.82 28.78
CA ALA A 981 -15.53 44.25 29.01
C ALA A 981 -14.09 44.55 29.40
N ASN A 982 -13.55 43.73 30.30
CA ASN A 982 -12.15 43.84 30.69
C ASN A 982 -11.23 43.67 29.49
N LEU A 983 -11.45 42.59 28.74
CA LEU A 983 -10.62 42.25 27.59
C LEU A 983 -10.63 43.36 26.53
N LEU A 984 -11.81 43.88 26.24
CA LEU A 984 -11.97 44.91 25.23
C LEU A 984 -11.39 46.25 25.70
N LYS A 985 -11.77 46.69 26.89
CA LYS A 985 -11.27 47.95 27.43
C LYS A 985 -9.76 47.90 27.62
N SER A 986 -9.26 46.76 28.08
CA SER A 986 -7.82 46.59 28.29
C SER A 986 -7.07 46.61 26.97
N ALA A 987 -7.72 46.13 25.91
CA ALA A 987 -7.10 46.07 24.59
C ALA A 987 -7.24 47.42 23.86
N PHE A 988 -8.26 48.18 24.25
CA PHE A 988 -8.51 49.49 23.65
C PHE A 988 -8.84 50.52 24.72
N PRO A 989 -7.80 50.99 25.43
CA PRO A 989 -7.94 51.90 26.57
C PRO A 989 -8.34 53.33 26.17
N HIS A 990 -8.38 53.62 24.88
CA HIS A 990 -8.78 54.96 24.44
C HIS A 990 -10.30 55.09 24.39
N LEU A 991 -10.99 53.96 24.51
CA LEU A 991 -12.44 53.96 24.56
C LEU A 991 -12.93 54.38 25.93
N GLN A 992 -14.06 55.08 25.97
CA GLN A 992 -14.67 55.45 27.24
C GLN A 992 -15.61 54.34 27.71
N ASP A 993 -15.63 54.10 29.02
CA ASP A 993 -16.39 53.01 29.61
C ASP A 993 -17.78 52.84 29.00
N ALA A 994 -18.43 53.96 28.69
CA ALA A 994 -19.76 53.94 28.10
C ALA A 994 -19.78 53.22 26.76
N GLN A 995 -18.80 53.54 25.92
CA GLN A 995 -18.65 52.88 24.64
C GLN A 995 -18.66 51.37 24.80
N VAL A 996 -17.77 50.88 25.66
CA VAL A 996 -17.61 49.44 25.88
C VAL A 996 -18.85 48.81 26.51
N LYS A 997 -19.29 49.35 27.63
CA LYS A 997 -20.46 48.82 28.33
C LYS A 997 -21.64 48.67 27.38
N LEU A 998 -21.83 49.66 26.51
CA LEU A 998 -22.90 49.63 25.53
C LEU A 998 -22.71 48.42 24.62
N PHE A 999 -21.49 48.27 24.11
CA PHE A 999 -21.15 47.18 23.21
C PHE A 999 -21.42 45.81 23.83
N VAL A 1000 -20.84 45.58 25.00
CA VAL A 1000 -20.99 44.29 25.68
C VAL A 1000 -22.46 43.95 25.93
N THR A 1001 -23.27 44.96 26.20
CA THR A 1001 -24.69 44.74 26.47
C THR A 1001 -25.44 44.32 25.21
N GLY A 1002 -25.00 44.83 24.06
CA GLY A 1002 -25.61 44.48 22.80
C GLY A 1002 -25.31 43.06 22.37
N LEU A 1003 -24.31 42.46 23.02
CA LEU A 1003 -23.89 41.10 22.69
C LEU A 1003 -24.84 40.05 23.25
N PHE A 1004 -25.66 40.45 24.23
CA PHE A 1004 -26.60 39.54 24.85
C PHE A 1004 -28.03 39.86 24.43
N SER A 1005 -28.21 41.03 23.83
CA SER A 1005 -29.52 41.48 23.38
C SER A 1005 -29.73 41.16 21.89
N LEU A 1006 -28.66 41.31 21.11
CA LEU A 1006 -28.72 41.03 19.68
C LEU A 1006 -28.35 39.58 19.39
N ASN A 1007 -28.30 38.77 20.44
CA ASN A 1007 -27.85 37.38 20.32
C ASN A 1007 -28.77 36.47 19.52
N GLN A 1008 -29.86 37.02 18.99
CA GLN A 1008 -30.79 36.22 18.18
C GLN A 1008 -31.11 36.86 16.83
N ASP A 1009 -30.26 37.78 16.40
CA ASP A 1009 -30.41 38.39 15.08
C ASP A 1009 -29.06 38.70 14.46
N ILE A 1010 -28.46 37.70 13.83
CA ILE A 1010 -27.13 37.84 13.23
C ILE A 1010 -26.93 39.13 12.44
N PRO A 1011 -27.89 39.45 11.54
CA PRO A 1011 -27.76 40.69 10.78
C PRO A 1011 -27.52 41.89 11.70
N ALA A 1012 -28.36 42.04 12.72
CA ALA A 1012 -28.22 43.11 13.70
C ALA A 1012 -26.91 42.98 14.44
N PHE A 1013 -26.60 41.76 14.87
CA PHE A 1013 -25.36 41.47 15.58
C PHE A 1013 -24.19 41.99 14.75
N LYS A 1014 -24.23 41.72 13.45
CA LYS A 1014 -23.18 42.17 12.54
C LYS A 1014 -22.99 43.68 12.61
N GLU A 1015 -24.04 44.44 12.31
CA GLU A 1015 -23.96 45.89 12.37
C GLU A 1015 -23.28 46.32 13.66
N HIS A 1016 -23.72 45.75 14.78
CA HIS A 1016 -23.14 46.06 16.08
C HIS A 1016 -21.62 45.94 16.04
N LEU A 1017 -21.14 44.80 15.55
CA LEU A 1017 -19.70 44.58 15.40
C LEU A 1017 -19.09 45.68 14.54
N ARG A 1018 -19.70 45.95 13.40
CA ARG A 1018 -19.18 46.92 12.45
C ARG A 1018 -19.07 48.32 13.06
N ASP A 1019 -19.95 48.62 14.00
CA ASP A 1019 -19.93 49.90 14.69
C ASP A 1019 -18.74 50.02 15.63
N PHE A 1020 -18.46 48.92 16.35
CA PHE A 1020 -17.35 48.89 17.28
C PHE A 1020 -16.01 48.97 16.56
N LEU A 1021 -16.01 48.58 15.29
CA LEU A 1021 -14.80 48.65 14.47
C LEU A 1021 -14.54 50.08 14.04
N VAL A 1022 -15.61 50.89 14.02
CA VAL A 1022 -15.49 52.30 13.70
C VAL A 1022 -14.95 53.09 14.89
N GLN A 1023 -15.48 52.78 16.07
CA GLN A 1023 -15.13 53.52 17.27
C GLN A 1023 -13.70 53.26 17.74
N ILE A 1024 -13.12 52.13 17.35
CA ILE A 1024 -11.74 51.84 17.75
C ILE A 1024 -10.74 52.63 16.91
N LYS A 1025 -11.07 52.89 15.65
CA LYS A 1025 -10.21 53.67 14.79
C LYS A 1025 -10.24 55.15 15.19
N GLU A 1026 -11.19 55.50 16.04
CA GLU A 1026 -11.35 56.88 16.48
C GLU A 1026 -11.15 57.04 17.98
N PHE A 1027 -10.53 58.15 18.37
CA PHE A 1027 -10.41 58.49 19.79
C PHE A 1027 -11.61 59.32 20.21
N ALA A 1028 -12.65 58.64 20.68
CA ALA A 1028 -13.89 59.29 21.07
C ALA A 1028 -13.68 60.28 22.23
N GLY A 1029 -12.81 59.91 23.15
CA GLY A 1029 -12.46 60.77 24.27
C GLY A 1029 -13.58 60.99 25.27
N GLU A 1030 -13.24 60.92 26.55
CA GLU A 1030 -14.20 61.17 27.62
C GLU A 1030 -14.84 62.56 27.46
N ASP A 1031 -14.14 63.42 26.73
CA ASP A 1031 -14.59 64.79 26.48
C ASP A 1031 -15.92 64.79 25.72
N THR A 1032 -15.84 64.89 24.40
CA THR A 1032 -17.04 64.86 23.56
C THR A 1032 -17.85 63.61 23.86
N SER A 1033 -19.17 63.72 23.79
CA SER A 1033 -20.05 62.58 24.03
C SER A 1033 -21.18 62.58 23.00
N ASP A 1034 -20.83 62.75 21.74
CA ASP A 1034 -21.81 62.80 20.66
C ASP A 1034 -22.30 61.43 20.21
N LEU A 1035 -22.30 60.47 21.14
CA LEU A 1035 -22.89 59.16 20.88
C LEU A 1035 -24.38 59.27 21.20
N PHE A 1036 -25.08 58.14 21.22
CA PHE A 1036 -26.52 58.17 21.44
C PHE A 1036 -27.01 57.02 22.31
N LEU A 1037 -26.77 57.15 23.61
CA LEU A 1037 -27.17 56.11 24.57
C LEU A 1037 -28.67 55.88 24.59
N GLU A 1038 -29.37 56.57 25.48
CA GLU A 1038 -30.82 56.41 25.64
C GLU A 1038 -31.50 55.94 24.36
N GLU A 1039 -31.19 56.60 23.25
CA GLU A 1039 -31.72 56.22 21.95
C GLU A 1039 -31.39 54.75 21.64
N ARG A 1040 -30.10 54.48 21.42
CA ARG A 1040 -29.64 53.14 21.11
C ARG A 1040 -29.87 52.17 22.28
N GLU A 1041 -29.64 52.67 23.49
CA GLU A 1041 -29.75 51.86 24.71
C GLU A 1041 -31.06 51.07 24.78
N THR A 1042 -32.17 51.75 24.49
CA THR A 1042 -33.47 51.09 24.48
C THR A 1042 -33.65 50.32 23.18
N ALA A 1043 -33.10 50.84 22.10
CA ALA A 1043 -33.22 50.23 20.79
C ALA A 1043 -32.71 48.79 20.77
N LEU A 1044 -31.82 48.47 21.71
CA LEU A 1044 -31.29 47.12 21.85
C LEU A 1044 -32.32 46.22 22.51
N ARG A 1045 -33.13 46.79 23.39
CA ARG A 1045 -34.14 46.03 24.11
C ARG A 1045 -35.40 45.80 23.28
N GLN A 1046 -35.52 46.54 22.18
CA GLN A 1046 -36.59 46.29 21.22
C GLN A 1046 -36.34 44.96 20.52
N ALA A 1047 -35.07 44.59 20.43
CA ALA A 1047 -34.68 43.31 19.86
C ALA A 1047 -34.56 42.26 20.95
N GLN A 1048 -34.03 42.65 22.10
CA GLN A 1048 -33.91 41.74 23.24
C GLN A 1048 -35.28 41.19 23.64
N GLU A 1049 -36.33 41.90 23.25
CA GLU A 1049 -37.69 41.49 23.59
C GLU A 1049 -38.46 40.96 22.38
N GLU A 1050 -37.73 40.38 21.44
CA GLU A 1050 -38.35 39.77 20.27
C GLU A 1050 -38.09 38.27 20.30
N LYS A 1051 -37.25 37.85 21.24
CA LYS A 1051 -36.84 36.47 21.38
C LYS A 1051 -37.83 35.70 22.24
N HIS A 1052 -38.55 36.43 23.08
CA HIS A 1052 -39.48 35.84 24.03
C HIS A 1052 -40.89 36.38 23.83
N LYS A 1053 -41.12 37.01 22.68
CA LYS A 1053 -42.43 37.59 22.38
C LYS A 1053 -43.18 36.74 21.37
N LEU A 1054 -42.62 36.62 20.17
CA LEU A 1054 -43.24 35.83 19.11
C LEU A 1054 -42.75 34.37 19.13
N PRO B 5 -41.55 3.33 -41.93
CA PRO B 5 -41.99 4.71 -42.13
C PRO B 5 -41.09 5.73 -41.46
N LEU B 6 -39.86 5.83 -41.95
CA LEU B 6 -38.93 6.89 -41.56
C LEU B 6 -37.95 7.11 -42.69
N GLN B 7 -37.64 8.37 -42.98
CA GLN B 7 -36.80 8.71 -44.12
C GLN B 7 -35.66 9.63 -43.71
N LEU B 8 -34.63 9.05 -43.10
CA LEU B 8 -33.57 9.80 -42.44
C LEU B 8 -32.39 10.11 -43.36
N PRO B 9 -31.71 11.23 -43.10
CA PRO B 9 -30.60 11.79 -43.91
C PRO B 9 -29.49 10.79 -44.20
N PRO B 10 -28.88 10.91 -45.39
CA PRO B 10 -27.76 10.05 -45.80
C PRO B 10 -26.43 10.53 -45.24
N LEU B 11 -26.32 10.56 -43.91
CA LEU B 11 -25.11 11.00 -43.23
C LEU B 11 -23.86 10.23 -43.67
N GLU B 12 -24.09 9.02 -44.20
CA GLU B 12 -23.00 8.12 -44.57
C GLU B 12 -22.11 8.71 -45.67
N ARG B 13 -22.67 9.58 -46.50
CA ARG B 13 -21.91 10.16 -47.59
C ARG B 13 -21.11 11.40 -47.17
N LEU B 14 -21.29 11.85 -45.94
CA LEU B 14 -20.51 12.96 -45.42
C LEU B 14 -19.02 12.61 -45.44
N THR B 15 -18.23 13.37 -46.19
CA THR B 15 -16.80 13.06 -46.28
C THR B 15 -15.95 14.32 -46.48
N LEU B 16 -14.80 14.34 -45.81
CA LEU B 16 -13.89 15.48 -45.86
C LEU B 16 -12.96 15.42 -47.06
N SER B 17 -12.47 14.22 -47.35
CA SER B 17 -11.48 14.04 -48.41
C SER B 17 -12.04 13.27 -49.60
N GLN B 18 -11.25 13.19 -50.66
CA GLN B 18 -11.62 12.42 -51.83
C GLN B 18 -10.69 11.22 -51.95
N ASP B 19 -10.40 10.59 -50.81
CA ASP B 19 -9.48 9.46 -50.79
C ASP B 19 -10.20 8.16 -51.13
N LEU B 20 -9.81 7.54 -52.23
CA LEU B 20 -10.43 6.28 -52.65
C LEU B 20 -10.02 5.11 -51.77
N ASN B 21 -11.01 4.33 -51.34
CA ASN B 21 -10.76 3.16 -50.50
C ASN B 21 -9.93 3.45 -49.25
N SER B 22 -10.29 4.52 -48.55
CA SER B 22 -9.58 4.92 -47.34
C SER B 22 -9.62 3.86 -46.24
N THR B 23 -8.49 3.68 -45.56
CA THR B 23 -8.41 2.76 -44.43
C THR B 23 -9.05 3.39 -43.19
N ALA B 24 -9.44 4.65 -43.32
CA ALA B 24 -10.09 5.36 -42.22
C ALA B 24 -11.45 4.72 -41.95
N ALA B 25 -12.02 4.12 -42.98
CA ALA B 25 -13.29 3.42 -42.86
C ALA B 25 -13.08 1.93 -43.05
N PRO B 26 -14.03 1.11 -42.56
CA PRO B 26 -13.95 -0.34 -42.75
C PRO B 26 -13.89 -0.71 -44.23
N HIS B 27 -13.43 -1.92 -44.52
CA HIS B 27 -13.29 -2.39 -45.89
C HIS B 27 -14.52 -2.04 -46.73
N PRO B 28 -14.32 -1.80 -48.03
CA PRO B 28 -15.44 -1.57 -48.94
C PRO B 28 -16.27 -2.83 -49.16
N ARG B 29 -15.90 -3.94 -48.54
CA ARG B 29 -16.69 -5.17 -48.68
C ARG B 29 -17.63 -5.42 -47.51
N LEU B 30 -17.62 -4.51 -46.54
CA LEU B 30 -18.49 -4.66 -45.37
C LEU B 30 -19.66 -3.69 -45.42
N SER B 31 -19.36 -2.39 -45.35
CA SER B 31 -20.38 -1.34 -45.40
C SER B 31 -21.50 -1.70 -46.35
N GLN B 32 -21.31 -1.35 -47.62
CA GLN B 32 -22.18 -1.80 -48.70
C GLN B 32 -21.26 -2.23 -49.83
N TYR B 33 -21.65 -3.22 -50.62
CA TYR B 33 -20.71 -3.88 -51.53
C TYR B 33 -19.88 -2.96 -52.42
N LYS B 34 -20.50 -2.32 -53.42
CA LYS B 34 -19.80 -1.33 -54.23
C LYS B 34 -19.58 -0.04 -53.44
N SER B 35 -19.73 -0.15 -52.12
CA SER B 35 -19.46 0.94 -51.20
C SER B 35 -20.18 2.22 -51.60
N LYS B 36 -19.44 3.34 -51.57
CA LYS B 36 -20.02 4.63 -51.88
C LYS B 36 -19.27 5.29 -53.05
N TYR B 37 -19.29 6.63 -53.09
CA TYR B 37 -18.81 7.37 -54.26
C TYR B 37 -17.30 7.49 -54.31
N SER B 38 -16.69 7.85 -53.18
CA SER B 38 -15.25 7.98 -53.09
C SER B 38 -14.59 6.64 -52.77
N SER B 39 -15.19 5.57 -53.29
CA SER B 39 -14.64 4.23 -53.12
C SER B 39 -14.62 3.50 -54.46
N LEU B 40 -13.55 2.78 -54.73
CA LEU B 40 -13.41 2.08 -56.00
C LEU B 40 -13.33 0.57 -55.85
N GLU B 41 -13.34 -0.11 -56.99
CA GLU B 41 -13.20 -1.55 -57.05
C GLU B 41 -12.03 -1.88 -57.96
N GLN B 42 -11.59 -0.88 -58.72
CA GLN B 42 -10.48 -1.03 -59.64
C GLN B 42 -9.26 -0.20 -59.22
N SER B 43 -8.38 -0.82 -58.44
CA SER B 43 -7.13 -0.18 -58.05
C SER B 43 -6.13 -0.31 -59.20
N GLU B 44 -6.43 -1.18 -60.15
CA GLU B 44 -5.51 -1.55 -61.21
C GLU B 44 -4.98 -0.36 -62.03
N ARG B 45 -5.81 0.13 -62.94
CA ARG B 45 -5.38 1.14 -63.91
C ARG B 45 -4.68 2.34 -63.28
N ARG B 46 -5.25 2.87 -62.20
CA ARG B 46 -4.66 4.02 -61.51
C ARG B 46 -3.20 3.78 -61.15
N ARG B 47 -2.88 2.54 -60.78
CA ARG B 47 -1.51 2.16 -60.46
C ARG B 47 -0.58 2.40 -61.64
N ARG B 48 -0.98 1.92 -62.81
CA ARG B 48 -0.18 2.08 -64.02
C ARG B 48 -0.01 3.54 -64.40
N LEU B 49 -1.07 4.33 -64.22
CA LEU B 49 -1.01 5.75 -64.55
C LEU B 49 -0.05 6.49 -63.62
N LEU B 50 -0.08 6.13 -62.34
CA LEU B 50 0.80 6.75 -61.35
C LEU B 50 2.27 6.38 -61.54
N GLU B 51 2.52 5.13 -61.91
CA GLU B 51 3.89 4.68 -62.16
C GLU B 51 4.42 5.21 -63.48
N LEU B 52 3.56 5.29 -64.49
CA LEU B 52 3.93 5.91 -65.75
C LEU B 52 4.19 7.38 -65.49
N GLN B 53 3.33 7.99 -64.67
CA GLN B 53 3.49 9.39 -64.31
C GLN B 53 4.86 9.61 -63.69
N LYS B 54 5.55 8.53 -63.34
CA LYS B 54 6.87 8.64 -62.74
C LYS B 54 7.87 9.39 -63.61
N SER B 55 8.11 10.62 -63.20
CA SER B 55 9.18 11.47 -63.69
C SER B 55 9.30 12.47 -62.57
N LYS B 56 10.21 13.42 -62.68
CA LYS B 56 10.47 14.28 -61.53
C LYS B 56 10.20 15.75 -61.81
N ARG B 57 9.05 16.22 -61.35
CA ARG B 57 8.66 17.61 -61.51
C ARG B 57 8.78 18.33 -60.17
N LEU B 58 9.04 17.55 -59.12
CA LEU B 58 9.07 18.05 -57.76
C LEU B 58 10.49 18.12 -57.20
N ASP B 59 10.77 19.15 -56.41
CA ASP B 59 12.09 19.33 -55.81
C ASP B 59 12.14 18.74 -54.41
N TYR B 60 12.44 17.45 -54.32
CA TYR B 60 12.50 16.76 -53.04
C TYR B 60 13.72 17.14 -52.22
N VAL B 61 14.80 17.51 -52.91
CA VAL B 61 16.00 17.98 -52.25
C VAL B 61 15.71 19.17 -51.35
N ASN B 62 14.90 20.10 -51.85
CA ASN B 62 14.57 21.29 -51.10
C ASN B 62 13.55 21.03 -49.99
N HIS B 63 12.75 19.99 -50.16
CA HIS B 63 11.71 19.67 -49.18
C HIS B 63 12.30 19.06 -47.92
N ALA B 64 13.13 18.03 -48.08
CA ALA B 64 13.77 17.36 -46.96
C ALA B 64 14.40 18.38 -46.03
N ARG B 65 14.94 19.44 -46.61
CA ARG B 65 15.59 20.50 -45.84
C ARG B 65 14.58 21.28 -45.01
N ARG B 66 13.46 21.64 -45.62
CA ARG B 66 12.41 22.37 -44.92
C ARG B 66 11.90 21.57 -43.73
N LEU B 67 11.63 20.29 -43.95
CA LEU B 67 11.25 19.39 -42.87
C LEU B 67 12.28 19.42 -41.75
N ALA B 68 13.55 19.38 -42.13
CA ALA B 68 14.65 19.25 -41.19
C ALA B 68 15.01 20.54 -40.47
N GLU B 69 14.71 21.67 -41.11
CA GLU B 69 15.06 22.96 -40.53
C GLU B 69 13.83 23.84 -40.30
N ASP B 70 12.66 23.21 -40.28
CA ASP B 70 11.40 23.90 -40.01
C ASP B 70 11.30 25.25 -40.70
N ASP B 71 11.48 25.26 -42.02
CA ASP B 71 11.45 26.49 -42.80
C ASP B 71 10.48 26.41 -43.97
N TRP B 72 9.46 27.26 -43.94
CA TRP B 72 8.45 27.27 -44.99
C TRP B 72 8.20 28.71 -45.43
N THR B 73 9.30 29.41 -45.74
CA THR B 73 9.24 30.82 -46.13
C THR B 73 8.70 30.99 -47.56
N GLY B 74 8.68 29.91 -48.31
CA GLY B 74 8.05 29.91 -49.63
C GLY B 74 8.99 30.04 -50.80
N MET B 75 10.02 30.88 -50.66
CA MET B 75 10.96 31.18 -51.74
C MET B 75 10.25 31.42 -53.07
N VAL B 93 0.37 14.10 -56.76
CA VAL B 93 0.92 14.40 -58.07
C VAL B 93 1.24 15.89 -58.22
N LYS B 94 0.83 16.70 -57.24
CA LYS B 94 0.99 18.14 -57.36
C LYS B 94 1.94 18.82 -56.36
N LYS B 95 1.52 18.97 -55.10
CA LYS B 95 2.35 19.75 -54.18
C LYS B 95 2.72 19.03 -52.88
N LEU B 96 3.74 19.57 -52.20
CA LEU B 96 4.22 19.02 -50.95
C LEU B 96 3.55 19.73 -49.77
N PRO B 97 3.01 18.93 -48.82
CA PRO B 97 2.40 19.51 -47.62
C PRO B 97 3.39 20.39 -46.86
N LYS B 98 2.93 21.56 -46.43
CA LYS B 98 3.83 22.60 -45.94
C LYS B 98 4.24 22.49 -44.48
N HIS B 99 3.90 21.39 -43.82
CA HIS B 99 4.28 21.23 -42.42
C HIS B 99 4.53 19.78 -42.05
N TYR B 100 4.36 19.45 -40.78
CA TYR B 100 4.68 18.10 -40.30
C TYR B 100 3.48 17.17 -40.40
N ALA B 101 2.39 17.65 -40.99
CA ALA B 101 1.21 16.84 -41.16
C ALA B 101 1.08 16.32 -42.60
N ASN B 102 0.75 15.04 -42.73
CA ASN B 102 0.57 14.41 -44.05
C ASN B 102 1.85 14.31 -44.87
N GLN B 103 2.91 13.79 -44.27
CA GLN B 103 4.17 13.60 -44.95
C GLN B 103 4.41 12.13 -45.22
N LEU B 104 3.54 11.28 -44.65
CA LEU B 104 3.64 9.84 -44.81
C LEU B 104 2.89 9.35 -46.04
N MET B 105 3.46 8.35 -46.71
CA MET B 105 2.80 7.70 -47.82
C MET B 105 1.81 6.68 -47.26
N LEU B 106 0.53 6.94 -47.48
CA LEU B 106 -0.53 6.12 -46.89
C LEU B 106 -1.10 5.13 -47.89
N SER B 107 -1.67 4.05 -47.38
CA SER B 107 -2.17 2.98 -48.23
C SER B 107 -3.70 2.97 -48.34
N GLU B 108 -4.20 2.42 -49.44
CA GLU B 108 -5.62 2.11 -49.57
C GLU B 108 -5.78 0.64 -49.25
N TRP B 109 -7.00 0.22 -48.94
CA TRP B 109 -7.28 -1.20 -48.79
C TRP B 109 -6.83 -1.90 -50.06
N LEU B 110 -6.31 -3.11 -49.93
CA LEU B 110 -5.96 -3.91 -51.10
C LEU B 110 -7.20 -4.60 -51.64
N ILE B 111 -7.73 -4.07 -52.73
CA ILE B 111 -8.95 -4.60 -53.32
C ILE B 111 -8.64 -5.32 -54.62
N ASP B 112 -8.23 -4.55 -55.63
CA ASP B 112 -7.86 -5.11 -56.92
C ASP B 112 -6.52 -5.82 -56.81
N VAL B 113 -6.55 -7.03 -56.26
CA VAL B 113 -5.34 -7.82 -56.10
C VAL B 113 -4.57 -7.92 -57.41
N PRO B 114 -3.33 -7.39 -57.41
CA PRO B 114 -2.48 -7.30 -58.60
C PRO B 114 -2.32 -8.64 -59.32
N SER B 115 -2.26 -8.59 -60.65
CA SER B 115 -2.07 -9.79 -61.45
C SER B 115 -0.64 -10.31 -61.30
N ASP B 116 0.32 -9.38 -61.32
CA ASP B 116 1.74 -9.72 -61.17
C ASP B 116 2.21 -9.54 -59.74
N LEU B 117 1.36 -9.92 -58.79
CA LEU B 117 1.65 -9.73 -57.37
C LEU B 117 2.86 -10.55 -56.89
N GLY B 118 2.94 -11.79 -57.34
CA GLY B 118 3.94 -12.71 -56.85
C GLY B 118 5.38 -12.39 -57.21
N GLN B 119 5.57 -11.42 -58.10
CA GLN B 119 6.94 -11.07 -58.51
C GLN B 119 7.17 -9.58 -58.64
N GLU B 120 6.14 -8.77 -58.40
CA GLU B 120 6.29 -7.32 -58.47
C GLU B 120 5.94 -6.61 -57.17
N TRP B 121 5.32 -7.32 -56.25
CA TRP B 121 4.97 -6.73 -54.97
C TRP B 121 5.71 -7.38 -53.80
N ILE B 122 5.68 -6.71 -52.65
CA ILE B 122 6.30 -7.21 -51.43
C ILE B 122 5.42 -6.87 -50.24
N VAL B 123 5.55 -7.63 -49.16
CA VAL B 123 4.71 -7.42 -47.98
C VAL B 123 5.52 -7.19 -46.71
N VAL B 124 5.12 -6.19 -45.94
CA VAL B 124 5.76 -5.88 -44.67
C VAL B 124 4.79 -6.07 -43.52
N VAL B 125 5.03 -7.07 -42.69
CA VAL B 125 4.17 -7.34 -41.54
C VAL B 125 4.31 -6.22 -40.50
N CYS B 126 3.24 -5.44 -40.35
CA CYS B 126 3.27 -4.27 -39.48
C CYS B 126 2.87 -4.61 -38.05
N PRO B 127 3.44 -3.89 -37.08
CA PRO B 127 3.14 -4.09 -35.67
C PRO B 127 2.02 -3.17 -35.21
N VAL B 128 1.46 -3.47 -34.05
CA VAL B 128 0.47 -2.59 -33.43
C VAL B 128 1.22 -1.43 -32.78
N GLY B 129 0.80 -0.21 -33.10
CA GLY B 129 1.48 0.96 -32.55
C GLY B 129 1.06 2.26 -33.21
N LYS B 130 2.00 3.19 -33.28
CA LYS B 130 1.71 4.53 -33.78
C LYS B 130 2.54 4.90 -35.01
N ARG B 131 1.87 5.17 -36.12
CA ARG B 131 2.52 5.72 -37.30
C ARG B 131 3.08 7.09 -36.96
N ALA B 132 4.33 7.33 -37.34
CA ALA B 132 4.95 8.61 -37.05
C ALA B 132 5.92 9.06 -38.13
N LEU B 133 6.23 10.35 -38.12
CA LEU B 133 7.24 10.93 -38.98
C LEU B 133 8.42 11.28 -38.10
N ILE B 134 9.49 10.52 -38.21
CA ILE B 134 10.70 10.80 -37.43
C ILE B 134 11.58 11.80 -38.18
N VAL B 135 11.95 12.89 -37.49
CA VAL B 135 12.81 13.89 -38.09
C VAL B 135 14.03 14.15 -37.22
N ALA B 136 15.20 13.73 -37.70
CA ALA B 136 16.45 13.90 -36.96
C ALA B 136 17.35 14.95 -37.61
N SER B 137 17.45 16.11 -36.97
CA SER B 137 18.26 17.21 -37.50
C SER B 137 18.59 18.23 -36.43
N ARG B 138 19.69 18.96 -36.64
CA ARG B 138 20.13 20.00 -35.71
C ARG B 138 20.32 19.46 -34.29
N GLY B 139 20.72 18.20 -34.20
CA GLY B 139 21.12 17.61 -32.94
C GLY B 139 19.98 17.02 -32.13
N SER B 140 18.81 16.93 -32.74
CA SER B 140 17.65 16.42 -32.03
C SER B 140 16.77 15.54 -32.91
N THR B 141 15.96 14.71 -32.27
CA THR B 141 15.03 13.85 -32.99
C THR B 141 13.59 14.06 -32.50
N SER B 142 12.69 14.35 -33.46
CA SER B 142 11.29 14.55 -33.15
C SER B 142 10.41 13.58 -33.93
N ALA B 143 9.37 13.06 -33.26
CA ALA B 143 8.39 12.20 -33.90
C ALA B 143 7.02 12.88 -33.94
N TYR B 144 6.46 13.01 -35.14
CA TYR B 144 5.13 13.59 -35.32
C TYR B 144 4.13 12.51 -35.74
N THR B 145 2.85 12.79 -35.59
CA THR B 145 1.83 11.85 -36.06
C THR B 145 1.35 12.27 -37.45
N LYS B 146 0.52 11.42 -38.05
CA LYS B 146 -0.07 11.74 -39.34
C LYS B 146 -0.66 13.14 -39.28
N SER B 147 -1.18 13.49 -38.11
CA SER B 147 -1.86 14.77 -37.89
C SER B 147 -0.87 15.91 -37.68
N GLY B 148 0.42 15.58 -37.64
CA GLY B 148 1.45 16.58 -37.45
C GLY B 148 1.63 16.94 -35.99
N TYR B 149 1.06 16.13 -35.11
CA TYR B 149 1.16 16.34 -33.66
C TYR B 149 2.44 15.75 -33.08
N CYS B 150 3.28 16.60 -32.48
CA CYS B 150 4.52 16.11 -31.86
C CYS B 150 4.21 15.22 -30.67
N VAL B 151 4.80 14.03 -30.66
CA VAL B 151 4.49 13.02 -29.64
C VAL B 151 5.67 12.83 -28.69
N ASN B 152 6.86 13.14 -29.18
CA ASN B 152 8.06 13.05 -28.35
C ASN B 152 9.26 13.73 -28.98
N ARG B 153 10.02 14.43 -28.15
CA ARG B 153 11.33 14.94 -28.54
C ARG B 153 12.36 14.21 -27.69
N PHE B 154 13.48 13.87 -28.30
CA PHE B 154 14.45 13.00 -27.64
C PHE B 154 15.77 12.96 -28.38
N SER B 155 16.73 12.22 -27.83
CA SER B 155 18.01 12.03 -28.46
C SER B 155 18.02 10.67 -29.15
N SER B 156 18.69 10.60 -30.30
CA SER B 156 18.76 9.34 -31.04
C SER B 156 20.10 9.20 -31.71
N LEU B 157 20.42 7.98 -32.12
CA LEU B 157 21.69 7.72 -32.80
C LEU B 157 21.56 7.81 -34.31
N LEU B 158 20.42 8.31 -34.78
CA LEU B 158 20.27 8.61 -36.20
C LEU B 158 21.12 9.80 -36.59
N PRO B 159 21.71 9.76 -37.80
CA PRO B 159 22.55 10.86 -38.31
C PRO B 159 21.84 12.22 -38.20
N GLY B 160 22.14 12.96 -37.14
CA GLY B 160 21.58 14.28 -36.95
C GLY B 160 20.66 14.39 -35.75
N GLY B 161 20.49 13.27 -35.03
CA GLY B 161 19.51 13.20 -33.96
C GLY B 161 20.06 13.15 -32.55
N ASN B 162 21.37 13.25 -32.42
CA ASN B 162 21.99 13.30 -31.10
C ASN B 162 22.80 14.59 -30.94
N ARG B 163 23.19 14.90 -29.71
CA ARG B 163 23.94 16.13 -29.47
C ARG B 163 25.35 16.09 -30.06
N ARG B 164 25.87 14.89 -30.30
CA ARG B 164 27.15 14.75 -30.99
C ARG B 164 26.92 14.41 -32.46
N ASN B 165 26.72 15.44 -33.28
CA ASN B 165 26.49 15.22 -34.70
C ASN B 165 26.84 16.41 -35.59
N SER B 166 26.41 16.34 -36.85
CA SER B 166 26.75 17.33 -37.85
C SER B 166 25.83 18.55 -37.83
N THR B 167 26.45 19.72 -37.62
CA THR B 167 25.73 20.98 -37.72
C THR B 167 25.94 21.54 -39.13
N ALA B 168 26.00 20.64 -40.10
CA ALA B 168 26.31 21.01 -41.48
C ALA B 168 25.57 20.14 -42.50
N LYS B 169 24.24 20.25 -42.51
CA LYS B 169 23.44 19.55 -43.51
C LYS B 169 23.63 18.03 -43.47
N ASP B 170 23.13 17.40 -42.41
CA ASP B 170 23.13 15.95 -42.31
C ASP B 170 21.93 15.48 -41.49
N TYR B 171 20.79 15.38 -42.14
CA TYR B 171 19.53 15.08 -41.46
C TYR B 171 18.91 13.77 -41.94
N THR B 172 17.97 13.26 -41.15
CA THR B 172 17.31 11.98 -41.47
C THR B 172 15.79 12.08 -41.32
N ILE B 173 15.07 11.46 -42.24
CA ILE B 173 13.61 11.46 -42.19
C ILE B 173 13.08 10.04 -42.38
N LEU B 174 12.41 9.52 -41.36
CA LEU B 174 11.95 8.13 -41.38
C LEU B 174 10.45 7.97 -41.20
N ASP B 175 9.89 6.96 -41.86
CA ASP B 175 8.48 6.61 -41.73
C ASP B 175 8.39 5.39 -40.81
N CYS B 176 7.91 5.60 -39.58
CA CYS B 176 7.97 4.55 -38.57
C CYS B 176 6.65 4.22 -37.87
N ILE B 177 6.65 3.10 -37.16
CA ILE B 177 5.54 2.72 -36.29
C ILE B 177 6.06 2.52 -34.87
N TYR B 178 5.55 3.28 -33.91
CA TYR B 178 6.05 3.18 -32.54
C TYR B 178 5.26 2.22 -31.65
N ASN B 179 5.97 1.23 -31.13
CA ASN B 179 5.38 0.21 -30.27
C ASN B 179 5.73 0.48 -28.81
N GLU B 180 4.72 0.48 -27.95
CA GLU B 180 4.90 0.90 -26.56
C GLU B 180 5.52 -0.18 -25.68
N VAL B 181 5.10 -1.42 -25.84
CA VAL B 181 5.61 -2.51 -25.02
C VAL B 181 7.11 -2.71 -25.18
N ASN B 182 7.58 -2.59 -26.43
CA ASN B 182 8.98 -2.83 -26.75
C ASN B 182 9.80 -1.56 -26.83
N GLN B 183 9.19 -0.43 -26.46
CA GLN B 183 9.80 0.89 -26.63
C GLN B 183 10.71 0.91 -27.86
N THR B 184 10.15 0.54 -29.00
CA THR B 184 10.89 0.49 -30.24
C THR B 184 10.16 1.22 -31.36
N TYR B 185 10.90 2.05 -32.09
CA TYR B 185 10.40 2.64 -33.33
C TYR B 185 10.72 1.69 -34.47
N TYR B 186 9.69 1.10 -35.08
CA TYR B 186 9.90 0.18 -36.19
C TYR B 186 9.94 0.91 -37.51
N VAL B 187 11.14 1.08 -38.05
CA VAL B 187 11.34 1.79 -39.30
C VAL B 187 10.64 1.03 -40.43
N LEU B 188 9.71 1.73 -41.08
CA LEU B 188 8.89 1.15 -42.12
C LEU B 188 9.46 1.49 -43.49
N ASP B 189 10.17 2.61 -43.55
CA ASP B 189 10.69 3.12 -44.81
C ASP B 189 11.72 4.21 -44.52
N VAL B 190 12.22 4.85 -45.58
CA VAL B 190 13.18 5.93 -45.43
C VAL B 190 13.06 6.90 -46.60
N MET B 191 12.82 8.17 -46.31
CA MET B 191 12.71 9.17 -47.36
C MET B 191 13.87 10.15 -47.39
N CYS B 192 14.77 10.03 -46.42
CA CYS B 192 15.97 10.85 -46.38
C CYS B 192 16.98 10.33 -45.36
N TRP B 193 18.20 10.06 -45.83
CA TRP B 193 19.26 9.57 -44.96
C TRP B 193 20.52 10.40 -45.18
N ARG B 194 21.26 10.63 -44.09
CA ARG B 194 22.47 11.45 -44.11
C ARG B 194 22.41 12.61 -45.11
N GLY B 195 21.29 13.32 -45.12
CA GLY B 195 21.19 14.55 -45.88
C GLY B 195 20.84 14.39 -47.35
N HIS B 196 20.45 13.19 -47.76
CA HIS B 196 20.11 12.95 -49.16
C HIS B 196 18.75 12.30 -49.33
N PRO B 197 17.85 12.99 -50.06
CA PRO B 197 16.45 12.58 -50.27
C PRO B 197 16.34 11.23 -50.98
N PHE B 198 15.52 10.34 -50.45
CA PHE B 198 15.29 9.03 -51.05
C PHE B 198 13.90 8.91 -51.68
N TYR B 199 13.12 9.98 -51.59
CA TYR B 199 11.79 10.01 -52.20
C TYR B 199 11.85 9.45 -53.62
N ASP B 200 12.81 9.95 -54.40
CA ASP B 200 12.93 9.61 -55.81
C ASP B 200 13.52 8.22 -56.03
N CYS B 201 13.18 7.27 -55.18
CA CYS B 201 13.70 5.93 -55.31
C CYS B 201 12.62 4.87 -55.20
N GLN B 202 12.70 3.85 -56.06
CA GLN B 202 11.77 2.72 -56.01
C GLN B 202 11.84 2.04 -54.65
N THR B 203 10.68 1.61 -54.15
CA THR B 203 10.59 0.96 -52.86
C THR B 203 11.63 -0.15 -52.75
N ASP B 204 11.75 -0.94 -53.81
CA ASP B 204 12.79 -1.94 -53.92
C ASP B 204 14.09 -1.47 -53.28
N PHE B 205 14.64 -0.38 -53.82
CA PHE B 205 15.89 0.19 -53.33
C PHE B 205 15.77 0.74 -51.91
N ARG B 206 14.74 1.55 -51.67
CA ARG B 206 14.53 2.13 -50.35
C ARG B 206 14.64 1.08 -49.24
N PHE B 207 13.95 -0.05 -49.41
CA PHE B 207 13.98 -1.11 -48.42
C PHE B 207 15.37 -1.69 -48.24
N TYR B 208 16.05 -2.00 -49.33
CA TYR B 208 17.43 -2.48 -49.27
C TYR B 208 18.27 -1.55 -48.42
N TRP B 209 18.23 -0.26 -48.75
CA TRP B 209 19.01 0.75 -48.05
C TRP B 209 18.77 0.68 -46.54
N MET B 210 17.55 0.34 -46.14
CA MET B 210 17.21 0.22 -44.72
C MET B 210 17.98 -0.91 -44.07
N HIS B 211 17.70 -2.12 -44.53
CA HIS B 211 18.26 -3.33 -43.90
C HIS B 211 19.75 -3.46 -44.21
N SER B 212 20.34 -2.38 -44.70
CA SER B 212 21.75 -2.38 -45.06
C SER B 212 22.50 -1.28 -44.33
N LYS B 213 21.77 -0.26 -43.88
CA LYS B 213 22.38 0.88 -43.21
C LYS B 213 21.95 1.04 -41.76
N LEU B 214 20.86 0.38 -41.37
CA LEU B 214 20.40 0.41 -39.99
C LEU B 214 21.35 -0.39 -39.09
N PRO B 215 21.58 -1.67 -39.43
CA PRO B 215 22.45 -2.52 -38.60
C PRO B 215 23.90 -2.04 -38.60
N GLU B 216 24.23 -1.11 -39.50
CA GLU B 216 25.58 -0.57 -39.56
C GLU B 216 25.71 0.70 -38.73
N GLU B 217 24.77 0.90 -37.81
CA GLU B 217 24.84 2.02 -36.88
C GLU B 217 25.14 1.54 -35.47
N GLU B 218 26.26 2.00 -34.92
CA GLU B 218 26.74 1.59 -33.60
C GLU B 218 25.71 0.83 -32.77
N GLY B 219 24.89 1.57 -32.02
CA GLY B 219 23.88 0.96 -31.16
C GLY B 219 22.49 1.50 -31.40
N LEU B 220 22.20 1.85 -32.64
CA LEU B 220 20.89 2.39 -33.00
C LEU B 220 19.76 1.46 -32.58
N GLY B 221 20.07 0.17 -32.49
CA GLY B 221 19.07 -0.82 -32.11
C GLY B 221 19.14 -1.21 -30.64
N GLU B 222 19.69 -0.32 -29.82
CA GLU B 222 19.81 -0.59 -28.38
C GLU B 222 19.53 0.63 -27.52
N LYS B 223 19.16 0.38 -26.26
CA LYS B 223 18.76 1.44 -25.34
C LYS B 223 19.94 1.96 -24.52
N THR B 224 20.18 3.26 -24.62
CA THR B 224 21.23 3.91 -23.85
C THR B 224 20.84 5.36 -23.56
N LYS B 225 21.68 6.09 -22.85
CA LYS B 225 21.37 7.46 -22.48
C LYS B 225 21.27 8.38 -23.71
N LEU B 226 22.11 8.13 -24.70
CA LEU B 226 22.12 8.94 -25.92
C LEU B 226 21.15 8.38 -26.96
N ASN B 227 20.65 7.18 -26.71
CA ASN B 227 19.69 6.55 -27.61
C ASN B 227 18.66 5.76 -26.83
N PRO B 228 17.72 6.46 -26.19
CA PRO B 228 16.67 5.87 -25.34
C PRO B 228 15.79 4.88 -26.10
N PHE B 229 15.45 5.20 -27.34
CA PHE B 229 14.55 4.37 -28.13
C PHE B 229 15.24 3.60 -29.23
N LYS B 230 15.08 2.28 -29.20
CA LYS B 230 15.73 1.40 -30.16
C LYS B 230 15.04 1.45 -31.51
N PHE B 231 15.79 1.77 -32.55
CA PHE B 231 15.26 1.79 -33.91
C PHE B 231 15.50 0.46 -34.61
N VAL B 232 14.42 -0.25 -34.94
CA VAL B 232 14.51 -1.56 -35.57
C VAL B 232 13.80 -1.57 -36.91
N GLY B 233 14.46 -2.10 -37.93
CA GLY B 233 13.89 -2.14 -39.27
C GLY B 233 12.93 -3.30 -39.48
N LEU B 234 11.79 -3.02 -40.09
CA LEU B 234 10.80 -4.07 -40.35
C LEU B 234 11.18 -4.87 -41.58
N LYS B 235 11.20 -6.20 -41.41
CA LYS B 235 11.52 -7.08 -42.52
C LYS B 235 10.44 -6.98 -43.60
N ASN B 236 10.77 -7.47 -44.80
CA ASN B 236 9.77 -7.66 -45.84
C ASN B 236 9.95 -9.02 -46.49
N PHE B 237 8.93 -9.48 -47.19
CA PHE B 237 8.93 -10.80 -47.80
C PHE B 237 8.24 -10.75 -49.15
N PRO B 238 8.52 -11.73 -50.01
CA PRO B 238 7.86 -11.85 -51.32
C PRO B 238 6.39 -12.18 -51.16
N CYS B 239 5.59 -11.86 -52.17
CA CYS B 239 4.15 -12.10 -52.11
C CYS B 239 3.75 -13.30 -52.94
N THR B 240 4.69 -14.22 -53.16
CA THR B 240 4.39 -15.45 -53.87
C THR B 240 3.47 -16.30 -53.00
N PRO B 241 2.61 -17.10 -53.65
CA PRO B 241 1.65 -17.97 -52.94
C PRO B 241 2.29 -18.74 -51.79
N GLU B 242 3.39 -19.43 -52.07
CA GLU B 242 4.08 -20.22 -51.05
C GLU B 242 4.69 -19.35 -49.95
N SER B 243 5.08 -18.13 -50.30
CA SER B 243 5.70 -17.23 -49.33
C SER B 243 4.70 -16.75 -48.29
N LEU B 244 3.57 -16.22 -48.76
CA LEU B 244 2.53 -15.71 -47.88
C LEU B 244 2.15 -16.73 -46.82
N CYS B 245 2.17 -18.00 -47.21
CA CYS B 245 1.88 -19.10 -46.28
C CYS B 245 2.86 -19.09 -45.11
N ASP B 246 4.15 -19.08 -45.42
CA ASP B 246 5.18 -19.08 -44.38
C ASP B 246 5.11 -17.81 -43.53
N VAL B 247 4.80 -16.68 -44.16
CA VAL B 247 4.68 -15.42 -43.43
C VAL B 247 3.59 -15.49 -42.37
N LEU B 248 2.41 -15.96 -42.77
CA LEU B 248 1.25 -16.00 -41.88
C LEU B 248 1.42 -16.99 -40.73
N SER B 249 2.56 -17.67 -40.68
CA SER B 249 2.83 -18.61 -39.59
C SER B 249 4.20 -18.33 -38.98
N MET B 250 4.59 -17.07 -38.96
CA MET B 250 5.88 -16.67 -38.40
C MET B 250 5.74 -16.15 -36.97
N ASP B 251 6.87 -15.89 -36.34
CA ASP B 251 6.90 -15.29 -35.02
C ASP B 251 7.60 -13.93 -35.08
N PHE B 252 6.93 -12.90 -34.60
CA PHE B 252 7.50 -11.55 -34.62
C PHE B 252 7.70 -11.02 -33.21
N PRO B 253 8.63 -10.09 -33.03
CA PRO B 253 8.94 -9.54 -31.72
C PRO B 253 7.80 -8.67 -31.19
N PHE B 254 6.75 -8.52 -31.99
CA PHE B 254 5.60 -7.70 -31.63
C PHE B 254 4.30 -8.42 -31.96
N GLU B 255 3.18 -7.90 -31.47
CA GLU B 255 1.89 -8.45 -31.87
C GLU B 255 1.45 -7.87 -33.22
N VAL B 256 1.03 -8.74 -34.12
CA VAL B 256 0.74 -8.34 -35.50
C VAL B 256 -0.55 -7.53 -35.64
N ASP B 257 -0.46 -6.46 -36.42
CA ASP B 257 -1.60 -5.58 -36.67
C ASP B 257 -2.20 -5.86 -38.04
N GLY B 258 -1.35 -5.85 -39.06
CA GLY B 258 -1.81 -6.11 -40.42
C GLY B 258 -0.67 -6.22 -41.41
N LEU B 259 -1.01 -6.18 -42.69
CA LEU B 259 -0.03 -6.39 -43.75
C LEU B 259 -0.03 -5.24 -44.76
N LEU B 260 1.17 -4.81 -45.14
CA LEU B 260 1.33 -3.80 -46.18
C LEU B 260 1.87 -4.41 -47.45
N PHE B 261 1.41 -3.90 -48.58
CA PHE B 261 1.83 -4.43 -49.88
C PHE B 261 2.36 -3.30 -50.76
N TYR B 262 3.68 -3.26 -50.91
CA TYR B 262 4.34 -2.24 -51.72
C TYR B 262 4.64 -2.77 -53.13
N HIS B 263 4.37 -1.96 -54.14
CA HIS B 263 4.81 -2.31 -55.48
C HIS B 263 6.27 -1.90 -55.64
N LYS B 264 7.13 -2.86 -55.92
CA LYS B 264 8.57 -2.64 -55.94
C LYS B 264 9.03 -1.34 -56.59
N GLN B 265 8.25 -0.83 -57.55
CA GLN B 265 8.68 0.32 -58.34
C GLN B 265 8.15 1.69 -57.88
N THR B 266 7.60 1.76 -56.67
CA THR B 266 6.99 3.00 -56.22
C THR B 266 7.99 3.97 -55.62
N HIS B 267 7.90 5.24 -56.03
CA HIS B 267 8.57 6.31 -55.31
C HIS B 267 7.79 6.53 -54.02
N TYR B 268 8.27 7.42 -53.16
CA TYR B 268 7.57 7.70 -51.91
C TYR B 268 6.77 8.99 -52.01
N SER B 269 5.45 8.85 -52.18
CA SER B 269 4.58 10.01 -52.30
C SER B 269 3.62 10.11 -51.12
N PRO B 270 3.68 11.21 -50.37
CA PRO B 270 2.80 11.43 -49.21
C PRO B 270 1.33 11.39 -49.60
N GLY B 271 0.48 10.88 -48.71
CA GLY B 271 -0.94 10.75 -48.97
C GLY B 271 -1.31 9.38 -49.48
N SER B 272 -2.58 9.20 -49.84
CA SER B 272 -3.08 7.91 -50.32
C SER B 272 -2.47 7.54 -51.67
N THR B 273 -2.31 6.24 -51.90
CA THR B 273 -1.86 5.72 -53.18
C THR B 273 -2.17 4.23 -53.29
N PRO B 274 -2.64 3.79 -54.47
CA PRO B 274 -2.99 2.39 -54.72
C PRO B 274 -1.76 1.51 -54.88
N LEU B 275 -0.58 2.12 -54.90
CA LEU B 275 0.66 1.38 -55.09
C LEU B 275 1.14 0.71 -53.81
N VAL B 276 0.41 0.94 -52.73
CA VAL B 276 0.64 0.21 -51.48
C VAL B 276 -0.70 -0.09 -50.80
N GLY B 277 -0.95 -1.37 -50.56
CA GLY B 277 -2.23 -1.80 -50.02
C GLY B 277 -2.13 -2.32 -48.60
N TRP B 278 -3.29 -2.44 -47.96
CA TRP B 278 -3.36 -2.81 -46.55
C TRP B 278 -4.43 -3.87 -46.36
N LEU B 279 -4.15 -4.83 -45.48
CA LEU B 279 -5.10 -5.89 -45.17
C LEU B 279 -4.83 -6.41 -43.77
N ARG B 280 -5.89 -6.80 -43.06
CA ARG B 280 -5.74 -7.44 -41.76
C ARG B 280 -5.47 -8.93 -41.97
N PRO B 281 -4.73 -9.56 -41.04
CA PRO B 281 -4.27 -10.94 -41.15
C PRO B 281 -5.33 -11.96 -41.55
N TYR B 282 -6.57 -11.77 -41.11
CA TYR B 282 -7.65 -12.70 -41.45
C TYR B 282 -8.12 -12.55 -42.88
N MET B 283 -7.96 -11.33 -43.41
CA MET B 283 -8.45 -10.99 -44.74
C MET B 283 -7.66 -11.64 -45.86
N VAL B 284 -6.46 -12.11 -45.54
CA VAL B 284 -5.54 -12.63 -46.56
C VAL B 284 -5.98 -13.96 -47.13
N SER B 285 -6.17 -14.93 -46.25
CA SER B 285 -6.46 -16.31 -46.64
C SER B 285 -7.89 -16.46 -47.13
N ASP B 286 -8.51 -15.35 -47.49
CA ASP B 286 -9.84 -15.36 -48.07
C ASP B 286 -9.98 -14.24 -49.10
N VAL B 287 -8.85 -13.63 -49.42
CA VAL B 287 -8.78 -12.61 -50.48
C VAL B 287 -7.85 -13.13 -51.58
N LEU B 288 -7.02 -14.10 -51.22
CA LEU B 288 -6.09 -14.70 -52.17
C LEU B 288 -6.26 -16.23 -52.15
N GLY B 289 -5.69 -16.89 -51.15
CA GLY B 289 -5.85 -18.32 -50.99
C GLY B 289 -4.70 -18.98 -50.25
N VAL B 290 -4.84 -19.12 -48.94
CA VAL B 290 -3.74 -19.60 -48.08
C VAL B 290 -4.26 -20.34 -46.85
N ALA B 291 -3.36 -21.03 -46.14
CA ALA B 291 -3.71 -21.70 -44.89
C ALA B 291 -4.23 -20.71 -43.85
N VAL B 292 -4.77 -21.22 -42.74
CA VAL B 292 -5.49 -20.37 -41.80
C VAL B 292 -5.34 -20.67 -40.28
N PRO B 293 -4.15 -21.04 -39.81
CA PRO B 293 -4.04 -21.32 -38.37
C PRO B 293 -3.89 -20.09 -37.45
N ALA B 294 -2.70 -19.49 -37.41
CA ALA B 294 -2.34 -18.52 -36.38
C ALA B 294 -3.10 -17.17 -36.40
N GLY B 295 -2.64 -16.25 -37.26
CA GLY B 295 -3.20 -14.91 -37.31
C GLY B 295 -4.57 -14.72 -37.95
N PRO B 296 -4.94 -15.61 -38.90
CA PRO B 296 -6.25 -15.54 -39.56
C PRO B 296 -7.43 -15.65 -38.59
N LEU B 297 -7.24 -16.40 -37.50
CA LEU B 297 -8.23 -16.43 -36.44
C LEU B 297 -8.52 -14.98 -36.04
N THR B 298 -9.69 -14.49 -36.46
CA THR B 298 -10.00 -13.05 -36.38
C THR B 298 -10.77 -12.56 -35.16
N THR B 299 -10.11 -11.71 -34.37
CA THR B 299 -10.73 -10.99 -33.26
C THR B 299 -12.01 -11.66 -32.75
N GLY B 348 -12.10 -17.02 12.59
CA GLY B 348 -12.74 -16.09 11.69
C GLY B 348 -12.12 -16.11 10.30
N SER B 349 -12.94 -15.83 9.29
CA SER B 349 -12.48 -15.83 7.90
C SER B 349 -13.33 -14.94 6.99
N SER B 350 -12.68 -13.94 6.38
CA SER B 350 -13.35 -13.01 5.48
C SER B 350 -12.71 -13.07 4.09
N HIS B 351 -13.32 -12.41 3.12
CA HIS B 351 -12.82 -12.43 1.74
C HIS B 351 -12.20 -11.10 1.29
N SER B 352 -10.93 -11.18 0.87
CA SER B 352 -10.16 -10.03 0.37
C SER B 352 -9.15 -10.54 -0.65
N PRO B 353 -9.45 -10.32 -1.95
CA PRO B 353 -8.76 -11.04 -3.03
C PRO B 353 -7.99 -10.23 -4.09
N ASP B 354 -6.84 -9.64 -3.74
CA ASP B 354 -5.99 -8.98 -4.74
C ASP B 354 -4.49 -9.12 -4.48
N HIS B 355 -3.78 -9.82 -5.37
CA HIS B 355 -2.37 -10.15 -5.13
C HIS B 355 -1.36 -9.33 -5.96
N PRO B 356 -0.25 -8.93 -5.32
CA PRO B 356 0.80 -8.08 -5.89
C PRO B 356 2.02 -8.84 -6.39
N GLY B 357 2.52 -8.40 -7.55
CA GLY B 357 3.71 -9.00 -8.13
C GLY B 357 4.97 -8.29 -7.69
N CYS B 358 4.91 -6.96 -7.63
CA CYS B 358 6.06 -6.16 -7.24
C CYS B 358 6.63 -6.64 -5.92
N LEU B 359 5.76 -6.73 -4.91
CA LEU B 359 6.14 -7.27 -3.61
C LEU B 359 7.22 -6.45 -2.88
N MET B 360 6.77 -5.46 -2.11
CA MET B 360 7.66 -4.69 -1.24
C MET B 360 7.19 -4.79 0.21
N GLU B 361 7.56 -3.80 1.03
CA GLU B 361 7.26 -3.82 2.46
C GLU B 361 5.79 -4.01 2.78
N ASN B 362 5.00 -2.95 2.60
CA ASN B 362 3.57 -2.98 2.85
C ASN B 362 2.89 -1.73 2.29
N GLN C 4 8.02 55.17 -28.95
CA GLN C 4 7.10 54.30 -28.21
C GLN C 4 6.88 54.77 -26.77
N VAL C 5 5.90 55.66 -26.59
CA VAL C 5 5.64 56.24 -25.28
C VAL C 5 4.96 55.26 -24.33
N GLN C 6 4.92 55.61 -23.05
CA GLN C 6 4.37 54.77 -22.00
C GLN C 6 3.16 55.42 -21.33
N PHE C 7 2.65 54.78 -20.26
CA PHE C 7 1.49 55.28 -19.53
C PHE C 7 1.52 54.81 -18.07
N LYS C 8 0.84 55.54 -17.20
CA LYS C 8 0.74 55.15 -15.79
C LYS C 8 -0.55 54.38 -15.50
N LEU C 9 -0.40 53.11 -15.11
CA LEU C 9 -1.55 52.26 -14.82
C LEU C 9 -1.62 51.92 -13.33
N VAL C 10 -2.69 52.36 -12.67
CA VAL C 10 -2.87 52.07 -11.25
C VAL C 10 -3.78 50.87 -11.07
N LEU C 11 -3.30 49.89 -10.31
CA LEU C 11 -4.01 48.65 -10.07
C LEU C 11 -4.51 48.59 -8.63
N VAL C 12 -5.82 48.45 -8.45
CA VAL C 12 -6.41 48.44 -7.11
C VAL C 12 -7.45 47.33 -6.86
N GLY C 13 -7.69 47.05 -5.59
CA GLY C 13 -8.63 46.03 -5.19
C GLY C 13 -8.39 45.59 -3.77
N ASP C 14 -9.23 44.68 -3.26
CA ASP C 14 -9.07 44.12 -1.94
C ASP C 14 -7.83 43.22 -1.87
N GLY C 15 -7.54 42.71 -0.67
CA GLY C 15 -6.45 41.78 -0.48
C GLY C 15 -6.77 40.42 -1.09
N GLY C 16 -5.72 39.68 -1.44
CA GLY C 16 -5.89 38.35 -2.02
C GLY C 16 -6.64 38.38 -3.35
N THR C 17 -6.93 39.58 -3.83
CA THR C 17 -7.66 39.74 -5.09
C THR C 17 -6.88 39.14 -6.25
N GLY C 18 -5.56 39.19 -6.16
CA GLY C 18 -4.71 38.63 -7.19
C GLY C 18 -4.02 39.70 -8.02
N LYS C 19 -3.96 40.91 -7.47
CA LYS C 19 -3.35 42.03 -8.17
C LYS C 19 -1.90 41.73 -8.49
N THR C 20 -1.12 41.44 -7.46
CA THR C 20 0.30 41.14 -7.66
C THR C 20 0.47 39.93 -8.56
N THR C 21 -0.19 38.82 -8.20
CA THR C 21 -0.13 37.59 -8.98
C THR C 21 -0.41 37.85 -10.46
N PHE C 22 -1.36 38.73 -10.74
CA PHE C 22 -1.70 39.05 -12.11
C PHE C 22 -0.50 39.67 -12.82
N VAL C 23 0.13 40.64 -12.14
CA VAL C 23 1.25 41.37 -12.73
C VAL C 23 2.45 40.46 -13.00
N LYS C 24 2.80 39.63 -12.02
CA LYS C 24 3.92 38.69 -12.13
C LYS C 24 3.80 37.81 -13.37
N ARG C 25 2.63 37.19 -13.53
CA ARG C 25 2.33 36.37 -14.70
C ARG C 25 2.78 37.05 -15.98
N HIS C 26 2.45 38.33 -16.13
CA HIS C 26 2.75 39.07 -17.35
C HIS C 26 4.25 39.22 -17.63
N LEU C 27 5.03 39.59 -16.62
CA LEU C 27 6.45 39.82 -16.83
C LEU C 27 7.31 38.55 -16.80
N THR C 28 7.08 37.69 -15.81
CA THR C 28 7.88 36.47 -15.68
C THR C 28 7.26 35.28 -16.40
N GLY C 29 5.94 35.22 -16.40
CA GLY C 29 5.23 34.09 -16.97
C GLY C 29 4.92 33.05 -15.90
N GLU C 30 5.56 33.21 -14.73
CA GLU C 30 5.35 32.30 -13.62
C GLU C 30 4.06 32.61 -12.87
N PHE C 31 3.60 31.67 -12.05
CA PHE C 31 2.39 31.86 -11.27
C PHE C 31 2.67 31.69 -9.77
N GLU C 32 2.47 32.76 -9.01
CA GLU C 32 2.69 32.69 -7.57
C GLU C 32 1.51 32.06 -6.86
N LYS C 33 1.77 30.98 -6.14
CA LYS C 33 0.75 30.29 -5.39
C LYS C 33 0.57 30.89 -3.99
N LYS C 34 1.62 31.52 -3.48
CA LYS C 34 1.61 32.07 -2.13
C LYS C 34 0.95 33.44 -2.07
N TYR C 35 0.41 33.79 -0.89
CA TYR C 35 -0.15 35.11 -0.68
C TYR C 35 0.70 35.94 0.26
N VAL C 36 1.59 36.76 -0.31
CA VAL C 36 2.37 37.70 0.46
C VAL C 36 1.94 39.13 0.15
N ALA C 37 1.18 39.72 1.07
CA ALA C 37 0.59 41.04 0.88
C ALA C 37 1.60 42.13 0.54
N THR C 38 1.22 42.98 -0.40
CA THR C 38 2.06 44.09 -0.82
C THR C 38 1.98 45.25 0.17
N LEU C 39 3.13 45.73 0.64
CA LEU C 39 3.16 46.93 1.48
C LEU C 39 3.23 48.18 0.61
N GLY C 40 2.20 49.03 0.68
CA GLY C 40 2.18 50.26 -0.07
C GLY C 40 2.01 50.07 -1.57
N VAL C 41 3.12 50.13 -2.31
CA VAL C 41 3.09 49.97 -3.76
C VAL C 41 4.38 49.34 -4.31
N GLU C 42 4.32 48.87 -5.54
CA GLU C 42 5.47 48.27 -6.21
C GLU C 42 5.39 48.51 -7.70
N VAL C 43 5.91 49.65 -8.16
CA VAL C 43 5.89 49.98 -9.58
C VAL C 43 6.55 48.90 -10.43
N HIS C 44 5.81 48.43 -11.44
CA HIS C 44 6.29 47.40 -12.35
C HIS C 44 6.06 47.80 -13.80
N PRO C 45 7.14 48.01 -14.56
CA PRO C 45 7.02 48.34 -15.98
C PRO C 45 6.67 47.12 -16.82
N LEU C 46 5.62 47.24 -17.63
CA LEU C 46 5.22 46.16 -18.53
C LEU C 46 5.23 46.63 -19.97
N VAL C 47 5.60 45.73 -20.87
CA VAL C 47 5.70 46.08 -22.29
C VAL C 47 4.94 45.11 -23.18
N PHE C 48 4.13 45.66 -24.07
CA PHE C 48 3.45 44.88 -25.08
C PHE C 48 3.82 45.43 -26.45
N HIS C 49 3.98 44.55 -27.43
CA HIS C 49 4.29 45.00 -28.78
C HIS C 49 3.08 44.94 -29.70
N THR C 50 2.68 46.10 -30.20
CA THR C 50 1.50 46.22 -31.05
C THR C 50 1.90 46.46 -32.50
N ASN C 51 0.90 46.49 -33.38
CA ASN C 51 1.13 46.75 -34.79
C ASN C 51 1.53 48.20 -35.05
N ARG C 52 1.42 49.04 -34.02
CA ARG C 52 1.76 50.45 -34.13
C ARG C 52 2.85 50.85 -33.15
N GLY C 53 3.85 50.00 -33.00
CA GLY C 53 4.97 50.30 -32.11
C GLY C 53 4.77 49.82 -30.69
N PRO C 54 5.86 49.57 -29.97
CA PRO C 54 5.84 49.11 -28.57
C PRO C 54 5.06 50.06 -27.66
N ILE C 55 4.54 49.52 -26.56
CA ILE C 55 3.80 50.30 -25.58
C ILE C 55 4.18 49.86 -24.17
N LYS C 56 4.29 50.82 -23.26
CA LYS C 56 4.74 50.51 -21.91
C LYS C 56 3.74 50.96 -20.84
N PHE C 57 3.40 50.04 -19.95
CA PHE C 57 2.53 50.34 -18.82
C PHE C 57 3.35 50.36 -17.55
N ASN C 58 3.29 51.46 -16.80
CA ASN C 58 3.90 51.49 -15.49
C ASN C 58 2.89 51.04 -14.44
N VAL C 59 2.90 49.75 -14.16
CA VAL C 59 1.92 49.17 -13.23
C VAL C 59 2.24 49.56 -11.79
N TRP C 60 1.35 50.35 -11.21
CA TRP C 60 1.45 50.74 -9.80
C TRP C 60 0.64 49.77 -8.93
N ASP C 61 1.16 48.55 -8.79
CA ASP C 61 0.50 47.53 -7.99
C ASP C 61 0.39 47.96 -6.53
N THR C 62 -0.73 48.57 -6.17
CA THR C 62 -0.92 49.06 -4.81
C THR C 62 -1.38 47.95 -3.88
N ALA C 63 -1.60 48.31 -2.61
CA ALA C 63 -2.02 47.33 -1.62
C ALA C 63 -3.52 47.37 -1.39
N GLY C 64 -4.10 46.22 -1.07
CA GLY C 64 -5.52 46.12 -0.83
C GLY C 64 -5.86 46.17 0.65
N LEU C 65 -4.94 45.69 1.47
CA LEU C 65 -5.15 45.67 2.92
C LEU C 65 -5.14 47.06 3.53
N GLU C 66 -5.89 47.23 4.62
CA GLU C 66 -6.10 48.54 5.22
C GLU C 66 -4.92 49.03 6.04
N LYS C 67 -4.17 48.11 6.64
CA LYS C 67 -3.03 48.52 7.47
C LYS C 67 -1.74 48.65 6.67
N PHE C 68 -1.73 48.06 5.48
CA PHE C 68 -0.59 48.18 4.58
C PHE C 68 -0.91 49.19 3.49
N GLY C 69 -1.89 50.05 3.77
CA GLY C 69 -2.40 51.01 2.81
C GLY C 69 -1.36 51.84 2.09
N GLY C 70 -0.63 52.66 2.84
CA GLY C 70 0.38 53.52 2.25
C GLY C 70 -0.10 54.96 2.12
N LEU C 71 0.37 55.61 1.05
CA LEU C 71 -0.06 56.96 0.70
C LEU C 71 -1.15 56.64 -0.30
N ARG C 72 -2.12 55.88 0.17
CA ARG C 72 -3.25 55.40 -0.62
C ARG C 72 -3.65 56.20 -1.85
N ASP C 73 -4.53 57.16 -1.64
CA ASP C 73 -5.03 58.02 -2.71
C ASP C 73 -3.90 58.86 -3.30
N GLY C 74 -2.84 59.05 -2.53
CA GLY C 74 -1.70 59.83 -2.96
C GLY C 74 -1.04 59.26 -4.19
N TYR C 75 -1.05 57.77 -4.50
CA TYR C 75 -0.38 57.03 -5.57
C TYR C 75 -1.05 57.32 -6.91
N TYR C 76 -2.35 57.59 -6.87
CA TYR C 76 -3.15 57.67 -8.08
C TYR C 76 -2.77 58.88 -8.94
N ILE C 77 -2.43 60.00 -8.30
CA ILE C 77 -2.15 61.24 -9.01
C ILE C 77 -1.37 61.02 -10.32
N GLN C 78 -1.78 61.75 -11.36
CA GLN C 78 -1.11 61.71 -12.66
C GLN C 78 -1.34 60.40 -13.43
N ALA C 79 -2.24 59.57 -12.93
CA ALA C 79 -2.58 58.32 -13.62
C ALA C 79 -3.19 58.59 -15.00
N GLN C 80 -3.15 57.59 -15.87
CA GLN C 80 -3.69 57.73 -17.21
C GLN C 80 -4.62 56.56 -17.57
N CYS C 81 -4.80 55.65 -16.61
CA CYS C 81 -5.72 54.53 -16.74
C CYS C 81 -5.64 53.66 -15.50
N ALA C 82 -6.67 52.86 -15.27
CA ALA C 82 -6.71 52.06 -14.04
C ALA C 82 -7.38 50.71 -14.23
N ILE C 83 -7.19 49.85 -13.22
CA ILE C 83 -7.76 48.52 -13.22
C ILE C 83 -8.24 48.17 -11.82
N ILE C 84 -9.56 48.08 -11.65
CA ILE C 84 -10.13 47.63 -10.39
C ILE C 84 -10.32 46.12 -10.49
N MET C 85 -9.94 45.40 -9.45
CA MET C 85 -10.00 43.94 -9.51
C MET C 85 -10.65 43.34 -8.27
N PHE C 86 -11.51 42.35 -8.49
CA PHE C 86 -12.16 41.65 -7.39
C PHE C 86 -12.09 40.15 -7.60
N ASP C 87 -12.42 39.40 -6.56
CA ASP C 87 -12.31 37.94 -6.61
C ASP C 87 -13.70 37.30 -6.60
N VAL C 88 -14.02 36.54 -7.65
CA VAL C 88 -15.34 35.94 -7.77
C VAL C 88 -15.62 34.92 -6.69
N THR C 89 -14.60 34.57 -5.91
CA THR C 89 -14.77 33.63 -4.81
C THR C 89 -15.12 34.34 -3.51
N SER C 90 -15.11 35.68 -3.54
CA SER C 90 -15.48 36.47 -2.38
C SER C 90 -16.31 37.69 -2.75
N ARG C 91 -17.61 37.62 -2.47
CA ARG C 91 -18.53 38.72 -2.79
C ARG C 91 -18.09 40.03 -2.15
N VAL C 92 -17.55 39.93 -0.94
CA VAL C 92 -17.12 41.12 -0.21
C VAL C 92 -16.19 41.99 -1.06
N THR C 93 -15.40 41.35 -1.91
CA THR C 93 -14.42 42.07 -2.72
C THR C 93 -15.06 42.71 -3.94
N TYR C 94 -16.31 42.34 -4.21
CA TYR C 94 -17.07 42.98 -5.27
C TYR C 94 -17.94 44.11 -4.71
N LYS C 95 -18.38 43.95 -3.47
CA LYS C 95 -19.18 44.99 -2.82
C LYS C 95 -18.34 46.19 -2.39
N ASN C 96 -17.02 46.03 -2.38
CA ASN C 96 -16.13 47.13 -2.03
C ASN C 96 -15.61 47.87 -3.26
N VAL C 97 -15.79 47.26 -4.43
CA VAL C 97 -15.39 47.87 -5.68
C VAL C 97 -15.83 49.33 -5.78
N PRO C 98 -17.09 49.62 -5.43
CA PRO C 98 -17.58 51.01 -5.46
C PRO C 98 -16.67 51.94 -4.65
N ASN C 99 -16.17 51.45 -3.52
CA ASN C 99 -15.28 52.24 -2.68
C ASN C 99 -13.96 52.57 -3.39
N TRP C 100 -13.44 51.59 -4.14
CA TRP C 100 -12.18 51.79 -4.87
C TRP C 100 -12.36 52.75 -6.03
N HIS C 101 -13.43 52.56 -6.80
CA HIS C 101 -13.73 53.45 -7.92
C HIS C 101 -13.92 54.88 -7.43
N ARG C 102 -14.44 55.00 -6.21
CA ARG C 102 -14.66 56.28 -5.58
C ARG C 102 -13.35 57.06 -5.45
N ASP C 103 -12.52 56.63 -4.52
CA ASP C 103 -11.21 57.24 -4.29
C ASP C 103 -10.49 57.59 -5.58
N LEU C 104 -10.57 56.68 -6.54
CA LEU C 104 -9.83 56.80 -7.80
C LEU C 104 -10.28 57.97 -8.69
N VAL C 105 -11.59 58.12 -8.87
CA VAL C 105 -12.10 59.16 -9.77
C VAL C 105 -12.06 60.55 -9.12
N ARG C 106 -12.04 60.58 -7.78
CA ARG C 106 -11.89 61.83 -7.06
C ARG C 106 -10.49 62.37 -7.26
N VAL C 107 -9.60 61.51 -7.77
CA VAL C 107 -8.24 61.91 -8.10
C VAL C 107 -8.07 61.99 -9.61
N CYS C 108 -8.68 61.04 -10.32
CA CYS C 108 -8.60 60.99 -11.77
C CYS C 108 -10.01 61.12 -12.36
N GLU C 109 -10.35 62.32 -12.83
CA GLU C 109 -11.71 62.60 -13.28
C GLU C 109 -12.15 61.81 -14.51
N ASN C 110 -11.29 61.71 -15.52
CA ASN C 110 -11.62 60.96 -16.72
C ASN C 110 -10.45 60.16 -17.28
N ILE C 111 -10.38 58.88 -16.92
CA ILE C 111 -9.33 58.00 -17.41
C ILE C 111 -9.91 56.62 -17.68
N PRO C 112 -9.54 56.01 -18.82
CA PRO C 112 -10.03 54.68 -19.15
C PRO C 112 -9.77 53.69 -18.02
N ILE C 113 -10.83 53.12 -17.48
CA ILE C 113 -10.72 52.14 -16.41
C ILE C 113 -11.26 50.79 -16.84
N VAL C 114 -10.80 49.73 -16.17
CA VAL C 114 -11.28 48.40 -16.43
C VAL C 114 -11.57 47.68 -15.12
N LEU C 115 -12.66 46.92 -15.09
CA LEU C 115 -13.04 46.13 -13.94
C LEU C 115 -12.74 44.66 -14.24
N CYS C 116 -11.98 44.01 -13.37
CA CYS C 116 -11.59 42.62 -13.61
C CYS C 116 -12.03 41.67 -12.50
N GLY C 117 -12.85 40.70 -12.87
CA GLY C 117 -13.24 39.63 -11.98
C GLY C 117 -12.26 38.48 -12.12
N ASN C 118 -11.36 38.36 -11.15
CA ASN C 118 -10.31 37.37 -11.20
C ASN C 118 -10.74 36.07 -10.54
N LYS C 119 -10.04 34.98 -10.84
CA LYS C 119 -10.29 33.67 -10.26
C LYS C 119 -11.40 32.85 -10.93
N VAL C 120 -11.67 33.11 -12.21
CA VAL C 120 -12.73 32.39 -12.92
C VAL C 120 -12.47 30.89 -12.99
N ASP C 121 -11.21 30.51 -12.85
CA ASP C 121 -10.80 29.10 -12.99
C ASP C 121 -11.33 28.23 -11.86
N ILE C 122 -11.50 28.82 -10.67
CA ILE C 122 -11.99 28.08 -9.53
C ILE C 122 -13.47 27.73 -9.72
N LYS C 123 -13.74 26.44 -9.85
CA LYS C 123 -15.07 25.95 -10.20
C LYS C 123 -16.21 26.49 -9.34
N ASP C 124 -16.00 26.62 -8.03
CA ASP C 124 -17.06 27.09 -7.15
C ASP C 124 -17.07 28.60 -7.01
N ARG C 125 -17.61 29.26 -8.03
CA ARG C 125 -17.65 30.72 -8.12
C ARG C 125 -18.83 31.31 -7.33
N LYS C 126 -18.51 32.14 -6.34
CA LYS C 126 -19.53 32.69 -5.44
C LYS C 126 -20.14 34.01 -5.95
N VAL C 127 -19.61 34.53 -7.05
CA VAL C 127 -20.13 35.78 -7.62
C VAL C 127 -20.60 35.58 -9.06
N LYS C 128 -21.86 35.15 -9.21
CA LYS C 128 -22.44 34.90 -10.52
C LYS C 128 -22.39 36.14 -11.41
N ALA C 129 -22.24 35.92 -12.71
CA ALA C 129 -22.11 37.03 -13.65
C ALA C 129 -23.33 37.94 -13.61
N LYS C 130 -24.49 37.34 -13.31
CA LYS C 130 -25.74 38.08 -13.22
C LYS C 130 -25.64 39.28 -12.27
N SER C 131 -24.73 39.20 -11.30
CA SER C 131 -24.64 40.23 -10.26
C SER C 131 -23.68 41.36 -10.62
N ILE C 132 -22.72 41.07 -11.50
CA ILE C 132 -21.70 42.03 -11.86
C ILE C 132 -22.25 43.06 -12.85
N VAL C 133 -22.72 44.19 -12.32
CA VAL C 133 -23.36 45.21 -13.15
C VAL C 133 -22.87 46.63 -12.84
N PHE C 134 -21.95 46.74 -11.89
CA PHE C 134 -21.49 48.04 -11.41
C PHE C 134 -20.86 48.91 -12.51
N HIS C 135 -20.18 48.28 -13.44
CA HIS C 135 -19.48 49.03 -14.48
C HIS C 135 -20.46 49.79 -15.39
N ARG C 136 -21.67 49.26 -15.51
CA ARG C 136 -22.64 49.79 -16.46
C ARG C 136 -22.88 51.29 -16.32
N LYS C 137 -23.35 51.72 -15.15
CA LYS C 137 -23.73 53.11 -14.94
C LYS C 137 -22.51 54.03 -14.76
N LYS C 138 -21.35 53.44 -14.52
CA LYS C 138 -20.14 54.20 -14.36
C LYS C 138 -19.31 54.15 -15.63
N ASN C 139 -19.85 53.47 -16.63
CA ASN C 139 -19.21 53.40 -17.94
C ASN C 139 -17.76 52.92 -17.87
N LEU C 140 -17.59 51.75 -17.25
CA LEU C 140 -16.29 51.08 -17.18
C LEU C 140 -16.35 49.84 -18.04
N GLN C 141 -15.19 49.36 -18.49
CA GLN C 141 -15.10 48.11 -19.21
C GLN C 141 -14.96 46.95 -18.21
N TYR C 142 -15.45 45.77 -18.59
CA TYR C 142 -15.34 44.61 -17.70
C TYR C 142 -14.84 43.37 -18.43
N TYR C 143 -14.14 42.51 -17.69
CA TYR C 143 -13.68 41.23 -18.21
C TYR C 143 -13.60 40.16 -17.13
N ASP C 144 -13.78 38.91 -17.55
CA ASP C 144 -13.58 37.76 -16.69
C ASP C 144 -12.16 37.27 -16.91
N ILE C 145 -11.36 37.19 -15.84
CA ILE C 145 -9.96 36.79 -15.98
C ILE C 145 -9.49 35.73 -15.00
N SER C 146 -8.34 35.14 -15.32
CA SER C 146 -7.69 34.18 -14.43
C SER C 146 -6.18 34.25 -14.62
N ALA C 147 -5.47 34.60 -13.55
CA ALA C 147 -4.02 34.66 -13.59
C ALA C 147 -3.44 33.24 -13.53
N LYS C 148 -4.29 32.28 -13.19
CA LYS C 148 -3.87 30.89 -13.04
C LYS C 148 -4.00 30.10 -14.33
N SER C 149 -4.74 30.63 -15.30
CA SER C 149 -4.96 29.92 -16.55
C SER C 149 -4.78 30.80 -17.78
N ASN C 150 -4.35 32.03 -17.57
CA ASN C 150 -4.18 32.99 -18.67
C ASN C 150 -5.47 33.22 -19.46
N TYR C 151 -6.61 33.07 -18.78
CA TYR C 151 -7.90 33.26 -19.43
C TYR C 151 -8.23 34.74 -19.59
N ASN C 152 -8.48 35.18 -20.81
CA ASN C 152 -8.64 36.60 -21.12
C ASN C 152 -7.50 37.40 -20.50
N PHE C 153 -6.33 36.78 -20.47
CA PHE C 153 -5.13 37.32 -19.82
C PHE C 153 -4.84 38.77 -20.21
N GLU C 154 -4.87 39.05 -21.50
CA GLU C 154 -4.41 40.35 -22.01
C GLU C 154 -5.54 41.30 -22.41
N LYS C 155 -6.76 40.96 -22.04
CA LYS C 155 -7.91 41.80 -22.38
C LYS C 155 -7.82 43.20 -21.77
N PRO C 156 -7.63 43.29 -20.44
CA PRO C 156 -7.58 44.60 -19.78
C PRO C 156 -6.59 45.55 -20.43
N PHE C 157 -5.39 45.04 -20.75
CA PHE C 157 -4.34 45.86 -21.33
C PHE C 157 -4.60 46.20 -22.80
N LEU C 158 -5.12 45.23 -23.55
CA LEU C 158 -5.45 45.45 -24.95
C LEU C 158 -6.49 46.55 -25.10
N TRP C 159 -7.47 46.55 -24.21
CA TRP C 159 -8.55 47.54 -24.24
C TRP C 159 -8.04 48.94 -23.90
N LEU C 160 -7.29 49.05 -22.82
CA LEU C 160 -6.73 50.33 -22.39
C LEU C 160 -5.84 50.93 -23.48
N ALA C 161 -5.13 50.06 -24.20
CA ALA C 161 -4.29 50.48 -25.31
C ALA C 161 -5.14 51.10 -26.43
N ARG C 162 -6.25 50.46 -26.73
CA ARG C 162 -7.17 50.96 -27.74
C ARG C 162 -7.54 52.41 -27.43
N LYS C 163 -7.85 52.67 -26.17
CA LYS C 163 -8.29 54.00 -25.73
C LYS C 163 -7.18 55.03 -25.73
N LEU C 164 -6.03 54.67 -25.16
CA LEU C 164 -4.93 55.62 -25.00
C LEU C 164 -4.28 56.03 -26.32
N ILE C 165 -4.17 55.10 -27.25
CA ILE C 165 -3.57 55.39 -28.55
C ILE C 165 -4.64 55.81 -29.55
N GLY C 166 -5.87 55.97 -29.05
CA GLY C 166 -6.99 56.38 -29.90
C GLY C 166 -7.16 55.53 -31.14
N ASP C 167 -6.89 54.23 -31.02
CA ASP C 167 -7.06 53.31 -32.14
C ASP C 167 -7.85 52.07 -31.73
N PRO C 168 -9.04 51.90 -32.31
CA PRO C 168 -9.92 50.76 -32.03
C PRO C 168 -9.46 49.49 -32.75
N ASN C 169 -8.30 49.53 -33.40
CA ASN C 169 -7.82 48.38 -34.16
C ASN C 169 -6.39 47.96 -33.79
N LEU C 170 -5.92 48.42 -32.65
CA LEU C 170 -4.61 48.01 -32.15
C LEU C 170 -4.62 46.52 -31.83
N GLU C 171 -3.51 45.84 -32.12
CA GLU C 171 -3.40 44.42 -31.85
C GLU C 171 -2.01 44.05 -31.36
N PHE C 172 -1.96 43.26 -30.29
CA PHE C 172 -0.69 42.74 -29.78
C PHE C 172 -0.16 41.68 -30.74
N VAL C 173 1.16 41.66 -30.93
CA VAL C 173 1.77 40.74 -31.88
C VAL C 173 3.05 40.08 -31.35
N ALA C 174 3.72 40.77 -30.43
CA ALA C 174 4.96 40.26 -29.84
C ALA C 174 6.09 40.19 -30.85
N MET C 175 6.25 41.25 -31.64
CA MET C 175 7.35 41.36 -32.58
C MET C 175 8.52 42.06 -31.91
N PRO C 176 9.74 41.51 -32.08
CA PRO C 176 10.95 42.02 -31.44
C PRO C 176 11.03 43.54 -31.44
N LEU D 10 34.37 -69.82 16.43
CA LEU D 10 35.61 -69.05 16.48
C LEU D 10 36.60 -69.57 15.44
N ALA D 11 36.13 -69.88 14.24
CA ALA D 11 37.01 -70.42 13.19
C ALA D 11 37.96 -69.37 12.63
N ASP D 12 39.15 -69.80 12.22
CA ASP D 12 40.18 -68.90 11.73
C ASP D 12 40.07 -68.60 10.23
N HIS D 13 40.89 -67.65 9.78
CA HIS D 13 41.06 -67.34 8.36
C HIS D 13 40.00 -66.41 7.77
N ALA D 14 40.12 -66.16 6.48
CA ALA D 14 39.16 -65.34 5.76
C ALA D 14 37.79 -66.02 5.71
N ALA D 15 37.81 -67.34 5.82
CA ALA D 15 36.65 -68.20 5.58
C ALA D 15 36.22 -68.17 4.12
N ARG D 16 37.20 -68.25 3.22
CA ARG D 16 36.94 -68.15 1.79
C ARG D 16 36.20 -69.37 1.22
N GLN D 17 35.23 -69.10 0.35
CA GLN D 17 34.47 -70.14 -0.32
C GLN D 17 33.99 -69.63 -1.66
N LEU D 18 34.80 -68.78 -2.28
CA LEU D 18 34.50 -68.22 -3.59
C LEU D 18 35.02 -69.17 -4.66
N LEU D 19 35.98 -70.00 -4.28
CA LEU D 19 36.66 -70.90 -5.20
C LEU D 19 35.77 -72.06 -5.62
N ASP D 20 34.93 -71.83 -6.63
CA ASP D 20 34.08 -72.91 -7.14
C ASP D 20 34.75 -73.64 -8.30
N PHE D 21 36.07 -73.66 -8.29
CA PHE D 21 36.84 -74.53 -9.17
C PHE D 21 37.31 -75.70 -8.33
N SER D 22 36.75 -75.80 -7.13
CA SER D 22 37.21 -76.76 -6.13
C SER D 22 36.07 -77.60 -5.54
N GLN D 23 34.83 -77.32 -5.95
CA GLN D 23 33.68 -78.02 -5.42
C GLN D 23 33.57 -77.81 -3.91
N LYS D 24 33.02 -76.67 -3.51
CA LYS D 24 33.03 -76.25 -2.10
C LYS D 24 32.09 -77.05 -1.20
N LEU D 25 32.50 -77.20 0.06
CA LEU D 25 31.72 -77.94 1.06
C LEU D 25 30.56 -77.11 1.59
N ASP D 26 30.00 -77.56 2.71
CA ASP D 26 28.84 -76.87 3.29
C ASP D 26 28.98 -76.68 4.80
N ILE D 27 29.78 -77.51 5.45
CA ILE D 27 29.96 -77.42 6.89
C ILE D 27 30.71 -76.13 7.26
N ASN D 28 31.43 -75.56 6.30
CA ASN D 28 32.15 -74.32 6.52
C ASN D 28 31.25 -73.09 6.45
N LEU D 29 30.64 -72.87 5.30
CA LEU D 29 29.66 -71.81 5.14
C LEU D 29 28.67 -71.82 6.30
N LEU D 30 28.32 -73.03 6.75
CA LEU D 30 27.36 -73.19 7.85
C LEU D 30 27.86 -72.55 9.13
N ASP D 31 29.19 -72.39 9.22
CA ASP D 31 29.80 -71.82 10.40
C ASP D 31 29.80 -70.30 10.36
N ASN D 32 30.11 -69.75 9.19
CA ASN D 32 30.16 -68.30 9.02
C ASN D 32 28.81 -67.65 9.30
N VAL D 33 27.75 -68.23 8.75
CA VAL D 33 26.40 -67.73 8.95
C VAL D 33 26.08 -67.65 10.45
N VAL D 34 26.49 -68.67 11.19
CA VAL D 34 26.28 -68.71 12.63
C VAL D 34 27.04 -67.59 13.32
N ASN D 35 28.09 -67.09 12.67
CA ASN D 35 28.84 -65.96 13.22
C ASN D 35 28.22 -64.63 12.82
N CYS D 36 27.74 -64.55 11.59
CA CYS D 36 27.05 -63.36 11.09
C CYS D 36 25.84 -63.03 11.94
N LEU D 37 25.39 -64.02 12.72
CA LEU D 37 24.19 -63.85 13.52
C LEU D 37 24.45 -63.94 15.02
N TYR D 38 25.71 -64.14 15.40
CA TYR D 38 26.02 -64.38 16.82
C TYR D 38 27.29 -63.76 17.42
N HIS D 39 28.40 -63.77 16.68
CA HIS D 39 29.70 -63.53 17.31
C HIS D 39 30.12 -62.07 17.62
N GLY D 40 30.13 -61.19 16.63
CA GLY D 40 30.46 -59.79 16.89
C GLY D 40 31.40 -59.15 15.88
N GLU D 41 32.58 -58.74 16.34
CA GLU D 41 33.59 -58.19 15.45
C GLU D 41 33.93 -59.21 14.37
N GLY D 42 33.73 -60.48 14.69
CA GLY D 42 33.86 -61.52 13.69
C GLY D 42 32.86 -61.31 12.58
N ALA D 43 31.62 -60.98 12.96
CA ALA D 43 30.54 -60.77 11.99
C ALA D 43 30.91 -59.75 10.92
N GLN D 44 31.86 -58.87 11.23
CA GLN D 44 32.32 -57.88 10.25
C GLN D 44 32.89 -58.59 9.03
N GLN D 45 33.72 -59.60 9.27
CA GLN D 45 34.31 -60.39 8.19
C GLN D 45 33.37 -61.49 7.71
N ARG D 46 32.43 -61.89 8.57
CA ARG D 46 31.44 -62.90 8.21
C ARG D 46 30.48 -62.34 7.16
N MET D 47 29.96 -61.15 7.41
CA MET D 47 29.08 -60.48 6.47
C MET D 47 29.86 -60.04 5.24
N ALA D 48 31.13 -59.73 5.43
CA ALA D 48 31.98 -59.23 4.35
C ALA D 48 32.28 -60.29 3.30
N GLN D 49 31.99 -61.55 3.63
CA GLN D 49 32.31 -62.66 2.72
C GLN D 49 31.06 -63.21 2.05
N GLU D 50 29.97 -63.27 2.81
CA GLU D 50 28.70 -63.77 2.30
C GLU D 50 28.09 -62.78 1.31
N VAL D 51 28.32 -61.50 1.55
CA VAL D 51 27.90 -60.48 0.59
C VAL D 51 28.68 -60.65 -0.71
N LEU D 52 29.90 -61.17 -0.61
CA LEU D 52 30.75 -61.38 -1.77
C LEU D 52 30.42 -62.65 -2.54
N THR D 53 29.94 -63.67 -1.84
CA THR D 53 29.61 -64.95 -2.47
C THR D 53 28.72 -64.77 -3.71
N HIS D 54 28.02 -63.66 -3.76
CA HIS D 54 27.15 -63.36 -4.90
C HIS D 54 27.96 -62.91 -6.12
N LEU D 55 28.79 -63.81 -6.63
CA LEU D 55 29.66 -63.53 -7.76
C LEU D 55 29.08 -64.07 -9.08
N LYS D 56 29.38 -65.32 -9.42
CA LYS D 56 28.93 -65.86 -10.71
C LYS D 56 27.47 -66.29 -10.70
N GLU D 57 27.11 -67.20 -9.79
CA GLU D 57 25.80 -67.82 -9.92
C GLU D 57 25.28 -68.61 -8.72
N HIS D 58 24.27 -69.43 -8.99
CA HIS D 58 23.58 -70.22 -7.97
C HIS D 58 23.85 -71.73 -8.12
N PRO D 59 25.13 -72.11 -8.23
CA PRO D 59 25.43 -73.54 -8.36
C PRO D 59 25.29 -74.23 -7.02
N ASP D 60 25.70 -73.54 -5.97
CA ASP D 60 25.67 -74.07 -4.61
C ASP D 60 24.24 -74.10 -4.09
N ALA D 61 23.33 -73.47 -4.82
CA ALA D 61 21.93 -73.40 -4.42
C ALA D 61 21.37 -74.79 -4.07
N TRP D 62 21.47 -75.72 -5.01
CA TRP D 62 20.99 -77.08 -4.77
C TRP D 62 21.69 -77.68 -3.55
N THR D 63 22.97 -77.98 -3.69
CA THR D 63 23.77 -78.62 -2.65
C THR D 63 23.49 -78.07 -1.24
N ARG D 64 23.19 -76.78 -1.16
CA ARG D 64 23.00 -76.13 0.13
C ARG D 64 21.63 -76.40 0.74
N VAL D 65 20.59 -75.96 0.05
CA VAL D 65 19.23 -76.19 0.52
C VAL D 65 18.99 -77.68 0.69
N ASP D 66 19.67 -78.47 -0.13
CA ASP D 66 19.55 -79.92 -0.09
C ASP D 66 20.24 -80.55 1.12
N THR D 67 21.45 -80.08 1.42
CA THR D 67 22.28 -80.73 2.44
C THR D 67 21.68 -80.84 3.84
N ILE D 68 21.07 -79.77 4.34
CA ILE D 68 20.55 -79.81 5.70
C ILE D 68 19.08 -80.23 5.81
N LEU D 69 18.88 -81.55 5.88
CA LEU D 69 17.57 -82.13 6.10
C LEU D 69 17.47 -82.75 7.49
N ASN D 74 20.33 -75.03 10.80
CA ASN D 74 20.64 -74.00 9.81
C ASN D 74 19.61 -73.75 8.71
N MET D 75 18.36 -73.56 9.14
CA MET D 75 17.36 -72.96 8.26
C MET D 75 17.88 -71.58 7.87
N ASN D 76 18.65 -70.97 8.77
CA ASN D 76 19.26 -69.68 8.51
C ASN D 76 20.18 -69.77 7.31
N THR D 77 20.89 -70.90 7.20
CA THR D 77 21.78 -71.14 6.08
C THR D 77 21.03 -71.48 4.80
N LYS D 78 19.82 -72.00 4.96
CA LYS D 78 18.98 -72.27 3.80
C LYS D 78 18.34 -70.98 3.32
N TYR D 79 17.87 -70.16 4.26
CA TYR D 79 17.34 -68.85 3.93
C TYR D 79 18.33 -68.12 3.03
N TYR D 80 19.60 -68.17 3.41
CA TYR D 80 20.66 -67.53 2.64
C TYR D 80 20.68 -68.06 1.21
N GLY D 81 20.69 -69.38 1.08
CA GLY D 81 20.69 -70.01 -0.23
C GLY D 81 19.52 -69.56 -1.08
N LEU D 82 18.37 -69.38 -0.43
CA LEU D 82 17.15 -68.96 -1.12
C LEU D 82 17.28 -67.58 -1.76
N GLN D 83 17.93 -66.65 -1.06
CA GLN D 83 18.13 -65.31 -1.58
C GLN D 83 18.84 -65.35 -2.92
N ILE D 84 19.85 -66.21 -3.02
CA ILE D 84 20.60 -66.37 -4.26
C ILE D 84 19.66 -66.88 -5.35
N LEU D 85 18.91 -67.94 -5.01
CA LEU D 85 17.91 -68.48 -5.92
C LEU D 85 16.92 -67.40 -6.32
N GLU D 86 16.49 -66.61 -5.33
CA GLU D 86 15.51 -65.55 -5.54
C GLU D 86 16.03 -64.53 -6.56
N ASN D 87 17.29 -64.14 -6.40
CA ASN D 87 17.91 -63.19 -7.32
C ASN D 87 17.92 -63.69 -8.75
N VAL D 88 18.24 -64.98 -8.92
CA VAL D 88 18.28 -65.59 -10.24
C VAL D 88 16.96 -65.45 -10.98
N ILE D 89 15.86 -65.68 -10.26
CA ILE D 89 14.53 -65.64 -10.84
C ILE D 89 14.12 -64.23 -11.23
N LYS D 90 14.66 -63.24 -10.55
CA LYS D 90 14.33 -61.85 -10.81
C LYS D 90 15.30 -61.21 -11.80
N THR D 91 16.38 -61.91 -12.12
CA THR D 91 17.42 -61.36 -12.97
C THR D 91 17.50 -62.01 -14.36
N ARG D 92 17.91 -63.27 -14.41
CA ARG D 92 18.14 -63.94 -15.69
C ARG D 92 17.11 -65.02 -16.02
N TRP D 93 16.00 -65.04 -15.31
CA TRP D 93 14.97 -66.04 -15.54
C TRP D 93 14.57 -66.12 -17.02
N LYS D 94 14.34 -64.97 -17.63
CA LYS D 94 13.86 -64.92 -19.00
C LYS D 94 14.83 -65.47 -20.03
N ILE D 95 16.13 -65.40 -19.73
CA ILE D 95 17.14 -65.95 -20.64
C ILE D 95 17.67 -67.31 -20.19
N LEU D 96 16.96 -67.93 -19.25
CA LEU D 96 17.27 -69.30 -18.86
C LEU D 96 16.72 -70.25 -19.92
N PRO D 97 17.38 -71.40 -20.09
CA PRO D 97 16.80 -72.43 -20.97
C PRO D 97 15.46 -72.86 -20.38
N ARG D 98 14.42 -72.90 -21.20
CA ARG D 98 13.08 -73.19 -20.71
C ARG D 98 13.06 -74.39 -19.77
N ASN D 99 13.66 -75.49 -20.21
CA ASN D 99 13.72 -76.69 -19.39
C ASN D 99 14.25 -76.41 -17.98
N GLN D 100 15.19 -75.48 -17.87
CA GLN D 100 15.76 -75.10 -16.58
C GLN D 100 14.76 -74.35 -15.72
N CYS D 101 14.08 -73.38 -16.32
CA CYS D 101 13.03 -72.65 -15.63
C CYS D 101 12.08 -73.65 -14.97
N GLU D 102 11.53 -74.53 -15.80
CA GLU D 102 10.59 -75.54 -15.33
C GLU D 102 11.21 -76.42 -14.27
N GLY D 103 12.53 -76.64 -14.37
CA GLY D 103 13.24 -77.41 -13.38
C GLY D 103 13.17 -76.76 -12.01
N ILE D 104 13.18 -75.43 -11.99
CA ILE D 104 13.04 -74.68 -10.75
C ILE D 104 11.59 -74.68 -10.28
N LYS D 105 10.65 -74.52 -11.21
CA LYS D 105 9.23 -74.54 -10.88
C LYS D 105 8.91 -75.71 -9.96
N LYS D 106 9.23 -76.91 -10.42
CA LYS D 106 8.96 -78.12 -9.67
C LYS D 106 9.85 -78.20 -8.43
N TYR D 107 11.09 -77.73 -8.58
CA TYR D 107 12.02 -77.71 -7.46
C TYR D 107 11.46 -76.87 -6.31
N VAL D 108 10.77 -75.78 -6.65
CA VAL D 108 10.18 -74.91 -5.65
C VAL D 108 8.82 -75.41 -5.18
N VAL D 109 7.91 -75.65 -6.12
CA VAL D 109 6.59 -76.14 -5.78
C VAL D 109 6.70 -77.34 -4.84
N GLY D 110 7.56 -78.29 -5.20
CA GLY D 110 7.79 -79.46 -4.39
C GLY D 110 8.43 -79.13 -3.06
N LEU D 111 9.48 -78.32 -3.12
CA LEU D 111 10.16 -77.86 -1.91
C LEU D 111 9.15 -77.26 -0.95
N ILE D 112 8.18 -76.53 -1.50
CA ILE D 112 7.08 -75.96 -0.72
C ILE D 112 6.20 -77.07 -0.16
N ILE D 113 5.58 -77.83 -1.05
CA ILE D 113 4.74 -78.97 -0.66
C ILE D 113 5.40 -79.74 0.47
N LYS D 114 6.68 -80.04 0.30
CA LYS D 114 7.46 -80.77 1.30
C LYS D 114 7.30 -80.18 2.71
N THR D 115 7.89 -79.01 2.92
CA THR D 115 7.99 -78.43 4.26
C THR D 115 6.64 -78.17 4.90
N SER D 116 5.59 -78.04 4.09
CA SER D 116 4.24 -77.84 4.62
C SER D 116 3.64 -79.18 5.06
N SER D 117 4.47 -80.01 5.69
CA SER D 117 4.05 -81.34 6.12
C SER D 117 4.61 -81.68 7.50
N ASP D 118 5.84 -81.23 7.77
CA ASP D 118 6.49 -81.51 9.04
C ASP D 118 5.50 -81.56 10.19
N PRO D 119 5.43 -82.72 10.87
CA PRO D 119 4.65 -82.80 12.12
C PRO D 119 5.23 -81.80 13.11
N THR D 120 6.30 -81.15 12.68
CA THR D 120 7.09 -80.25 13.52
C THR D 120 7.74 -79.15 12.66
N CYS D 121 7.01 -78.06 12.44
CA CYS D 121 7.47 -77.02 11.49
C CYS D 121 7.27 -75.58 11.96
N VAL D 122 5.98 -75.44 12.43
CA VAL D 122 5.66 -74.24 13.17
C VAL D 122 6.94 -73.86 13.89
N GLU D 123 7.88 -74.81 13.87
CA GLU D 123 9.21 -74.63 14.43
C GLU D 123 10.20 -74.23 13.35
N LYS D 124 10.27 -75.01 12.28
CA LYS D 124 11.03 -74.61 11.10
C LYS D 124 10.39 -73.33 10.61
N GLU D 125 10.76 -72.24 11.27
CA GLU D 125 10.06 -70.97 11.24
C GLU D 125 9.21 -70.68 9.99
N LYS D 126 8.16 -69.93 10.24
CA LYS D 126 7.21 -69.53 9.22
C LYS D 126 8.04 -68.69 8.29
N VAL D 127 9.20 -68.26 8.75
CA VAL D 127 10.10 -67.46 7.94
C VAL D 127 10.58 -68.22 6.71
N TYR D 128 11.04 -69.46 6.90
CA TYR D 128 11.56 -70.24 5.79
C TYR D 128 10.50 -70.54 4.74
N ILE D 129 9.32 -70.93 5.20
CA ILE D 129 8.20 -71.22 4.32
C ILE D 129 7.80 -69.95 3.61
N GLY D 130 7.80 -68.85 4.37
CA GLY D 130 7.40 -67.54 3.88
C GLY D 130 8.32 -67.08 2.79
N LYS D 131 9.61 -67.28 3.00
CA LYS D 131 10.55 -66.94 1.93
C LYS D 131 10.32 -67.83 0.72
N LEU D 132 10.14 -69.12 0.96
CA LEU D 132 9.81 -70.08 -0.10
C LEU D 132 8.57 -69.63 -0.87
N ASN D 133 7.47 -69.47 -0.16
CA ASN D 133 6.24 -68.96 -0.76
C ASN D 133 6.52 -67.71 -1.60
N MET D 134 7.36 -66.83 -1.04
CA MET D 134 7.70 -65.58 -1.69
C MET D 134 8.41 -65.81 -3.01
N ILE D 135 9.29 -66.81 -3.03
CA ILE D 135 10.01 -67.18 -4.24
C ILE D 135 9.05 -67.65 -5.32
N LEU D 136 8.05 -68.44 -4.91
CA LEU D 136 7.03 -68.93 -5.83
C LEU D 136 6.28 -67.76 -6.47
N VAL D 137 5.87 -66.81 -5.65
CA VAL D 137 5.24 -65.59 -6.15
C VAL D 137 6.22 -64.87 -7.07
N GLN D 138 7.49 -64.90 -6.71
CA GLN D 138 8.53 -64.29 -7.53
C GLN D 138 8.54 -64.93 -8.92
N ILE D 139 8.33 -66.25 -8.94
CA ILE D 139 8.27 -66.98 -10.20
C ILE D 139 6.98 -66.68 -10.96
N LEU D 140 5.85 -66.77 -10.27
CA LEU D 140 4.56 -66.46 -10.88
C LEU D 140 4.65 -65.12 -11.59
N LYS D 141 5.24 -64.14 -10.91
CA LYS D 141 5.45 -62.81 -11.45
C LYS D 141 6.02 -62.88 -12.87
N GLN D 142 6.80 -63.92 -13.14
CA GLN D 142 7.56 -64.00 -14.38
C GLN D 142 6.92 -64.84 -15.49
N GLU D 143 5.85 -65.56 -15.18
CA GLU D 143 5.23 -66.42 -16.20
C GLU D 143 3.80 -66.87 -15.89
N TRP D 144 3.37 -66.70 -14.65
CA TRP D 144 2.07 -67.21 -14.18
C TRP D 144 1.03 -67.45 -15.27
N PRO D 145 0.65 -66.39 -16.00
CA PRO D 145 -0.40 -66.59 -17.01
C PRO D 145 0.04 -67.49 -18.17
N LYS D 146 0.99 -67.01 -18.97
CA LYS D 146 1.37 -67.69 -20.20
C LYS D 146 1.85 -69.13 -20.04
N HIS D 147 2.81 -69.35 -19.13
CA HIS D 147 3.48 -70.64 -19.05
C HIS D 147 3.16 -71.43 -17.79
N TRP D 148 2.19 -70.96 -17.01
CA TRP D 148 1.75 -71.64 -15.80
C TRP D 148 0.23 -71.60 -15.79
N PRO D 149 -0.42 -71.99 -16.90
CA PRO D 149 -1.84 -71.74 -17.12
C PRO D 149 -2.75 -72.35 -16.06
N THR D 150 -2.49 -73.60 -15.70
CA THR D 150 -3.34 -74.34 -14.77
C THR D 150 -3.08 -73.96 -13.31
N PHE D 151 -2.23 -72.97 -13.07
CA PHE D 151 -1.84 -72.62 -11.71
C PHE D 151 -3.01 -72.34 -10.78
N ILE D 152 -3.76 -71.27 -11.08
CA ILE D 152 -4.84 -70.83 -10.22
C ILE D 152 -5.81 -71.96 -9.88
N SER D 153 -6.11 -72.80 -10.87
CA SER D 153 -7.05 -73.90 -10.68
C SER D 153 -6.45 -75.00 -9.80
N ASP D 154 -5.24 -75.42 -10.14
CA ASP D 154 -4.53 -76.46 -9.39
C ASP D 154 -4.45 -76.16 -7.89
N ILE D 155 -4.04 -74.94 -7.57
CA ILE D 155 -3.88 -74.55 -6.18
C ILE D 155 -5.21 -74.54 -5.43
N VAL D 156 -6.30 -74.31 -6.15
CA VAL D 156 -7.63 -74.38 -5.55
C VAL D 156 -7.95 -75.82 -5.18
N GLY D 157 -7.87 -76.71 -6.17
CA GLY D 157 -8.10 -78.12 -5.94
C GLY D 157 -7.25 -78.65 -4.81
N ALA D 158 -5.97 -78.29 -4.82
CA ALA D 158 -5.03 -78.75 -3.78
C ALA D 158 -5.46 -78.28 -2.41
N SER D 159 -6.13 -77.13 -2.35
CA SER D 159 -6.62 -76.59 -1.09
C SER D 159 -7.83 -77.36 -0.60
N ARG D 160 -8.62 -77.88 -1.54
CA ARG D 160 -9.88 -78.55 -1.19
C ARG D 160 -9.68 -80.01 -0.78
N THR D 161 -8.45 -80.50 -0.90
CA THR D 161 -8.14 -81.86 -0.50
C THR D 161 -7.36 -81.88 0.82
N SER D 162 -6.32 -81.06 0.89
CA SER D 162 -5.52 -80.93 2.09
C SER D 162 -5.75 -79.59 2.77
N GLU D 163 -6.10 -79.64 4.05
CA GLU D 163 -6.31 -78.45 4.84
C GLU D 163 -4.98 -77.70 4.99
N SER D 164 -3.92 -78.47 5.20
CA SER D 164 -2.58 -77.91 5.31
C SER D 164 -2.19 -77.22 4.01
N LEU D 165 -2.24 -77.96 2.90
CA LEU D 165 -1.91 -77.42 1.59
C LEU D 165 -2.91 -76.35 1.18
N CYS D 166 -3.87 -76.07 2.05
CA CYS D 166 -4.81 -74.99 1.84
C CYS D 166 -4.36 -73.76 2.61
N GLN D 167 -4.13 -73.95 3.90
CA GLN D 167 -3.73 -72.86 4.79
C GLN D 167 -2.59 -72.05 4.18
N ASN D 168 -1.50 -72.74 3.84
CA ASN D 168 -0.34 -72.10 3.24
C ASN D 168 -0.68 -71.40 1.92
N ASN D 169 -1.55 -72.02 1.12
CA ASN D 169 -1.99 -71.41 -0.13
C ASN D 169 -2.70 -70.08 0.09
N MET D 170 -3.45 -69.98 1.19
CA MET D 170 -4.10 -68.72 1.56
C MET D 170 -3.04 -67.65 1.80
N VAL D 171 -1.82 -68.09 2.04
CA VAL D 171 -0.69 -67.19 2.23
C VAL D 171 -0.04 -66.89 0.88
N ILE D 172 -0.03 -67.89 0.00
CA ILE D 172 0.54 -67.71 -1.33
C ILE D 172 -0.25 -66.66 -2.11
N LEU D 173 -1.56 -66.66 -1.94
CA LEU D 173 -2.43 -65.71 -2.62
C LEU D 173 -2.26 -64.30 -2.05
N LYS D 174 -2.11 -64.21 -0.74
CA LYS D 174 -1.94 -62.91 -0.09
C LYS D 174 -0.69 -62.20 -0.60
N LEU D 175 0.38 -62.97 -0.77
CA LEU D 175 1.64 -62.42 -1.28
C LEU D 175 1.48 -61.99 -2.73
N LEU D 176 0.87 -62.85 -3.53
CA LEU D 176 0.67 -62.58 -4.95
C LEU D 176 -0.16 -61.31 -5.13
N SER D 177 -1.15 -61.14 -4.25
CA SER D 177 -2.03 -59.98 -4.30
C SER D 177 -1.25 -58.69 -3.99
N GLU D 178 -0.44 -58.73 -2.94
CA GLU D 178 0.37 -57.58 -2.56
C GLU D 178 1.35 -57.21 -3.67
N GLU D 179 2.00 -58.21 -4.25
CA GLU D 179 3.02 -58.00 -5.26
C GLU D 179 2.46 -57.48 -6.59
N VAL D 180 1.18 -57.74 -6.84
CA VAL D 180 0.57 -57.34 -8.09
C VAL D 180 -0.24 -56.05 -7.95
N PHE D 181 -0.84 -55.85 -6.79
CA PHE D 181 -1.74 -54.71 -6.58
C PHE D 181 -1.21 -53.66 -5.60
N ASP D 182 -0.33 -54.07 -4.69
CA ASP D 182 0.12 -53.18 -3.61
C ASP D 182 1.54 -52.66 -3.79
N PHE D 183 2.40 -53.44 -4.44
CA PHE D 183 3.80 -53.07 -4.57
C PHE D 183 4.33 -53.22 -5.99
N SER D 184 3.44 -53.17 -6.97
CA SER D 184 3.81 -53.32 -8.37
C SER D 184 4.53 -52.08 -8.89
N SER D 185 4.02 -50.91 -8.52
CA SER D 185 4.60 -49.66 -8.98
C SER D 185 6.06 -49.52 -8.58
N GLY D 186 6.94 -49.50 -9.56
CA GLY D 186 8.37 -49.36 -9.32
C GLY D 186 9.15 -50.64 -9.58
N GLN D 187 8.54 -51.78 -9.24
CA GLN D 187 9.18 -53.07 -9.39
C GLN D 187 8.66 -53.83 -10.60
N ILE D 188 7.60 -53.32 -11.20
CA ILE D 188 7.02 -53.90 -12.41
C ILE D 188 6.74 -52.80 -13.42
N THR D 189 6.94 -53.09 -14.70
CA THR D 189 6.65 -52.12 -15.75
C THR D 189 5.15 -51.87 -15.81
N GLN D 190 4.77 -50.69 -16.31
CA GLN D 190 3.38 -50.27 -16.33
C GLN D 190 2.44 -51.23 -17.04
N VAL D 191 2.85 -51.70 -18.21
CA VAL D 191 1.98 -52.55 -19.03
C VAL D 191 1.92 -54.00 -18.57
N LYS D 192 3.01 -54.50 -18.00
CA LYS D 192 3.04 -55.87 -17.51
C LYS D 192 2.16 -56.04 -16.27
N ALA D 193 2.15 -55.01 -15.44
CA ALA D 193 1.34 -55.02 -14.22
C ALA D 193 -0.15 -55.03 -14.55
N LYS D 194 -0.53 -54.34 -15.62
CA LYS D 194 -1.93 -54.31 -16.04
C LYS D 194 -2.34 -55.69 -16.55
N HIS D 195 -1.44 -56.34 -17.27
CA HIS D 195 -1.65 -57.71 -17.74
C HIS D 195 -1.82 -58.67 -16.57
N LEU D 196 -1.05 -58.46 -15.51
CA LEU D 196 -1.18 -59.26 -14.29
C LEU D 196 -2.46 -58.90 -13.53
N LYS D 197 -2.74 -57.60 -13.45
CA LYS D 197 -3.95 -57.14 -12.79
C LYS D 197 -5.18 -57.79 -13.39
N ASP D 198 -5.21 -57.86 -14.72
CA ASP D 198 -6.30 -58.52 -15.43
C ASP D 198 -6.34 -60.00 -15.08
N SER D 199 -5.21 -60.68 -15.27
CA SER D 199 -5.11 -62.11 -15.02
C SER D 199 -5.66 -62.47 -13.63
N MET D 200 -5.41 -61.62 -12.65
CA MET D 200 -5.91 -61.85 -11.29
C MET D 200 -7.42 -61.66 -11.23
N CYS D 201 -7.91 -60.64 -11.92
CA CYS D 201 -9.34 -60.34 -11.94
C CYS D 201 -10.11 -61.42 -12.71
N ASN D 202 -9.66 -61.72 -13.91
CA ASN D 202 -10.33 -62.68 -14.78
C ASN D 202 -10.53 -64.05 -14.15
N GLU D 203 -9.74 -64.36 -13.12
CA GLU D 203 -9.77 -65.69 -12.50
C GLU D 203 -9.91 -65.63 -10.98
N PHE D 204 -10.54 -64.58 -10.46
CA PHE D 204 -10.68 -64.42 -9.02
C PHE D 204 -11.89 -65.13 -8.41
N SER D 205 -12.97 -65.23 -9.18
CA SER D 205 -14.18 -65.90 -8.68
C SER D 205 -13.85 -67.27 -8.09
N GLN D 206 -13.11 -68.08 -8.86
CA GLN D 206 -12.70 -69.39 -8.42
C GLN D 206 -12.10 -69.34 -7.02
N ILE D 207 -11.24 -68.35 -6.79
CA ILE D 207 -10.55 -68.20 -5.51
C ILE D 207 -11.47 -67.67 -4.41
N PHE D 208 -12.45 -66.85 -4.80
CA PHE D 208 -13.39 -66.30 -3.84
C PHE D 208 -14.26 -67.42 -3.27
N GLN D 209 -14.67 -68.35 -4.14
CA GLN D 209 -15.44 -69.52 -3.72
C GLN D 209 -14.70 -70.23 -2.61
N LEU D 210 -13.39 -70.36 -2.79
CA LEU D 210 -12.54 -71.04 -1.82
C LEU D 210 -12.65 -70.37 -0.46
N CYS D 211 -12.25 -69.11 -0.39
CA CYS D 211 -12.33 -68.34 0.84
C CYS D 211 -13.71 -68.47 1.48
N GLN D 212 -14.74 -68.24 0.66
CA GLN D 212 -16.12 -68.32 1.12
C GLN D 212 -16.43 -69.68 1.74
N PHE D 213 -16.13 -70.75 1.00
CA PHE D 213 -16.36 -72.11 1.49
C PHE D 213 -15.68 -72.34 2.83
N VAL D 214 -14.43 -71.88 2.95
CA VAL D 214 -13.66 -72.02 4.17
C VAL D 214 -14.36 -71.35 5.35
N MET D 215 -14.83 -70.13 5.13
CA MET D 215 -15.48 -69.34 6.18
C MET D 215 -16.77 -69.96 6.71
N GLU D 216 -17.53 -70.62 5.84
CA GLU D 216 -18.82 -71.18 6.22
C GLU D 216 -18.71 -72.60 6.79
N ASN D 217 -17.58 -73.25 6.60
CA ASN D 217 -17.46 -74.67 6.96
C ASN D 217 -16.23 -75.07 7.79
N SER D 218 -15.09 -74.47 7.52
CA SER D 218 -13.82 -74.86 8.16
C SER D 218 -13.81 -74.64 9.67
N GLN D 219 -13.59 -75.71 10.42
CA GLN D 219 -13.58 -75.64 11.89
C GLN D 219 -12.19 -75.25 12.42
N ASN D 220 -11.19 -75.31 11.55
CA ASN D 220 -9.82 -74.99 11.92
C ASN D 220 -9.57 -73.50 12.04
N ALA D 221 -9.06 -73.07 13.19
CA ALA D 221 -8.85 -71.64 13.46
C ALA D 221 -7.73 -71.01 12.63
N PRO D 222 -6.51 -71.57 12.70
CA PRO D 222 -5.39 -71.01 11.93
C PRO D 222 -5.73 -70.85 10.45
N LEU D 223 -6.24 -71.91 9.83
CA LEU D 223 -6.65 -71.86 8.43
C LEU D 223 -7.64 -70.72 8.20
N VAL D 224 -8.60 -70.58 9.11
CA VAL D 224 -9.62 -69.54 8.99
C VAL D 224 -9.04 -68.14 9.13
N HIS D 225 -8.28 -67.92 10.19
CA HIS D 225 -7.68 -66.61 10.44
C HIS D 225 -6.81 -66.16 9.27
N ALA D 226 -6.07 -67.09 8.70
CA ALA D 226 -5.21 -66.78 7.56
C ALA D 226 -6.03 -66.55 6.30
N THR D 227 -7.28 -66.99 6.32
CA THR D 227 -8.19 -66.75 5.20
C THR D 227 -8.86 -65.40 5.36
N LEU D 228 -9.12 -65.00 6.60
CA LEU D 228 -9.62 -63.65 6.88
C LEU D 228 -8.52 -62.64 6.60
N GLU D 229 -7.28 -63.03 6.88
CA GLU D 229 -6.14 -62.16 6.64
C GLU D 229 -5.90 -62.00 5.15
N THR D 230 -5.97 -63.10 4.42
CA THR D 230 -5.80 -63.06 2.97
C THR D 230 -6.97 -62.30 2.34
N LEU D 231 -8.05 -62.18 3.10
CA LEU D 231 -9.23 -61.44 2.66
C LEU D 231 -9.02 -59.94 2.84
N LEU D 232 -8.31 -59.57 3.91
CA LEU D 232 -8.03 -58.17 4.21
C LEU D 232 -7.15 -57.53 3.13
N ARG D 233 -6.37 -58.36 2.44
CA ARG D 233 -5.48 -57.88 1.40
C ARG D 233 -6.20 -57.81 0.05
N PHE D 234 -7.38 -58.39 -0.01
CA PHE D 234 -8.16 -58.47 -1.24
C PHE D 234 -9.08 -57.26 -1.42
N LEU D 235 -9.55 -56.72 -0.30
CA LEU D 235 -10.50 -55.62 -0.32
C LEU D 235 -9.88 -54.32 -0.83
N ASN D 236 -8.66 -54.41 -1.37
CA ASN D 236 -7.99 -53.26 -1.95
C ASN D 236 -8.25 -53.14 -3.45
N TRP D 237 -8.83 -54.19 -4.04
CA TRP D 237 -9.02 -54.19 -5.50
C TRP D 237 -10.17 -55.04 -6.04
N ILE D 238 -10.60 -56.06 -5.30
CA ILE D 238 -11.64 -56.94 -5.84
C ILE D 238 -12.89 -56.17 -6.23
N PRO D 239 -13.49 -56.52 -7.37
CA PRO D 239 -14.70 -55.86 -7.86
C PRO D 239 -15.78 -55.75 -6.78
N LEU D 240 -16.31 -54.54 -6.58
CA LEU D 240 -17.25 -54.27 -5.51
C LEU D 240 -18.32 -55.34 -5.36
N GLY D 241 -18.74 -55.91 -6.48
CA GLY D 241 -19.78 -56.92 -6.48
C GLY D 241 -19.57 -57.97 -5.41
N TYR D 242 -18.32 -58.39 -5.24
CA TYR D 242 -18.00 -59.47 -4.30
C TYR D 242 -18.27 -59.06 -2.86
N ILE D 243 -18.19 -57.76 -2.58
CA ILE D 243 -18.40 -57.27 -1.23
C ILE D 243 -19.86 -57.02 -0.90
N PHE D 244 -20.52 -56.19 -1.71
CA PHE D 244 -21.85 -55.72 -1.36
C PHE D 244 -23.00 -56.55 -1.95
N GLU D 245 -22.71 -57.33 -2.98
CA GLU D 245 -23.75 -58.15 -3.61
C GLU D 245 -23.58 -59.64 -3.29
N THR D 246 -22.90 -59.92 -2.18
CA THR D 246 -22.77 -61.28 -1.68
C THR D 246 -23.17 -61.34 -0.21
N LYS D 247 -22.70 -62.36 0.49
CA LYS D 247 -23.03 -62.52 1.91
C LYS D 247 -21.78 -62.29 2.76
N LEU D 248 -20.79 -61.64 2.15
CA LEU D 248 -19.51 -61.40 2.79
C LEU D 248 -19.62 -60.58 4.07
N ILE D 249 -20.29 -59.44 3.99
CA ILE D 249 -20.43 -58.56 5.15
C ILE D 249 -21.18 -59.28 6.28
N SER D 250 -22.24 -59.99 5.92
CA SER D 250 -23.06 -60.70 6.89
C SER D 250 -22.26 -61.80 7.60
N THR D 251 -21.38 -62.46 6.86
CA THR D 251 -20.54 -63.50 7.43
C THR D 251 -19.62 -62.94 8.52
N LEU D 252 -18.94 -61.85 8.20
CA LEU D 252 -17.97 -61.24 9.12
C LEU D 252 -18.63 -60.77 10.42
N ILE D 253 -19.79 -60.12 10.30
CA ILE D 253 -20.47 -59.53 11.45
C ILE D 253 -21.10 -60.55 12.40
N TYR D 254 -21.80 -61.53 11.85
CA TYR D 254 -22.47 -62.54 12.68
C TYR D 254 -21.52 -63.62 13.20
N LYS D 255 -20.53 -63.97 12.40
CA LYS D 255 -19.72 -65.16 12.67
C LYS D 255 -18.32 -64.89 13.25
N PHE D 256 -17.60 -63.95 12.68
CA PHE D 256 -16.18 -63.78 13.02
C PHE D 256 -15.86 -62.63 13.98
N LEU D 257 -16.76 -61.67 14.10
CA LEU D 257 -16.48 -60.48 14.88
C LEU D 257 -16.68 -60.70 16.39
N ASN D 258 -17.69 -61.48 16.74
CA ASN D 258 -18.04 -61.70 18.14
C ASN D 258 -16.99 -62.51 18.93
N VAL D 259 -16.26 -63.38 18.23
CA VAL D 259 -15.26 -64.23 18.89
C VAL D 259 -13.92 -63.50 19.02
N PRO D 260 -13.28 -63.64 20.20
CA PRO D 260 -12.03 -62.98 20.57
C PRO D 260 -10.92 -63.03 19.52
N MET D 261 -10.42 -64.23 19.21
CA MET D 261 -9.25 -64.34 18.34
C MET D 261 -9.52 -64.01 16.88
N PHE D 262 -10.64 -63.32 16.61
CA PHE D 262 -10.98 -62.93 15.25
C PHE D 262 -11.54 -61.51 15.18
N ARG D 263 -11.83 -60.92 16.35
CA ARG D 263 -12.45 -59.60 16.40
C ARG D 263 -11.66 -58.52 15.68
N ASN D 264 -10.33 -58.63 15.69
CA ASN D 264 -9.51 -57.62 15.05
C ASN D 264 -9.49 -57.71 13.52
N VAL D 265 -9.10 -58.85 13.00
CA VAL D 265 -9.09 -59.06 11.55
C VAL D 265 -10.47 -58.75 10.99
N SER D 266 -11.50 -59.24 11.69
CA SER D 266 -12.88 -58.99 11.29
C SER D 266 -13.15 -57.50 11.15
N LEU D 267 -12.87 -56.75 12.20
CA LEU D 267 -13.12 -55.32 12.21
C LEU D 267 -12.29 -54.60 11.15
N LYS D 268 -10.99 -54.90 11.09
CA LYS D 268 -10.11 -54.28 10.11
C LYS D 268 -10.61 -54.47 8.69
N CYS D 269 -11.28 -55.60 8.45
CA CYS D 269 -11.91 -55.85 7.15
C CYS D 269 -13.10 -54.93 6.95
N LEU D 270 -13.99 -54.90 7.95
CA LEU D 270 -15.16 -54.04 7.91
C LEU D 270 -14.75 -52.58 7.72
N THR D 271 -13.66 -52.18 8.35
CA THR D 271 -13.17 -50.82 8.24
C THR D 271 -12.72 -50.50 6.83
N GLU D 272 -12.05 -51.43 6.18
CA GLU D 272 -11.57 -51.21 4.82
C GLU D 272 -12.75 -51.10 3.85
N ILE D 273 -13.82 -51.82 4.17
CA ILE D 273 -15.02 -51.84 3.34
C ILE D 273 -15.89 -50.61 3.61
N ALA D 274 -15.80 -50.08 4.83
CA ALA D 274 -16.59 -48.92 5.23
C ALA D 274 -16.02 -47.63 4.66
N GLY D 275 -14.85 -47.72 4.02
CA GLY D 275 -14.19 -46.56 3.48
C GLY D 275 -14.30 -46.41 1.97
N VAL D 276 -15.20 -47.18 1.36
CA VAL D 276 -15.38 -47.12 -0.09
C VAL D 276 -16.06 -45.83 -0.52
N SER D 277 -15.37 -45.06 -1.35
CA SER D 277 -15.90 -43.78 -1.85
C SER D 277 -16.77 -44.00 -3.08
N VAL D 278 -17.93 -44.60 -2.88
CA VAL D 278 -18.84 -44.87 -3.98
C VAL D 278 -20.28 -44.56 -3.57
N SER D 279 -21.13 -44.31 -4.55
CA SER D 279 -22.51 -43.92 -4.29
C SER D 279 -23.51 -44.89 -4.89
N GLN D 280 -23.14 -46.16 -4.92
CA GLN D 280 -23.93 -47.17 -5.62
C GLN D 280 -24.58 -48.21 -4.70
N TYR D 281 -24.11 -48.29 -3.45
CA TYR D 281 -24.56 -49.33 -2.54
C TYR D 281 -25.05 -48.78 -1.21
N GLU D 282 -25.88 -47.74 -1.27
CA GLU D 282 -26.36 -47.05 -0.08
C GLU D 282 -27.05 -47.96 0.93
N GLU D 283 -27.66 -49.03 0.45
CA GLU D 283 -28.41 -49.94 1.32
C GLU D 283 -27.51 -50.81 2.19
N GLN D 284 -26.53 -51.43 1.56
CA GLN D 284 -25.62 -52.35 2.24
C GLN D 284 -24.88 -51.67 3.39
N PHE D 285 -24.48 -50.42 3.18
CA PHE D 285 -23.75 -49.67 4.19
C PHE D 285 -24.60 -49.46 5.44
N GLU D 286 -25.89 -49.16 5.23
CA GLU D 286 -26.80 -48.93 6.35
C GLU D 286 -26.88 -50.16 7.26
N THR D 287 -27.06 -51.33 6.65
CA THR D 287 -27.16 -52.56 7.42
C THR D 287 -25.80 -53.00 7.98
N LEU D 288 -24.74 -52.81 7.20
CA LEU D 288 -23.40 -53.09 7.68
C LEU D 288 -23.14 -52.36 8.98
N PHE D 289 -23.58 -51.10 9.04
CA PHE D 289 -23.37 -50.27 10.22
C PHE D 289 -24.20 -50.72 11.42
N THR D 290 -25.52 -50.75 11.26
CA THR D 290 -26.43 -51.12 12.35
C THR D 290 -26.21 -52.56 12.83
N LEU D 291 -25.68 -53.41 11.95
CA LEU D 291 -25.38 -54.79 12.29
C LEU D 291 -24.15 -54.86 13.18
N THR D 292 -23.14 -54.05 12.86
CA THR D 292 -21.92 -53.99 13.66
C THR D 292 -22.23 -53.47 15.06
N MET D 293 -22.95 -52.36 15.11
CA MET D 293 -23.27 -51.72 16.38
C MET D 293 -23.88 -52.70 17.39
N MET D 294 -24.79 -53.54 16.91
CA MET D 294 -25.39 -54.56 17.77
C MET D 294 -24.28 -55.38 18.42
N GLN D 295 -23.41 -55.92 17.59
CA GLN D 295 -22.28 -56.72 18.06
C GLN D 295 -21.43 -55.93 19.05
N LEU D 296 -21.23 -54.65 18.75
CA LEU D 296 -20.43 -53.78 19.61
C LEU D 296 -21.06 -53.64 21.00
N LYS D 297 -22.36 -53.35 21.04
CA LYS D 297 -23.03 -53.15 22.32
C LYS D 297 -23.12 -54.44 23.13
N GLN D 298 -23.01 -55.58 22.45
CA GLN D 298 -22.91 -56.87 23.12
C GLN D 298 -21.49 -57.08 23.63
N MET D 299 -20.52 -56.76 22.80
CA MET D 299 -19.12 -56.93 23.14
C MET D 299 -18.67 -55.92 24.19
N LEU D 300 -18.43 -54.69 23.75
CA LEU D 300 -18.05 -53.61 24.66
C LEU D 300 -19.27 -52.80 25.08
N PRO D 301 -19.80 -53.06 26.28
CA PRO D 301 -20.99 -52.37 26.78
C PRO D 301 -20.82 -50.84 26.75
N LEU D 302 -21.89 -50.14 26.41
CA LEU D 302 -21.85 -48.69 26.29
C LEU D 302 -21.62 -48.00 27.63
N ASN D 303 -21.53 -48.79 28.70
CA ASN D 303 -21.35 -48.24 30.03
C ASN D 303 -20.00 -48.61 30.65
N THR D 304 -19.09 -49.11 29.84
CA THR D 304 -17.76 -49.49 30.32
C THR D 304 -16.75 -48.36 30.22
N ASN D 305 -15.79 -48.34 31.13
CA ASN D 305 -14.72 -47.36 31.12
C ASN D 305 -13.64 -47.75 30.12
N ILE D 306 -13.80 -47.32 28.87
CA ILE D 306 -12.89 -47.71 27.80
C ILE D 306 -11.44 -47.37 28.12
N ARG D 307 -11.22 -46.33 28.91
CA ARG D 307 -9.88 -45.93 29.30
C ARG D 307 -9.19 -47.01 30.14
N LEU D 308 -9.90 -47.51 31.15
CA LEU D 308 -9.39 -48.59 31.98
C LEU D 308 -9.16 -49.85 31.17
N ALA D 309 -10.12 -50.19 30.31
CA ALA D 309 -10.00 -51.37 29.46
C ALA D 309 -8.69 -51.31 28.67
N TYR D 310 -8.25 -50.08 28.39
CA TYR D 310 -7.00 -49.87 27.67
C TYR D 310 -5.82 -49.89 28.64
N SER D 311 -5.84 -48.98 29.61
CA SER D 311 -4.81 -48.94 30.64
C SER D 311 -4.56 -50.34 31.18
N ASN D 312 -5.63 -51.10 31.36
CA ASN D 312 -5.54 -52.47 31.85
C ASN D 312 -5.85 -53.47 30.73
N GLY D 313 -5.01 -53.46 29.70
CA GLY D 313 -5.19 -54.36 28.56
C GLY D 313 -3.89 -54.78 27.92
N LYS D 314 -3.94 -55.83 27.11
CA LYS D 314 -2.76 -56.32 26.43
C LYS D 314 -2.81 -56.03 24.93
N ASP D 315 -1.89 -56.62 24.17
CA ASP D 315 -1.79 -56.35 22.73
C ASP D 315 -2.97 -56.92 21.94
N ASP D 316 -4.06 -57.22 22.63
CA ASP D 316 -5.27 -57.69 21.97
C ASP D 316 -6.46 -56.77 22.27
N GLU D 317 -6.68 -56.50 23.55
CA GLU D 317 -7.75 -55.60 23.98
C GLU D 317 -7.41 -54.15 23.67
N GLN D 318 -6.14 -53.90 23.33
CA GLN D 318 -5.69 -52.55 23.01
C GLN D 318 -5.87 -52.25 21.53
N ASN D 319 -5.41 -53.17 20.68
CA ASN D 319 -5.57 -53.02 19.23
C ASN D 319 -7.03 -52.88 18.84
N PHE D 320 -7.89 -53.64 19.50
CA PHE D 320 -9.32 -53.60 19.22
C PHE D 320 -9.83 -52.17 19.35
N ILE D 321 -9.41 -51.48 20.40
CA ILE D 321 -9.82 -50.11 20.64
C ILE D 321 -9.31 -49.20 19.53
N GLN D 322 -8.06 -49.41 19.13
CA GLN D 322 -7.47 -48.63 18.05
C GLN D 322 -8.22 -48.89 16.75
N ASN D 323 -8.53 -50.15 16.49
CA ASN D 323 -9.28 -50.52 15.29
C ASN D 323 -10.72 -50.00 15.35
N LEU D 324 -11.24 -49.85 16.55
CA LEU D 324 -12.57 -49.29 16.76
C LEU D 324 -12.56 -47.81 16.40
N SER D 325 -11.50 -47.12 16.82
CA SER D 325 -11.31 -45.72 16.47
C SER D 325 -11.32 -45.57 14.96
N LEU D 326 -10.54 -46.40 14.27
CA LEU D 326 -10.46 -46.36 12.83
C LEU D 326 -11.80 -46.66 12.16
N PHE D 327 -12.46 -47.72 12.61
CA PHE D 327 -13.74 -48.10 12.04
C PHE D 327 -14.77 -46.99 12.20
N LEU D 328 -15.05 -46.62 13.45
CA LEU D 328 -16.03 -45.57 13.74
C LEU D 328 -15.72 -44.29 12.96
N CYS D 329 -14.51 -43.78 13.13
CA CYS D 329 -14.09 -42.56 12.44
C CYS D 329 -14.24 -42.65 10.92
N THR D 330 -13.66 -43.68 10.31
CA THR D 330 -13.66 -43.81 8.86
C THR D 330 -15.07 -43.83 8.28
N PHE D 331 -15.98 -44.49 8.98
CA PHE D 331 -17.34 -44.70 8.49
C PHE D 331 -18.21 -43.44 8.59
N LEU D 332 -18.26 -42.84 9.77
CA LEU D 332 -19.01 -41.60 9.96
C LEU D 332 -18.49 -40.52 9.01
N LYS D 333 -17.18 -40.44 8.88
CA LYS D 333 -16.51 -39.47 8.02
C LYS D 333 -16.91 -39.66 6.56
N GLU D 334 -17.41 -40.84 6.24
CA GLU D 334 -17.79 -41.15 4.86
C GLU D 334 -19.31 -41.27 4.68
N HIS D 335 -19.89 -42.30 5.26
CA HIS D 335 -21.32 -42.58 5.08
C HIS D 335 -22.16 -41.98 6.20
N GLY D 336 -21.50 -41.25 7.10
CA GLY D 336 -22.20 -40.60 8.20
C GLY D 336 -23.13 -39.52 7.69
N GLN D 337 -22.90 -39.07 6.47
CA GLN D 337 -23.72 -38.04 5.84
C GLN D 337 -25.12 -38.59 5.50
N LEU D 338 -25.21 -39.90 5.32
CA LEU D 338 -26.48 -40.54 4.99
C LEU D 338 -27.13 -41.22 6.19
N LEU D 339 -26.39 -41.29 7.31
CA LEU D 339 -26.95 -41.81 8.55
C LEU D 339 -27.94 -40.83 9.15
N GLU D 340 -27.87 -39.58 8.71
CA GLU D 340 -28.74 -38.52 9.22
C GLU D 340 -30.08 -38.49 8.47
N LYS D 341 -30.01 -38.59 7.15
CA LYS D 341 -31.18 -38.49 6.28
C LYS D 341 -32.26 -39.50 6.67
N ARG D 342 -31.87 -40.76 6.81
CA ARG D 342 -32.79 -41.80 7.25
C ARG D 342 -33.18 -41.52 8.69
N LEU D 343 -34.26 -42.13 9.15
CA LEU D 343 -34.74 -41.88 10.50
C LEU D 343 -34.57 -43.11 11.40
N ASN D 344 -34.61 -44.30 10.79
CA ASN D 344 -34.43 -45.54 11.52
C ASN D 344 -33.03 -45.67 12.13
N LEU D 345 -32.07 -44.98 11.54
CA LEU D 345 -30.66 -45.08 11.93
C LEU D 345 -30.28 -44.01 12.95
N ARG D 346 -31.16 -43.02 13.12
CA ARG D 346 -30.90 -41.89 14.01
C ARG D 346 -30.79 -42.32 15.46
N GLU D 347 -30.67 -43.62 15.68
CA GLU D 347 -30.55 -44.17 17.03
C GLU D 347 -29.20 -44.85 17.21
N ALA D 348 -28.80 -45.61 16.20
CA ALA D 348 -27.51 -46.29 16.24
C ALA D 348 -26.37 -45.30 16.00
N LEU D 349 -26.72 -44.15 15.42
CA LEU D 349 -25.76 -43.09 15.18
C LEU D 349 -25.37 -42.39 16.47
N MET D 350 -26.34 -42.24 17.37
CA MET D 350 -26.06 -41.62 18.66
C MET D 350 -25.21 -42.54 19.51
N GLU D 351 -25.50 -43.84 19.43
CA GLU D 351 -24.70 -44.83 20.15
C GLU D 351 -23.26 -44.82 19.64
N ALA D 352 -23.10 -44.69 18.32
CA ALA D 352 -21.78 -44.61 17.73
C ALA D 352 -21.06 -43.34 18.18
N LEU D 353 -21.78 -42.23 18.20
CA LEU D 353 -21.23 -40.96 18.65
C LEU D 353 -20.88 -41.02 20.14
N HIS D 354 -21.47 -41.98 20.83
CA HIS D 354 -21.18 -42.22 22.24
C HIS D 354 -19.83 -42.94 22.42
N TYR D 355 -19.60 -43.96 21.59
CA TYR D 355 -18.35 -44.69 21.63
C TYR D 355 -17.18 -43.75 21.47
N MET D 356 -17.21 -42.94 20.42
CA MET D 356 -16.13 -41.99 20.16
C MET D 356 -15.81 -41.17 21.41
N LEU D 357 -16.84 -40.72 22.11
CA LEU D 357 -16.64 -39.91 23.31
C LEU D 357 -15.97 -40.69 24.43
N LEU D 358 -16.27 -41.98 24.53
CA LEU D 358 -15.60 -42.84 25.49
C LEU D 358 -14.17 -43.11 25.03
N VAL D 359 -14.03 -43.57 23.79
CA VAL D 359 -12.73 -43.82 23.20
C VAL D 359 -11.81 -42.62 23.35
N SER D 360 -12.38 -41.43 23.21
CA SER D 360 -11.60 -40.19 23.27
C SER D 360 -10.98 -39.93 24.64
N GLU D 361 -11.40 -40.69 25.64
CA GLU D 361 -10.85 -40.54 26.98
C GLU D 361 -9.66 -41.46 27.20
N VAL D 362 -9.25 -42.17 26.16
CA VAL D 362 -8.13 -43.10 26.25
C VAL D 362 -6.78 -42.38 26.29
N GLU D 363 -6.03 -42.61 27.36
CA GLU D 363 -4.68 -42.07 27.50
C GLU D 363 -3.76 -42.72 26.48
N GLU D 364 -3.73 -42.15 25.28
CA GLU D 364 -2.96 -42.69 24.17
C GLU D 364 -3.01 -41.70 23.02
N THR D 365 -1.89 -41.05 22.75
CA THR D 365 -1.84 -39.98 21.77
C THR D 365 -2.33 -40.39 20.37
N GLU D 366 -1.92 -41.57 19.92
CA GLU D 366 -2.25 -41.99 18.56
C GLU D 366 -3.74 -42.29 18.40
N ILE D 367 -4.36 -42.86 19.44
CA ILE D 367 -5.80 -43.09 19.41
C ILE D 367 -6.58 -41.77 19.48
N PHE D 368 -6.18 -40.92 20.42
CA PHE D 368 -6.81 -39.60 20.56
C PHE D 368 -6.66 -38.75 19.30
N LYS D 369 -5.60 -38.99 18.52
CA LYS D 369 -5.41 -38.27 17.26
C LYS D 369 -6.41 -38.71 16.19
N ILE D 370 -6.78 -39.98 16.23
CA ILE D 370 -7.75 -40.52 15.28
C ILE D 370 -9.14 -39.94 15.54
N CYS D 371 -9.58 -40.00 16.79
CA CYS D 371 -10.90 -39.49 17.15
C CYS D 371 -11.02 -38.01 16.80
N LEU D 372 -10.02 -37.23 17.22
CA LEU D 372 -9.97 -35.81 16.94
C LEU D 372 -10.14 -35.55 15.44
N GLU D 373 -9.54 -36.41 14.63
CA GLU D 373 -9.62 -36.29 13.18
C GLU D 373 -11.07 -36.23 12.75
N TYR D 374 -11.93 -36.97 13.45
CA TYR D 374 -13.36 -36.96 13.14
C TYR D 374 -14.03 -35.71 13.66
N TRP D 375 -13.82 -35.40 14.94
CA TRP D 375 -14.47 -34.25 15.56
C TRP D 375 -14.23 -32.98 14.77
N ASN D 376 -12.97 -32.75 14.38
CA ASN D 376 -12.62 -31.58 13.57
C ASN D 376 -13.45 -31.55 12.30
N HIS D 377 -13.67 -32.74 11.73
CA HIS D 377 -14.45 -32.90 10.52
C HIS D 377 -15.93 -32.62 10.77
N LEU D 378 -16.43 -33.09 11.91
CA LEU D 378 -17.83 -32.88 12.26
C LEU D 378 -18.11 -31.40 12.46
N ALA D 379 -17.40 -30.77 13.38
CA ALA D 379 -17.58 -29.37 13.69
C ALA D 379 -17.30 -28.47 12.49
N ALA D 380 -16.51 -28.97 11.55
CA ALA D 380 -16.22 -28.23 10.33
C ALA D 380 -17.39 -28.36 9.36
N GLU D 381 -17.97 -29.56 9.34
CA GLU D 381 -19.10 -29.84 8.44
C GLU D 381 -20.33 -29.05 8.89
N LEU D 382 -20.43 -28.80 10.19
CA LEU D 382 -21.57 -28.06 10.74
C LEU D 382 -21.28 -26.57 10.88
N TYR D 383 -20.10 -26.17 10.45
CA TYR D 383 -19.72 -24.76 10.46
C TYR D 383 -20.05 -24.15 9.11
N ARG D 384 -20.03 -24.98 8.08
CA ARG D 384 -20.37 -24.52 6.73
C ARG D 384 -21.86 -24.63 6.50
N GLU D 385 -22.54 -25.35 7.39
CA GLU D 385 -23.99 -25.37 7.40
C GLU D 385 -24.51 -24.04 7.93
N SER D 386 -23.79 -23.51 8.92
CA SER D 386 -24.12 -22.23 9.54
C SER D 386 -23.06 -21.85 10.56
N PRO D 387 -22.34 -20.75 10.30
CA PRO D 387 -21.25 -20.29 11.18
C PRO D 387 -21.76 -19.58 12.42
N PHE D 388 -23.06 -19.32 12.49
CA PHE D 388 -23.59 -18.44 13.53
C PHE D 388 -24.24 -19.15 14.71
N SER D 389 -24.29 -18.46 15.83
CA SER D 389 -24.96 -18.95 17.02
C SER D 389 -26.48 -18.92 16.80
N THR D 390 -27.18 -19.78 17.53
CA THR D 390 -28.63 -19.78 17.48
C THR D 390 -29.18 -18.58 18.24
N SER D 391 -30.47 -18.32 18.10
CA SER D 391 -31.09 -17.18 18.75
C SER D 391 -30.99 -17.28 20.27
N ALA D 392 -30.08 -16.53 20.86
CA ALA D 392 -29.83 -16.59 22.29
C ALA D 392 -31.06 -16.18 23.10
N SER D 393 -32.14 -15.84 22.41
CA SER D 393 -33.40 -15.52 23.07
C SER D 393 -34.58 -16.22 22.38
N PRO D 394 -35.56 -16.67 23.18
CA PRO D 394 -36.75 -17.39 22.70
C PRO D 394 -37.57 -16.61 21.67
N LEU D 395 -38.74 -17.14 21.33
CA LEU D 395 -39.62 -16.54 20.33
C LEU D 395 -40.69 -15.67 21.01
N LEU D 396 -41.37 -14.87 20.21
CA LEU D 396 -42.39 -13.94 20.71
C LEU D 396 -43.53 -14.66 21.40
N SER D 397 -43.63 -15.96 21.19
CA SER D 397 -44.67 -16.78 21.82
C SER D 397 -44.04 -17.79 22.77
N GLY D 398 -42.85 -18.27 22.41
CA GLY D 398 -42.16 -19.27 23.20
C GLY D 398 -42.15 -20.63 22.53
N SER D 399 -42.82 -20.71 21.38
CA SER D 399 -42.90 -21.97 20.63
C SER D 399 -41.68 -22.18 19.72
N GLN D 400 -41.70 -23.28 18.98
CA GLN D 400 -40.55 -23.73 18.21
C GLN D 400 -39.95 -22.67 17.29
N HIS D 401 -38.68 -22.36 17.54
CA HIS D 401 -37.91 -21.41 16.74
C HIS D 401 -37.06 -22.23 15.76
N PHE D 402 -37.04 -21.84 14.49
CA PHE D 402 -36.17 -22.56 13.56
C PHE D 402 -34.87 -21.84 13.27
N ASP D 403 -34.18 -21.43 14.33
CA ASP D 403 -32.87 -20.84 14.20
C ASP D 403 -31.87 -21.98 13.97
N ILE D 404 -31.98 -23.01 14.80
CA ILE D 404 -31.11 -24.18 14.70
C ILE D 404 -31.18 -24.77 13.29
N PRO D 405 -30.02 -24.91 12.63
CA PRO D 405 -29.90 -25.59 11.33
C PRO D 405 -30.21 -27.09 11.41
N PRO D 406 -30.76 -27.65 10.33
CA PRO D 406 -31.25 -29.03 10.21
C PRO D 406 -30.32 -30.09 10.82
N ARG D 407 -29.04 -30.05 10.46
CA ARG D 407 -28.09 -31.10 10.85
C ARG D 407 -27.56 -30.93 12.27
N ARG D 408 -27.00 -29.76 12.57
CA ARG D 408 -26.45 -29.49 13.90
C ARG D 408 -27.43 -29.86 15.01
N GLN D 409 -28.72 -29.78 14.69
CA GLN D 409 -29.79 -30.14 15.62
C GLN D 409 -29.56 -31.51 16.22
N LEU D 410 -29.19 -32.47 15.37
CA LEU D 410 -28.97 -33.86 15.80
C LEU D 410 -27.76 -34.04 16.73
N TYR D 411 -26.78 -33.15 16.64
CA TYR D 411 -25.54 -33.29 17.39
C TYR D 411 -25.45 -32.38 18.62
N LEU D 412 -26.42 -31.49 18.77
CA LEU D 412 -26.43 -30.50 19.83
C LEU D 412 -25.75 -30.92 21.13
N THR D 413 -26.26 -31.97 21.76
CA THR D 413 -25.77 -32.40 23.05
C THR D 413 -24.42 -33.11 22.98
N VAL D 414 -24.14 -33.74 21.83
CA VAL D 414 -22.84 -34.36 21.62
C VAL D 414 -21.76 -33.27 21.46
N LEU D 415 -22.13 -32.18 20.81
CA LEU D 415 -21.22 -31.05 20.64
C LEU D 415 -20.75 -30.48 21.98
N SER D 416 -21.69 -30.32 22.92
CA SER D 416 -21.35 -29.83 24.24
C SER D 416 -20.29 -30.71 24.88
N LYS D 417 -20.43 -32.02 24.71
CA LYS D 417 -19.47 -32.96 25.28
C LYS D 417 -18.11 -32.84 24.59
N VAL D 418 -18.12 -32.54 23.29
CA VAL D 418 -16.88 -32.35 22.54
C VAL D 418 -16.15 -31.09 22.98
N ARG D 419 -16.90 -30.03 23.29
CA ARG D 419 -16.30 -28.81 23.83
C ARG D 419 -15.66 -29.10 25.17
N LEU D 420 -16.33 -29.92 25.97
CA LEU D 420 -15.77 -30.33 27.26
C LEU D 420 -14.48 -31.10 27.05
N LEU D 421 -14.45 -31.92 26.01
CA LEU D 421 -13.28 -32.72 25.68
C LEU D 421 -12.08 -31.86 25.34
N MET D 422 -12.27 -30.88 24.45
CA MET D 422 -11.20 -29.97 24.06
C MET D 422 -10.65 -29.19 25.25
N VAL D 423 -11.54 -28.83 26.17
CA VAL D 423 -11.19 -28.00 27.31
C VAL D 423 -10.53 -28.80 28.44
N SER D 424 -10.69 -30.12 28.41
CA SER D 424 -10.15 -30.96 29.47
C SER D 424 -8.86 -31.66 29.04
N ARG D 425 -8.64 -31.77 27.74
CA ARG D 425 -7.51 -32.52 27.20
C ARG D 425 -6.63 -31.65 26.32
N MET D 426 -6.86 -30.34 26.36
CA MET D 426 -6.10 -29.42 25.51
C MET D 426 -4.60 -29.68 25.61
N ALA D 427 -3.94 -29.73 24.46
CA ALA D 427 -2.52 -30.02 24.42
C ALA D 427 -1.69 -28.75 24.65
N LYS D 428 -0.45 -28.94 25.09
CA LYS D 428 0.47 -27.82 25.25
C LYS D 428 0.66 -27.10 23.91
N PRO D 429 0.52 -25.78 23.91
CA PRO D 429 0.59 -24.96 22.69
C PRO D 429 1.98 -24.93 22.08
N GLU D 430 2.95 -24.48 22.86
CA GLU D 430 4.32 -24.30 22.40
C GLU D 430 5.20 -25.38 23.00
N GLU D 431 6.28 -25.72 22.31
CA GLU D 431 7.19 -26.75 22.79
C GLU D 431 8.62 -26.22 22.90
N VAL D 432 9.06 -25.98 24.13
CA VAL D 432 10.41 -25.53 24.38
C VAL D 432 11.38 -26.71 24.41
N LEU D 433 12.47 -26.59 23.67
CA LEU D 433 13.52 -27.58 23.70
C LEU D 433 14.83 -26.86 23.98
N VAL D 434 15.47 -27.19 25.10
CA VAL D 434 16.72 -26.56 25.47
C VAL D 434 17.90 -27.46 25.16
N VAL D 435 18.69 -27.07 24.15
CA VAL D 435 19.89 -27.83 23.82
C VAL D 435 21.04 -26.92 23.44
N GLU D 436 22.24 -27.31 23.87
CA GLU D 436 23.47 -26.59 23.55
C GLU D 436 23.97 -26.95 22.14
N ASN D 437 24.09 -25.93 21.28
CA ASN D 437 24.51 -26.14 19.89
C ASN D 437 26.02 -26.29 19.73
N ASP D 438 26.53 -25.91 18.55
CA ASP D 438 27.95 -26.10 18.26
C ASP D 438 28.85 -25.08 18.94
N GLN D 439 28.83 -25.13 20.27
CA GLN D 439 29.75 -24.40 21.14
C GLN D 439 29.29 -24.73 22.55
N GLY D 440 30.05 -24.30 23.55
CA GLY D 440 29.62 -24.48 24.92
C GLY D 440 28.23 -23.91 25.09
N GLU D 441 27.79 -23.14 24.10
CA GLU D 441 26.52 -22.43 24.13
C GLU D 441 25.31 -23.32 24.38
N VAL D 442 24.60 -23.04 25.47
CA VAL D 442 23.33 -23.69 25.73
C VAL D 442 22.20 -22.68 25.53
N VAL D 443 21.13 -23.11 24.88
CA VAL D 443 20.05 -22.20 24.49
C VAL D 443 18.70 -22.88 24.57
N ARG D 444 17.64 -22.09 24.63
CA ARG D 444 16.28 -22.61 24.52
C ARG D 444 15.77 -22.42 23.10
N GLU D 445 15.56 -23.53 22.41
CA GLU D 445 15.06 -23.51 21.04
C GLU D 445 13.54 -23.65 21.02
N PHE D 446 12.93 -23.23 19.93
CA PHE D 446 11.49 -23.32 19.76
C PHE D 446 11.12 -24.18 18.56
N MET D 447 10.41 -25.28 18.81
CA MET D 447 9.97 -26.15 17.73
C MET D 447 8.88 -25.43 16.95
N LYS D 448 8.66 -25.84 15.70
CA LYS D 448 7.73 -25.14 14.84
C LYS D 448 6.64 -26.01 14.24
N ASP D 449 6.97 -27.21 13.80
CA ASP D 449 5.99 -28.07 13.15
C ASP D 449 5.95 -29.51 13.66
N THR D 450 6.42 -29.74 14.88
CA THR D 450 6.40 -31.07 15.47
C THR D 450 4.98 -31.63 15.45
N ASP D 451 4.85 -32.94 15.60
CA ASP D 451 3.55 -33.58 15.66
C ASP D 451 2.75 -33.03 16.84
N SER D 452 3.42 -32.84 17.97
CA SER D 452 2.77 -32.32 19.17
C SER D 452 2.05 -31.01 18.87
N ILE D 453 2.79 -30.02 18.36
CA ILE D 453 2.23 -28.72 18.05
C ILE D 453 1.06 -28.84 17.07
N ASN D 454 1.11 -29.87 16.23
CA ASN D 454 0.01 -30.11 15.30
C ASN D 454 -1.24 -30.59 16.03
N LEU D 455 -1.04 -31.41 17.05
CA LEU D 455 -2.14 -31.83 17.92
C LEU D 455 -2.82 -30.60 18.52
N TYR D 456 -2.01 -29.71 19.09
CA TYR D 456 -2.54 -28.48 19.64
C TYR D 456 -3.34 -27.70 18.60
N LYS D 457 -2.72 -27.48 17.44
CA LYS D 457 -3.36 -26.77 16.35
C LYS D 457 -4.75 -27.29 16.05
N ASN D 458 -4.89 -28.61 15.99
CA ASN D 458 -6.19 -29.23 15.68
C ASN D 458 -7.21 -29.04 16.81
N MET D 459 -6.77 -29.24 18.04
CA MET D 459 -7.64 -28.99 19.18
C MET D 459 -8.15 -27.55 19.11
N ARG D 460 -7.23 -26.60 19.06
CA ARG D 460 -7.59 -25.19 18.98
C ARG D 460 -8.63 -24.97 17.89
N GLU D 461 -8.44 -25.64 16.76
CA GLU D 461 -9.30 -25.45 15.60
C GLU D 461 -10.69 -26.01 15.82
N THR D 462 -10.76 -27.17 16.46
CA THR D 462 -12.05 -27.79 16.73
C THR D 462 -12.85 -26.93 17.69
N LEU D 463 -12.19 -26.47 18.75
CA LEU D 463 -12.84 -25.67 19.78
C LEU D 463 -13.17 -24.27 19.25
N VAL D 464 -12.43 -23.84 18.22
CA VAL D 464 -12.70 -22.54 17.61
C VAL D 464 -13.89 -22.63 16.67
N TYR D 465 -14.12 -23.83 16.13
CA TYR D 465 -15.30 -24.11 15.33
C TYR D 465 -16.55 -24.16 16.22
N LEU D 466 -16.45 -24.90 17.32
CA LEU D 466 -17.57 -25.10 18.22
C LEU D 466 -17.98 -23.81 18.93
N THR D 467 -17.01 -22.94 19.18
CA THR D 467 -17.27 -21.69 19.88
C THR D 467 -18.06 -20.72 19.00
N HIS D 468 -17.96 -20.90 17.69
CA HIS D 468 -18.71 -20.08 16.74
C HIS D 468 -20.15 -20.55 16.64
N LEU D 469 -20.38 -21.84 16.84
CA LEU D 469 -21.73 -22.40 16.77
C LEU D 469 -22.48 -22.19 18.07
N ASP D 470 -21.76 -21.84 19.13
CA ASP D 470 -22.37 -21.58 20.43
C ASP D 470 -21.28 -21.21 21.45
N TYR D 471 -20.93 -19.93 21.49
CA TYR D 471 -19.87 -19.47 22.39
C TYR D 471 -20.34 -19.40 23.83
N VAL D 472 -21.64 -19.26 24.03
CA VAL D 472 -22.21 -19.25 25.36
C VAL D 472 -21.83 -20.56 26.05
N ASP D 473 -22.03 -21.67 25.34
CA ASP D 473 -21.69 -22.99 25.85
C ASP D 473 -20.21 -23.04 26.25
N THR D 474 -19.35 -22.57 25.36
CA THR D 474 -17.91 -22.58 25.61
C THR D 474 -17.57 -21.87 26.90
N GLU D 475 -18.08 -20.66 27.05
CA GLU D 475 -17.80 -19.85 28.23
C GLU D 475 -18.32 -20.50 29.51
N ILE D 476 -19.44 -21.20 29.41
CA ILE D 476 -20.03 -21.89 30.56
C ILE D 476 -19.16 -23.07 30.97
N ILE D 477 -18.75 -23.88 29.99
CA ILE D 477 -17.81 -24.97 30.22
C ILE D 477 -16.58 -24.46 30.98
N MET D 478 -15.96 -23.42 30.44
CA MET D 478 -14.74 -22.86 31.03
C MET D 478 -14.96 -22.16 32.37
N THR D 479 -16.16 -21.67 32.61
CA THR D 479 -16.46 -21.02 33.89
C THR D 479 -16.61 -22.05 34.99
N LYS D 480 -17.13 -23.22 34.64
CA LYS D 480 -17.31 -24.29 35.62
C LYS D 480 -15.98 -24.97 35.91
N LYS D 481 -15.17 -25.13 34.86
CA LYS D 481 -13.84 -25.68 35.02
C LYS D 481 -13.03 -24.78 35.94
N LEU D 482 -13.07 -23.48 35.65
CA LEU D 482 -12.32 -22.49 36.41
C LEU D 482 -12.78 -22.47 37.86
N GLN D 483 -14.09 -22.59 38.06
CA GLN D 483 -14.64 -22.56 39.41
C GLN D 483 -14.21 -23.79 40.22
N ASN D 484 -14.24 -24.95 39.58
CA ASN D 484 -13.81 -26.19 40.21
C ASN D 484 -12.35 -26.15 40.67
N GLN D 485 -11.54 -25.34 40.01
CA GLN D 485 -10.17 -25.12 40.44
C GLN D 485 -10.16 -24.25 41.68
N VAL D 486 -10.96 -23.18 41.65
CA VAL D 486 -11.00 -22.19 42.71
C VAL D 486 -11.52 -22.76 44.04
N ASN D 487 -12.70 -23.38 44.01
CA ASN D 487 -13.28 -23.92 45.23
C ASN D 487 -13.82 -25.33 45.07
N GLY D 488 -14.30 -25.68 43.88
CA GLY D 488 -14.67 -27.05 43.58
C GLY D 488 -13.47 -27.94 43.86
N THR D 489 -12.33 -27.26 44.02
CA THR D 489 -11.05 -27.88 44.37
C THR D 489 -10.79 -29.25 43.74
N GLU D 490 -10.86 -29.29 42.41
CA GLU D 490 -10.24 -30.37 41.65
C GLU D 490 -8.90 -29.79 41.22
N TRP D 491 -8.31 -29.01 42.12
CA TRP D 491 -7.13 -28.21 41.86
C TRP D 491 -5.83 -29.01 41.70
N SER D 492 -5.10 -28.69 40.64
CA SER D 492 -3.79 -29.28 40.37
C SER D 492 -3.15 -28.52 39.22
N TRP D 493 -1.82 -28.50 39.19
CA TRP D 493 -1.10 -27.72 38.20
C TRP D 493 -1.45 -28.16 36.79
N LYS D 494 -1.53 -29.47 36.60
CA LYS D 494 -1.78 -30.03 35.27
C LYS D 494 -3.10 -29.54 34.67
N ASN D 495 -4.18 -29.62 35.45
CA ASN D 495 -5.50 -29.18 34.98
C ASN D 495 -5.57 -27.68 34.74
N LEU D 496 -5.06 -26.91 35.71
CA LEU D 496 -5.06 -25.46 35.59
C LEU D 496 -4.32 -24.99 34.33
N ASN D 497 -3.24 -25.67 33.98
CA ASN D 497 -2.52 -25.33 32.77
C ASN D 497 -3.38 -25.62 31.55
N THR D 498 -4.14 -26.71 31.63
CA THR D 498 -4.98 -27.12 30.50
C THR D 498 -6.12 -26.16 30.28
N LEU D 499 -6.71 -25.68 31.36
CA LEU D 499 -7.85 -24.77 31.30
C LEU D 499 -7.47 -23.43 30.70
N CYS D 500 -6.28 -22.96 31.02
CA CYS D 500 -5.80 -21.68 30.51
C CYS D 500 -5.25 -21.81 29.09
N TRP D 501 -4.77 -23.00 28.74
CA TRP D 501 -4.33 -23.25 27.36
C TRP D 501 -5.54 -23.19 26.45
N ALA D 502 -6.63 -23.84 26.87
CA ALA D 502 -7.86 -23.88 26.11
C ALA D 502 -8.48 -22.48 25.98
N ILE D 503 -8.54 -21.76 27.09
CA ILE D 503 -9.03 -20.40 27.09
C ILE D 503 -8.31 -19.50 26.09
N GLY D 504 -6.99 -19.65 26.00
CA GLY D 504 -6.20 -18.80 25.12
C GLY D 504 -6.28 -19.21 23.67
N SER D 505 -6.64 -20.48 23.45
CA SER D 505 -6.67 -21.02 22.10
C SER D 505 -7.84 -20.48 21.29
N ILE D 506 -8.85 -19.96 22.00
CA ILE D 506 -10.04 -19.43 21.32
C ILE D 506 -10.00 -17.91 21.12
N SER D 507 -8.92 -17.28 21.55
CA SER D 507 -8.78 -15.83 21.41
C SER D 507 -9.19 -15.35 20.01
N GLY D 508 -10.12 -14.40 19.98
CA GLY D 508 -10.58 -13.83 18.72
C GLY D 508 -11.75 -14.59 18.10
N ALA D 509 -12.25 -15.60 18.80
CA ALA D 509 -13.38 -16.38 18.29
C ALA D 509 -14.72 -15.80 18.74
N MET D 510 -14.67 -14.84 19.66
CA MET D 510 -15.87 -14.15 20.13
C MET D 510 -16.00 -12.77 19.52
N HIS D 511 -17.16 -12.15 19.73
CA HIS D 511 -17.32 -10.74 19.46
C HIS D 511 -16.43 -10.02 20.48
N GLU D 512 -15.86 -8.89 20.11
CA GLU D 512 -15.00 -8.18 21.04
C GLU D 512 -15.69 -7.98 22.39
N GLU D 513 -16.92 -7.47 22.36
CA GLU D 513 -17.64 -7.15 23.58
C GLU D 513 -17.79 -8.34 24.53
N ASP D 514 -18.04 -9.51 23.97
CA ASP D 514 -18.17 -10.72 24.78
C ASP D 514 -16.83 -11.11 25.37
N GLU D 515 -15.79 -11.00 24.55
CA GLU D 515 -14.43 -11.28 24.99
C GLU D 515 -14.09 -10.46 26.21
N LYS D 516 -14.47 -9.18 26.19
CA LYS D 516 -14.19 -8.32 27.33
C LYS D 516 -14.84 -8.83 28.61
N ARG D 517 -16.13 -9.14 28.55
CA ARG D 517 -16.83 -9.72 29.70
C ARG D 517 -16.18 -11.03 30.16
N PHE D 518 -15.68 -11.80 29.21
CA PHE D 518 -15.08 -13.10 29.49
C PHE D 518 -13.75 -12.99 30.23
N LEU D 519 -12.83 -12.22 29.66
CA LEU D 519 -11.49 -12.06 30.22
C LEU D 519 -11.49 -11.48 31.64
N VAL D 520 -12.30 -10.45 31.87
CA VAL D 520 -12.33 -9.77 33.16
C VAL D 520 -12.77 -10.69 34.29
N THR D 521 -13.72 -11.58 33.99
CA THR D 521 -14.18 -12.54 34.98
C THR D 521 -13.12 -13.62 35.18
N VAL D 522 -12.71 -14.23 34.08
CA VAL D 522 -11.74 -15.32 34.10
C VAL D 522 -10.52 -15.04 34.98
N ILE D 523 -9.80 -13.97 34.68
CA ILE D 523 -8.56 -13.66 35.39
C ILE D 523 -8.80 -13.03 36.75
N LYS D 524 -9.93 -12.34 36.90
CA LYS D 524 -10.28 -11.75 38.19
C LYS D 524 -10.30 -12.82 39.27
N ASP D 525 -10.87 -13.97 38.94
CA ASP D 525 -10.95 -15.08 39.88
C ASP D 525 -9.64 -15.89 39.96
N LEU D 526 -8.84 -15.86 38.90
CA LEU D 526 -7.51 -16.44 38.97
C LEU D 526 -6.66 -15.54 39.85
N LEU D 527 -6.93 -14.24 39.77
CA LEU D 527 -6.23 -13.25 40.57
C LEU D 527 -6.60 -13.43 42.03
N GLY D 528 -7.74 -14.08 42.27
CA GLY D 528 -8.17 -14.41 43.62
C GLY D 528 -7.61 -15.75 44.07
N LEU D 529 -7.51 -16.69 43.14
CA LEU D 529 -6.96 -18.01 43.42
C LEU D 529 -5.49 -17.91 43.84
N CYS D 530 -4.77 -16.98 43.21
CA CYS D 530 -3.34 -16.81 43.49
C CYS D 530 -3.09 -16.22 44.89
N GLU D 531 -4.14 -15.68 45.51
CA GLU D 531 -4.02 -15.12 46.85
C GLU D 531 -4.33 -16.15 47.94
N GLN D 532 -5.33 -16.99 47.70
CA GLN D 532 -5.74 -18.00 48.67
C GLN D 532 -4.70 -19.12 48.78
N LYS D 533 -4.08 -19.45 47.65
CA LYS D 533 -3.06 -20.48 47.61
C LYS D 533 -1.76 -19.99 48.25
N ARG D 534 -1.17 -20.81 49.11
CA ARG D 534 0.04 -20.43 49.82
C ARG D 534 1.27 -21.12 49.25
N GLY D 535 2.41 -20.44 49.35
CA GLY D 535 3.67 -21.00 48.86
C GLY D 535 4.01 -20.51 47.47
N LYS D 536 5.23 -20.02 47.30
CA LYS D 536 5.68 -19.52 46.01
C LYS D 536 5.60 -20.60 44.93
N ASP D 537 5.44 -21.85 45.36
CA ASP D 537 5.29 -22.97 44.43
C ASP D 537 4.03 -22.79 43.58
N ASN D 538 2.88 -22.73 44.24
CA ASN D 538 1.58 -22.59 43.57
C ASN D 538 1.40 -21.24 42.88
N LYS D 539 1.75 -20.17 43.58
CA LYS D 539 1.53 -18.81 43.08
C LYS D 539 2.21 -18.55 41.73
N ALA D 540 3.36 -19.16 41.51
CA ALA D 540 4.10 -18.99 40.26
C ALA D 540 3.42 -19.69 39.08
N ILE D 541 2.91 -20.89 39.31
CA ILE D 541 2.17 -21.61 38.29
C ILE D 541 0.92 -20.83 37.88
N ILE D 542 0.22 -20.29 38.87
CA ILE D 542 -0.96 -19.48 38.60
C ILE D 542 -0.60 -18.19 37.87
N ALA D 543 0.37 -17.45 38.41
CA ALA D 543 0.78 -16.17 37.84
C ALA D 543 1.19 -16.31 36.37
N SER D 544 1.86 -17.42 36.05
CA SER D 544 2.27 -17.70 34.68
C SER D 544 1.08 -17.87 33.74
N ASN D 545 0.07 -18.62 34.17
CA ASN D 545 -1.14 -18.82 33.38
C ASN D 545 -1.91 -17.53 33.17
N ILE D 546 -2.01 -16.72 34.22
CA ILE D 546 -2.62 -15.41 34.11
C ILE D 546 -1.87 -14.60 33.06
N MET D 547 -0.54 -14.68 33.13
CA MET D 547 0.32 -13.98 32.20
C MET D 547 0.22 -14.57 30.80
N TYR D 548 -0.09 -15.86 30.71
CA TYR D 548 -0.25 -16.49 29.40
C TYR D 548 -1.56 -16.05 28.77
N ILE D 549 -2.61 -16.04 29.58
CA ILE D 549 -3.93 -15.64 29.10
C ILE D 549 -3.92 -14.19 28.63
N VAL D 550 -3.40 -13.30 29.47
CA VAL D 550 -3.30 -11.89 29.10
C VAL D 550 -2.44 -11.68 27.86
N GLY D 551 -1.55 -12.62 27.59
CA GLY D 551 -0.67 -12.52 26.45
C GLY D 551 -1.35 -12.91 25.16
N GLN D 552 -2.45 -13.66 25.28
CA GLN D 552 -3.16 -14.18 24.11
C GLN D 552 -4.27 -13.24 23.64
N TYR D 553 -4.54 -12.19 24.40
CA TYR D 553 -5.59 -11.25 24.03
C TYR D 553 -5.09 -9.82 23.87
N PRO D 554 -4.24 -9.60 22.86
CA PRO D 554 -3.75 -8.25 22.58
C PRO D 554 -4.91 -7.29 22.26
N ARG D 555 -5.97 -7.81 21.63
CA ARG D 555 -7.13 -6.98 21.30
C ARG D 555 -7.66 -6.25 22.51
N PHE D 556 -7.67 -6.94 23.65
CA PHE D 556 -8.12 -6.39 24.93
C PHE D 556 -7.09 -5.42 25.52
N LEU D 557 -5.81 -5.74 25.36
CA LEU D 557 -4.74 -4.88 25.85
C LEU D 557 -4.67 -3.58 25.06
N ARG D 558 -4.92 -3.68 23.75
CA ARG D 558 -4.86 -2.52 22.86
C ARG D 558 -6.01 -1.54 23.08
N ALA D 559 -7.02 -1.97 23.83
CA ALA D 559 -8.16 -1.11 24.10
C ALA D 559 -8.13 -0.58 25.54
N HIS D 560 -7.23 -1.13 26.35
CA HIS D 560 -7.16 -0.78 27.77
C HIS D 560 -5.73 -0.47 28.20
N TRP D 561 -5.22 0.71 27.84
CA TRP D 561 -3.84 1.09 28.15
C TRP D 561 -3.44 0.85 29.60
N LYS D 562 -4.22 1.39 30.54
CA LYS D 562 -3.93 1.22 31.96
C LYS D 562 -3.64 -0.23 32.32
N PHE D 563 -4.42 -1.15 31.77
CA PHE D 563 -4.20 -2.57 32.00
C PHE D 563 -2.87 -3.00 31.39
N LEU D 564 -2.69 -2.70 30.10
CA LEU D 564 -1.44 -2.94 29.40
C LEU D 564 -0.27 -2.47 30.25
N LYS D 565 -0.35 -1.22 30.69
CA LYS D 565 0.65 -0.60 31.56
C LYS D 565 0.90 -1.46 32.80
N THR D 566 -0.17 -1.75 33.54
CA THR D 566 -0.11 -2.60 34.73
C THR D 566 0.54 -3.98 34.45
N VAL D 567 0.21 -4.57 33.31
CA VAL D 567 0.77 -5.87 32.92
C VAL D 567 2.28 -5.76 32.71
N VAL D 568 2.69 -4.83 31.85
CA VAL D 568 4.10 -4.63 31.55
C VAL D 568 4.92 -4.43 32.81
N ASN D 569 4.44 -3.57 33.71
CA ASN D 569 5.17 -3.34 34.95
C ASN D 569 5.26 -4.59 35.81
N LYS D 570 4.19 -5.38 35.84
CA LYS D 570 4.19 -6.64 36.56
C LYS D 570 5.27 -7.55 36.01
N LEU D 571 5.41 -7.57 34.68
CA LEU D 571 6.44 -8.37 34.05
C LEU D 571 7.83 -7.86 34.45
N PHE D 572 7.99 -6.54 34.49
CA PHE D 572 9.25 -5.95 34.90
C PHE D 572 9.64 -6.36 36.32
N GLU D 573 8.64 -6.50 37.18
CA GLU D 573 8.87 -6.96 38.55
C GLU D 573 9.25 -8.43 38.56
N PHE D 574 8.48 -9.25 37.85
CA PHE D 574 8.77 -10.67 37.77
C PHE D 574 10.16 -10.96 37.21
N MET D 575 10.78 -9.93 36.62
CA MET D 575 12.10 -10.08 36.00
C MET D 575 13.24 -10.09 37.03
N HIS D 576 12.90 -9.91 38.30
CA HIS D 576 13.88 -10.04 39.36
C HIS D 576 13.49 -11.21 40.27
N GLU D 577 12.47 -11.95 39.85
CA GLU D 577 12.02 -13.13 40.56
C GLU D 577 13.03 -14.27 40.39
N THR D 578 13.43 -14.87 41.50
CA THR D 578 14.45 -15.93 41.45
C THR D 578 13.85 -17.34 41.44
N HIS D 579 12.53 -17.43 41.49
CA HIS D 579 11.85 -18.71 41.42
C HIS D 579 11.97 -19.29 39.99
N ASP D 580 12.13 -20.60 39.91
CA ASP D 580 12.42 -21.27 38.64
C ASP D 580 11.45 -20.91 37.51
N GLY D 581 12.00 -20.56 36.36
CA GLY D 581 11.21 -20.37 35.16
C GLY D 581 10.48 -19.04 35.05
N VAL D 582 10.14 -18.45 36.18
CA VAL D 582 9.39 -17.20 36.20
C VAL D 582 9.99 -16.15 35.27
N GLN D 583 11.32 -16.04 35.26
CA GLN D 583 11.99 -15.05 34.42
C GLN D 583 11.89 -15.36 32.94
N ASP D 584 11.85 -16.64 32.60
CA ASP D 584 11.64 -17.05 31.22
C ASP D 584 10.20 -16.75 30.81
N MET D 585 9.27 -17.01 31.73
CA MET D 585 7.86 -16.72 31.50
C MET D 585 7.68 -15.23 31.25
N ALA D 586 8.21 -14.42 32.16
CA ALA D 586 8.03 -12.99 32.10
C ALA D 586 8.62 -12.37 30.83
N CYS D 587 9.66 -12.99 30.29
CA CYS D 587 10.28 -12.43 29.08
C CYS D 587 9.49 -12.81 27.84
N ASP D 588 9.14 -14.09 27.74
CA ASP D 588 8.31 -14.56 26.64
C ASP D 588 7.09 -13.67 26.48
N THR D 589 6.35 -13.47 27.57
CA THR D 589 5.14 -12.65 27.55
C THR D 589 5.45 -11.24 27.05
N PHE D 590 6.52 -10.64 27.55
CA PHE D 590 6.85 -9.25 27.23
C PHE D 590 7.17 -9.03 25.75
N ILE D 591 7.90 -9.97 25.15
CA ILE D 591 8.23 -9.84 23.74
C ILE D 591 6.95 -10.03 22.94
N LYS D 592 6.20 -11.07 23.31
CA LYS D 592 4.87 -11.30 22.75
C LYS D 592 4.06 -10.01 22.73
N ILE D 593 3.78 -9.48 23.90
CA ILE D 593 2.99 -8.26 24.02
C ILE D 593 3.55 -7.09 23.18
N ALA D 594 4.85 -6.85 23.28
CA ALA D 594 5.47 -5.76 22.54
C ALA D 594 5.17 -5.88 21.05
N GLN D 595 5.47 -7.06 20.49
CA GLN D 595 5.18 -7.36 19.10
C GLN D 595 3.75 -6.95 18.72
N LYS D 596 2.79 -7.36 19.54
CA LYS D 596 1.37 -7.20 19.23
C LYS D 596 0.79 -5.85 19.63
N CYS D 597 1.50 -5.10 20.46
CA CYS D 597 0.98 -3.82 20.94
C CYS D 597 2.00 -2.73 20.69
N ARG D 598 2.93 -2.99 19.77
CA ARG D 598 4.06 -2.11 19.53
C ARG D 598 3.73 -0.61 19.45
N ARG D 599 2.58 -0.28 18.87
CA ARG D 599 2.26 1.13 18.64
C ARG D 599 1.92 1.89 19.92
N HIS D 600 1.37 1.19 20.90
CA HIS D 600 0.93 1.84 22.13
C HIS D 600 2.10 2.31 23.01
N PHE D 601 3.28 1.77 22.73
CA PHE D 601 4.46 2.08 23.53
C PHE D 601 5.21 3.31 23.03
N VAL D 602 4.98 3.68 21.78
CA VAL D 602 5.71 4.80 21.18
C VAL D 602 4.83 6.02 20.96
N GLN D 603 3.54 5.88 21.20
CA GLN D 603 2.61 6.99 21.09
C GLN D 603 1.99 7.32 22.46
N VAL D 604 1.86 8.60 22.77
CA VAL D 604 1.38 9.03 24.08
C VAL D 604 -0.07 8.65 24.36
N GLN D 605 -0.29 7.92 25.45
CA GLN D 605 -1.63 7.47 25.82
C GLN D 605 -2.34 8.44 26.76
N VAL D 606 -3.66 8.31 26.85
CA VAL D 606 -4.45 9.17 27.74
C VAL D 606 -4.06 8.96 29.19
N GLY D 607 -3.74 10.05 29.87
CA GLY D 607 -3.31 9.99 31.24
C GLY D 607 -1.81 10.09 31.37
N GLU D 608 -1.12 10.08 30.24
CA GLU D 608 0.34 10.21 30.22
C GLU D 608 0.75 11.47 29.50
N VAL D 609 2.02 11.84 29.65
CA VAL D 609 2.56 13.01 28.95
C VAL D 609 3.84 12.64 28.21
N MET D 610 4.18 11.36 28.24
CA MET D 610 5.38 10.85 27.58
C MET D 610 5.21 9.38 27.23
N PRO D 611 5.65 9.00 26.01
CA PRO D 611 5.56 7.62 25.51
C PRO D 611 6.26 6.61 26.43
N PHE D 612 5.58 5.50 26.71
CA PHE D 612 6.06 4.53 27.69
C PHE D 612 7.50 4.12 27.44
N ILE D 613 7.85 3.93 26.17
CA ILE D 613 9.22 3.57 25.80
C ILE D 613 10.27 4.35 26.58
N ASP D 614 10.04 5.65 26.76
CA ASP D 614 10.97 6.53 27.45
C ASP D 614 11.27 6.04 28.86
N GLU D 615 10.22 5.75 29.62
CA GLU D 615 10.40 5.19 30.96
C GLU D 615 11.23 3.92 30.89
N ILE D 616 10.87 3.06 29.93
CA ILE D 616 11.57 1.80 29.71
C ILE D 616 13.05 1.99 29.37
N LEU D 617 13.34 2.91 28.45
CA LEU D 617 14.71 3.17 28.02
C LEU D 617 15.56 3.83 29.09
N ASN D 618 14.97 4.74 29.86
CA ASN D 618 15.68 5.40 30.95
C ASN D 618 15.87 4.48 32.15
N ASN D 619 15.63 3.18 31.97
CA ASN D 619 15.66 2.24 33.08
C ASN D 619 16.12 0.84 32.71
N ILE D 620 16.50 0.65 31.44
CA ILE D 620 16.87 -0.66 30.96
C ILE D 620 17.71 -1.45 31.96
N ASN D 621 18.72 -0.79 32.54
CA ASN D 621 19.62 -1.47 33.46
C ASN D 621 18.98 -1.95 34.76
N THR D 622 18.09 -1.13 35.33
CA THR D 622 17.46 -1.48 36.60
C THR D 622 16.46 -2.62 36.41
N ILE D 623 16.02 -2.83 35.17
CA ILE D 623 15.06 -3.88 34.86
C ILE D 623 15.72 -5.23 34.56
N ILE D 624 16.79 -5.18 33.77
CA ILE D 624 17.42 -6.40 33.28
C ILE D 624 18.67 -6.80 34.08
N CYS D 625 18.95 -6.09 35.16
CA CYS D 625 20.16 -6.34 35.94
C CYS D 625 20.27 -7.78 36.44
N ASP D 626 19.14 -8.44 36.65
CA ASP D 626 19.14 -9.78 37.21
C ASP D 626 18.84 -10.87 36.17
N LEU D 627 18.67 -10.47 34.92
CA LEU D 627 18.42 -11.43 33.86
C LEU D 627 19.70 -12.11 33.38
N GLN D 628 19.54 -13.28 32.78
CA GLN D 628 20.66 -14.03 32.20
C GLN D 628 20.94 -13.49 30.81
N PRO D 629 22.11 -13.84 30.24
CA PRO D 629 22.50 -13.38 28.91
C PRO D 629 21.39 -13.49 27.84
N GLN D 630 20.88 -14.70 27.62
CA GLN D 630 19.87 -14.93 26.59
C GLN D 630 18.60 -14.12 26.82
N GLN D 631 18.13 -14.09 28.06
CA GLN D 631 16.96 -13.31 28.43
C GLN D 631 17.14 -11.83 28.11
N VAL D 632 18.34 -11.32 28.32
CA VAL D 632 18.67 -9.93 27.97
C VAL D 632 18.54 -9.67 26.48
N HIS D 633 18.84 -10.68 25.66
CA HIS D 633 18.69 -10.55 24.22
C HIS D 633 17.21 -10.53 23.84
N THR D 634 16.43 -11.39 24.51
CA THR D 634 14.99 -11.45 24.25
C THR D 634 14.32 -10.15 24.66
N PHE D 635 14.87 -9.52 25.70
CA PHE D 635 14.36 -8.24 26.16
C PHE D 635 14.68 -7.15 25.14
N TYR D 636 15.91 -7.16 24.64
CA TYR D 636 16.33 -6.16 23.66
C TYR D 636 15.54 -6.29 22.35
N GLU D 637 15.23 -7.52 21.97
CA GLU D 637 14.43 -7.76 20.78
C GLU D 637 13.03 -7.20 20.98
N ALA D 638 12.52 -7.30 22.21
CA ALA D 638 11.16 -6.85 22.54
C ALA D 638 11.02 -5.33 22.40
N VAL D 639 11.98 -4.59 22.95
CA VAL D 639 11.97 -3.14 22.83
C VAL D 639 12.20 -2.73 21.38
N GLY D 640 12.96 -3.55 20.65
CA GLY D 640 13.24 -3.30 19.25
C GLY D 640 11.97 -3.14 18.43
N TYR D 641 10.97 -3.96 18.74
CA TYR D 641 9.69 -3.89 18.05
C TYR D 641 8.97 -2.57 18.31
N MET D 642 9.07 -2.09 19.54
CA MET D 642 8.50 -0.79 19.90
C MET D 642 9.15 0.31 19.05
N ILE D 643 10.47 0.27 18.99
CA ILE D 643 11.23 1.24 18.19
C ILE D 643 10.76 1.21 16.74
N GLY D 644 10.44 0.02 16.24
CA GLY D 644 10.03 -0.15 14.85
C GLY D 644 8.70 0.47 14.53
N ALA D 645 7.99 0.91 15.57
CA ALA D 645 6.67 1.51 15.43
C ALA D 645 6.78 3.00 15.12
N GLN D 646 7.76 3.66 15.73
CA GLN D 646 8.00 5.07 15.49
C GLN D 646 8.45 5.30 14.07
N THR D 647 7.50 5.64 13.21
CA THR D 647 7.77 5.80 11.79
C THR D 647 8.42 7.15 11.51
N ASP D 648 8.24 8.09 12.44
CA ASP D 648 8.84 9.40 12.34
C ASP D 648 10.36 9.35 12.41
N GLN D 649 11.01 9.64 11.29
CA GLN D 649 12.47 9.59 11.16
C GLN D 649 13.22 10.14 12.37
N THR D 650 13.11 11.44 12.60
CA THR D 650 13.88 12.11 13.63
C THR D 650 13.83 11.40 14.98
N VAL D 651 12.61 11.20 15.49
CA VAL D 651 12.43 10.58 16.80
C VAL D 651 12.91 9.13 16.84
N GLN D 652 12.67 8.36 15.77
CA GLN D 652 13.12 6.98 15.75
C GLN D 652 14.64 6.91 15.89
N GLU D 653 15.32 7.89 15.30
CA GLU D 653 16.78 7.92 15.36
C GLU D 653 17.30 8.16 16.78
N HIS D 654 16.68 9.08 17.51
CA HIS D 654 17.04 9.30 18.90
C HIS D 654 16.76 8.07 19.74
N LEU D 655 15.59 7.47 19.53
CA LEU D 655 15.22 6.25 20.24
C LEU D 655 16.25 5.15 20.00
N ILE D 656 16.69 5.01 18.76
CA ILE D 656 17.65 3.98 18.40
C ILE D 656 19.01 4.19 19.05
N GLU D 657 19.47 5.43 19.07
CA GLU D 657 20.77 5.76 19.65
C GLU D 657 20.84 5.39 21.13
N LYS D 658 19.76 5.62 21.87
CA LYS D 658 19.72 5.34 23.30
C LYS D 658 19.45 3.86 23.58
N TYR D 659 18.65 3.26 22.71
CA TYR D 659 18.37 1.83 22.71
C TYR D 659 19.66 1.01 22.69
N MET D 660 20.63 1.46 21.88
CA MET D 660 21.89 0.74 21.72
C MET D 660 23.03 1.36 22.53
N LEU D 661 22.68 2.28 23.43
CA LEU D 661 23.69 3.00 24.19
C LEU D 661 24.45 2.10 25.16
N LEU D 662 23.73 1.27 25.91
CA LEU D 662 24.41 0.39 26.87
C LEU D 662 25.42 -0.54 26.20
N PRO D 663 24.97 -1.36 25.23
CA PRO D 663 25.87 -2.27 24.52
C PRO D 663 27.03 -1.52 23.86
N ASN D 664 26.76 -0.31 23.37
CA ASN D 664 27.77 0.46 22.67
C ASN D 664 28.97 0.81 23.55
N GLN D 665 28.71 1.08 24.83
CA GLN D 665 29.77 1.40 25.78
C GLN D 665 30.81 0.30 25.84
N VAL D 666 30.35 -0.94 25.99
CA VAL D 666 31.25 -2.08 26.01
C VAL D 666 32.04 -2.12 24.70
N TRP D 667 31.33 -1.99 23.59
CA TRP D 667 31.96 -1.98 22.27
C TRP D 667 33.04 -0.90 22.20
N ASP D 668 32.62 0.36 22.29
CA ASP D 668 33.56 1.47 22.25
C ASP D 668 34.77 1.20 23.16
N SER D 669 34.51 0.66 24.34
CA SER D 669 35.59 0.36 25.28
C SER D 669 36.57 -0.67 24.73
N ILE D 670 36.05 -1.83 24.35
CA ILE D 670 36.88 -2.89 23.80
C ILE D 670 37.66 -2.41 22.57
N ILE D 671 37.07 -1.48 21.83
CA ILE D 671 37.65 -1.04 20.56
C ILE D 671 38.86 -0.12 20.76
N GLN D 672 38.75 0.84 21.68
CA GLN D 672 39.86 1.75 21.92
C GLN D 672 41.09 0.99 22.45
N GLN D 673 40.85 -0.02 23.27
CA GLN D 673 41.94 -0.82 23.81
C GLN D 673 42.58 -1.71 22.73
N ALA D 674 41.80 -2.07 21.72
CA ALA D 674 42.34 -2.86 20.61
C ALA D 674 43.19 -1.99 19.70
N THR D 675 42.98 -0.67 19.80
CA THR D 675 43.75 0.28 19.00
C THR D 675 45.01 0.71 19.76
N LYS D 676 45.45 -0.16 20.66
CA LYS D 676 46.66 0.07 21.44
C LYS D 676 47.42 -1.24 21.52
N ASN D 677 46.65 -2.34 21.53
CA ASN D 677 47.20 -3.67 21.59
C ASN D 677 46.19 -4.67 21.04
N VAL D 678 46.41 -5.12 19.81
CA VAL D 678 45.49 -6.02 19.13
C VAL D 678 45.52 -7.43 19.72
N ASP D 679 46.32 -7.63 20.75
CA ASP D 679 46.36 -8.91 21.44
C ASP D 679 45.17 -9.02 22.38
N ILE D 680 44.39 -7.94 22.49
CA ILE D 680 43.22 -7.91 23.35
C ILE D 680 42.05 -8.68 22.72
N LEU D 681 41.97 -8.63 21.40
CA LEU D 681 40.94 -9.36 20.68
C LEU D 681 41.24 -10.86 20.73
N LYS D 682 42.14 -11.23 21.64
CA LYS D 682 42.47 -12.63 21.87
C LYS D 682 42.14 -12.97 23.31
N ASP D 683 41.64 -11.97 24.03
CA ASP D 683 41.34 -12.14 25.44
C ASP D 683 39.99 -12.84 25.63
N PRO D 684 40.01 -14.00 26.30
CA PRO D 684 38.81 -14.83 26.48
C PRO D 684 37.58 -14.02 26.88
N GLU D 685 37.72 -13.19 27.91
CA GLU D 685 36.59 -12.44 28.43
C GLU D 685 36.06 -11.40 27.45
N THR D 686 36.98 -10.65 26.83
CA THR D 686 36.58 -9.59 25.92
C THR D 686 35.96 -10.16 24.66
N VAL D 687 36.37 -11.38 24.31
CA VAL D 687 35.78 -12.06 23.16
C VAL D 687 34.39 -12.58 23.53
N LYS D 688 34.23 -13.00 24.77
CA LYS D 688 32.92 -13.42 25.26
C LYS D 688 31.92 -12.28 25.19
N GLN D 689 32.41 -11.07 25.44
CA GLN D 689 31.58 -9.88 25.43
C GLN D 689 31.23 -9.47 24.01
N LEU D 690 32.24 -9.43 23.14
CA LEU D 690 32.03 -9.12 21.73
C LEU D 690 30.95 -10.04 21.14
N GLY D 691 30.92 -11.28 21.61
CA GLY D 691 29.89 -12.20 21.18
C GLY D 691 28.52 -11.75 21.64
N SER D 692 28.38 -11.50 22.94
CA SER D 692 27.10 -11.11 23.51
C SER D 692 26.63 -9.75 22.97
N ILE D 693 27.55 -8.80 22.83
CA ILE D 693 27.20 -7.51 22.25
C ILE D 693 26.61 -7.73 20.86
N LEU D 694 27.34 -8.44 20.01
CA LEU D 694 26.84 -8.75 18.67
C LEU D 694 25.48 -9.45 18.72
N LYS D 695 25.39 -10.52 19.51
CA LYS D 695 24.12 -11.24 19.67
C LYS D 695 22.96 -10.29 19.98
N THR D 696 23.23 -9.30 20.83
CA THR D 696 22.25 -8.29 21.16
C THR D 696 21.94 -7.44 19.94
N ASN D 697 22.98 -7.09 19.18
CA ASN D 697 22.85 -6.30 17.97
C ASN D 697 22.05 -6.99 16.88
N VAL D 698 22.10 -8.32 16.89
CA VAL D 698 21.37 -9.12 15.89
C VAL D 698 19.86 -9.11 16.15
N ARG D 699 19.46 -9.14 17.42
CA ARG D 699 18.05 -9.18 17.79
C ARG D 699 17.41 -7.82 17.55
N ALA D 700 18.08 -6.77 18.00
CA ALA D 700 17.60 -5.42 17.79
C ALA D 700 17.31 -5.19 16.32
N CYS D 701 18.20 -5.71 15.47
CA CYS D 701 18.07 -5.52 14.03
C CYS D 701 16.88 -6.29 13.46
N LYS D 702 16.64 -7.48 14.01
CA LYS D 702 15.55 -8.32 13.55
C LYS D 702 14.21 -7.62 13.73
N ALA D 703 14.12 -6.78 14.75
CA ALA D 703 12.87 -6.12 15.10
C ALA D 703 12.77 -4.70 14.54
N VAL D 704 13.86 -3.93 14.69
CA VAL D 704 13.88 -2.55 14.21
C VAL D 704 13.74 -2.47 12.69
N GLY D 705 14.44 -3.34 11.97
CA GLY D 705 14.40 -3.36 10.52
C GLY D 705 15.36 -2.35 9.89
N HIS D 706 15.09 -1.98 8.64
CA HIS D 706 15.98 -1.10 7.90
C HIS D 706 16.57 0.07 8.70
N PRO D 707 15.71 0.83 9.41
CA PRO D 707 16.17 2.03 10.15
C PRO D 707 17.38 1.74 11.03
N PHE D 708 17.57 0.48 11.40
CA PHE D 708 18.67 0.07 12.25
C PHE D 708 20.03 0.40 11.60
N VAL D 709 20.00 0.74 10.32
CA VAL D 709 21.21 1.08 9.56
C VAL D 709 22.08 2.12 10.28
N ILE D 710 21.43 3.05 10.97
CA ILE D 710 22.15 4.09 11.69
C ILE D 710 23.12 3.47 12.69
N GLN D 711 22.72 2.35 13.26
CA GLN D 711 23.56 1.61 14.20
C GLN D 711 24.65 0.83 13.47
N LEU D 712 24.24 0.01 12.51
CA LEU D 712 25.20 -0.83 11.80
C LEU D 712 26.32 0.02 11.23
N GLY D 713 25.96 1.15 10.63
CA GLY D 713 26.94 2.04 10.04
C GLY D 713 27.96 2.53 11.05
N ARG D 714 27.48 2.77 12.27
CA ARG D 714 28.32 3.29 13.35
C ARG D 714 29.41 2.31 13.78
N ILE D 715 29.23 1.02 13.48
CA ILE D 715 30.24 0.04 13.90
C ILE D 715 30.70 -0.87 12.77
N TYR D 716 30.10 -0.73 11.60
CA TYR D 716 30.32 -1.66 10.49
C TYR D 716 31.80 -1.91 10.16
N LEU D 717 32.57 -0.83 10.01
CA LEU D 717 33.97 -0.97 9.60
C LEU D 717 34.84 -1.67 10.66
N ASP D 718 34.85 -1.15 11.88
CA ASP D 718 35.61 -1.77 12.96
C ASP D 718 35.20 -3.22 13.17
N MET D 719 33.89 -3.47 13.19
CA MET D 719 33.39 -4.84 13.37
C MET D 719 33.99 -5.79 12.36
N LEU D 720 34.19 -5.31 11.13
CA LEU D 720 34.84 -6.11 10.09
C LEU D 720 36.31 -6.33 10.42
N ASN D 721 36.95 -5.30 10.97
CA ASN D 721 38.35 -5.41 11.38
C ASN D 721 38.57 -6.49 12.43
N VAL D 722 37.73 -6.50 13.47
CA VAL D 722 37.85 -7.52 14.50
C VAL D 722 37.51 -8.90 13.96
N TYR D 723 36.45 -8.98 13.16
CA TYR D 723 36.10 -10.22 12.48
C TYR D 723 37.36 -10.79 11.81
N LYS D 724 38.00 -9.95 11.01
CA LYS D 724 39.21 -10.34 10.28
C LYS D 724 40.35 -10.66 11.24
N CYS D 725 40.43 -9.94 12.35
CA CYS D 725 41.46 -10.22 13.34
C CYS D 725 41.30 -11.64 13.89
N LEU D 726 40.06 -12.00 14.22
CA LEU D 726 39.77 -13.31 14.78
C LEU D 726 39.93 -14.38 13.72
N SER D 727 39.50 -14.08 12.51
CA SER D 727 39.53 -15.06 11.44
C SER D 727 40.96 -15.47 11.11
N GLU D 728 41.89 -14.54 11.29
CA GLU D 728 43.30 -14.81 11.05
C GLU D 728 43.97 -15.45 12.25
N ASN D 729 43.42 -15.18 13.44
CA ASN D 729 43.91 -15.80 14.67
C ASN D 729 43.57 -17.28 14.69
N ILE D 730 42.34 -17.61 14.27
CA ILE D 730 41.88 -18.98 14.23
C ILE D 730 42.63 -19.83 13.21
N SER D 731 42.69 -19.33 11.98
CA SER D 731 43.35 -20.05 10.89
C SER D 731 44.79 -20.41 11.25
N ALA D 732 45.51 -19.47 11.82
CA ALA D 732 46.88 -19.71 12.26
C ALA D 732 46.90 -20.85 13.27
N ALA D 733 46.09 -20.72 14.32
CA ALA D 733 46.02 -21.74 15.37
C ALA D 733 45.81 -23.13 14.78
N ILE D 734 44.98 -23.21 13.75
CA ILE D 734 44.72 -24.47 13.09
C ILE D 734 45.93 -24.90 12.26
N GLN D 735 46.41 -24.00 11.42
CA GLN D 735 47.59 -24.29 10.59
C GLN D 735 48.76 -24.76 11.44
N ALA D 736 48.78 -24.33 12.70
CA ALA D 736 49.88 -24.64 13.59
C ALA D 736 49.66 -25.91 14.41
N ASN D 737 48.39 -26.32 14.56
CA ASN D 737 48.09 -27.47 15.40
C ASN D 737 46.92 -28.35 14.94
N GLY D 738 46.55 -28.23 13.67
CA GLY D 738 45.51 -29.06 13.09
C GLY D 738 44.11 -28.77 13.60
N GLU D 739 43.12 -29.30 12.90
CA GLU D 739 41.72 -29.10 13.25
C GLU D 739 41.46 -29.10 14.75
N MET D 740 42.06 -30.06 15.45
CA MET D 740 41.82 -30.29 16.88
C MET D 740 41.56 -29.02 17.70
N VAL D 741 42.32 -27.97 17.45
CA VAL D 741 42.20 -26.75 18.23
C VAL D 741 40.78 -26.18 18.26
N THR D 742 40.01 -26.42 17.19
CA THR D 742 38.65 -25.93 17.12
C THR D 742 37.84 -26.44 18.31
N LYS D 743 38.28 -27.57 18.85
CA LYS D 743 37.60 -28.19 19.99
C LYS D 743 38.12 -27.67 21.31
N GLN D 744 37.91 -26.38 21.57
CA GLN D 744 38.29 -25.79 22.85
C GLN D 744 37.78 -24.36 22.98
N PRO D 745 37.57 -23.91 24.22
CA PRO D 745 36.94 -22.64 24.59
C PRO D 745 37.22 -21.46 23.67
N LEU D 746 38.44 -20.94 23.71
CA LEU D 746 38.78 -19.70 23.02
C LEU D 746 38.41 -19.68 21.52
N ILE D 747 38.82 -20.73 20.81
CA ILE D 747 38.52 -20.82 19.38
C ILE D 747 37.01 -20.80 19.13
N ARG D 748 36.28 -21.70 19.80
CA ARG D 748 34.83 -21.76 19.65
C ARG D 748 34.18 -20.40 19.96
N SER D 749 34.82 -19.64 20.84
CA SER D 749 34.34 -18.31 21.19
C SER D 749 34.60 -17.33 20.04
N MET D 750 35.77 -17.43 19.42
CA MET D 750 36.12 -16.57 18.29
C MET D 750 35.29 -16.89 17.06
N ARG D 751 34.94 -18.18 16.90
CA ARG D 751 34.05 -18.61 15.84
C ARG D 751 32.69 -17.91 16.00
N THR D 752 32.31 -17.67 17.25
CA THR D 752 31.02 -17.06 17.56
C THR D 752 30.94 -15.59 17.13
N VAL D 753 32.00 -14.83 17.36
CA VAL D 753 32.02 -13.45 16.94
C VAL D 753 31.89 -13.37 15.42
N LYS D 754 32.51 -14.31 14.73
CA LYS D 754 32.47 -14.37 13.28
C LYS D 754 31.06 -14.68 12.80
N ARG D 755 30.47 -15.74 13.35
CA ARG D 755 29.15 -16.19 12.94
C ARG D 755 28.06 -15.16 13.19
N GLU D 756 28.08 -14.54 14.38
CA GLU D 756 27.10 -13.50 14.68
C GLU D 756 27.35 -12.25 13.83
N THR D 757 28.61 -11.94 13.58
CA THR D 757 28.96 -10.87 12.66
C THR D 757 28.30 -11.10 11.30
N LEU D 758 28.33 -12.35 10.84
CA LEU D 758 27.74 -12.71 9.56
C LEU D 758 26.22 -12.68 9.63
N LYS D 759 25.68 -13.13 10.77
CA LYS D 759 24.25 -13.07 11.00
C LYS D 759 23.79 -11.63 10.89
N LEU D 760 24.52 -10.73 11.54
CA LEU D 760 24.18 -9.31 11.55
C LEU D 760 24.24 -8.72 10.15
N ILE D 761 25.35 -8.94 9.45
CA ILE D 761 25.48 -8.44 8.08
C ILE D 761 24.34 -8.90 7.18
N SER D 762 24.14 -10.22 7.08
CA SER D 762 23.09 -10.78 6.22
C SER D 762 21.69 -10.47 6.76
N GLY D 763 21.55 -10.52 8.08
CA GLY D 763 20.28 -10.26 8.73
C GLY D 763 19.71 -8.87 8.47
N TRP D 764 20.59 -7.92 8.18
CA TRP D 764 20.13 -6.56 7.88
C TRP D 764 19.87 -6.34 6.39
N VAL D 765 20.83 -6.68 5.55
CA VAL D 765 20.67 -6.54 4.11
C VAL D 765 19.35 -7.16 3.65
N SER D 766 18.91 -8.20 4.36
CA SER D 766 17.66 -8.88 4.05
C SER D 766 16.46 -7.96 4.20
N ARG D 767 16.42 -7.21 5.30
CA ARG D 767 15.32 -6.31 5.57
C ARG D 767 15.63 -4.88 5.15
N SER D 768 16.69 -4.70 4.37
CA SER D 768 17.07 -3.39 3.87
C SER D 768 16.14 -3.02 2.72
N ASN D 769 16.04 -1.72 2.42
CA ASN D 769 15.19 -1.30 1.32
C ASN D 769 15.76 -0.11 0.56
N ASP D 770 16.95 -0.29 0.01
CA ASP D 770 17.60 0.67 -0.86
C ASP D 770 18.80 -0.01 -1.49
N PRO D 771 18.53 -0.92 -2.44
CA PRO D 771 19.54 -1.83 -2.99
C PRO D 771 20.85 -1.14 -3.32
N GLN D 772 20.80 -0.10 -4.15
CA GLN D 772 22.01 0.55 -4.62
C GLN D 772 22.87 1.07 -3.46
N MET D 773 22.25 1.84 -2.58
CA MET D 773 22.95 2.37 -1.41
C MET D 773 23.63 1.25 -0.63
N VAL D 774 23.01 0.07 -0.62
CA VAL D 774 23.56 -1.10 0.04
C VAL D 774 24.74 -1.70 -0.74
N ALA D 775 24.67 -1.64 -2.06
CA ALA D 775 25.69 -2.24 -2.91
C ALA D 775 26.92 -1.34 -3.07
N GLU D 776 26.75 -0.07 -2.74
CA GLU D 776 27.81 0.91 -2.94
C GLU D 776 28.54 1.28 -1.64
N ASN D 777 27.98 0.86 -0.50
CA ASN D 777 28.58 1.19 0.78
C ASN D 777 28.88 -0.02 1.65
N PHE D 778 27.90 -0.89 1.86
CA PHE D 778 28.05 -2.00 2.79
C PHE D 778 28.58 -3.29 2.15
N VAL D 779 28.82 -3.26 0.84
CA VAL D 779 29.25 -4.46 0.14
C VAL D 779 30.75 -4.51 -0.18
N PRO D 780 31.30 -3.39 -0.69
CA PRO D 780 32.74 -3.36 -0.99
C PRO D 780 33.65 -3.70 0.20
N PRO D 781 33.34 -3.20 1.41
CA PRO D 781 34.19 -3.56 2.55
C PRO D 781 34.09 -5.04 2.90
N LEU D 782 33.04 -5.71 2.44
CA LEU D 782 32.91 -7.15 2.67
C LEU D 782 33.97 -7.92 1.90
N LEU D 783 34.34 -7.41 0.74
CA LEU D 783 35.28 -8.09 -0.15
C LEU D 783 36.60 -8.43 0.54
N ASP D 784 37.31 -7.40 0.99
CA ASP D 784 38.61 -7.59 1.63
C ASP D 784 38.46 -8.21 3.01
N ALA D 785 37.40 -7.82 3.71
CA ALA D 785 37.24 -8.23 5.10
C ALA D 785 36.79 -9.68 5.27
N VAL D 786 35.82 -10.11 4.47
CA VAL D 786 35.23 -11.43 4.67
C VAL D 786 35.58 -12.43 3.55
N LEU D 787 35.56 -11.95 2.31
CA LEU D 787 35.79 -12.82 1.17
C LEU D 787 37.26 -13.22 1.01
N ILE D 788 38.13 -12.23 0.81
CA ILE D 788 39.55 -12.51 0.65
C ILE D 788 40.14 -13.09 1.93
N ASP D 789 39.45 -12.90 3.04
CA ASP D 789 39.84 -13.57 4.27
C ASP D 789 39.50 -15.05 4.18
N TYR D 790 38.26 -15.34 3.78
CA TYR D 790 37.82 -16.71 3.55
C TYR D 790 38.74 -17.42 2.55
N GLN D 791 39.29 -16.65 1.61
CA GLN D 791 40.19 -17.19 0.60
C GLN D 791 41.50 -17.60 1.24
N ARG D 792 42.09 -16.69 2.02
CA ARG D 792 43.41 -16.92 2.60
C ARG D 792 43.39 -17.87 3.79
N ASN D 793 42.21 -18.14 4.34
CA ASN D 793 42.12 -19.11 5.43
C ASN D 793 42.58 -20.48 4.95
N VAL D 794 43.14 -21.25 5.87
CA VAL D 794 43.40 -22.66 5.60
C VAL D 794 42.05 -23.37 5.49
N PRO D 795 41.98 -24.41 4.64
CA PRO D 795 40.72 -25.13 4.40
C PRO D 795 39.91 -25.40 5.68
N ALA D 796 40.56 -25.91 6.72
CA ALA D 796 39.87 -26.26 7.95
C ALA D 796 39.28 -25.06 8.70
N ALA D 797 39.75 -23.86 8.35
CA ALA D 797 39.39 -22.66 9.10
C ALA D 797 38.34 -21.79 8.42
N ARG D 798 38.07 -22.06 7.15
CA ARG D 798 37.09 -21.28 6.39
C ARG D 798 35.68 -21.43 6.94
N GLU D 799 34.97 -20.31 7.05
CA GLU D 799 33.62 -20.30 7.58
C GLU D 799 32.58 -20.56 6.49
N PRO D 800 31.88 -21.70 6.60
CA PRO D 800 30.85 -22.05 5.62
C PRO D 800 29.78 -20.97 5.51
N GLU D 801 29.40 -20.38 6.65
CA GLU D 801 28.37 -19.34 6.69
C GLU D 801 28.73 -18.11 5.86
N VAL D 802 29.99 -17.99 5.47
CA VAL D 802 30.42 -16.92 4.60
C VAL D 802 29.69 -17.03 3.26
N LEU D 803 29.64 -18.24 2.73
CA LEU D 803 29.00 -18.51 1.45
C LEU D 803 27.50 -18.27 1.52
N SER D 804 26.88 -18.77 2.57
CA SER D 804 25.43 -18.61 2.73
C SER D 804 25.07 -17.15 3.02
N THR D 805 25.92 -16.46 3.78
CA THR D 805 25.72 -15.04 4.03
C THR D 805 25.74 -14.25 2.72
N MET D 806 26.66 -14.62 1.84
CA MET D 806 26.76 -13.98 0.53
C MET D 806 25.57 -14.34 -0.35
N ALA D 807 25.12 -15.59 -0.26
CA ALA D 807 23.97 -16.07 -1.03
C ALA D 807 22.75 -15.20 -0.79
N ILE D 808 22.48 -14.92 0.49
CA ILE D 808 21.37 -14.09 0.89
C ILE D 808 21.43 -12.70 0.27
N ILE D 809 22.62 -12.10 0.24
CA ILE D 809 22.75 -10.73 -0.27
C ILE D 809 22.51 -10.68 -1.77
N VAL D 810 22.91 -11.74 -2.48
CA VAL D 810 22.65 -11.80 -3.91
C VAL D 810 21.14 -11.88 -4.16
N ASN D 811 20.45 -12.72 -3.41
CA ASN D 811 19.00 -12.79 -3.49
C ASN D 811 18.33 -11.43 -3.29
N LYS D 812 18.87 -10.63 -2.39
CA LYS D 812 18.32 -9.31 -2.09
C LYS D 812 18.73 -8.27 -3.12
N LEU D 813 20.04 -8.05 -3.26
CA LEU D 813 20.56 -6.99 -4.12
C LEU D 813 20.34 -7.28 -5.61
N GLY D 814 20.42 -8.55 -5.99
CA GLY D 814 20.18 -8.95 -7.36
C GLY D 814 21.03 -8.19 -8.37
N GLY D 815 20.36 -7.58 -9.34
CA GLY D 815 21.03 -6.88 -10.41
C GLY D 815 22.07 -5.86 -9.95
N HIS D 816 21.88 -5.31 -8.75
CA HIS D 816 22.79 -4.30 -8.23
C HIS D 816 24.15 -4.87 -7.85
N ILE D 817 24.27 -6.19 -7.84
CA ILE D 817 25.53 -6.82 -7.46
C ILE D 817 26.13 -7.63 -8.62
N THR D 818 25.37 -7.75 -9.70
CA THR D 818 25.78 -8.51 -10.87
C THR D 818 27.20 -8.15 -11.36
N ALA D 819 27.65 -6.95 -11.01
CA ALA D 819 28.94 -6.46 -11.47
C ALA D 819 30.08 -6.84 -10.52
N GLU D 820 29.74 -7.44 -9.39
CA GLU D 820 30.75 -7.79 -8.40
C GLU D 820 30.97 -9.30 -8.33
N ILE D 821 30.14 -10.05 -9.04
CA ILE D 821 30.28 -11.50 -9.11
C ILE D 821 31.70 -11.89 -9.50
N PRO D 822 32.28 -11.19 -10.50
CA PRO D 822 33.69 -11.44 -10.83
C PRO D 822 34.58 -11.42 -9.59
N GLN D 823 34.64 -10.27 -8.91
CA GLN D 823 35.44 -10.12 -7.69
C GLN D 823 35.12 -11.18 -6.63
N ILE D 824 33.84 -11.48 -6.46
CA ILE D 824 33.43 -12.43 -5.44
C ILE D 824 33.79 -13.87 -5.80
N PHE D 825 33.29 -14.34 -6.93
CA PHE D 825 33.53 -15.71 -7.37
C PHE D 825 35.01 -16.06 -7.38
N ASP D 826 35.86 -15.08 -7.62
CA ASP D 826 37.30 -15.30 -7.60
C ASP D 826 37.70 -15.89 -6.26
N ALA D 827 37.52 -15.10 -5.21
CA ALA D 827 37.89 -15.49 -3.85
C ALA D 827 37.35 -16.85 -3.43
N VAL D 828 36.03 -17.00 -3.49
CA VAL D 828 35.38 -18.19 -2.94
C VAL D 828 35.27 -19.39 -3.86
N PHE D 829 34.84 -19.17 -5.10
CA PHE D 829 34.50 -20.26 -6.03
C PHE D 829 35.53 -21.37 -6.12
N GLU D 830 36.56 -21.14 -6.93
CA GLU D 830 37.57 -22.15 -7.19
C GLU D 830 38.16 -22.75 -5.93
N CYS D 831 38.50 -21.91 -4.97
CA CYS D 831 39.14 -22.39 -3.73
C CYS D 831 38.19 -23.29 -2.92
N THR D 832 36.90 -22.97 -2.96
CA THR D 832 35.92 -23.77 -2.25
C THR D 832 35.67 -25.06 -3.02
N LEU D 833 35.70 -24.96 -4.35
CA LEU D 833 35.43 -26.10 -5.21
C LEU D 833 36.45 -27.20 -4.96
N ASN D 834 37.70 -26.82 -4.70
CA ASN D 834 38.78 -27.77 -4.45
C ASN D 834 38.65 -28.50 -3.12
N MET D 835 37.76 -28.03 -2.26
CA MET D 835 37.49 -28.67 -0.98
C MET D 835 36.42 -29.74 -1.14
N ILE D 836 35.61 -29.61 -2.19
CA ILE D 836 34.48 -30.51 -2.40
C ILE D 836 34.54 -31.30 -3.70
N ASN D 837 35.73 -31.43 -4.29
CA ASN D 837 35.85 -32.14 -5.56
C ASN D 837 36.65 -33.45 -5.50
N LYS D 838 37.01 -33.89 -4.30
CA LYS D 838 37.71 -35.15 -4.13
C LYS D 838 36.72 -36.31 -3.98
N ASP D 839 35.79 -36.16 -3.04
CA ASP D 839 34.75 -37.15 -2.81
C ASP D 839 33.40 -36.45 -2.69
N PHE D 840 32.46 -37.09 -1.99
CA PHE D 840 31.13 -36.53 -1.81
C PHE D 840 30.75 -36.40 -0.34
N GLU D 841 31.75 -36.50 0.54
CA GLU D 841 31.50 -36.54 1.98
C GLU D 841 32.00 -35.33 2.75
N GLU D 842 33.29 -35.01 2.59
CA GLU D 842 33.94 -34.02 3.44
C GLU D 842 33.41 -32.59 3.27
N TYR D 843 33.41 -31.85 4.36
CA TYR D 843 32.97 -30.46 4.35
C TYR D 843 31.51 -30.33 3.90
N PRO D 844 30.59 -30.97 4.63
CA PRO D 844 29.17 -30.98 4.26
C PRO D 844 28.59 -29.57 4.08
N GLU D 845 28.59 -28.79 5.16
CA GLU D 845 28.08 -27.43 5.13
C GLU D 845 28.60 -26.65 3.92
N HIS D 846 29.89 -26.80 3.61
CA HIS D 846 30.49 -26.11 2.49
C HIS D 846 29.85 -26.51 1.17
N ARG D 847 29.44 -27.76 1.07
CA ARG D 847 28.75 -28.25 -0.12
C ARG D 847 27.40 -27.56 -0.24
N THR D 848 26.56 -27.77 0.78
CA THR D 848 25.23 -27.18 0.83
C THR D 848 25.25 -25.68 0.48
N ASN D 849 25.94 -24.90 1.29
CA ASN D 849 26.00 -23.46 1.09
C ASN D 849 26.51 -23.05 -0.29
N PHE D 850 27.71 -23.52 -0.64
CA PHE D 850 28.31 -23.19 -1.94
C PHE D 850 27.28 -23.16 -3.05
N PHE D 851 26.39 -24.16 -3.06
CA PHE D 851 25.40 -24.28 -4.13
C PHE D 851 24.15 -23.42 -3.93
N LEU D 852 23.82 -23.08 -2.69
CA LEU D 852 22.82 -22.06 -2.46
C LEU D 852 23.30 -20.74 -3.07
N LEU D 853 24.59 -20.47 -2.92
CA LEU D 853 25.22 -19.29 -3.52
C LEU D 853 25.15 -19.35 -5.05
N LEU D 854 25.71 -20.41 -5.63
CA LEU D 854 25.71 -20.58 -7.07
C LEU D 854 24.30 -20.52 -7.65
N GLN D 855 23.35 -21.09 -6.92
CA GLN D 855 21.94 -21.01 -7.30
C GLN D 855 21.52 -19.56 -7.40
N ALA D 856 21.82 -18.81 -6.34
CA ALA D 856 21.44 -17.41 -6.26
C ALA D 856 22.02 -16.57 -7.39
N VAL D 857 23.33 -16.65 -7.59
CA VAL D 857 23.98 -15.91 -8.66
C VAL D 857 23.31 -16.22 -9.99
N ASN D 858 23.25 -17.50 -10.33
CA ASN D 858 22.59 -17.94 -11.56
C ASN D 858 21.14 -17.44 -11.64
N SER D 859 20.50 -17.31 -10.48
CA SER D 859 19.09 -16.97 -10.45
C SER D 859 18.80 -15.47 -10.60
N HIS D 860 19.66 -14.62 -10.02
CA HIS D 860 19.42 -13.18 -10.01
C HIS D 860 20.51 -12.35 -10.69
N CYS D 861 21.58 -13.01 -11.13
CA CYS D 861 22.70 -12.31 -11.74
C CYS D 861 23.26 -13.06 -12.95
N PHE D 862 22.40 -13.75 -13.67
CA PHE D 862 22.84 -14.57 -14.81
C PHE D 862 23.82 -13.88 -15.76
N PRO D 863 23.57 -12.61 -16.11
CA PRO D 863 24.47 -11.88 -17.00
C PRO D 863 25.94 -12.11 -16.68
N ALA D 864 26.26 -12.31 -15.40
CA ALA D 864 27.63 -12.55 -14.98
C ALA D 864 28.22 -13.76 -15.69
N PHE D 865 27.43 -14.82 -15.80
CA PHE D 865 27.88 -16.05 -16.44
C PHE D 865 28.25 -15.85 -17.91
N LEU D 866 27.87 -14.69 -18.45
CA LEU D 866 28.21 -14.37 -19.83
C LEU D 866 29.46 -13.50 -19.91
N ALA D 867 29.61 -12.59 -18.96
CA ALA D 867 30.78 -11.72 -18.91
C ALA D 867 32.07 -12.52 -18.85
N ILE D 868 32.11 -13.52 -17.98
CA ILE D 868 33.31 -14.34 -17.81
C ILE D 868 33.62 -15.16 -19.06
N PRO D 869 34.89 -15.57 -19.20
CA PRO D 869 35.36 -16.35 -20.35
C PRO D 869 34.77 -17.76 -20.37
N PRO D 870 34.65 -18.34 -21.57
CA PRO D 870 34.11 -19.69 -21.78
C PRO D 870 34.80 -20.73 -20.91
N ALA D 871 36.08 -20.54 -20.63
CA ALA D 871 36.83 -21.45 -19.79
C ALA D 871 36.33 -21.43 -18.35
N GLN D 872 36.01 -20.24 -17.85
CA GLN D 872 35.47 -20.11 -16.50
C GLN D 872 34.04 -20.61 -16.44
N PHE D 873 33.22 -20.19 -17.40
CA PHE D 873 31.84 -20.62 -17.47
C PHE D 873 31.74 -22.14 -17.41
N LYS D 874 32.51 -22.81 -18.25
CA LYS D 874 32.52 -24.28 -18.28
C LYS D 874 32.73 -24.82 -16.89
N LEU D 875 33.74 -24.31 -16.22
CA LEU D 875 34.06 -24.72 -14.85
C LEU D 875 32.84 -24.61 -13.95
N VAL D 876 32.02 -23.59 -14.20
CA VAL D 876 30.81 -23.39 -13.42
C VAL D 876 29.78 -24.46 -13.72
N LEU D 877 29.48 -24.67 -14.99
CA LEU D 877 28.46 -25.63 -15.40
C LEU D 877 28.80 -27.04 -14.97
N ASP D 878 30.06 -27.43 -15.12
CA ASP D 878 30.49 -28.75 -14.70
C ASP D 878 30.39 -28.90 -13.18
N SER D 879 30.47 -27.78 -12.47
CA SER D 879 30.29 -27.79 -11.03
C SER D 879 28.86 -28.20 -10.68
N ILE D 880 27.92 -27.81 -11.53
CA ILE D 880 26.52 -28.17 -11.37
C ILE D 880 26.30 -29.66 -11.58
N ILE D 881 26.91 -30.21 -12.62
CA ILE D 881 26.88 -31.65 -12.84
C ILE D 881 27.26 -32.31 -11.53
N TRP D 882 28.38 -31.85 -10.99
CA TRP D 882 28.93 -32.34 -9.74
C TRP D 882 27.89 -32.32 -8.61
N ALA D 883 27.09 -31.27 -8.59
CA ALA D 883 26.05 -31.14 -7.57
C ALA D 883 25.03 -32.28 -7.65
N PHE D 884 24.40 -32.46 -8.80
CA PHE D 884 23.33 -33.44 -8.91
C PHE D 884 23.80 -34.88 -9.00
N LYS D 885 25.10 -35.09 -8.81
CA LYS D 885 25.63 -36.45 -8.68
C LYS D 885 25.74 -36.82 -7.20
N HIS D 886 25.43 -35.87 -6.33
CA HIS D 886 25.56 -36.08 -4.90
C HIS D 886 24.54 -37.07 -4.37
N THR D 887 24.88 -37.73 -3.26
CA THR D 887 23.96 -38.64 -2.60
C THR D 887 23.22 -37.93 -1.46
N MET D 888 23.73 -36.78 -1.07
CA MET D 888 23.02 -35.91 -0.14
C MET D 888 21.86 -35.29 -0.90
N ARG D 889 20.64 -35.67 -0.54
CA ARG D 889 19.47 -35.28 -1.32
C ARG D 889 19.42 -33.78 -1.62
N ASN D 890 19.69 -32.96 -0.61
CA ASN D 890 19.59 -31.51 -0.78
C ASN D 890 20.56 -30.95 -1.81
N VAL D 891 21.81 -31.40 -1.76
CA VAL D 891 22.84 -30.90 -2.67
C VAL D 891 22.53 -31.26 -4.12
N ALA D 892 22.12 -32.50 -4.33
CA ALA D 892 21.81 -32.99 -5.66
C ALA D 892 20.58 -32.28 -6.24
N ASP D 893 19.61 -31.99 -5.38
CA ASP D 893 18.39 -31.31 -5.81
C ASP D 893 18.65 -29.86 -6.18
N THR D 894 19.40 -29.15 -5.34
CA THR D 894 19.78 -27.78 -5.66
C THR D 894 20.43 -27.73 -7.04
N GLY D 895 21.24 -28.75 -7.34
CA GLY D 895 21.91 -28.84 -8.62
C GLY D 895 20.94 -28.90 -9.79
N LEU D 896 19.84 -29.62 -9.61
CA LEU D 896 18.83 -29.72 -10.65
C LEU D 896 18.07 -28.41 -10.81
N GLN D 897 17.60 -27.86 -9.69
CA GLN D 897 16.97 -26.55 -9.70
C GLN D 897 17.84 -25.58 -10.50
N ILE D 898 19.13 -25.54 -10.19
CA ILE D 898 20.04 -24.67 -10.89
C ILE D 898 20.08 -25.00 -12.38
N LEU D 899 20.36 -26.26 -12.70
CA LEU D 899 20.45 -26.69 -14.09
C LEU D 899 19.17 -26.40 -14.86
N PHE D 900 18.03 -26.76 -14.27
CA PHE D 900 16.74 -26.50 -14.87
C PHE D 900 16.55 -25.00 -15.10
N THR D 901 16.88 -24.20 -14.10
CA THR D 901 16.79 -22.75 -14.22
C THR D 901 17.78 -22.23 -15.25
N LEU D 902 19.02 -22.71 -15.18
CA LEU D 902 20.05 -22.26 -16.10
C LEU D 902 19.62 -22.44 -17.54
N LEU D 903 19.11 -23.63 -17.87
CA LEU D 903 18.61 -23.91 -19.22
C LEU D 903 17.63 -22.85 -19.69
N GLN D 904 16.79 -22.37 -18.77
CA GLN D 904 15.80 -21.36 -19.10
C GLN D 904 16.42 -19.98 -19.24
N ASN D 905 17.37 -19.65 -18.38
CA ASN D 905 18.11 -18.40 -18.49
C ASN D 905 18.78 -18.31 -19.85
N VAL D 906 19.13 -19.45 -20.41
CA VAL D 906 19.77 -19.52 -21.71
C VAL D 906 18.76 -19.30 -22.82
N ALA D 907 17.51 -19.71 -22.56
CA ALA D 907 16.44 -19.59 -23.55
C ALA D 907 16.16 -18.14 -23.94
N GLN D 908 16.65 -17.20 -23.14
CA GLN D 908 16.40 -15.78 -23.39
C GLN D 908 17.32 -15.20 -24.47
N GLU D 909 18.62 -15.15 -24.19
CA GLU D 909 19.60 -14.58 -25.11
C GLU D 909 19.71 -15.42 -26.39
N GLU D 910 19.07 -14.96 -27.46
CA GLU D 910 19.07 -15.67 -28.73
C GLU D 910 20.49 -15.98 -29.19
N ALA D 911 21.36 -14.98 -29.12
CA ALA D 911 22.73 -15.12 -29.58
C ALA D 911 23.48 -16.19 -28.79
N ALA D 912 23.75 -15.90 -27.52
CA ALA D 912 24.51 -16.81 -26.67
C ALA D 912 23.76 -18.09 -26.35
N ALA D 913 22.62 -18.29 -26.99
CA ALA D 913 21.81 -19.49 -26.76
C ALA D 913 22.32 -20.69 -27.56
N GLN D 914 22.29 -20.56 -28.88
CA GLN D 914 22.70 -21.65 -29.76
C GLN D 914 24.05 -22.20 -29.35
N SER D 915 25.00 -21.31 -29.11
CA SER D 915 26.33 -21.69 -28.68
C SER D 915 26.27 -22.72 -27.55
N PHE D 916 25.44 -22.44 -26.55
CA PHE D 916 25.29 -23.34 -25.42
C PHE D 916 24.89 -24.74 -25.88
N TYR D 917 23.92 -24.79 -26.78
CA TYR D 917 23.44 -26.07 -27.32
C TYR D 917 24.53 -26.82 -28.05
N GLN D 918 25.25 -26.09 -28.91
CA GLN D 918 26.31 -26.67 -29.73
C GLN D 918 27.41 -27.27 -28.86
N THR D 919 27.61 -26.69 -27.69
CA THR D 919 28.72 -27.07 -26.83
C THR D 919 28.34 -28.05 -25.73
N TYR D 920 27.20 -27.81 -25.09
CA TYR D 920 26.86 -28.52 -23.86
C TYR D 920 25.67 -29.44 -23.94
N PHE D 921 24.81 -29.26 -24.95
CA PHE D 921 23.57 -30.00 -25.02
C PHE D 921 23.74 -31.50 -24.76
N CYS D 922 24.42 -32.18 -25.67
CA CYS D 922 24.63 -33.62 -25.53
C CYS D 922 25.33 -33.94 -24.22
N ASP D 923 26.37 -33.18 -23.89
CA ASP D 923 27.14 -33.40 -22.67
C ASP D 923 26.24 -33.41 -21.43
N ILE D 924 25.32 -32.46 -21.38
CA ILE D 924 24.38 -32.36 -20.27
C ILE D 924 23.39 -33.51 -20.30
N LEU D 925 22.95 -33.86 -21.50
CA LEU D 925 21.99 -34.94 -21.69
C LEU D 925 22.56 -36.26 -21.19
N GLN D 926 23.81 -36.54 -21.56
CA GLN D 926 24.49 -37.74 -21.12
C GLN D 926 24.57 -37.81 -19.59
N HIS D 927 24.99 -36.69 -18.98
CA HIS D 927 25.11 -36.60 -17.53
C HIS D 927 23.81 -36.87 -16.79
N ILE D 928 22.69 -36.37 -17.32
CA ILE D 928 21.40 -36.59 -16.68
C ILE D 928 20.98 -38.06 -16.70
N PHE D 929 21.18 -38.71 -17.84
CA PHE D 929 20.88 -40.14 -17.94
C PHE D 929 21.79 -40.93 -17.01
N SER D 930 23.00 -40.42 -16.82
CA SER D 930 23.98 -41.08 -15.95
C SER D 930 23.46 -41.27 -14.53
N VAL D 931 22.68 -40.30 -14.06
CA VAL D 931 22.17 -40.35 -12.69
C VAL D 931 20.76 -40.95 -12.65
N VAL D 932 20.04 -40.86 -13.78
CA VAL D 932 18.72 -41.45 -13.86
C VAL D 932 18.79 -42.97 -13.74
N THR D 933 19.78 -43.56 -14.40
CA THR D 933 19.93 -45.01 -14.41
C THR D 933 20.64 -45.52 -13.16
N ASP D 934 20.99 -44.62 -12.25
CA ASP D 934 21.61 -45.02 -10.99
C ASP D 934 20.56 -45.16 -9.89
N THR D 935 20.64 -46.26 -9.16
CA THR D 935 19.64 -46.58 -8.13
C THR D 935 19.71 -45.68 -6.89
N SER D 936 20.65 -44.74 -6.89
CA SER D 936 20.90 -43.93 -5.71
C SER D 936 20.28 -42.53 -5.76
N HIS D 937 19.74 -42.16 -6.93
CA HIS D 937 19.16 -40.82 -7.10
C HIS D 937 17.68 -40.90 -7.47
N THR D 938 16.95 -41.77 -6.78
CA THR D 938 15.53 -41.99 -7.11
C THR D 938 14.62 -40.89 -6.56
N ALA D 939 15.20 -39.97 -5.78
CA ALA D 939 14.43 -38.89 -5.18
C ALA D 939 14.34 -37.68 -6.09
N GLY D 940 15.22 -37.63 -7.09
CA GLY D 940 15.19 -36.56 -8.07
C GLY D 940 14.36 -36.94 -9.28
N LEU D 941 13.63 -38.05 -9.16
CA LEU D 941 12.84 -38.61 -10.25
C LEU D 941 12.05 -37.54 -11.02
N THR D 942 11.35 -36.68 -10.28
CA THR D 942 10.53 -35.64 -10.88
C THR D 942 11.38 -34.58 -11.59
N MET D 943 12.34 -34.01 -10.88
CA MET D 943 13.23 -33.01 -11.46
C MET D 943 14.01 -33.57 -12.65
N HIS D 944 14.45 -34.81 -12.54
CA HIS D 944 15.11 -35.49 -13.65
C HIS D 944 14.21 -35.46 -14.88
N ALA D 945 13.03 -36.05 -14.75
CA ALA D 945 12.06 -36.12 -15.84
C ALA D 945 11.70 -34.74 -16.40
N SER D 946 11.55 -33.76 -15.53
CA SER D 946 11.22 -32.40 -15.94
C SER D 946 12.25 -31.87 -16.92
N ILE D 947 13.51 -31.87 -16.52
CA ILE D 947 14.59 -31.32 -17.32
C ILE D 947 14.68 -31.99 -18.69
N LEU D 948 14.68 -33.32 -18.72
CA LEU D 948 14.74 -34.04 -19.98
C LEU D 948 13.59 -33.63 -20.89
N ALA D 949 12.37 -33.81 -20.39
CA ALA D 949 11.17 -33.46 -21.15
C ALA D 949 11.31 -32.09 -21.79
N TYR D 950 11.80 -31.12 -21.02
CA TYR D 950 12.00 -29.76 -21.51
C TYR D 950 13.02 -29.72 -22.64
N MET D 951 14.08 -30.49 -22.50
CA MET D 951 15.15 -30.51 -23.48
C MET D 951 14.70 -31.17 -24.77
N PHE D 952 13.95 -32.26 -24.65
CA PHE D 952 13.42 -32.94 -25.83
C PHE D 952 12.39 -32.06 -26.53
N ASN D 953 11.47 -31.49 -25.74
CA ASN D 953 10.47 -30.57 -26.27
C ASN D 953 11.16 -29.41 -26.99
N LEU D 954 12.34 -29.06 -26.49
CA LEU D 954 13.14 -28.00 -27.08
C LEU D 954 13.71 -28.47 -28.41
N VAL D 955 14.03 -29.75 -28.47
CA VAL D 955 14.65 -30.34 -29.66
C VAL D 955 13.77 -30.23 -30.91
N GLU D 956 12.45 -30.23 -30.72
CA GLU D 956 11.53 -30.25 -31.84
C GLU D 956 11.42 -28.91 -32.58
N GLU D 957 12.07 -27.87 -32.06
CA GLU D 957 12.08 -26.56 -32.73
C GLU D 957 13.33 -25.75 -32.40
N GLY D 958 13.43 -25.33 -31.14
CA GLY D 958 14.48 -24.43 -30.67
C GLY D 958 15.84 -24.61 -31.31
N LYS D 959 16.63 -25.55 -30.79
CA LYS D 959 17.96 -25.82 -31.32
C LYS D 959 17.94 -25.87 -32.85
N ILE D 960 18.37 -24.77 -33.47
CA ILE D 960 18.31 -24.66 -34.93
C ILE D 960 19.68 -24.67 -35.58
N SER D 961 20.64 -25.33 -34.94
CA SER D 961 21.98 -25.45 -35.49
C SER D 961 22.33 -26.91 -35.71
N THR D 962 23.49 -27.15 -36.31
CA THR D 962 23.93 -28.50 -36.61
C THR D 962 24.64 -29.12 -35.41
N PRO D 963 24.13 -30.26 -34.92
CA PRO D 963 24.79 -30.98 -33.84
C PRO D 963 25.81 -31.94 -34.43
N LEU D 964 25.53 -32.41 -35.65
CA LEU D 964 26.40 -33.35 -36.34
C LEU D 964 27.13 -32.66 -37.49
N ASN D 965 27.66 -33.47 -38.40
CA ASN D 965 28.39 -32.95 -39.56
C ASN D 965 27.47 -32.57 -40.71
N PRO D 966 26.62 -33.52 -41.17
CA PRO D 966 25.72 -33.26 -42.29
C PRO D 966 24.68 -32.19 -41.96
N GLY D 967 24.03 -31.64 -42.98
CA GLY D 967 23.11 -30.53 -42.79
C GLY D 967 21.68 -30.77 -43.25
N ASN D 968 21.47 -30.82 -44.56
CA ASN D 968 20.12 -30.88 -45.12
C ASN D 968 19.27 -32.06 -44.61
N PRO D 969 19.53 -33.29 -45.10
CA PRO D 969 18.70 -34.41 -44.63
C PRO D 969 18.88 -34.69 -43.14
N VAL D 970 20.05 -34.35 -42.59
CA VAL D 970 20.34 -34.59 -41.17
C VAL D 970 19.82 -33.47 -40.27
N ASN D 971 18.84 -33.79 -39.41
CA ASN D 971 18.33 -32.82 -38.46
C ASN D 971 18.47 -33.28 -37.00
N ASN D 972 18.26 -32.36 -36.07
CA ASN D 972 18.59 -32.60 -34.67
C ASN D 972 17.78 -33.72 -34.01
N GLN D 973 16.49 -33.79 -34.32
CA GLN D 973 15.62 -34.79 -33.71
C GLN D 973 16.08 -36.21 -34.01
N MET D 974 16.67 -36.40 -35.18
CA MET D 974 17.16 -37.72 -35.59
C MET D 974 18.50 -38.02 -34.93
N PHE D 975 19.43 -37.08 -35.01
CA PHE D 975 20.75 -37.25 -34.41
C PHE D 975 20.65 -37.40 -32.89
N ILE D 976 19.67 -36.73 -32.30
CA ILE D 976 19.50 -36.75 -30.86
C ILE D 976 18.90 -38.08 -30.37
N GLN D 977 17.95 -38.60 -31.13
CA GLN D 977 17.36 -39.90 -30.80
C GLN D 977 18.39 -41.01 -30.96
N ASP D 978 19.19 -40.92 -32.02
CA ASP D 978 20.23 -41.89 -32.28
C ASP D 978 21.39 -41.74 -31.31
N TYR D 979 21.71 -40.50 -30.95
CA TYR D 979 22.75 -40.25 -29.96
C TYR D 979 22.36 -40.84 -28.61
N VAL D 980 21.10 -40.67 -28.24
CA VAL D 980 20.60 -41.21 -26.98
C VAL D 980 20.52 -42.73 -27.04
N ALA D 981 19.95 -43.24 -28.13
CA ALA D 981 19.84 -44.69 -28.34
C ALA D 981 21.21 -45.35 -28.28
N ASN D 982 22.20 -44.72 -28.93
CA ASN D 982 23.57 -45.19 -28.87
C ASN D 982 24.07 -45.20 -27.43
N LEU D 983 23.89 -44.07 -26.75
CA LEU D 983 24.38 -43.90 -25.39
C LEU D 983 23.78 -44.91 -24.43
N LEU D 984 22.48 -45.14 -24.55
CA LEU D 984 21.77 -46.05 -23.68
C LEU D 984 22.12 -47.51 -23.99
N LYS D 985 22.04 -47.88 -25.27
CA LYS D 985 22.35 -49.25 -25.68
C LYS D 985 23.80 -49.58 -25.37
N SER D 986 24.69 -48.63 -25.62
CA SER D 986 26.11 -48.81 -25.34
C SER D 986 26.38 -48.96 -23.84
N ALA D 987 25.55 -48.30 -23.03
CA ALA D 987 25.70 -48.35 -21.59
C ALA D 987 25.03 -49.58 -20.99
N PHE D 988 24.02 -50.08 -21.70
CA PHE D 988 23.29 -51.26 -21.26
C PHE D 988 23.08 -52.23 -22.43
N PRO D 989 24.15 -52.98 -22.79
CA PRO D 989 24.15 -53.87 -23.95
C PRO D 989 23.30 -55.14 -23.76
N HIS D 990 22.79 -55.36 -22.56
CA HIS D 990 21.96 -56.53 -22.31
C HIS D 990 20.52 -56.28 -22.76
N LEU D 991 20.20 -55.03 -23.04
CA LEU D 991 18.87 -54.67 -23.53
C LEU D 991 18.77 -55.01 -25.02
N GLN D 992 17.58 -55.42 -25.44
CA GLN D 992 17.33 -55.68 -26.85
C GLN D 992 16.88 -54.39 -27.54
N ASP D 993 17.34 -54.20 -28.78
CA ASP D 993 17.09 -52.98 -29.53
C ASP D 993 15.66 -52.45 -29.38
N ALA D 994 14.70 -53.36 -29.32
CA ALA D 994 13.30 -52.98 -29.21
C ALA D 994 13.04 -52.24 -27.91
N GLN D 995 13.57 -52.77 -26.81
CA GLN D 995 13.47 -52.11 -25.51
C GLN D 995 13.89 -50.64 -25.62
N VAL D 996 15.09 -50.42 -26.13
CA VAL D 996 15.67 -49.08 -26.24
C VAL D 996 14.88 -48.19 -27.19
N LYS D 997 14.69 -48.65 -28.42
CA LYS D 997 13.97 -47.87 -29.43
C LYS D 997 12.62 -47.40 -28.91
N LEU D 998 11.93 -48.28 -28.19
CA LEU D 998 10.65 -47.94 -27.58
C LEU D 998 10.86 -46.77 -26.62
N PHE D 999 11.84 -46.92 -25.74
CA PHE D 999 12.15 -45.91 -24.73
C PHE D 999 12.43 -44.54 -25.36
N VAL D 1000 13.38 -44.50 -26.27
CA VAL D 1000 13.78 -43.25 -26.92
C VAL D 1000 12.59 -42.56 -27.59
N THR D 1001 11.69 -43.35 -28.15
CA THR D 1001 10.53 -42.81 -28.84
C THR D 1001 9.56 -42.15 -27.86
N GLY D 1002 9.46 -42.72 -26.66
CA GLY D 1002 8.59 -42.18 -25.63
C GLY D 1002 9.09 -40.86 -25.09
N LEU D 1003 10.35 -40.55 -25.36
CA LEU D 1003 10.97 -39.33 -24.87
C LEU D 1003 10.52 -38.10 -25.65
N PHE D 1004 9.99 -38.33 -26.85
CA PHE D 1004 9.54 -37.25 -27.70
C PHE D 1004 8.02 -37.19 -27.77
N SER D 1005 7.38 -38.25 -27.29
CA SER D 1005 5.93 -38.32 -27.29
C SER D 1005 5.35 -37.91 -25.95
N LEU D 1006 6.05 -38.28 -24.87
CA LEU D 1006 5.61 -37.95 -23.52
C LEU D 1006 6.21 -36.62 -23.08
N ASN D 1007 6.80 -35.89 -24.01
CA ASN D 1007 7.51 -34.65 -23.69
C ASN D 1007 6.63 -33.51 -23.17
N GLN D 1008 5.33 -33.76 -23.03
CA GLN D 1008 4.44 -32.71 -22.55
C GLN D 1008 3.55 -33.19 -21.39
N ASP D 1009 3.97 -34.27 -20.74
CA ASP D 1009 3.27 -34.77 -19.57
C ASP D 1009 4.25 -35.39 -18.58
N ILE D 1010 4.84 -34.55 -17.74
CA ILE D 1010 5.84 -35.00 -16.77
C ILE D 1010 5.44 -36.26 -16.01
N PRO D 1011 4.22 -36.29 -15.45
CA PRO D 1011 3.79 -37.49 -14.74
C PRO D 1011 3.98 -38.74 -15.58
N ALA D 1012 3.53 -38.70 -16.83
CA ALA D 1012 3.68 -39.83 -17.75
C ALA D 1012 5.15 -40.06 -18.07
N PHE D 1013 5.87 -38.97 -18.32
CA PHE D 1013 7.30 -39.03 -18.59
C PHE D 1013 8.00 -39.78 -17.46
N LYS D 1014 7.61 -39.47 -16.23
CA LYS D 1014 8.17 -40.13 -15.05
C LYS D 1014 8.01 -41.64 -15.12
N GLU D 1015 6.76 -42.09 -15.19
CA GLU D 1015 6.49 -43.52 -15.28
C GLU D 1015 7.40 -44.17 -16.32
N HIS D 1016 7.47 -43.57 -17.50
CA HIS D 1016 8.35 -44.05 -18.55
C HIS D 1016 9.76 -44.29 -18.02
N LEU D 1017 10.32 -43.29 -17.35
CA LEU D 1017 11.64 -43.42 -16.76
C LEU D 1017 11.68 -44.60 -15.80
N ARG D 1018 10.68 -44.67 -14.93
CA ARG D 1018 10.63 -45.71 -13.90
C ARG D 1018 10.58 -47.11 -14.50
N ASP D 1019 9.99 -47.21 -15.68
CA ASP D 1019 9.91 -48.49 -16.39
C ASP D 1019 11.27 -48.93 -16.92
N PHE D 1020 12.02 -47.98 -17.44
CA PHE D 1020 13.35 -48.25 -17.99
C PHE D 1020 14.31 -48.65 -16.87
N LEU D 1021 14.02 -48.19 -15.66
CA LEU D 1021 14.85 -48.53 -14.50
C LEU D 1021 14.62 -49.96 -14.07
N VAL D 1022 13.44 -50.49 -14.41
CA VAL D 1022 13.09 -51.88 -14.12
C VAL D 1022 13.76 -52.81 -15.12
N GLN D 1023 13.73 -52.43 -16.39
CA GLN D 1023 14.24 -53.27 -17.46
C GLN D 1023 15.77 -53.39 -17.45
N ILE D 1024 16.46 -52.42 -16.86
CA ILE D 1024 17.92 -52.50 -16.78
C ILE D 1024 18.37 -53.49 -15.71
N LYS D 1025 17.61 -53.58 -14.63
CA LYS D 1025 17.89 -54.52 -13.55
C LYS D 1025 17.67 -55.96 -14.01
N GLU D 1026 16.98 -56.13 -15.13
CA GLU D 1026 16.64 -57.45 -15.65
C GLU D 1026 17.26 -57.71 -17.02
N PHE D 1027 17.67 -58.95 -17.24
CA PHE D 1027 18.14 -59.36 -18.56
C PHE D 1027 16.96 -59.88 -19.36
N ALA D 1028 16.33 -58.99 -20.12
CA ALA D 1028 15.14 -59.33 -20.90
C ALA D 1028 15.45 -60.39 -21.94
N GLY D 1029 16.67 -60.36 -22.46
CA GLY D 1029 17.08 -61.30 -23.49
C GLY D 1029 16.44 -61.00 -24.82
N GLU D 1030 17.27 -60.65 -25.80
CA GLU D 1030 16.81 -60.35 -27.15
C GLU D 1030 16.06 -61.54 -27.72
N ASP D 1031 16.13 -62.66 -27.00
CA ASP D 1031 15.46 -63.89 -27.40
C ASP D 1031 13.95 -63.78 -27.29
N THR D 1032 13.48 -63.17 -26.20
CA THR D 1032 12.05 -63.05 -25.93
C THR D 1032 11.51 -61.69 -26.36
N SER D 1033 10.20 -61.62 -26.56
CA SER D 1033 9.54 -60.36 -26.94
C SER D 1033 8.33 -60.06 -26.06
N ASP D 1034 8.58 -59.72 -24.80
CA ASP D 1034 7.51 -59.41 -23.85
C ASP D 1034 7.34 -57.90 -23.66
N LEU D 1035 7.52 -57.14 -24.74
CA LEU D 1035 7.53 -55.69 -24.67
C LEU D 1035 6.14 -55.04 -24.66
N PHE D 1036 5.21 -55.61 -25.43
CA PHE D 1036 3.89 -55.03 -25.59
C PHE D 1036 3.95 -53.78 -26.48
N LEU D 1037 4.60 -53.92 -27.63
CA LEU D 1037 4.92 -52.78 -28.48
C LEU D 1037 3.73 -52.01 -29.08
N GLU D 1038 3.10 -52.57 -30.11
CA GLU D 1038 1.99 -51.89 -30.76
C GLU D 1038 1.02 -51.33 -29.73
N GLU D 1039 0.95 -52.03 -28.59
CA GLU D 1039 0.10 -51.62 -27.49
C GLU D 1039 0.62 -50.35 -26.81
N ARG D 1040 1.92 -50.33 -26.51
CA ARG D 1040 2.55 -49.14 -25.93
C ARG D 1040 2.71 -48.04 -26.97
N GLU D 1041 2.87 -48.42 -28.23
CA GLU D 1041 3.01 -47.45 -29.30
C GLU D 1041 1.76 -46.60 -29.46
N THR D 1042 0.60 -47.26 -29.46
CA THR D 1042 -0.66 -46.55 -29.54
C THR D 1042 -0.93 -45.82 -28.23
N ALA D 1043 -0.44 -46.39 -27.13
CA ALA D 1043 -0.54 -45.75 -25.83
C ALA D 1043 0.31 -44.48 -25.81
N LEU D 1044 1.56 -44.62 -26.23
CA LEU D 1044 2.49 -43.49 -26.32
C LEU D 1044 2.00 -42.44 -27.31
N ARG D 1045 1.40 -42.89 -28.41
CA ARG D 1045 0.93 -41.97 -29.44
C ARG D 1045 -0.23 -41.12 -28.92
N GLN D 1046 -1.15 -41.74 -28.20
CA GLN D 1046 -2.31 -41.02 -27.67
C GLN D 1046 -1.89 -39.75 -26.95
N ALA D 1047 -0.74 -39.81 -26.28
CA ALA D 1047 -0.15 -38.63 -25.65
C ALA D 1047 0.24 -37.61 -26.72
N GLN D 1048 0.99 -38.08 -27.72
CA GLN D 1048 1.42 -37.23 -28.83
C GLN D 1048 0.27 -36.46 -29.47
N GLU D 1049 -0.79 -37.18 -29.87
CA GLU D 1049 -1.93 -36.53 -30.53
C GLU D 1049 -2.66 -35.57 -29.62
N GLU D 1050 -2.58 -35.80 -28.31
CA GLU D 1050 -3.21 -34.90 -27.35
C GLU D 1050 -2.54 -33.53 -27.40
N LYS D 1051 -1.21 -33.52 -27.52
CA LYS D 1051 -0.49 -32.27 -27.71
C LYS D 1051 -0.77 -31.74 -29.11
N HIS D 1052 -0.82 -32.66 -30.07
CA HIS D 1052 -1.10 -32.32 -31.46
C HIS D 1052 -2.39 -31.51 -31.61
N LYS D 1053 -3.51 -32.12 -31.22
CA LYS D 1053 -4.81 -31.50 -31.38
C LYS D 1053 -4.96 -30.21 -30.57
N LEU D 1054 -4.49 -30.24 -29.32
CA LEU D 1054 -4.51 -29.05 -28.47
C LEU D 1054 -3.43 -29.11 -27.40
N PRO E 5 -18.67 2.01 35.64
CA PRO E 5 -17.30 2.30 35.18
C PRO E 5 -16.66 1.10 34.49
N LEU E 6 -15.34 1.12 34.40
CA LEU E 6 -14.61 0.08 33.67
C LEU E 6 -14.54 -1.25 34.43
N GLN E 7 -14.27 -1.18 35.73
CA GLN E 7 -14.09 -2.38 36.55
C GLN E 7 -13.08 -3.32 35.90
N LEU E 8 -11.79 -3.04 36.09
CA LEU E 8 -10.73 -3.85 35.49
C LEU E 8 -9.95 -4.61 36.55
N PRO E 9 -9.50 -5.83 36.22
CA PRO E 9 -8.86 -6.66 37.25
C PRO E 9 -7.69 -5.96 37.92
N PRO E 10 -7.56 -6.13 39.24
CA PRO E 10 -6.46 -5.57 40.03
C PRO E 10 -5.18 -6.39 39.89
N LEU E 11 -4.65 -6.43 38.68
CA LEU E 11 -3.46 -7.21 38.37
C LEU E 11 -2.24 -6.74 39.17
N GLU E 12 -2.34 -5.52 39.68
CA GLU E 12 -1.24 -4.91 40.42
C GLU E 12 -0.92 -5.66 41.71
N ARG E 13 -1.93 -6.33 42.26
CA ARG E 13 -1.79 -7.07 43.52
C ARG E 13 -1.13 -8.43 43.33
N LEU E 14 -1.05 -8.89 42.08
CA LEU E 14 -0.42 -10.18 41.80
C LEU E 14 0.98 -10.19 42.37
N THR E 15 1.18 -11.00 43.39
CA THR E 15 2.46 -11.07 44.08
C THR E 15 2.88 -12.52 44.30
N LEU E 16 4.18 -12.74 44.42
CA LEU E 16 4.72 -14.06 44.71
C LEU E 16 5.57 -13.98 45.96
N SER E 17 6.50 -13.02 45.96
CA SER E 17 7.54 -12.91 46.98
C SER E 17 7.04 -12.61 48.39
N GLN E 18 6.12 -11.66 48.52
CA GLN E 18 5.67 -11.23 49.84
C GLN E 18 6.85 -10.68 50.64
N ASP E 19 7.75 -10.01 49.95
CA ASP E 19 8.84 -9.27 50.57
C ASP E 19 8.42 -7.82 50.71
N LEU E 20 8.62 -7.26 51.89
CA LEU E 20 8.22 -5.89 52.16
C LEU E 20 9.15 -4.88 51.50
N ASN E 21 8.57 -3.91 50.80
CA ASN E 21 9.34 -2.86 50.14
C ASN E 21 10.42 -3.39 49.21
N SER E 22 10.05 -4.37 48.38
CA SER E 22 10.98 -4.99 47.44
C SER E 22 11.55 -3.98 46.43
N THR E 23 12.85 -4.10 46.15
CA THR E 23 13.49 -3.27 45.14
C THR E 23 13.16 -3.77 43.74
N ALA E 24 12.48 -4.90 43.67
CA ALA E 24 12.02 -5.46 42.40
C ALA E 24 11.02 -4.51 41.74
N ALA E 25 10.31 -3.76 42.58
CA ALA E 25 9.35 -2.77 42.09
C ALA E 25 9.86 -1.38 42.40
N PRO E 26 9.34 -0.38 41.67
CA PRO E 26 9.71 1.02 41.93
C PRO E 26 9.37 1.41 43.37
N HIS E 27 10.00 2.48 43.85
CA HIS E 27 9.79 2.98 45.20
C HIS E 27 8.32 2.97 45.59
N PRO E 28 8.02 2.72 46.88
CA PRO E 28 6.64 2.79 47.37
C PRO E 28 6.12 4.23 47.36
N ARG E 29 6.95 5.15 46.87
CA ARG E 29 6.65 6.57 46.84
C ARG E 29 6.03 7.00 45.52
N LEU E 30 5.94 6.07 44.57
CA LEU E 30 5.49 6.41 43.23
C LEU E 30 4.02 6.06 42.96
N SER E 31 3.63 4.83 43.24
CA SER E 31 2.24 4.40 43.02
C SER E 31 1.28 5.21 43.90
N GLN E 32 1.33 4.95 45.20
CA GLN E 32 0.59 5.75 46.17
C GLN E 32 1.56 6.08 47.29
N TYR E 33 1.10 6.80 48.31
CA TYR E 33 1.94 7.06 49.46
C TYR E 33 2.04 5.79 50.28
N LYS E 34 0.99 4.98 50.25
CA LYS E 34 0.97 3.77 51.07
C LYS E 34 1.07 2.48 50.26
N SER E 35 1.38 2.60 48.98
CA SER E 35 1.66 1.45 48.12
C SER E 35 0.56 0.39 48.22
N LYS E 36 0.97 -0.86 48.38
CA LYS E 36 0.03 -1.97 48.44
C LYS E 36 0.17 -2.75 49.74
N TYR E 37 -0.17 -4.04 49.72
CA TYR E 37 -0.29 -4.83 50.95
C TYR E 37 1.06 -5.32 51.47
N SER E 38 1.88 -5.85 50.58
CA SER E 38 3.21 -6.34 50.96
C SER E 38 4.23 -5.21 50.92
N SER E 39 3.78 -4.01 51.27
CA SER E 39 4.67 -2.85 51.33
C SER E 39 4.43 -2.10 52.63
N LEU E 40 5.51 -1.65 53.26
CA LEU E 40 5.40 -0.96 54.55
C LEU E 40 5.90 0.48 54.49
N GLU E 41 5.70 1.18 55.60
CA GLU E 41 6.15 2.55 55.75
C GLU E 41 7.02 2.62 57.01
N GLN E 42 6.92 1.56 57.80
CA GLN E 42 7.67 1.47 59.05
C GLN E 42 8.72 0.36 59.00
N SER E 43 9.93 0.72 58.58
CA SER E 43 11.04 -0.21 58.58
C SER E 43 11.64 -0.29 59.98
N GLU E 44 11.26 0.66 60.83
CA GLU E 44 11.87 0.83 62.14
C GLU E 44 11.82 -0.40 63.04
N ARG E 45 10.66 -0.68 63.62
CA ARG E 45 10.56 -1.70 64.67
C ARG E 45 11.03 -3.09 64.23
N ARG E 46 10.74 -3.45 62.98
CA ARG E 46 11.20 -4.73 62.45
C ARG E 46 12.71 -4.88 62.57
N ARG E 47 13.44 -3.79 62.36
CA ARG E 47 14.89 -3.80 62.50
C ARG E 47 15.30 -4.21 63.91
N ARG E 48 14.65 -3.58 64.89
CA ARG E 48 14.91 -3.84 66.31
C ARG E 48 14.62 -5.30 66.68
N LEU E 49 13.53 -5.84 66.13
CA LEU E 49 13.14 -7.21 66.41
C LEU E 49 14.15 -8.19 65.82
N LEU E 50 14.62 -7.89 64.61
CA LEU E 50 15.58 -8.75 63.92
C LEU E 50 16.96 -8.75 64.58
N GLU E 51 17.39 -7.58 65.05
CA GLU E 51 18.67 -7.47 65.75
C GLU E 51 18.61 -8.08 67.15
N LEU E 52 17.48 -7.89 67.83
CA LEU E 52 17.25 -8.53 69.11
C LEU E 52 17.21 -10.03 68.89
N GLN E 53 16.55 -10.44 67.81
CA GLN E 53 16.49 -11.84 67.45
C GLN E 53 17.88 -12.43 67.29
N LYS E 54 18.89 -11.57 67.22
CA LYS E 54 20.26 -12.01 67.01
C LYS E 54 20.77 -12.92 68.11
N SER E 55 20.57 -14.22 67.88
CA SER E 55 21.25 -15.31 68.57
C SER E 55 21.35 -16.34 67.46
N LYS E 56 21.39 -17.64 67.78
CA LYS E 56 21.45 -18.61 66.68
C LYS E 56 20.64 -19.88 66.89
N ARG E 57 20.01 -20.33 65.80
CA ARG E 57 19.45 -21.66 65.72
C ARG E 57 20.12 -22.29 64.52
N LEU E 58 21.04 -21.55 63.91
CA LEU E 58 21.56 -21.90 62.60
C LEU E 58 23.03 -22.30 62.58
N ASP E 59 23.30 -23.38 61.87
CA ASP E 59 24.66 -23.91 61.72
C ASP E 59 25.31 -23.41 60.42
N TYR E 60 25.90 -22.22 60.48
CA TYR E 60 26.52 -21.60 59.32
C TYR E 60 27.82 -22.31 58.92
N VAL E 61 28.48 -22.92 59.90
CA VAL E 61 29.68 -23.68 59.63
C VAL E 61 29.41 -24.78 58.63
N ASN E 62 28.28 -25.46 58.79
CA ASN E 62 27.93 -26.59 57.94
C ASN E 62 27.41 -26.12 56.58
N HIS E 63 26.87 -24.91 56.53
CA HIS E 63 26.32 -24.38 55.29
C HIS E 63 27.43 -24.00 54.31
N ALA E 64 28.37 -23.17 54.77
CA ALA E 64 29.48 -22.73 53.94
C ALA E 64 30.10 -23.91 53.20
N ARG E 65 30.14 -25.05 53.88
CA ARG E 65 30.73 -26.26 53.31
C ARG E 65 29.89 -26.80 52.15
N ARG E 66 28.58 -26.86 52.37
CA ARG E 66 27.67 -27.34 51.34
C ARG E 66 27.76 -26.49 50.08
N LEU E 67 27.72 -25.17 50.25
CA LEU E 67 27.95 -24.25 49.14
C LEU E 67 29.27 -24.56 48.43
N ALA E 68 30.31 -24.85 49.20
CA ALA E 68 31.65 -25.00 48.67
C ALA E 68 31.90 -26.36 48.06
N GLU E 69 31.14 -27.35 48.52
CA GLU E 69 31.34 -28.70 48.03
C GLU E 69 30.07 -29.26 47.38
N ASP E 70 29.16 -28.37 47.02
CA ASP E 70 27.93 -28.73 46.32
C ASP E 70 27.27 -30.00 46.87
N ASP E 71 27.02 -30.00 48.18
CA ASP E 71 26.44 -31.16 48.86
C ASP E 71 25.20 -30.80 49.67
N TRP E 72 24.06 -31.39 49.30
CA TRP E 72 22.80 -31.09 49.97
C TRP E 72 22.05 -32.37 50.36
N THR E 73 22.60 -33.11 51.31
CA THR E 73 22.02 -34.38 51.74
C THR E 73 21.17 -34.22 53.00
N GLY E 74 20.29 -33.23 53.01
CA GLY E 74 19.39 -33.00 54.13
C GLY E 74 18.01 -32.53 53.69
N MET E 75 17.08 -32.50 54.63
CA MET E 75 15.73 -31.99 54.39
C MET E 75 14.83 -32.14 55.61
N THR E 92 9.74 -17.02 61.63
CA THR E 92 10.65 -16.57 62.67
C THR E 92 12.09 -16.67 62.20
N VAL E 93 12.69 -17.84 62.41
CA VAL E 93 14.03 -18.12 61.95
C VAL E 93 13.95 -18.90 60.65
N LYS E 94 14.34 -18.25 59.55
CA LYS E 94 14.32 -18.89 58.23
C LYS E 94 15.47 -19.89 58.06
N LYS E 95 15.18 -21.01 57.41
CA LYS E 95 16.19 -21.99 57.08
C LYS E 95 17.12 -21.46 55.99
N LEU E 96 18.10 -22.27 55.62
CA LEU E 96 19.08 -21.89 54.61
C LEU E 96 18.67 -22.42 53.24
N PRO E 97 18.71 -21.55 52.22
CA PRO E 97 18.37 -21.98 50.86
C PRO E 97 19.28 -23.12 50.43
N LYS E 98 18.71 -24.17 49.84
CA LYS E 98 19.44 -25.41 49.63
C LYS E 98 20.28 -25.49 48.36
N HIS E 99 20.46 -24.36 47.67
CA HIS E 99 21.29 -24.35 46.47
C HIS E 99 22.00 -23.01 46.26
N TYR E 100 22.34 -22.69 45.03
CA TYR E 100 23.09 -21.48 44.73
C TYR E 100 22.19 -20.27 44.49
N ALA E 101 20.88 -20.46 44.66
CA ALA E 101 19.92 -19.37 44.49
C ALA E 101 19.47 -18.79 45.82
N ASN E 102 19.42 -17.46 45.90
CA ASN E 102 19.01 -16.76 47.12
C ASN E 102 19.94 -16.96 48.30
N GLN E 103 21.23 -16.71 48.09
CA GLN E 103 22.22 -16.82 49.14
C GLN E 103 22.69 -15.42 49.53
N LEU E 104 22.29 -14.43 48.75
CA LEU E 104 22.69 -13.05 48.99
C LEU E 104 21.75 -12.33 49.94
N MET E 105 22.30 -11.51 50.81
CA MET E 105 21.51 -10.66 51.68
C MET E 105 21.03 -9.46 50.88
N LEU E 106 19.71 -9.39 50.67
CA LEU E 106 19.12 -8.36 49.83
C LEU E 106 18.54 -7.22 50.65
N SER E 107 18.41 -6.06 50.02
CA SER E 107 17.95 -4.86 50.70
C SER E 107 16.53 -4.46 50.32
N GLU E 108 15.85 -3.77 51.22
CA GLU E 108 14.58 -3.12 50.92
C GLU E 108 14.87 -1.65 50.65
N TRP E 109 13.95 -0.97 49.97
CA TRP E 109 14.11 0.46 49.79
C TRP E 109 14.28 1.09 51.17
N LEU E 110 15.09 2.14 51.26
CA LEU E 110 15.24 2.86 52.52
C LEU E 110 14.11 3.85 52.66
N ILE E 111 13.15 3.52 53.52
CA ILE E 111 11.97 4.34 53.71
C ILE E 111 11.98 5.00 55.08
N ASP E 112 11.88 4.20 56.11
CA ASP E 112 11.94 4.69 57.48
C ASP E 112 13.38 5.06 57.82
N VAL E 113 13.82 6.22 57.35
CA VAL E 113 15.16 6.71 57.61
C VAL E 113 15.48 6.66 59.11
N PRO E 114 16.48 5.83 59.48
CA PRO E 114 16.87 5.58 60.87
C PRO E 114 17.12 6.86 61.67
N SER E 115 16.75 6.85 62.93
CA SER E 115 16.95 7.99 63.82
C SER E 115 18.44 8.14 64.16
N ASP E 116 19.08 7.01 64.42
CA ASP E 116 20.50 6.99 64.75
C ASP E 116 21.34 6.62 63.54
N LEU E 117 20.96 7.19 62.40
CA LEU E 117 21.62 6.88 61.13
C LEU E 117 23.08 7.34 61.08
N GLY E 118 23.33 8.54 61.58
CA GLY E 118 24.64 9.16 61.47
C GLY E 118 25.75 8.52 62.30
N GLN E 119 25.38 7.56 63.15
CA GLN E 119 26.34 6.94 64.06
C GLN E 119 26.22 5.42 64.07
N GLU E 120 25.16 4.90 63.50
CA GLU E 120 24.91 3.46 63.53
C GLU E 120 24.83 2.80 62.16
N TRP E 121 24.75 3.60 61.10
CA TRP E 121 24.69 3.05 59.76
C TRP E 121 25.88 3.47 58.92
N ILE E 122 26.06 2.78 57.79
CA ILE E 122 27.15 3.07 56.86
C ILE E 122 26.66 2.90 55.44
N VAL E 123 27.33 3.56 54.50
CA VAL E 123 26.90 3.52 53.10
C VAL E 123 27.99 3.05 52.15
N VAL E 124 27.62 2.16 51.23
CA VAL E 124 28.55 1.65 50.24
C VAL E 124 28.08 2.03 48.85
N VAL E 125 28.82 2.92 48.19
CA VAL E 125 28.45 3.34 46.84
C VAL E 125 28.60 2.18 45.85
N CYS E 126 27.48 1.70 45.34
CA CYS E 126 27.48 0.54 44.46
C CYS E 126 27.65 0.91 42.99
N PRO E 127 28.32 0.03 42.22
CA PRO E 127 28.52 0.23 40.79
C PRO E 127 27.41 -0.39 39.96
N VAL E 128 27.34 -0.02 38.70
CA VAL E 128 26.44 -0.65 37.75
C VAL E 128 27.04 -2.00 37.33
N GLY E 129 26.27 -3.06 37.46
CA GLY E 129 26.77 -4.38 37.11
C GLY E 129 25.87 -5.53 37.53
N LYS E 130 26.49 -6.66 37.87
CA LYS E 130 25.74 -7.87 38.19
C LYS E 130 26.01 -8.41 39.58
N ARG E 131 24.97 -8.43 40.42
CA ARG E 131 25.06 -9.06 41.73
C ARG E 131 25.34 -10.53 41.52
N ALA E 132 26.32 -11.06 42.24
CA ALA E 132 26.68 -12.45 42.11
C ALA E 132 27.08 -13.09 43.44
N LEU E 133 27.04 -14.42 43.46
CA LEU E 133 27.56 -15.20 44.57
C LEU E 133 28.84 -15.87 44.08
N ILE E 134 29.98 -15.39 44.55
CA ILE E 134 31.27 -15.97 44.20
C ILE E 134 31.62 -17.12 45.13
N VAL E 135 31.87 -18.30 44.57
CA VAL E 135 32.25 -19.46 45.37
C VAL E 135 33.59 -20.03 44.92
N ALA E 136 34.60 -19.89 45.78
CA ALA E 136 35.93 -20.39 45.47
C ALA E 136 36.29 -21.62 46.32
N SER E 137 36.31 -22.78 45.69
CA SER E 137 36.62 -24.02 46.39
C SER E 137 37.02 -25.15 45.44
N ARG E 138 37.79 -26.10 45.96
CA ARG E 138 38.24 -27.26 45.18
C ARG E 138 39.00 -26.83 43.93
N GLY E 139 39.72 -25.73 44.03
CA GLY E 139 40.61 -25.29 42.97
C GLY E 139 39.96 -24.47 41.87
N SER E 140 38.70 -24.09 42.07
CA SER E 140 37.97 -23.34 41.05
C SER E 140 37.10 -22.25 41.65
N THR E 141 36.79 -21.25 40.84
CA THR E 141 35.91 -20.17 41.26
C THR E 141 34.69 -20.03 40.35
N SER E 142 33.50 -20.05 40.95
CA SER E 142 32.27 -19.90 40.20
C SER E 142 31.46 -18.70 40.69
N ALA E 143 30.82 -18.01 39.75
CA ALA E 143 29.93 -16.91 40.09
C ALA E 143 28.51 -17.24 39.68
N TYR E 144 27.58 -17.17 40.63
CA TYR E 144 26.17 -17.41 40.35
C TYR E 144 25.39 -16.10 40.46
N THR E 145 24.17 -16.08 39.91
CA THR E 145 23.34 -14.89 40.06
C THR E 145 22.35 -15.11 41.19
N LYS E 146 21.61 -14.06 41.54
CA LYS E 146 20.59 -14.16 42.56
C LYS E 146 19.72 -15.40 42.27
N SER E 147 19.52 -15.66 40.99
CA SER E 147 18.67 -16.74 40.51
C SER E 147 19.36 -18.09 40.57
N GLY E 148 20.64 -18.09 40.95
CA GLY E 148 21.42 -19.30 41.06
C GLY E 148 21.98 -19.75 39.71
N TYR E 149 21.91 -18.87 38.72
CA TYR E 149 22.40 -19.17 37.38
C TYR E 149 23.91 -18.92 37.25
N CYS E 150 24.66 -19.97 36.93
CA CYS E 150 26.09 -19.83 36.74
C CYS E 150 26.39 -18.91 35.56
N VAL E 151 27.22 -17.91 35.79
CA VAL E 151 27.52 -16.90 34.78
C VAL E 151 28.95 -17.02 34.27
N ASN E 152 29.80 -17.62 35.09
CA ASN E 152 31.19 -17.86 34.67
C ASN E 152 31.93 -18.78 35.63
N ARG E 153 32.70 -19.69 35.05
CA ARG E 153 33.66 -20.48 35.81
C ARG E 153 35.04 -20.04 35.36
N PHE E 154 35.99 -20.00 36.29
CA PHE E 154 37.29 -19.41 36.01
C PHE E 154 38.28 -19.67 37.13
N SER E 155 39.49 -19.18 36.95
CA SER E 155 40.52 -19.27 37.98
C SER E 155 40.60 -17.95 38.71
N SER E 156 40.86 -18.00 40.01
CA SER E 156 41.00 -16.78 40.80
C SER E 156 42.09 -16.95 41.84
N LEU E 157 42.56 -15.83 42.38
CA LEU E 157 43.58 -15.86 43.43
C LEU E 157 42.97 -15.87 44.83
N LEU E 158 41.66 -16.07 44.89
CA LEU E 158 40.99 -16.23 46.17
C LEU E 158 41.34 -17.59 46.76
N PRO E 159 41.51 -17.65 48.09
CA PRO E 159 41.83 -18.89 48.80
C PRO E 159 40.89 -20.03 48.42
N GLY E 160 41.32 -20.87 47.48
CA GLY E 160 40.55 -22.02 47.08
C GLY E 160 40.06 -21.97 45.65
N GLY E 161 40.35 -20.86 44.96
CA GLY E 161 39.81 -20.62 43.63
C GLY E 161 40.85 -20.64 42.53
N ASN E 162 42.01 -21.24 42.81
CA ASN E 162 43.04 -21.48 41.80
C ASN E 162 43.61 -22.89 41.96
N ARG E 163 44.06 -23.50 40.86
CA ARG E 163 44.47 -24.90 40.92
C ARG E 163 45.63 -25.14 41.88
N ARG E 164 46.39 -24.09 42.20
CA ARG E 164 47.44 -24.17 43.21
C ARG E 164 46.88 -23.74 44.56
N ASN E 165 46.13 -24.62 45.22
CA ASN E 165 45.55 -24.27 46.51
C ASN E 165 45.27 -25.48 47.40
N SER E 166 44.51 -25.27 48.47
CA SER E 166 44.27 -26.30 49.47
C SER E 166 43.11 -27.23 49.12
N THR E 167 43.45 -28.49 48.87
CA THR E 167 42.44 -29.53 48.79
C THR E 167 42.26 -30.09 50.21
N ALA E 168 42.06 -29.18 51.15
CA ALA E 168 41.87 -29.54 52.55
C ALA E 168 41.04 -28.49 53.29
N LYS E 169 39.82 -28.28 52.80
CA LYS E 169 38.86 -27.37 53.43
C LYS E 169 39.40 -25.95 53.67
N ASP E 170 39.49 -25.21 52.56
CA ASP E 170 39.88 -23.81 52.57
C ASP E 170 39.15 -23.10 51.44
N TYR E 171 37.90 -22.70 51.70
CA TYR E 171 37.04 -22.13 50.67
C TYR E 171 36.65 -20.69 50.98
N THR E 172 36.17 -19.99 49.95
CA THR E 172 35.78 -18.59 50.07
C THR E 172 34.40 -18.32 49.46
N ILE E 173 33.60 -17.50 50.14
CA ILE E 173 32.27 -17.15 49.64
C ILE E 173 32.04 -15.63 49.69
N LEU E 174 31.89 -15.00 48.52
CA LEU E 174 31.81 -13.54 48.45
C LEU E 174 30.53 -13.02 47.78
N ASP E 175 30.06 -11.88 48.29
CA ASP E 175 28.90 -11.19 47.75
C ASP E 175 29.40 -10.04 46.90
N CYS E 176 29.30 -10.17 45.58
CA CYS E 176 29.93 -9.21 44.68
C CYS E 176 29.01 -8.61 43.62
N ILE E 177 29.49 -7.55 42.99
CA ILE E 177 28.84 -6.94 41.85
C ILE E 177 29.83 -6.91 40.69
N TYR E 178 29.50 -7.58 39.59
CA TYR E 178 30.42 -7.63 38.46
C TYR E 178 30.21 -6.53 37.42
N ASN E 179 31.25 -5.76 37.17
CA ASN E 179 31.24 -4.67 36.22
C ASN E 179 31.95 -5.08 34.93
N GLU E 180 31.30 -4.86 33.79
CA GLU E 180 31.81 -5.36 32.51
C GLU E 180 32.93 -4.53 31.90
N VAL E 181 32.80 -3.21 31.98
CA VAL E 181 33.80 -2.32 31.39
C VAL E 181 35.16 -2.47 32.05
N ASN E 182 35.15 -2.67 33.37
CA ASN E 182 36.37 -2.76 34.15
C ASN E 182 36.80 -4.20 34.43
N GLN E 183 36.08 -5.15 33.82
CA GLN E 183 36.27 -6.57 34.11
C GLN E 183 36.72 -6.75 35.55
N THR E 184 35.90 -6.24 36.48
CA THR E 184 36.22 -6.30 37.89
C THR E 184 35.03 -6.77 38.70
N TYR E 185 35.28 -7.72 39.59
CA TYR E 185 34.29 -8.12 40.58
C TYR E 185 34.45 -7.25 41.81
N TYR E 186 33.45 -6.41 42.08
CA TYR E 186 33.50 -5.53 43.23
C TYR E 186 32.95 -6.19 44.48
N VAL E 187 33.85 -6.65 45.35
CA VAL E 187 33.46 -7.32 46.58
C VAL E 187 32.64 -6.39 47.47
N LEU E 188 31.40 -6.79 47.74
CA LEU E 188 30.46 -6.00 48.50
C LEU E 188 30.48 -6.42 49.95
N ASP E 189 30.81 -7.69 50.19
CA ASP E 189 30.77 -8.26 51.52
C ASP E 189 31.52 -9.59 51.53
N VAL E 190 31.50 -10.28 52.66
CA VAL E 190 32.17 -11.57 52.79
C VAL E 190 31.46 -12.44 53.82
N MET E 191 31.03 -13.62 53.43
CA MET E 191 30.34 -14.52 54.35
C MET E 191 31.18 -15.74 54.70
N CYS E 192 32.34 -15.87 54.07
CA CYS E 192 33.25 -16.98 54.36
C CYS E 192 34.63 -16.75 53.73
N TRP E 193 35.67 -16.79 54.56
CA TRP E 193 37.03 -16.59 54.10
C TRP E 193 37.92 -17.69 54.69
N ARG E 194 38.89 -18.13 53.89
CA ARG E 194 39.80 -19.22 54.25
C ARG E 194 39.15 -20.28 55.13
N GLY E 195 37.95 -20.71 54.77
CA GLY E 195 37.31 -21.85 55.41
C GLY E 195 36.56 -21.55 56.69
N HIS E 196 36.35 -20.28 56.99
CA HIS E 196 35.65 -19.89 58.22
C HIS E 196 34.48 -18.95 57.97
N PRO E 197 33.26 -19.37 58.34
CA PRO E 197 32.03 -18.63 58.12
C PRO E 197 32.02 -17.27 58.83
N PHE E 198 31.66 -16.22 58.09
CA PHE E 198 31.59 -14.87 58.66
C PHE E 198 30.14 -14.41 58.84
N TYR E 199 29.19 -15.25 58.45
CA TYR E 199 27.77 -14.93 58.60
C TYR E 199 27.51 -14.35 59.99
N ASP E 200 28.06 -15.02 61.00
CA ASP E 200 27.79 -14.68 62.40
C ASP E 200 28.59 -13.48 62.87
N CYS E 201 28.78 -12.50 61.98
CA CYS E 201 29.55 -11.31 62.35
C CYS E 201 28.84 -10.02 61.94
N GLN E 202 28.91 -9.02 62.82
CA GLN E 202 28.34 -7.72 62.52
C GLN E 202 28.99 -7.11 61.29
N THR E 203 28.18 -6.48 60.44
CA THR E 203 28.65 -5.85 59.23
C THR E 203 29.92 -5.06 59.50
N ASP E 204 29.88 -4.25 60.55
CA ASP E 204 31.03 -3.52 61.04
C ASP E 204 32.32 -4.33 60.81
N PHE E 205 32.39 -5.48 61.46
CA PHE E 205 33.56 -6.36 61.38
C PHE E 205 33.75 -6.91 59.97
N ARG E 206 32.68 -7.45 59.38
CA ARG E 206 32.78 -8.02 58.04
C ARG E 206 33.49 -7.07 57.08
N PHE E 207 33.08 -5.81 57.07
CA PHE E 207 33.67 -4.82 56.17
C PHE E 207 35.15 -4.60 56.47
N TYR E 208 35.50 -4.46 57.74
CA TYR E 208 36.90 -4.31 58.13
C TYR E 208 37.73 -5.45 57.56
N TRP E 209 37.27 -6.67 57.77
CA TRP E 209 37.97 -7.87 57.31
C TRP E 209 38.23 -7.83 55.80
N MET E 210 37.32 -7.19 55.06
CA MET E 210 37.48 -7.04 53.62
C MET E 210 38.67 -6.15 53.29
N HIS E 211 38.57 -4.89 53.70
CA HIS E 211 39.57 -3.89 53.36
C HIS E 211 40.87 -4.11 54.12
N SER E 212 41.01 -5.29 54.71
CA SER E 212 42.19 -5.61 55.51
C SER E 212 42.84 -6.90 55.00
N LYS E 213 42.07 -7.71 54.29
CA LYS E 213 42.56 -9.00 53.82
C LYS E 213 42.59 -9.10 52.30
N LEU E 214 41.88 -8.20 51.62
CA LEU E 214 41.89 -8.19 50.16
C LEU E 214 43.23 -7.68 49.64
N PRO E 215 43.64 -6.48 50.08
CA PRO E 215 44.91 -5.91 49.62
C PRO E 215 46.13 -6.71 50.06
N GLU E 216 45.92 -7.66 50.97
CA GLU E 216 47.00 -8.51 51.44
C GLU E 216 47.08 -9.82 50.64
N GLU E 217 46.46 -9.81 49.46
CA GLU E 217 46.54 -10.95 48.55
C GLU E 217 47.39 -10.60 47.33
N GLU E 218 48.47 -11.34 47.13
CA GLU E 218 49.44 -11.11 46.05
C GLU E 218 48.93 -10.15 44.97
N GLY E 219 48.25 -10.70 43.96
CA GLY E 219 47.76 -9.89 42.87
C GLY E 219 46.27 -10.07 42.62
N LEU E 220 45.51 -10.26 43.69
CA LEU E 220 44.08 -10.48 43.59
C LEU E 220 43.38 -9.31 42.89
N GLY E 221 43.99 -8.14 42.96
CA GLY E 221 43.44 -6.95 42.32
C GLY E 221 44.07 -6.66 40.96
N GLU E 222 44.62 -7.70 40.32
CA GLU E 222 45.29 -7.53 39.03
C GLU E 222 45.02 -8.67 38.06
N LYS E 223 45.09 -8.36 36.76
CA LYS E 223 44.76 -9.32 35.72
C LYS E 223 45.99 -10.13 35.30
N THR E 224 45.88 -11.45 35.39
CA THR E 224 46.92 -12.37 34.96
C THR E 224 46.29 -13.69 34.50
N LYS E 225 47.11 -14.63 34.04
CA LYS E 225 46.62 -15.93 33.60
C LYS E 225 45.87 -16.66 34.70
N LEU E 226 46.42 -16.64 35.91
CA LEU E 226 45.85 -17.38 37.03
C LEU E 226 44.75 -16.57 37.73
N ASN E 227 44.67 -15.29 37.38
CA ASN E 227 43.66 -14.42 37.96
C ASN E 227 43.15 -13.43 36.91
N PRO E 228 42.33 -13.92 35.96
CA PRO E 228 41.76 -13.13 34.86
C PRO E 228 40.95 -11.94 35.33
N PHE E 229 40.19 -12.11 36.41
CA PHE E 229 39.31 -11.05 36.90
C PHE E 229 39.80 -10.42 38.20
N LYS E 230 40.00 -9.11 38.16
CA LYS E 230 40.48 -8.36 39.31
C LYS E 230 39.39 -8.19 40.37
N PHE E 231 39.68 -8.66 41.58
CA PHE E 231 38.77 -8.50 42.71
C PHE E 231 39.08 -7.23 43.51
N VAL E 232 38.16 -6.28 43.50
CA VAL E 232 38.35 -5.00 44.18
C VAL E 232 37.28 -4.77 45.23
N GLY E 233 37.69 -4.39 46.43
CA GLY E 233 36.74 -4.15 47.52
C GLY E 233 36.10 -2.78 47.44
N LEU E 234 34.78 -2.74 47.62
CA LEU E 234 34.06 -1.47 47.62
C LEU E 234 34.21 -0.73 48.94
N LYS E 235 34.60 0.54 48.87
CA LYS E 235 34.76 1.36 50.05
C LYS E 235 33.42 1.56 50.75
N ASN E 236 33.46 2.00 51.99
CA ASN E 236 32.28 2.47 52.68
C ASN E 236 32.55 3.77 53.43
N PHE E 237 31.49 4.49 53.77
CA PHE E 237 31.61 5.79 54.41
C PHE E 237 30.54 5.95 55.47
N PRO E 238 30.76 6.87 56.42
CA PRO E 238 29.77 7.19 57.45
C PRO E 238 28.55 7.86 56.86
N CYS E 239 27.41 7.77 57.54
CA CYS E 239 26.18 8.35 57.04
C CYS E 239 25.83 9.65 57.75
N THR E 240 26.85 10.31 58.29
CA THR E 240 26.65 11.61 58.91
C THR E 240 26.28 12.63 57.85
N PRO E 241 25.48 13.64 58.22
CA PRO E 241 25.04 14.68 57.28
C PRO E 241 26.18 15.23 56.43
N GLU E 242 27.27 15.64 57.07
CA GLU E 242 28.41 16.20 56.36
C GLU E 242 29.12 15.18 55.48
N SER E 243 29.08 13.92 55.87
CA SER E 243 29.73 12.85 55.12
C SER E 243 29.03 12.60 53.78
N LEU E 244 27.72 12.36 53.85
CA LEU E 244 26.91 12.09 52.66
C LEU E 244 27.17 13.13 51.58
N CYS E 245 27.36 14.37 52.02
CA CYS E 245 27.64 15.48 51.10
C CYS E 245 28.91 15.17 50.29
N ASP E 246 29.99 14.87 51.00
CA ASP E 246 31.26 14.58 50.34
C ASP E 246 31.15 13.35 49.45
N VAL E 247 30.41 12.35 49.92
CA VAL E 247 30.22 11.13 49.12
C VAL E 247 29.57 11.42 47.78
N LEU E 248 28.48 12.17 47.79
CA LEU E 248 27.71 12.46 46.58
C LEU E 248 28.46 13.35 45.59
N SER E 249 29.69 13.72 45.93
CA SER E 249 30.52 14.53 45.04
C SER E 249 31.90 13.90 44.86
N MET E 250 31.95 12.57 44.92
CA MET E 250 33.21 11.85 44.79
C MET E 250 33.42 11.33 43.37
N ASP E 251 34.60 10.76 43.13
CA ASP E 251 34.91 10.14 41.86
C ASP E 251 35.20 8.67 42.07
N PHE E 252 34.47 7.81 41.37
CA PHE E 252 34.65 6.37 41.50
C PHE E 252 35.18 5.76 40.19
N PRO E 253 35.86 4.60 40.28
CA PRO E 253 36.41 3.93 39.10
C PRO E 253 35.32 3.36 38.21
N PHE E 254 34.07 3.51 38.62
CA PHE E 254 32.93 2.98 37.90
C PHE E 254 31.81 4.01 37.83
N GLU E 255 30.81 3.76 37.00
CA GLU E 255 29.63 4.62 36.98
C GLU E 255 28.65 4.22 38.08
N VAL E 256 28.21 5.19 38.86
CA VAL E 256 27.42 4.93 40.05
C VAL E 256 25.98 4.45 39.75
N ASP E 257 25.57 3.42 40.48
CA ASP E 257 24.24 2.85 40.31
C ASP E 257 23.32 3.35 41.42
N GLY E 258 23.76 3.17 42.67
CA GLY E 258 22.97 3.57 43.81
C GLY E 258 23.72 3.45 45.12
N LEU E 259 22.98 3.53 46.22
CA LEU E 259 23.60 3.54 47.54
C LEU E 259 23.00 2.48 48.45
N LEU E 260 23.89 1.77 49.16
CA LEU E 260 23.47 0.79 50.15
C LEU E 260 23.71 1.30 51.57
N PHE E 261 22.79 0.96 52.47
CA PHE E 261 22.89 1.41 53.86
C PHE E 261 22.81 0.23 54.81
N TYR E 262 23.96 -0.15 55.35
CA TYR E 262 24.06 -1.25 56.29
C TYR E 262 24.02 -0.74 57.73
N HIS E 263 23.28 -1.44 58.58
CA HIS E 263 23.33 -1.17 60.01
C HIS E 263 24.52 -1.93 60.59
N LYS E 264 25.44 -1.20 61.21
CA LYS E 264 26.71 -1.75 61.67
C LYS E 264 26.62 -3.10 62.40
N GLN E 265 25.46 -3.39 62.99
CA GLN E 265 25.32 -4.58 63.83
C GLN E 265 24.62 -5.76 63.18
N THR E 266 24.49 -5.76 61.86
CA THR E 266 23.76 -6.82 61.18
C THR E 266 24.62 -8.02 60.86
N HIS E 267 24.13 -9.22 61.19
CA HIS E 267 24.73 -10.45 60.67
C HIS E 267 24.34 -10.52 59.20
N TYR E 268 24.87 -11.51 58.49
CA TYR E 268 24.55 -11.64 57.07
C TYR E 268 23.48 -12.70 56.85
N SER E 269 22.25 -12.26 56.58
CA SER E 269 21.14 -13.17 56.39
C SER E 269 20.60 -13.06 54.96
N PRO E 270 20.61 -14.19 54.23
CA PRO E 270 20.13 -14.21 52.84
C PRO E 270 18.68 -13.78 52.76
N GLY E 271 18.31 -13.12 51.66
CA GLY E 271 16.95 -12.65 51.47
C GLY E 271 16.79 -11.21 51.87
N SER E 272 15.55 -10.72 51.86
CA SER E 272 15.27 -9.33 52.19
C SER E 272 15.46 -9.06 53.67
N THR E 273 15.86 -7.83 53.99
CA THR E 273 16.00 -7.40 55.37
C THR E 273 16.03 -5.88 55.45
N PRO E 274 15.34 -5.29 56.44
CA PRO E 274 15.27 -3.84 56.63
C PRO E 274 16.57 -3.29 57.21
N LEU E 275 17.49 -4.18 57.56
CA LEU E 275 18.74 -3.76 58.18
C LEU E 275 19.74 -3.25 57.14
N VAL E 276 19.38 -3.38 55.87
CA VAL E 276 20.15 -2.75 54.80
C VAL E 276 19.20 -2.13 53.76
N GLY E 277 19.38 -0.84 53.51
CA GLY E 277 18.49 -0.11 52.61
C GLY E 277 19.16 0.29 51.31
N TRP E 278 18.34 0.67 50.33
CA TRP E 278 18.80 0.99 48.99
C TRP E 278 18.14 2.27 48.50
N LEU E 279 18.91 3.11 47.82
CA LEU E 279 18.39 4.35 47.27
C LEU E 279 19.21 4.76 46.05
N ARG E 280 18.54 5.32 45.05
CA ARG E 280 19.25 5.88 43.90
C ARG E 280 19.79 7.26 44.24
N PRO E 281 20.91 7.66 43.61
CA PRO E 281 21.64 8.89 43.93
C PRO E 281 20.79 10.16 44.01
N TYR E 282 19.74 10.25 43.20
CA TYR E 282 18.88 11.43 43.21
C TYR E 282 17.93 11.45 44.40
N MET E 283 17.60 10.26 44.91
CA MET E 283 16.64 10.11 46.00
C MET E 283 17.19 10.59 47.34
N VAL E 284 18.51 10.73 47.43
CA VAL E 284 19.14 11.06 48.71
C VAL E 284 18.81 12.45 49.26
N SER E 285 19.02 13.50 48.47
CA SER E 285 18.79 14.87 48.95
C SER E 285 17.40 15.07 49.52
N ASP E 286 16.41 14.48 48.86
CA ASP E 286 15.01 14.60 49.25
C ASP E 286 14.79 14.12 50.69
N VAL E 287 15.45 13.02 51.05
CA VAL E 287 15.32 12.42 52.37
C VAL E 287 16.07 13.21 53.43
N LEU E 288 17.28 13.66 53.12
CA LEU E 288 18.11 14.36 54.10
C LEU E 288 18.72 15.67 53.59
N GLY E 289 20.05 15.73 53.62
CA GLY E 289 20.79 16.94 53.30
C GLY E 289 20.75 17.30 51.84
N VAL E 290 20.86 18.60 51.53
CA VAL E 290 20.79 19.05 50.14
C VAL E 290 21.89 18.42 49.29
N ALA E 291 23.14 18.75 49.61
CA ALA E 291 24.31 18.31 48.85
C ALA E 291 23.99 18.25 47.35
N VAL E 292 23.15 19.17 46.91
CA VAL E 292 22.57 19.13 45.58
C VAL E 292 23.54 19.12 44.39
N PRO E 293 24.49 20.07 44.36
CA PRO E 293 25.38 20.16 43.20
C PRO E 293 26.04 18.83 42.86
N ALA E 294 25.85 18.37 41.62
CA ALA E 294 26.54 17.18 41.10
C ALA E 294 25.81 16.57 39.90
N GLY E 295 26.33 15.45 39.41
CA GLY E 295 25.83 14.81 38.20
C GLY E 295 24.46 14.15 38.26
N PRO E 296 24.15 13.44 39.37
CA PRO E 296 22.90 12.69 39.48
C PRO E 296 21.63 13.54 39.39
N LEU E 297 20.87 13.34 38.32
CA LEU E 297 19.54 13.93 38.14
C LEU E 297 18.55 12.80 37.86
N THR E 298 17.25 13.09 37.90
CA THR E 298 16.25 12.04 37.68
C THR E 298 16.43 11.36 36.33
N THR E 299 16.37 12.15 35.25
CA THR E 299 16.60 11.69 33.87
C THR E 299 16.07 12.72 32.87
N GLY E 348 27.14 16.33 -6.81
CA GLY E 348 27.43 17.36 -5.83
C GLY E 348 27.99 16.80 -4.54
N SER E 349 27.71 15.53 -4.28
CA SER E 349 28.17 14.85 -3.07
C SER E 349 27.82 13.37 -3.09
N SER E 350 28.50 12.60 -2.24
CA SER E 350 28.25 11.17 -2.15
C SER E 350 27.78 10.78 -0.75
N HIS E 351 27.30 9.55 -0.60
CA HIS E 351 26.86 9.07 0.71
C HIS E 351 28.02 8.49 1.50
N SER E 352 27.96 8.63 2.81
CA SER E 352 29.00 8.09 3.69
C SER E 352 28.56 8.11 5.16
N PRO E 353 28.06 6.97 5.65
CA PRO E 353 27.62 6.81 7.04
C PRO E 353 28.65 6.14 7.95
N ASP E 354 29.74 5.62 7.38
CA ASP E 354 30.71 4.84 8.16
C ASP E 354 32.01 5.58 8.48
N HIS E 355 32.64 5.19 9.59
CA HIS E 355 33.96 5.73 9.97
C HIS E 355 34.70 4.77 10.90
N PRO E 356 35.96 4.42 10.55
CA PRO E 356 36.75 3.42 11.27
C PRO E 356 37.53 3.95 12.47
N GLY E 357 37.50 3.20 13.57
CA GLY E 357 38.31 3.51 14.74
C GLY E 357 39.72 2.97 14.52
N CYS E 358 39.94 1.70 14.87
CA CYS E 358 41.20 1.04 14.56
C CYS E 358 41.16 0.57 13.11
N LEU E 359 42.25 0.79 12.38
CA LEU E 359 42.24 0.52 10.95
C LEU E 359 43.55 -0.09 10.44
N MET E 360 43.45 -1.28 9.86
CA MET E 360 44.61 -1.97 9.30
C MET E 360 44.18 -2.86 8.14
N GLU E 361 44.58 -2.50 6.93
CA GLU E 361 44.29 -3.29 5.72
C GLU E 361 42.83 -3.75 5.66
N ASN E 362 41.92 -2.82 5.86
CA ASN E 362 40.48 -3.09 5.74
C ASN E 362 39.98 -4.02 6.85
N GLN F 4 20.69 -57.09 33.77
CA GLN F 4 21.47 -57.19 32.55
C GLN F 4 20.88 -58.20 31.56
N VAL F 5 20.19 -57.69 30.55
CA VAL F 5 19.58 -58.52 29.53
C VAL F 5 19.51 -57.72 28.23
N GLN F 6 19.45 -58.40 27.09
CA GLN F 6 19.48 -57.66 25.82
C GLN F 6 18.42 -58.05 24.80
N PHE F 7 18.43 -57.35 23.67
CA PHE F 7 17.48 -57.58 22.58
C PHE F 7 18.07 -57.19 21.23
N LYS F 8 17.51 -57.73 20.16
CA LYS F 8 17.98 -57.41 18.81
C LYS F 8 17.09 -56.35 18.16
N LEU F 9 17.67 -55.19 17.87
CA LEU F 9 16.92 -54.09 17.26
C LEU F 9 17.40 -53.80 15.84
N VAL F 10 16.50 -54.00 14.88
CA VAL F 10 16.77 -53.77 13.47
C VAL F 10 16.35 -52.35 13.07
N LEU F 11 17.30 -51.58 12.57
CA LEU F 11 17.05 -50.20 12.14
C LEU F 11 17.06 -50.09 10.62
N VAL F 12 15.97 -49.59 10.04
CA VAL F 12 15.85 -49.50 8.58
C VAL F 12 15.24 -48.20 8.06
N GLY F 13 15.49 -47.92 6.80
CA GLY F 13 14.93 -46.76 6.12
C GLY F 13 15.73 -46.43 4.88
N ASP F 14 15.32 -45.38 4.16
CA ASP F 14 16.06 -44.91 3.01
C ASP F 14 17.44 -44.35 3.37
N GLY F 15 18.21 -43.97 2.35
CA GLY F 15 19.50 -43.35 2.57
C GLY F 15 19.35 -41.93 3.10
N GLY F 16 20.38 -41.45 3.78
CA GLY F 16 20.36 -40.10 4.31
C GLY F 16 19.25 -39.85 5.31
N THR F 17 18.54 -40.93 5.66
CA THR F 17 17.46 -40.87 6.63
C THR F 17 17.97 -40.44 8.00
N GLY F 18 19.19 -40.84 8.32
CA GLY F 18 19.81 -40.46 9.58
C GLY F 18 19.90 -41.62 10.54
N LYS F 19 19.77 -42.83 10.00
CA LYS F 19 19.86 -44.04 10.81
C LYS F 19 21.18 -44.10 11.58
N THR F 20 22.29 -44.05 10.86
CA THR F 20 23.60 -44.09 11.50
C THR F 20 23.78 -42.92 12.46
N THR F 21 23.60 -41.71 11.96
CA THR F 21 23.69 -40.50 12.77
C THR F 21 22.91 -40.63 14.08
N PHE F 22 21.72 -41.21 14.00
CA PHE F 22 20.89 -41.39 15.19
C PHE F 22 21.62 -42.26 16.21
N VAL F 23 22.18 -43.36 15.73
CA VAL F 23 22.86 -44.33 16.60
C VAL F 23 24.10 -43.75 17.26
N LYS F 24 24.93 -43.08 16.46
CA LYS F 24 26.13 -42.42 16.97
C LYS F 24 25.82 -41.50 18.15
N ARG F 25 24.86 -40.61 17.95
CA ARG F 25 24.43 -39.68 18.99
C ARG F 25 24.26 -40.39 20.34
N HIS F 26 23.63 -41.55 20.31
CA HIS F 26 23.33 -42.30 21.54
C HIS F 26 24.58 -42.79 22.27
N LEU F 27 25.53 -43.38 21.54
CA LEU F 27 26.70 -43.96 22.18
C LEU F 27 27.82 -42.95 22.47
N THR F 28 28.14 -42.10 21.50
CA THR F 28 29.20 -41.11 21.67
C THR F 28 28.71 -39.78 22.20
N GLY F 29 27.51 -39.38 21.78
CA GLY F 29 26.97 -38.08 22.15
C GLY F 29 27.28 -37.05 21.09
N GLU F 30 28.17 -37.40 20.17
CA GLU F 30 28.56 -36.51 19.08
C GLU F 30 27.53 -36.53 17.96
N PHE F 31 27.60 -35.54 17.08
CA PHE F 31 26.68 -35.47 15.94
C PHE F 31 27.43 -35.44 14.63
N GLU F 32 27.22 -36.45 13.79
CA GLU F 32 27.88 -36.51 12.50
C GLU F 32 27.18 -35.61 11.47
N LYS F 33 27.93 -34.66 10.93
CA LYS F 33 27.41 -33.77 9.91
C LYS F 33 27.55 -34.36 8.51
N LYS F 34 28.50 -35.29 8.35
CA LYS F 34 28.78 -35.88 7.04
C LYS F 34 27.84 -37.04 6.72
N TYR F 35 27.63 -37.27 5.42
CA TYR F 35 26.86 -38.42 4.98
C TYR F 35 27.74 -39.47 4.33
N VAL F 36 28.13 -40.47 5.10
CA VAL F 36 28.90 -41.60 4.58
C VAL F 36 28.09 -42.89 4.67
N ALA F 37 27.54 -43.30 3.54
CA ALA F 37 26.60 -44.43 3.47
C ALA F 37 27.15 -45.72 4.05
N THR F 38 26.31 -46.41 4.81
CA THR F 38 26.67 -47.67 5.43
C THR F 38 26.59 -48.80 4.42
N LEU F 39 27.66 -49.59 4.32
CA LEU F 39 27.65 -50.79 3.48
C LEU F 39 27.14 -51.97 4.29
N GLY F 40 26.03 -52.56 3.86
CA GLY F 40 25.47 -53.71 4.53
C GLY F 40 24.89 -53.42 5.90
N VAL F 41 25.66 -53.70 6.95
CA VAL F 41 25.20 -53.48 8.32
C VAL F 41 26.37 -53.18 9.27
N GLU F 42 26.05 -52.63 10.44
CA GLU F 42 27.04 -52.32 11.45
C GLU F 42 26.43 -52.49 12.84
N VAL F 43 26.51 -53.69 13.39
CA VAL F 43 25.97 -53.96 14.72
C VAL F 43 26.56 -53.03 15.78
N HIS F 44 25.69 -52.35 16.52
CA HIS F 44 26.09 -51.43 17.58
C HIS F 44 25.32 -51.70 18.87
N PRO F 45 26.03 -52.14 19.91
CA PRO F 45 25.39 -52.38 21.22
C PRO F 45 25.11 -51.07 21.95
N LEU F 46 23.86 -50.88 22.37
CA LEU F 46 23.47 -49.70 23.14
C LEU F 46 22.91 -50.11 24.49
N VAL F 47 23.19 -49.29 25.52
CA VAL F 47 22.75 -49.62 26.86
C VAL F 47 22.03 -48.45 27.55
N PHE F 48 20.85 -48.75 28.09
CA PHE F 48 20.10 -47.79 28.87
C PHE F 48 19.87 -48.35 30.27
N HIS F 49 19.94 -47.50 31.28
CA HIS F 49 19.70 -47.94 32.64
C HIS F 49 18.31 -47.55 33.14
N THR F 50 17.50 -48.55 33.43
CA THR F 50 16.12 -48.33 33.87
C THR F 50 15.97 -48.62 35.35
N ASN F 51 14.78 -48.36 35.87
CA ASN F 51 14.48 -48.61 37.28
C ASN F 51 14.41 -50.10 37.60
N ARG F 52 14.42 -50.93 36.55
CA ARG F 52 14.35 -52.37 36.70
C ARG F 52 15.57 -53.08 36.10
N GLY F 53 16.74 -52.51 36.29
CA GLY F 53 17.97 -53.10 35.80
C GLY F 53 18.35 -52.64 34.41
N PRO F 54 19.65 -52.71 34.07
CA PRO F 54 20.17 -52.32 32.77
C PRO F 54 19.50 -53.07 31.61
N ILE F 55 19.51 -52.47 30.44
CA ILE F 55 18.93 -53.07 29.24
C ILE F 55 19.82 -52.79 28.03
N LYS F 56 19.99 -53.80 27.16
CA LYS F 56 20.90 -53.68 26.03
C LYS F 56 20.20 -53.90 24.71
N PHE F 57 20.39 -52.95 23.78
CA PHE F 57 19.88 -53.09 22.42
C PHE F 57 21.04 -53.35 21.47
N ASN F 58 20.94 -54.43 20.69
CA ASN F 58 21.90 -54.68 19.64
C ASN F 58 21.43 -54.04 18.34
N VAL F 59 21.81 -52.78 18.14
CA VAL F 59 21.36 -52.03 16.97
C VAL F 59 21.99 -52.54 15.69
N TRP F 60 21.15 -53.11 14.82
CA TRP F 60 21.58 -53.57 13.52
C TRP F 60 21.37 -52.47 12.48
N ASP F 61 22.19 -51.44 12.56
CA ASP F 61 22.09 -50.32 11.62
C ASP F 61 22.36 -50.77 10.19
N THR F 62 21.30 -51.10 9.47
CA THR F 62 21.41 -51.59 8.11
C THR F 62 21.56 -50.44 7.11
N ALA F 63 21.69 -50.78 5.84
CA ALA F 63 21.84 -49.77 4.80
C ALA F 63 20.52 -49.45 4.11
N GLY F 64 20.37 -48.21 3.68
CA GLY F 64 19.17 -47.77 2.99
C GLY F 64 19.32 -47.79 1.48
N LEU F 65 20.54 -47.57 1.01
CA LEU F 65 20.81 -47.56 -0.43
C LEU F 65 20.66 -48.93 -1.06
N GLU F 66 20.27 -48.95 -2.33
CA GLU F 66 19.94 -50.19 -3.02
C GLU F 66 21.16 -51.00 -3.44
N LYS F 67 22.27 -50.31 -3.73
CA LYS F 67 23.46 -51.01 -4.18
C LYS F 67 24.36 -51.42 -3.02
N PHE F 68 24.14 -50.81 -1.86
CA PHE F 68 24.87 -51.18 -0.66
C PHE F 68 23.97 -52.03 0.23
N GLY F 69 22.97 -52.67 -0.38
CA GLY F 69 21.97 -53.43 0.33
C GLY F 69 22.50 -54.45 1.31
N GLY F 70 23.21 -55.44 0.80
CA GLY F 70 23.74 -56.50 1.63
C GLY F 70 22.90 -57.77 1.56
N LEU F 71 22.86 -58.49 2.68
CA LEU F 71 22.04 -59.68 2.85
C LEU F 71 20.77 -59.12 3.46
N ARG F 72 20.14 -58.24 2.70
CA ARG F 72 18.94 -57.51 3.09
C ARG F 72 18.04 -58.11 4.17
N ASP F 73 17.04 -58.89 3.78
CA ASP F 73 16.14 -59.48 4.77
C ASP F 73 16.82 -60.54 5.61
N GLY F 74 17.98 -60.98 5.16
CA GLY F 74 18.75 -61.98 5.86
C GLY F 74 19.09 -61.45 7.23
N TYR F 75 19.24 -59.97 7.41
CA TYR F 75 19.70 -59.38 8.66
C TYR F 75 18.61 -59.43 9.71
N TYR F 76 17.36 -59.38 9.25
CA TYR F 76 16.21 -59.24 10.15
C TYR F 76 15.99 -60.46 11.04
N ILE F 77 16.22 -61.65 10.50
CA ILE F 77 15.95 -62.90 11.23
C ILE F 77 16.30 -62.83 12.71
N GLN F 78 15.44 -63.40 13.54
CA GLN F 78 15.64 -63.46 14.99
C GLN F 78 15.51 -62.12 15.70
N ALA F 79 15.08 -61.08 14.98
CA ALA F 79 14.85 -59.77 15.57
C ALA F 79 13.80 -59.83 16.67
N GLN F 80 13.80 -58.82 17.54
CA GLN F 80 12.85 -58.77 18.65
C GLN F 80 12.17 -57.40 18.75
N CYS F 81 12.51 -56.52 17.80
CA CYS F 81 11.91 -55.20 17.70
C CYS F 81 12.60 -54.41 16.59
N ALA F 82 11.94 -53.39 16.07
CA ALA F 82 12.48 -52.65 14.93
C ALA F 82 12.17 -51.17 14.96
N ILE F 83 12.86 -50.43 14.10
CA ILE F 83 12.63 -49.00 13.96
C ILE F 83 12.74 -48.61 12.49
N ILE F 84 11.61 -48.23 11.90
CA ILE F 84 11.60 -47.71 10.55
C ILE F 84 11.78 -46.20 10.65
N MET F 85 12.62 -45.62 9.81
CA MET F 85 12.89 -44.19 9.92
C MET F 85 12.83 -43.48 8.56
N PHE F 86 12.19 -42.32 8.54
CA PHE F 86 12.13 -41.52 7.33
C PHE F 86 12.49 -40.07 7.61
N ASP F 87 12.73 -39.30 6.56
CA ASP F 87 13.16 -37.92 6.70
C ASP F 87 12.04 -36.97 6.27
N VAL F 88 11.62 -36.10 7.19
CA VAL F 88 10.53 -35.19 6.93
C VAL F 88 10.88 -34.17 5.84
N THR F 89 12.13 -34.14 5.44
CA THR F 89 12.57 -33.23 4.38
C THR F 89 12.47 -33.89 3.01
N SER F 90 12.13 -35.17 3.00
CA SER F 90 11.95 -35.90 1.74
C SER F 90 10.74 -36.84 1.79
N ARG F 91 9.67 -36.48 1.09
CA ARG F 91 8.46 -37.29 1.06
C ARG F 91 8.71 -38.69 0.52
N VAL F 92 9.64 -38.78 -0.41
CA VAL F 92 9.99 -40.06 -1.03
C VAL F 92 10.35 -41.09 0.04
N THR F 93 10.98 -40.64 1.12
CA THR F 93 11.45 -41.55 2.17
C THR F 93 10.32 -41.99 3.08
N TYR F 94 9.18 -41.32 2.98
CA TYR F 94 7.99 -41.71 3.72
C TYR F 94 7.07 -42.59 2.87
N LYS F 95 7.10 -42.38 1.56
CA LYS F 95 6.31 -43.20 0.66
C LYS F 95 6.90 -44.60 0.46
N ASN F 96 8.16 -44.77 0.86
CA ASN F 96 8.80 -46.07 0.76
C ASN F 96 8.71 -46.86 2.06
N VAL F 97 8.33 -46.17 3.13
CA VAL F 97 8.17 -46.81 4.44
C VAL F 97 7.37 -48.11 4.35
N PRO F 98 6.25 -48.10 3.61
CA PRO F 98 5.46 -49.32 3.42
C PRO F 98 6.32 -50.48 2.90
N ASN F 99 7.25 -50.17 2.01
CA ASN F 99 8.14 -51.19 1.45
C ASN F 99 9.05 -51.79 2.52
N TRP F 100 9.53 -50.95 3.44
CA TRP F 100 10.39 -51.41 4.52
C TRP F 100 9.64 -52.25 5.54
N HIS F 101 8.47 -51.78 5.95
CA HIS F 101 7.63 -52.52 6.88
C HIS F 101 7.24 -53.88 6.28
N ARG F 102 7.12 -53.92 4.96
CA ARG F 102 6.79 -55.14 4.23
C ARG F 102 7.82 -56.22 4.49
N ASP F 103 9.00 -56.03 3.90
CA ASP F 103 10.12 -56.96 4.04
C ASP F 103 10.28 -57.43 5.48
N LEU F 104 10.14 -56.49 6.42
CA LEU F 104 10.40 -56.75 7.83
C LEU F 104 9.43 -57.73 8.48
N VAL F 105 8.14 -57.54 8.26
CA VAL F 105 7.14 -58.39 8.90
C VAL F 105 7.02 -59.77 8.23
N ARG F 106 7.44 -59.85 6.98
CA ARG F 106 7.49 -61.13 6.29
C ARG F 106 8.60 -61.99 6.89
N VAL F 107 9.46 -61.36 7.69
CA VAL F 107 10.51 -62.06 8.41
C VAL F 107 10.17 -62.12 9.89
N CYS F 108 9.64 -61.02 10.41
CA CYS F 108 9.25 -60.92 11.82
C CYS F 108 7.75 -60.70 11.94
N GLU F 109 7.01 -61.75 12.26
CA GLU F 109 5.56 -61.71 12.24
C GLU F 109 4.96 -60.77 13.28
N ASN F 110 5.45 -60.83 14.51
CA ASN F 110 4.94 -59.96 15.57
C ASN F 110 6.04 -59.46 16.51
N ILE F 111 6.52 -58.25 16.23
CA ILE F 111 7.55 -57.63 17.05
C ILE F 111 7.28 -56.14 17.19
N PRO F 112 7.39 -55.61 18.40
CA PRO F 112 7.17 -54.18 18.62
C PRO F 112 8.03 -53.34 17.67
N ILE F 113 7.36 -52.53 16.84
CA ILE F 113 8.05 -51.67 15.90
C ILE F 113 7.74 -50.21 16.19
N VAL F 114 8.63 -49.33 15.75
CA VAL F 114 8.44 -47.89 15.90
C VAL F 114 8.76 -47.18 14.60
N LEU F 115 7.95 -46.19 14.26
CA LEU F 115 8.16 -45.36 13.08
C LEU F 115 8.70 -44.00 13.51
N CYS F 116 9.84 -43.60 12.96
CA CYS F 116 10.46 -42.33 13.36
C CYS F 116 10.65 -41.36 12.21
N GLY F 117 10.01 -40.20 12.34
CA GLY F 117 10.20 -39.12 11.40
C GLY F 117 11.33 -38.24 11.90
N ASN F 118 12.49 -38.38 11.24
CA ASN F 118 13.70 -37.68 11.68
C ASN F 118 13.83 -36.34 10.97
N LYS F 119 14.67 -35.47 11.53
CA LYS F 119 14.95 -34.14 10.95
C LYS F 119 13.91 -33.06 11.28
N VAL F 120 13.21 -33.19 12.39
CA VAL F 120 12.19 -32.20 12.74
C VAL F 120 12.77 -30.81 12.97
N ASP F 121 14.07 -30.75 13.23
CA ASP F 121 14.72 -29.49 13.55
C ASP F 121 14.82 -28.55 12.34
N ILE F 122 14.89 -29.12 11.15
CA ILE F 122 14.97 -28.33 9.93
C ILE F 122 13.65 -27.62 9.66
N LYS F 123 13.68 -26.29 9.75
CA LYS F 123 12.47 -25.48 9.70
C LYS F 123 11.54 -25.76 8.50
N ASP F 124 12.13 -25.99 7.33
CA ASP F 124 11.31 -26.21 6.14
C ASP F 124 10.96 -27.69 5.95
N ARG F 125 9.97 -28.14 6.72
CA ARG F 125 9.56 -29.54 6.73
C ARG F 125 8.58 -29.87 5.59
N LYS F 126 8.98 -30.78 4.72
CA LYS F 126 8.20 -31.11 3.52
C LYS F 126 7.15 -32.20 3.77
N VAL F 127 7.17 -32.81 4.94
CA VAL F 127 6.21 -33.85 5.29
C VAL F 127 5.38 -33.48 6.51
N LYS F 128 4.27 -32.77 6.27
CA LYS F 128 3.40 -32.33 7.35
C LYS F 128 2.87 -33.51 8.16
N ALA F 129 2.71 -33.30 9.47
CA ALA F 129 2.21 -34.35 10.34
C ALA F 129 0.88 -34.92 9.86
N LYS F 130 0.07 -34.06 9.24
CA LYS F 130 -1.24 -34.45 8.73
C LYS F 130 -1.16 -35.69 7.83
N SER F 131 -0.01 -35.86 7.19
CA SER F 131 0.16 -36.92 6.21
C SER F 131 0.61 -38.24 6.82
N ILE F 132 1.30 -38.16 7.94
CA ILE F 132 1.86 -39.36 8.58
C ILE F 132 0.79 -40.16 9.31
N VAL F 133 0.24 -41.17 8.61
CA VAL F 133 -0.83 -41.98 9.16
C VAL F 133 -0.62 -43.49 8.95
N PHE F 134 0.49 -43.85 8.32
CA PHE F 134 0.74 -45.24 7.96
C PHE F 134 0.75 -46.19 9.15
N HIS F 135 1.27 -45.73 10.28
CA HIS F 135 1.39 -46.59 11.45
C HIS F 135 0.02 -47.04 11.96
N ARG F 136 -0.99 -46.21 11.75
CA ARG F 136 -2.32 -46.45 12.33
C ARG F 136 -2.86 -47.85 12.07
N LYS F 137 -3.06 -48.18 10.79
CA LYS F 137 -3.68 -49.46 10.42
C LYS F 137 -2.74 -50.65 10.58
N LYS F 138 -1.46 -50.37 10.75
CA LYS F 138 -0.47 -51.42 10.94
C LYS F 138 -0.10 -51.53 12.42
N ASN F 139 -0.74 -50.70 13.24
CA ASN F 139 -0.52 -50.72 14.67
C ASN F 139 0.95 -50.63 15.06
N LEU F 140 1.60 -49.58 14.58
CA LEU F 140 2.97 -49.25 14.95
C LEU F 140 2.96 -47.99 15.80
N GLN F 141 4.01 -47.80 16.60
CA GLN F 141 4.17 -46.57 17.36
C GLN F 141 4.88 -45.52 16.51
N TYR F 142 4.58 -44.25 16.75
CA TYR F 142 5.25 -43.18 16.00
C TYR F 142 5.78 -42.07 16.89
N TYR F 143 6.86 -41.43 16.43
CA TYR F 143 7.44 -40.29 17.13
C TYR F 143 8.10 -39.31 16.17
N ASP F 144 8.14 -38.05 16.59
CA ASP F 144 8.87 -37.01 15.87
C ASP F 144 10.24 -36.88 16.55
N ILE F 145 11.32 -37.07 15.79
CA ILE F 145 12.66 -37.02 16.38
C ILE F 145 13.65 -36.15 15.63
N SER F 146 14.76 -35.83 16.30
CA SER F 146 15.87 -35.11 15.70
C SER F 146 17.18 -35.54 16.35
N ALA F 147 18.08 -36.09 15.54
CA ALA F 147 19.39 -36.49 16.03
C ALA F 147 20.28 -35.26 16.23
N LYS F 148 19.85 -34.14 15.66
CA LYS F 148 20.63 -32.91 15.70
C LYS F 148 20.31 -32.05 16.93
N SER F 149 19.21 -32.35 17.60
CA SER F 149 18.77 -31.56 18.75
C SER F 149 18.33 -32.40 19.93
N ASN F 150 18.49 -33.72 19.82
CA ASN F 150 18.06 -34.63 20.88
C ASN F 150 16.57 -34.49 21.20
N TYR F 151 15.77 -34.11 20.21
CA TYR F 151 14.34 -33.96 20.40
C TYR F 151 13.64 -35.32 20.38
N ASN F 152 12.90 -35.62 21.44
CA ASN F 152 12.32 -36.94 21.63
C ASN F 152 13.37 -38.03 21.37
N PHE F 153 14.60 -37.71 21.73
CA PHE F 153 15.76 -38.55 21.49
C PHE F 153 15.57 -40.01 21.88
N GLU F 154 15.04 -40.23 23.08
CA GLU F 154 14.99 -41.57 23.67
C GLU F 154 13.60 -42.19 23.64
N LYS F 155 12.67 -41.58 22.92
CA LYS F 155 11.30 -42.10 22.87
C LYS F 155 11.23 -43.51 22.26
N PRO F 156 11.79 -43.69 21.05
CA PRO F 156 11.71 -45.00 20.38
C PRO F 156 12.20 -46.15 21.26
N PHE F 157 13.31 -45.93 21.97
CA PHE F 157 13.90 -46.96 22.82
C PHE F 157 13.11 -47.15 24.12
N LEU F 158 12.66 -46.06 24.71
CA LEU F 158 11.86 -46.14 25.92
C LEU F 158 10.60 -46.95 25.69
N TRP F 159 9.96 -46.74 24.54
CA TRP F 159 8.73 -47.43 24.20
C TRP F 159 8.96 -48.93 23.99
N LEU F 160 9.95 -49.26 23.18
CA LEU F 160 10.29 -50.65 22.91
C LEU F 160 10.60 -51.39 24.19
N ALA F 161 11.23 -50.69 25.14
CA ALA F 161 11.56 -51.27 26.43
C ALA F 161 10.28 -51.61 27.20
N ARG F 162 9.32 -50.71 27.18
CA ARG F 162 8.04 -50.93 27.82
C ARG F 162 7.43 -52.26 27.37
N LYS F 163 7.49 -52.50 26.06
CA LYS F 163 6.89 -53.69 25.45
C LYS F 163 7.66 -54.98 25.76
N LEU F 164 8.98 -54.94 25.59
CA LEU F 164 9.81 -56.13 25.74
C LEU F 164 9.90 -56.63 27.17
N ILE F 165 9.93 -55.70 28.13
CA ILE F 165 9.99 -56.07 29.55
C ILE F 165 8.60 -56.15 30.14
N GLY F 166 7.59 -56.04 29.28
CA GLY F 166 6.20 -56.12 29.70
C GLY F 166 5.85 -55.21 30.86
N ASP F 167 6.46 -54.04 30.89
CA ASP F 167 6.18 -53.06 31.95
C ASP F 167 5.90 -51.68 31.36
N PRO F 168 4.68 -51.18 31.55
CA PRO F 168 4.24 -49.87 31.06
C PRO F 168 4.74 -48.73 31.93
N ASN F 169 5.59 -49.04 32.90
CA ASN F 169 6.08 -48.02 33.82
C ASN F 169 7.61 -47.98 33.94
N LEU F 170 8.28 -48.58 32.97
CA LEU F 170 9.73 -48.54 32.93
C LEU F 170 10.20 -47.11 32.69
N GLU F 171 11.30 -46.73 33.33
CA GLU F 171 11.84 -45.39 33.18
C GLU F 171 13.36 -45.38 33.15
N PHE F 172 13.94 -44.68 32.18
CA PHE F 172 15.37 -44.50 32.10
C PHE F 172 15.84 -43.56 33.22
N VAL F 173 16.99 -43.85 33.81
CA VAL F 173 17.47 -43.07 34.95
C VAL F 173 18.97 -42.79 34.89
N ALA F 174 19.71 -43.66 34.22
CA ALA F 174 21.16 -43.50 34.06
C ALA F 174 21.95 -43.69 35.35
N MET F 175 21.72 -44.83 36.02
CA MET F 175 22.46 -45.17 37.23
C MET F 175 23.56 -46.18 36.89
N PRO F 176 24.53 -46.35 37.81
CA PRO F 176 25.60 -47.33 37.61
C PRO F 176 25.05 -48.75 37.52
#